data_2Q3Q
#
_entry.id   2Q3Q
#
_cell.length_a   45.681
_cell.length_b   34.261
_cell.length_c   78.597
_cell.angle_alpha   90.000
_cell.angle_beta   90.010
_cell.angle_gamma   90.000
#
_symmetry.space_group_name_H-M   'P 1 2 1'
#
loop_
_entity.id
_entity.type
_entity.pdbx_description
1 polymer 'Uncharacterized protein At1g24000'
2 water water
#
_entity_poly.entity_id   1
_entity_poly.type   'polypeptide(L)'
_entity_poly.pdbx_seq_one_letter_code
;STLKGALSVKFDVKCPADKFFSAFVEDTNRPFEKNGKTEIEAVDLVKKT(MSE)TIQ(MSE)SGSEIQKYFKTLKGSIAV
TPIGVGDGSHVVWTFHFEKVHKDIDDPHSIIDESVKYFKKLDEAILNFKE
;
_entity_poly.pdbx_strand_id   A,B
#
# COMPACT_ATOMS: atom_id res chain seq x y z
N SER A 1 23.65 16.55 20.21
CA SER A 1 24.22 15.30 19.62
C SER A 1 24.83 15.58 18.25
N THR A 2 26.16 15.55 18.19
CA THR A 2 26.88 15.81 16.96
C THR A 2 26.75 14.68 15.94
N LEU A 3 25.92 13.69 16.23
CA LEU A 3 25.77 12.56 15.31
C LEU A 3 24.40 12.49 14.60
N LYS A 4 23.33 12.90 15.29
CA LYS A 4 21.99 12.85 14.72
C LYS A 4 21.71 14.01 13.79
N GLY A 5 20.64 13.88 13.01
CA GLY A 5 20.25 14.91 12.08
C GLY A 5 19.37 14.36 10.97
N ALA A 6 19.09 15.20 9.98
CA ALA A 6 18.26 14.78 8.86
C ALA A 6 18.47 15.75 7.71
N LEU A 7 18.02 15.33 6.54
CA LEU A 7 18.12 16.14 5.35
C LEU A 7 16.84 15.85 4.56
N SER A 8 16.09 16.90 4.24
CA SER A 8 14.82 16.75 3.56
C SER A 8 14.74 17.62 2.31
N VAL A 9 14.41 16.98 1.19
CA VAL A 9 14.27 17.64 -0.10
C VAL A 9 12.80 17.57 -0.54
N LYS A 10 12.32 18.66 -1.14
CA LYS A 10 10.95 18.76 -1.62
C LYS A 10 11.02 19.08 -3.10
N PHE A 11 10.32 18.28 -3.92
CA PHE A 11 10.33 18.44 -5.36
C PHE A 11 9.00 18.00 -5.96
N ASP A 12 8.82 18.15 -7.27
CA ASP A 12 7.56 17.80 -7.93
C ASP A 12 7.67 16.60 -8.85
N VAL A 13 6.57 15.86 -8.97
CA VAL A 13 6.46 14.69 -9.84
C VAL A 13 5.23 14.94 -10.74
N LYS A 14 5.34 14.57 -12.01
CA LYS A 14 4.27 14.75 -12.99
C LYS A 14 2.96 14.00 -12.70
N CYS A 15 3.05 12.72 -12.34
CA CYS A 15 1.86 11.90 -12.10
C CYS A 15 1.22 12.00 -10.72
N PRO A 16 -0.10 11.72 -10.63
CA PRO A 16 -0.89 11.76 -9.39
C PRO A 16 -0.22 10.95 -8.28
N ALA A 17 -0.34 11.47 -7.07
CA ALA A 17 0.28 10.91 -5.86
C ALA A 17 -0.14 9.51 -5.47
N ASP A 18 -1.40 9.18 -5.76
CA ASP A 18 -1.98 7.90 -5.41
C ASP A 18 -1.27 6.69 -6.00
N LYS A 19 -0.82 6.83 -7.25
CA LYS A 19 -0.10 5.76 -7.95
C LYS A 19 1.40 5.88 -7.67
N PHE A 20 1.84 7.11 -7.43
CA PHE A 20 3.25 7.35 -7.15
C PHE A 20 3.68 6.68 -5.85
N PHE A 21 2.96 6.96 -4.77
CA PHE A 21 3.25 6.38 -3.46
C PHE A 21 3.17 4.85 -3.48
N SER A 22 2.04 4.32 -3.94
CA SER A 22 1.86 2.86 -4.01
C SER A 22 2.96 2.18 -4.81
N ALA A 23 3.33 2.77 -5.95
CA ALA A 23 4.39 2.21 -6.77
C ALA A 23 5.73 2.23 -6.00
N PHE A 24 5.97 3.31 -5.24
CA PHE A 24 7.22 3.39 -4.47
C PHE A 24 7.22 2.39 -3.34
N VAL A 25 6.09 2.31 -2.64
CA VAL A 25 5.97 1.38 -1.52
C VAL A 25 6.23 -0.04 -2.04
N GLU A 26 5.72 -0.35 -3.22
CA GLU A 26 5.92 -1.69 -3.74
C GLU A 26 7.39 -1.96 -4.08
N ASP A 27 8.04 -0.97 -4.70
CA ASP A 27 9.45 -1.12 -5.09
C ASP A 27 10.41 -1.22 -3.89
N THR A 28 9.96 -0.83 -2.69
CA THR A 28 10.86 -0.94 -1.54
C THR A 28 11.05 -2.41 -1.14
N ASN A 29 10.29 -3.31 -1.75
CA ASN A 29 10.49 -4.73 -1.46
C ASN A 29 11.86 -5.15 -1.99
N ARG A 30 12.37 -4.42 -2.99
CA ARG A 30 13.70 -4.74 -3.53
C ARG A 30 14.71 -3.91 -2.73
N PRO A 31 15.71 -4.57 -2.13
CA PRO A 31 16.73 -3.85 -1.35
C PRO A 31 17.45 -2.80 -2.24
N PHE A 32 18.12 -1.84 -1.61
CA PHE A 32 18.83 -0.77 -2.33
C PHE A 32 20.34 -0.94 -2.43
N GLU A 33 20.79 -2.18 -2.25
CA GLU A 33 22.20 -2.55 -2.32
C GLU A 33 22.26 -4.05 -2.07
N LYS A 34 23.41 -4.65 -2.36
CA LYS A 34 23.60 -6.09 -2.19
C LYS A 34 23.07 -6.60 -0.85
N ASN A 35 23.67 -6.12 0.23
CA ASN A 35 23.27 -6.56 1.57
C ASN A 35 22.22 -5.59 2.12
N GLY A 36 21.41 -5.05 1.22
CA GLY A 36 20.42 -4.08 1.64
C GLY A 36 19.29 -4.64 2.49
N LYS A 37 18.91 -3.87 3.50
CA LYS A 37 17.80 -4.27 4.35
C LYS A 37 16.90 -3.07 4.58
N THR A 38 15.65 -3.19 4.16
CA THR A 38 14.65 -2.14 4.34
C THR A 38 13.65 -2.67 5.37
N GLU A 39 12.89 -1.78 6.00
CA GLU A 39 11.89 -2.21 6.98
C GLU A 39 10.86 -1.09 7.18
N ILE A 40 9.59 -1.44 7.03
CA ILE A 40 8.48 -0.50 7.18
C ILE A 40 8.18 -0.19 8.64
N GLU A 41 8.59 1.00 9.08
CA GLU A 41 8.36 1.41 10.46
C GLU A 41 7.03 2.15 10.60
N ALA A 42 6.59 2.79 9.53
CA ALA A 42 5.32 3.52 9.52
C ALA A 42 4.80 3.68 8.08
N VAL A 43 3.49 3.56 7.91
CA VAL A 43 2.91 3.73 6.58
C VAL A 43 1.42 4.08 6.62
N ASP A 44 0.98 4.89 5.65
CA ASP A 44 -0.43 5.28 5.55
C ASP A 44 -0.78 5.38 4.06
N LEU A 45 -1.53 4.40 3.57
CA LEU A 45 -1.91 4.36 2.17
C LEU A 45 -3.06 5.30 1.77
N VAL A 46 -3.40 6.23 2.67
CA VAL A 46 -4.43 7.23 2.39
C VAL A 46 -3.72 8.55 2.15
N LYS A 47 -2.98 9.02 3.15
CA LYS A 47 -2.23 10.28 3.04
C LYS A 47 -0.92 10.12 2.26
N LYS A 48 -0.54 8.87 1.99
CA LYS A 48 0.70 8.59 1.24
C LYS A 48 1.95 8.98 2.04
N THR A 49 2.12 8.37 3.22
CA THR A 49 3.28 8.64 4.06
C THR A 49 3.89 7.32 4.50
N THR A 51 7.64 5.63 6.57
CA THR A 51 8.97 5.72 7.13
C THR A 51 9.59 4.33 7.00
N ILE A 52 10.80 4.27 6.48
CA ILE A 52 11.50 3.00 6.32
C ILE A 52 12.90 3.00 6.95
N GLN A 53 13.32 1.84 7.45
CA GLN A 53 14.66 1.67 8.02
C GLN A 53 15.45 1.05 6.86
N SER A 55 19.36 -0.36 5.93
CA SER A 55 20.72 -0.68 6.31
C SER A 55 21.34 -1.66 5.32
N GLY A 56 22.64 -1.86 5.44
CA GLY A 56 23.37 -2.74 4.56
C GLY A 56 24.84 -2.48 4.79
N SER A 57 25.68 -3.50 4.60
CA SER A 57 27.11 -3.36 4.83
C SER A 57 27.74 -2.20 4.09
N GLU A 58 27.05 -1.65 3.11
CA GLU A 58 27.58 -0.53 2.37
C GLU A 58 27.11 0.78 2.97
N ILE A 59 25.80 1.04 2.91
CA ILE A 59 25.28 2.29 3.47
C ILE A 59 25.63 2.39 4.95
N GLN A 60 26.04 1.27 5.54
CA GLN A 60 26.40 1.23 6.95
C GLN A 60 27.84 1.70 7.19
N LYS A 61 28.55 2.03 6.12
CA LYS A 61 29.92 2.51 6.29
C LYS A 61 29.86 3.97 6.73
N TYR A 62 28.66 4.54 6.73
CA TYR A 62 28.50 5.95 7.09
C TYR A 62 27.43 6.24 8.11
N PHE A 63 26.31 5.55 7.99
CA PHE A 63 25.19 5.76 8.91
C PHE A 63 24.77 4.51 9.65
N LYS A 64 24.97 4.52 10.97
CA LYS A 64 24.58 3.40 11.81
C LYS A 64 23.08 3.42 11.99
N THR A 65 22.50 4.58 11.71
CA THR A 65 21.06 4.76 11.82
C THR A 65 20.63 5.60 10.63
N LEU A 66 19.79 5.03 9.77
CA LEU A 66 19.26 5.73 8.60
C LEU A 66 17.83 5.29 8.31
N LYS A 67 16.95 6.28 8.30
CA LYS A 67 15.54 6.05 8.00
C LYS A 67 15.20 7.02 6.88
N GLY A 68 14.29 6.60 6.02
CA GLY A 68 13.85 7.45 4.93
C GLY A 68 12.35 7.62 5.07
N SER A 69 11.88 8.86 5.16
CA SER A 69 10.45 9.10 5.29
C SER A 69 9.92 9.88 4.10
N ILE A 70 8.93 9.33 3.41
CA ILE A 70 8.33 10.00 2.27
C ILE A 70 6.96 10.56 2.61
N ALA A 71 6.56 11.62 1.88
CA ALA A 71 5.26 12.23 2.02
C ALA A 71 4.92 12.84 0.66
N VAL A 72 3.91 12.28 0.00
CA VAL A 72 3.54 12.77 -1.32
C VAL A 72 2.25 13.57 -1.23
N THR A 73 2.12 14.60 -2.06
CA THR A 73 0.91 15.43 -2.05
C THR A 73 0.50 15.89 -3.45
N PRO A 74 -0.71 15.54 -3.90
CA PRO A 74 -1.16 15.96 -5.23
C PRO A 74 -1.06 17.48 -5.38
N ILE A 75 -0.69 17.94 -6.57
CA ILE A 75 -0.61 19.37 -6.84
C ILE A 75 -2.02 19.85 -7.21
N GLY A 76 -2.41 19.64 -8.47
CA GLY A 76 -3.73 20.04 -8.93
C GLY A 76 -4.60 18.82 -9.20
N VAL A 77 -5.41 18.88 -10.25
CA VAL A 77 -6.27 17.74 -10.61
C VAL A 77 -5.65 17.03 -11.81
N GLY A 78 -4.93 15.95 -11.54
CA GLY A 78 -4.28 15.21 -12.61
C GLY A 78 -3.23 16.09 -13.24
N ASP A 79 -2.42 16.74 -12.41
CA ASP A 79 -1.39 17.66 -12.87
C ASP A 79 -0.06 17.49 -12.15
N GLY A 80 0.09 16.39 -11.42
CA GLY A 80 1.33 16.17 -10.71
C GLY A 80 1.20 16.32 -9.20
N SER A 81 2.31 16.21 -8.50
CA SER A 81 2.28 16.30 -7.06
C SER A 81 3.66 16.56 -6.45
N HIS A 82 3.65 16.97 -5.17
CA HIS A 82 4.87 17.22 -4.44
C HIS A 82 5.34 15.88 -3.89
N VAL A 83 6.61 15.81 -3.53
CA VAL A 83 7.21 14.61 -2.96
C VAL A 83 8.42 14.98 -2.09
N VAL A 84 8.22 15.12 -0.79
CA VAL A 84 9.33 15.43 0.12
C VAL A 84 9.93 14.11 0.60
N TRP A 85 11.25 14.09 0.75
CA TRP A 85 11.95 12.89 1.22
C TRP A 85 12.94 13.25 2.32
N THR A 86 13.16 12.33 3.27
CA THR A 86 14.06 12.57 4.38
C THR A 86 14.91 11.34 4.76
N PHE A 87 16.05 11.57 5.41
CA PHE A 87 16.95 10.51 5.84
C PHE A 87 17.32 10.50 7.34
N HIS A 88 16.35 10.78 8.23
CA HIS A 88 16.59 10.82 9.68
C HIS A 88 17.76 9.89 9.98
N PHE A 89 18.96 10.44 10.11
CA PHE A 89 20.16 9.63 10.33
C PHE A 89 20.88 9.79 11.66
N GLU A 90 21.90 8.95 11.81
CA GLU A 90 22.78 8.95 12.95
C GLU A 90 24.08 8.39 12.35
N LYS A 91 25.03 9.28 12.08
CA LYS A 91 26.31 8.89 11.49
C LYS A 91 27.13 8.11 12.49
N VAL A 92 28.16 7.42 12.02
CA VAL A 92 29.01 6.66 12.93
C VAL A 92 29.89 7.66 13.71
N HIS A 93 30.50 8.61 13.00
CA HIS A 93 31.32 9.62 13.66
C HIS A 93 31.05 10.99 12.99
N LYS A 94 31.26 12.05 13.75
CA LYS A 94 30.98 13.42 13.30
C LYS A 94 31.58 13.89 11.97
N ASP A 95 32.63 13.23 11.49
CA ASP A 95 33.23 13.66 10.22
C ASP A 95 32.48 13.15 8.99
N ILE A 96 31.52 12.25 9.17
CA ILE A 96 30.74 11.76 8.03
C ILE A 96 29.99 12.96 7.43
N ASP A 97 29.93 13.04 6.10
CA ASP A 97 29.22 14.14 5.45
C ASP A 97 27.69 13.98 5.56
N ASP A 98 26.95 15.08 5.55
CA ASP A 98 25.49 14.98 5.59
C ASP A 98 25.20 14.33 4.23
N PRO A 99 24.18 13.46 4.16
CA PRO A 99 23.79 12.72 2.95
C PRO A 99 23.33 13.46 1.69
N HIS A 100 24.05 14.52 1.34
CA HIS A 100 23.75 15.32 0.16
C HIS A 100 23.81 14.47 -1.13
N SER A 101 24.72 13.50 -1.17
CA SER A 101 24.84 12.67 -2.37
C SER A 101 23.85 11.52 -2.37
N ILE A 102 23.54 11.04 -1.17
CA ILE A 102 22.60 9.94 -1.06
C ILE A 102 21.19 10.44 -1.36
N ILE A 103 20.93 11.73 -1.14
CA ILE A 103 19.60 12.26 -1.40
C ILE A 103 19.48 12.82 -2.83
N ASP A 104 20.55 13.41 -3.36
CA ASP A 104 20.49 13.89 -4.73
C ASP A 104 20.21 12.66 -5.63
N GLU A 105 20.85 11.53 -5.27
CA GLU A 105 20.62 10.29 -6.01
C GLU A 105 19.20 9.78 -5.74
N SER A 106 18.69 9.96 -4.52
CA SER A 106 17.32 9.53 -4.20
C SER A 106 16.39 10.28 -5.14
N VAL A 107 16.64 11.58 -5.31
CA VAL A 107 15.82 12.39 -6.21
C VAL A 107 15.89 11.82 -7.63
N LYS A 108 17.08 11.41 -8.06
CA LYS A 108 17.24 10.80 -9.38
C LYS A 108 16.36 9.56 -9.43
N TYR A 109 16.44 8.76 -8.36
CA TYR A 109 15.65 7.55 -8.31
C TYR A 109 14.16 7.89 -8.45
N PHE A 110 13.74 8.99 -7.84
CA PHE A 110 12.35 9.39 -7.93
C PHE A 110 11.96 9.99 -9.29
N LYS A 111 12.86 10.75 -9.92
CA LYS A 111 12.54 11.34 -11.23
C LYS A 111 12.26 10.21 -12.23
N LYS A 112 12.98 9.09 -12.09
CA LYS A 112 12.80 7.93 -12.96
C LYS A 112 11.55 7.14 -12.57
N LEU A 113 11.27 7.06 -11.27
CA LEU A 113 10.10 6.34 -10.81
C LEU A 113 8.83 7.03 -11.32
N ASP A 114 8.95 8.30 -11.71
CA ASP A 114 7.84 9.10 -12.24
C ASP A 114 7.69 8.82 -13.76
N GLU A 115 8.81 8.74 -14.46
CA GLU A 115 8.82 8.49 -15.91
C GLU A 115 8.36 7.07 -16.28
N ALA A 116 8.66 6.12 -15.41
CA ALA A 116 8.29 4.72 -15.64
C ALA A 116 6.77 4.54 -15.47
N ILE A 117 6.19 5.23 -14.49
CA ILE A 117 4.75 5.10 -14.29
C ILE A 117 4.02 5.84 -15.43
N LEU A 118 4.43 7.08 -15.66
CA LEU A 118 3.83 7.91 -16.69
C LEU A 118 3.75 7.23 -18.07
N ASN A 119 4.78 6.49 -18.42
CA ASN A 119 4.83 5.83 -19.71
C ASN A 119 4.69 4.31 -19.60
N PHE A 120 3.85 3.86 -18.67
CA PHE A 120 3.64 2.43 -18.48
C PHE A 120 2.45 2.20 -17.53
N SER B 1 -13.66 -32.12 -2.17
CA SER B 1 -14.00 -31.61 -0.80
C SER B 1 -15.42 -31.08 -0.72
N THR B 2 -16.12 -31.43 0.35
CA THR B 2 -17.49 -30.99 0.57
C THR B 2 -17.55 -29.59 1.19
N LEU B 3 -16.54 -29.26 1.99
CA LEU B 3 -16.49 -27.97 2.70
C LEU B 3 -15.74 -26.83 1.99
N LYS B 4 -14.78 -27.16 1.13
CA LYS B 4 -13.98 -26.16 0.43
C LYS B 4 -14.66 -25.57 -0.80
N GLY B 5 -14.84 -24.25 -0.78
CA GLY B 5 -15.46 -23.57 -1.90
C GLY B 5 -15.03 -22.12 -2.01
N ALA B 6 -15.47 -21.46 -3.08
CA ALA B 6 -15.12 -20.06 -3.30
C ALA B 6 -16.31 -19.33 -3.92
N LEU B 7 -16.42 -18.04 -3.65
CA LEU B 7 -17.49 -17.22 -4.16
C LEU B 7 -16.83 -15.90 -4.54
N SER B 8 -17.04 -15.46 -5.78
CA SER B 8 -16.41 -14.25 -6.28
C SER B 8 -17.38 -13.36 -7.05
N VAL B 9 -17.26 -12.05 -6.82
CA VAL B 9 -18.13 -11.09 -7.50
C VAL B 9 -17.30 -10.03 -8.18
N LYS B 10 -17.76 -9.64 -9.38
CA LYS B 10 -17.11 -8.62 -10.19
C LYS B 10 -18.09 -7.48 -10.38
N PHE B 11 -17.65 -6.26 -10.08
CA PHE B 11 -18.49 -5.06 -10.17
C PHE B 11 -17.61 -3.86 -10.47
N ASP B 12 -18.23 -2.68 -10.56
CA ASP B 12 -17.48 -1.46 -10.86
C ASP B 12 -17.67 -0.35 -9.85
N VAL B 13 -16.66 0.51 -9.72
CA VAL B 13 -16.68 1.66 -8.82
C VAL B 13 -16.23 2.86 -9.65
N LYS B 14 -16.46 4.06 -9.14
CA LYS B 14 -16.09 5.28 -9.88
C LYS B 14 -14.62 5.70 -9.67
N CYS B 15 -14.04 5.34 -8.53
CA CYS B 15 -12.65 5.70 -8.22
C CYS B 15 -11.63 5.03 -9.13
N PRO B 16 -10.40 5.59 -9.19
CA PRO B 16 -9.29 5.06 -9.99
C PRO B 16 -8.71 3.94 -9.14
N ALA B 17 -8.07 2.97 -9.76
CA ALA B 17 -7.54 1.79 -9.07
C ALA B 17 -6.64 2.01 -7.87
N ASP B 18 -5.54 2.74 -8.04
CA ASP B 18 -4.64 2.96 -6.93
C ASP B 18 -5.31 3.72 -5.78
N LYS B 19 -6.05 4.77 -6.11
CA LYS B 19 -6.74 5.55 -5.07
C LYS B 19 -7.73 4.66 -4.31
N PHE B 20 -8.51 3.86 -5.05
CA PHE B 20 -9.50 2.98 -4.43
C PHE B 20 -8.86 1.81 -3.69
N PHE B 21 -7.87 1.19 -4.32
CA PHE B 21 -7.17 0.04 -3.76
C PHE B 21 -6.41 0.41 -2.49
N SER B 22 -5.68 1.52 -2.53
CA SER B 22 -4.93 1.98 -1.37
C SER B 22 -5.86 2.28 -0.19
N ALA B 23 -7.01 2.88 -0.48
CA ALA B 23 -7.98 3.21 0.55
C ALA B 23 -8.43 1.92 1.26
N PHE B 24 -8.71 0.88 0.49
CA PHE B 24 -9.13 -0.40 1.05
C PHE B 24 -8.04 -0.96 1.96
N VAL B 25 -6.83 -1.03 1.45
CA VAL B 25 -5.70 -1.55 2.22
C VAL B 25 -5.62 -0.83 3.55
N GLU B 26 -5.63 0.50 3.50
CA GLU B 26 -5.54 1.28 4.72
C GLU B 26 -6.72 0.99 5.65
N ASP B 27 -7.91 0.80 5.10
CA ASP B 27 -9.09 0.53 5.93
C ASP B 27 -9.06 -0.85 6.60
N THR B 28 -8.27 -1.79 6.09
CA THR B 28 -8.24 -3.12 6.73
C THR B 28 -7.56 -3.10 8.09
N ASN B 29 -6.97 -1.95 8.45
CA ASN B 29 -6.37 -1.81 9.78
C ASN B 29 -7.50 -1.90 10.81
N ARG B 30 -8.70 -1.46 10.41
CA ARG B 30 -9.83 -1.54 11.33
C ARG B 30 -10.46 -2.93 11.14
N PRO B 31 -10.57 -3.71 12.22
CA PRO B 31 -11.18 -5.03 12.07
C PRO B 31 -12.60 -4.87 11.49
N PHE B 32 -13.14 -5.91 10.87
CA PHE B 32 -14.47 -5.86 10.27
C PHE B 32 -15.60 -6.36 11.17
N GLU B 33 -15.26 -6.69 12.41
CA GLU B 33 -16.20 -7.15 13.42
C GLU B 33 -15.52 -6.86 14.77
N LYS B 34 -16.35 -6.63 15.79
CA LYS B 34 -15.86 -6.30 17.13
C LYS B 34 -14.86 -7.33 17.65
N ASN B 35 -15.11 -8.60 17.36
CA ASN B 35 -14.22 -9.67 17.78
C ASN B 35 -13.57 -10.25 16.53
N GLY B 36 -12.83 -9.44 15.81
CA GLY B 36 -12.19 -9.93 14.59
C GLY B 36 -10.74 -9.55 14.37
N LYS B 37 -10.11 -10.28 13.46
CA LYS B 37 -8.72 -10.03 13.11
C LYS B 37 -8.53 -10.25 11.62
N THR B 38 -7.77 -9.35 11.01
CA THR B 38 -7.48 -9.42 9.59
C THR B 38 -5.98 -9.55 9.41
N GLU B 39 -5.57 -10.54 8.62
CA GLU B 39 -4.15 -10.74 8.33
C GLU B 39 -3.97 -10.56 6.82
N ILE B 40 -2.85 -9.96 6.43
CA ILE B 40 -2.56 -9.75 5.02
C ILE B 40 -1.61 -10.82 4.54
N GLU B 41 -2.14 -11.81 3.81
CA GLU B 41 -1.34 -12.92 3.30
C GLU B 41 -0.48 -12.52 2.12
N ALA B 42 -1.01 -11.65 1.26
CA ALA B 42 -0.27 -11.19 0.08
C ALA B 42 -0.81 -9.84 -0.38
N VAL B 43 0.10 -8.97 -0.82
CA VAL B 43 -0.31 -7.66 -1.30
C VAL B 43 0.63 -7.20 -2.40
N ASP B 44 0.05 -6.60 -3.43
CA ASP B 44 0.82 -6.06 -4.55
C ASP B 44 0.22 -4.68 -4.85
N LEU B 45 0.92 -3.64 -4.42
CA LEU B 45 0.44 -2.27 -4.59
C LEU B 45 0.52 -1.71 -6.02
N VAL B 46 1.21 -2.42 -6.91
CA VAL B 46 1.31 -1.98 -8.30
C VAL B 46 0.18 -2.55 -9.16
N LYS B 47 -0.13 -3.83 -8.94
CA LYS B 47 -1.19 -4.51 -9.68
C LYS B 47 -2.58 -4.34 -9.05
N LYS B 48 -2.67 -3.56 -7.98
CA LYS B 48 -3.95 -3.35 -7.26
C LYS B 48 -4.59 -4.72 -7.17
N THR B 49 -3.95 -5.58 -6.36
CA THR B 49 -4.36 -6.97 -6.18
C THR B 49 -3.99 -7.38 -4.76
N THR B 51 -4.71 -10.28 -1.01
CA THR B 51 -5.39 -11.32 -0.24
C THR B 51 -5.21 -11.17 1.28
N ILE B 52 -6.31 -11.32 2.01
CA ILE B 52 -6.30 -11.20 3.46
C ILE B 52 -7.12 -12.33 4.08
N GLN B 53 -6.74 -12.75 5.28
CA GLN B 53 -7.49 -13.78 5.98
C GLN B 53 -8.27 -13.07 7.08
N SER B 55 -11.02 -13.64 10.50
CA SER B 55 -11.54 -14.58 11.49
C SER B 55 -12.30 -13.82 12.58
N GLY B 56 -13.15 -14.53 13.33
CA GLY B 56 -13.91 -13.89 14.39
C GLY B 56 -15.16 -14.64 14.83
N SER B 57 -15.65 -14.28 16.02
CA SER B 57 -16.84 -14.89 16.60
C SER B 57 -17.90 -15.10 15.53
N GLU B 58 -18.21 -14.03 14.82
CA GLU B 58 -19.21 -14.06 13.76
C GLU B 58 -18.83 -15.00 12.60
N ILE B 59 -17.66 -14.77 12.01
CA ILE B 59 -17.18 -15.58 10.89
C ILE B 59 -16.93 -17.04 11.19
N GLN B 60 -16.08 -17.29 12.18
CA GLN B 60 -15.70 -18.64 12.56
C GLN B 60 -16.88 -19.51 13.00
N LYS B 61 -18.06 -18.92 13.05
CA LYS B 61 -19.27 -19.66 13.41
C LYS B 61 -19.66 -20.50 12.20
N TYR B 62 -19.59 -19.86 11.03
CA TYR B 62 -19.96 -20.49 9.78
C TYR B 62 -18.76 -21.05 9.03
N PHE B 63 -17.64 -20.34 9.09
CA PHE B 63 -16.45 -20.79 8.39
C PHE B 63 -15.26 -21.13 9.28
N LYS B 64 -14.64 -22.27 9.00
CA LYS B 64 -13.46 -22.69 9.74
C LYS B 64 -12.35 -21.82 9.18
N THR B 65 -12.47 -21.46 7.90
CA THR B 65 -11.49 -20.62 7.25
C THR B 65 -12.14 -19.69 6.23
N LEU B 66 -11.63 -18.47 6.17
CA LEU B 66 -12.11 -17.46 5.23
C LEU B 66 -10.98 -16.52 4.81
N LYS B 67 -10.88 -16.33 3.50
CA LYS B 67 -9.88 -15.43 2.94
C LYS B 67 -10.53 -14.63 1.82
N GLY B 68 -10.32 -13.32 1.86
CA GLY B 68 -10.87 -12.45 0.84
C GLY B 68 -9.74 -11.93 -0.03
N SER B 69 -9.90 -12.10 -1.34
CA SER B 69 -8.89 -11.65 -2.29
C SER B 69 -9.45 -10.57 -3.19
N ILE B 70 -8.87 -9.37 -3.12
CA ILE B 70 -9.33 -8.27 -3.95
C ILE B 70 -8.49 -8.17 -5.22
N ALA B 71 -9.09 -7.63 -6.27
CA ALA B 71 -8.42 -7.44 -7.54
C ALA B 71 -9.03 -6.18 -8.15
N VAL B 72 -8.22 -5.14 -8.28
CA VAL B 72 -8.70 -3.87 -8.83
C VAL B 72 -7.99 -3.56 -10.13
N THR B 73 -8.75 -3.24 -11.16
CA THR B 73 -8.16 -2.93 -12.46
C THR B 73 -8.72 -1.66 -13.10
N PRO B 74 -7.85 -0.83 -13.70
CA PRO B 74 -8.30 0.41 -14.33
C PRO B 74 -9.24 0.11 -15.48
N ILE B 75 -10.34 0.86 -15.56
CA ILE B 75 -11.29 0.67 -16.65
C ILE B 75 -10.70 1.40 -17.85
N GLY B 76 -10.01 2.51 -17.58
CA GLY B 76 -9.40 3.30 -18.63
C GLY B 76 -8.57 4.48 -18.12
N VAL B 77 -8.96 5.67 -18.55
CA VAL B 77 -8.27 6.90 -18.15
C VAL B 77 -9.22 7.78 -17.33
N GLY B 78 -9.67 7.26 -16.20
CA GLY B 78 -10.58 7.99 -15.35
C GLY B 78 -11.98 7.40 -15.41
N ASP B 79 -12.15 6.42 -16.29
CA ASP B 79 -13.44 5.76 -16.45
C ASP B 79 -13.81 4.86 -15.27
N GLY B 80 -13.12 5.05 -14.14
CA GLY B 80 -13.42 4.23 -12.97
C GLY B 80 -12.62 2.95 -12.89
N SER B 81 -13.07 2.00 -12.06
CA SER B 81 -12.35 0.76 -11.89
C SER B 81 -13.27 -0.47 -11.76
N HIS B 82 -12.74 -1.61 -12.19
CA HIS B 82 -13.42 -2.90 -12.10
C HIS B 82 -12.81 -3.55 -10.86
N VAL B 83 -13.64 -4.26 -10.10
CA VAL B 83 -13.16 -4.95 -8.90
C VAL B 83 -13.53 -6.44 -8.91
N VAL B 84 -12.58 -7.30 -8.57
CA VAL B 84 -12.85 -8.73 -8.49
C VAL B 84 -12.55 -9.21 -7.06
N TRP B 85 -13.55 -9.07 -6.19
CA TRP B 85 -13.46 -9.46 -4.79
C TRP B 85 -13.86 -10.93 -4.68
N THR B 86 -13.07 -11.71 -3.94
CA THR B 86 -13.33 -13.13 -3.82
C THR B 86 -13.21 -13.71 -2.40
N PHE B 87 -14.12 -14.61 -2.06
CA PHE B 87 -14.08 -15.30 -0.77
C PHE B 87 -13.64 -16.74 -1.01
N HIS B 88 -12.55 -17.14 -0.37
CA HIS B 88 -12.04 -18.51 -0.45
C HIS B 88 -12.37 -19.08 0.94
N PHE B 89 -12.83 -20.32 1.02
CA PHE B 89 -13.21 -20.83 2.33
C PHE B 89 -13.40 -22.34 2.49
N GLU B 90 -13.61 -22.73 3.73
CA GLU B 90 -13.90 -24.12 4.10
C GLU B 90 -14.96 -23.93 5.17
N LYS B 91 -16.16 -24.43 4.92
CA LYS B 91 -17.29 -24.29 5.85
C LYS B 91 -17.12 -25.15 7.10
N VAL B 92 -17.88 -24.82 8.14
CA VAL B 92 -17.81 -25.59 9.36
C VAL B 92 -18.46 -26.95 9.10
N HIS B 93 -19.56 -26.94 8.35
CA HIS B 93 -20.24 -28.18 7.98
C HIS B 93 -20.91 -28.00 6.62
N LYS B 94 -20.94 -29.07 5.83
CA LYS B 94 -21.49 -29.05 4.47
C LYS B 94 -22.79 -28.28 4.23
N ASP B 95 -23.64 -28.16 5.24
CA ASP B 95 -24.90 -27.45 5.05
C ASP B 95 -24.90 -25.95 5.28
N ILE B 96 -23.73 -25.38 5.56
CA ILE B 96 -23.66 -23.93 5.76
C ILE B 96 -23.94 -23.29 4.39
N ASP B 97 -24.62 -22.15 4.37
CA ASP B 97 -24.91 -21.52 3.09
C ASP B 97 -23.63 -20.97 2.46
N ASP B 98 -23.65 -20.80 1.14
CA ASP B 98 -22.52 -20.22 0.44
C ASP B 98 -22.67 -18.75 0.82
N PRO B 99 -21.56 -18.06 1.13
CA PRO B 99 -21.50 -16.65 1.53
C PRO B 99 -22.17 -15.57 0.68
N HIS B 100 -23.38 -15.84 0.19
CA HIS B 100 -24.11 -14.89 -0.65
C HIS B 100 -24.59 -13.63 0.06
N SER B 101 -25.00 -13.75 1.32
CA SER B 101 -25.46 -12.57 2.07
C SER B 101 -24.30 -11.60 2.12
N ILE B 102 -23.33 -11.95 2.97
CA ILE B 102 -22.12 -11.19 3.19
C ILE B 102 -21.49 -10.58 1.95
N ILE B 103 -21.17 -11.39 0.95
CA ILE B 103 -20.54 -10.83 -0.24
C ILE B 103 -21.44 -9.78 -0.88
N ASP B 104 -22.74 -9.97 -0.79
CA ASP B 104 -23.68 -8.99 -1.35
C ASP B 104 -23.41 -7.70 -0.57
N GLU B 105 -23.09 -7.84 0.72
CA GLU B 105 -22.80 -6.71 1.58
C GLU B 105 -21.39 -6.19 1.34
N SER B 106 -20.51 -7.04 0.81
CA SER B 106 -19.14 -6.63 0.48
C SER B 106 -19.22 -5.58 -0.61
N VAL B 107 -19.99 -5.89 -1.65
CA VAL B 107 -20.16 -4.95 -2.75
C VAL B 107 -20.65 -3.61 -2.20
N LYS B 108 -21.59 -3.66 -1.26
CA LYS B 108 -22.13 -2.45 -0.66
C LYS B 108 -21.04 -1.75 0.15
N TYR B 109 -20.20 -2.52 0.85
CA TYR B 109 -19.12 -1.92 1.62
C TYR B 109 -18.10 -1.25 0.70
N PHE B 110 -17.75 -1.89 -0.40
CA PHE B 110 -16.79 -1.31 -1.33
C PHE B 110 -17.37 -0.09 -2.03
N LYS B 111 -18.66 -0.12 -2.36
CA LYS B 111 -19.28 1.02 -3.03
C LYS B 111 -19.32 2.22 -2.10
N LYS B 112 -19.61 1.99 -0.82
CA LYS B 112 -19.61 3.09 0.15
C LYS B 112 -18.17 3.62 0.20
N LEU B 113 -17.19 2.71 0.16
CA LEU B 113 -15.80 3.14 0.16
C LEU B 113 -15.60 4.04 -1.07
N ASP B 114 -16.14 3.61 -2.21
CA ASP B 114 -16.04 4.35 -3.48
C ASP B 114 -16.56 5.80 -3.36
N GLU B 115 -17.81 5.94 -2.92
CA GLU B 115 -18.42 7.27 -2.78
C GLU B 115 -17.61 8.17 -1.85
N ALA B 116 -17.28 7.66 -0.68
CA ALA B 116 -16.52 8.41 0.32
C ALA B 116 -15.22 9.00 -0.22
N ILE B 117 -14.32 8.14 -0.68
CA ILE B 117 -13.02 8.60 -1.14
C ILE B 117 -13.09 9.37 -2.46
N LEU B 118 -14.14 9.11 -3.24
CA LEU B 118 -14.34 9.82 -4.49
C LEU B 118 -14.82 11.23 -4.15
N ASN B 119 -15.65 11.32 -3.12
CA ASN B 119 -16.21 12.60 -2.70
C ASN B 119 -15.47 13.27 -1.55
N PHE B 120 -14.22 12.90 -1.37
CA PHE B 120 -13.40 13.48 -0.32
C PHE B 120 -12.16 14.12 -0.95
N SER A 1 24.27 16.35 19.89
CA SER A 1 25.10 15.42 19.06
C SER A 1 25.74 16.12 17.88
N THR A 2 26.79 15.52 17.34
CA THR A 2 27.47 16.06 16.19
C THR A 2 27.30 15.12 15.00
N LEU A 3 26.64 13.97 15.24
CA LEU A 3 26.41 12.97 14.18
C LEU A 3 24.95 12.67 13.92
N LYS A 4 24.06 13.23 14.74
CA LYS A 4 22.63 12.97 14.59
C LYS A 4 21.82 14.13 14.02
N GLY A 5 21.19 13.87 12.86
CA GLY A 5 20.37 14.87 12.22
C GLY A 5 19.66 14.28 11.03
N ALA A 6 19.12 15.16 10.18
CA ALA A 6 18.42 14.72 9.00
C ALA A 6 18.64 15.74 7.89
N LEU A 7 18.14 15.40 6.71
CA LEU A 7 18.23 16.26 5.54
C LEU A 7 16.95 15.95 4.76
N SER A 8 16.36 16.96 4.13
CA SER A 8 15.10 16.76 3.43
C SER A 8 15.02 17.55 2.12
N VAL A 9 14.30 16.99 1.15
CA VAL A 9 14.14 17.62 -0.14
C VAL A 9 12.68 17.58 -0.63
N LYS A 10 12.27 18.64 -1.32
CA LYS A 10 10.93 18.75 -1.88
C LYS A 10 11.10 18.95 -3.37
N PHE A 11 10.27 18.29 -4.17
CA PHE A 11 10.38 18.39 -5.62
C PHE A 11 9.08 17.81 -6.18
N ASP A 12 8.65 18.28 -7.34
CA ASP A 12 7.38 17.83 -7.93
C ASP A 12 7.59 16.69 -8.92
N VAL A 13 6.55 15.87 -9.06
CA VAL A 13 6.53 14.76 -10.00
C VAL A 13 5.22 14.89 -10.79
N LYS A 14 5.19 14.36 -12.00
CA LYS A 14 4.02 14.41 -12.87
C LYS A 14 2.93 13.40 -12.50
N CYS A 15 3.35 12.25 -11.96
CA CYS A 15 2.42 11.20 -11.58
C CYS A 15 1.37 11.61 -10.56
N PRO A 16 0.11 11.18 -10.75
CA PRO A 16 -0.96 11.52 -9.80
C PRO A 16 -0.48 10.98 -8.45
N ALA A 17 -0.86 11.63 -7.35
CA ALA A 17 -0.41 11.23 -6.03
C ALA A 17 -0.31 9.72 -5.80
N ASP A 18 -1.40 9.10 -5.36
CA ASP A 18 -1.41 7.66 -5.07
C ASP A 18 -0.68 6.83 -6.14
N LYS A 19 -0.95 7.12 -7.40
CA LYS A 19 -0.31 6.37 -8.48
C LYS A 19 1.21 6.36 -8.29
N PHE A 20 1.74 7.43 -7.73
CA PHE A 20 3.17 7.50 -7.51
C PHE A 20 3.59 6.83 -6.20
N PHE A 21 2.84 7.09 -5.14
CA PHE A 21 3.11 6.51 -3.83
C PHE A 21 3.08 4.98 -3.87
N SER A 22 2.03 4.44 -4.45
CA SER A 22 1.87 2.99 -4.57
C SER A 22 3.06 2.32 -5.26
N ALA A 23 3.49 2.87 -6.39
CA ALA A 23 4.63 2.30 -7.09
C ALA A 23 5.87 2.29 -6.19
N PHE A 24 6.09 3.37 -5.44
CA PHE A 24 7.26 3.45 -4.57
C PHE A 24 7.24 2.35 -3.52
N VAL A 25 6.13 2.25 -2.80
CA VAL A 25 5.97 1.23 -1.77
C VAL A 25 6.27 -0.15 -2.35
N GLU A 26 5.68 -0.44 -3.50
CA GLU A 26 5.91 -1.75 -4.09
C GLU A 26 7.39 -1.89 -4.51
N ASP A 27 7.96 -0.80 -5.02
CA ASP A 27 9.37 -0.84 -5.44
C ASP A 27 10.28 -1.19 -4.26
N THR A 28 9.88 -0.80 -3.04
CA THR A 28 10.72 -1.11 -1.88
C THR A 28 10.87 -2.60 -1.58
N ASN A 29 10.14 -3.46 -2.29
CA ASN A 29 10.33 -4.91 -2.09
C ASN A 29 11.73 -5.31 -2.55
N ARG A 30 12.43 -4.35 -3.16
CA ARG A 30 13.80 -4.58 -3.61
C ARG A 30 14.74 -3.82 -2.69
N PRO A 31 15.70 -4.51 -2.05
CA PRO A 31 16.65 -3.82 -1.17
C PRO A 31 17.40 -2.77 -2.02
N PHE A 32 17.87 -1.71 -1.36
CA PHE A 32 18.58 -0.64 -2.05
C PHE A 32 20.05 -0.94 -2.35
N GLU A 33 20.55 -2.03 -1.78
CA GLU A 33 21.92 -2.50 -1.99
C GLU A 33 21.91 -4.03 -1.87
N LYS A 34 22.92 -4.66 -2.48
CA LYS A 34 23.04 -6.11 -2.51
C LYS A 34 22.80 -6.78 -1.14
N ASN A 35 23.35 -6.19 -0.09
CA ASN A 35 23.17 -6.75 1.26
C ASN A 35 22.22 -5.88 2.05
N GLY A 36 21.42 -5.09 1.35
CA GLY A 36 20.50 -4.18 2.02
C GLY A 36 19.27 -4.80 2.63
N LYS A 37 18.73 -4.09 3.62
CA LYS A 37 17.52 -4.52 4.30
C LYS A 37 16.63 -3.31 4.43
N THR A 38 15.35 -3.47 4.12
CA THR A 38 14.40 -2.37 4.23
C THR A 38 13.21 -2.80 5.08
N GLU A 39 12.97 -2.07 6.17
CA GLU A 39 11.84 -2.37 7.06
C GLU A 39 10.93 -1.15 7.16
N ILE A 40 9.63 -1.41 7.24
CA ILE A 40 8.62 -0.36 7.34
C ILE A 40 8.47 0.06 8.80
N GLU A 41 8.70 1.34 9.07
CA GLU A 41 8.61 1.87 10.43
C GLU A 41 7.28 2.61 10.61
N ALA A 42 6.61 2.89 9.51
CA ALA A 42 5.32 3.56 9.52
C ALA A 42 4.80 3.68 8.09
N VAL A 43 3.50 3.48 7.92
CA VAL A 43 2.89 3.60 6.59
C VAL A 43 1.41 3.89 6.70
N ASP A 44 0.91 4.73 5.78
CA ASP A 44 -0.50 5.09 5.75
C ASP A 44 -0.80 5.35 4.29
N LEU A 45 -1.47 4.39 3.65
CA LEU A 45 -1.80 4.50 2.25
C LEU A 45 -2.82 5.62 1.99
N VAL A 46 -3.51 6.06 3.05
CA VAL A 46 -4.46 7.15 2.91
C VAL A 46 -3.69 8.47 2.92
N LYS A 47 -2.76 8.63 3.86
CA LYS A 47 -1.95 9.84 3.91
C LYS A 47 -0.71 9.68 3.03
N LYS A 48 -0.58 8.50 2.42
CA LYS A 48 0.56 8.22 1.53
C LYS A 48 1.92 8.51 2.19
N THR A 49 2.11 8.05 3.43
CA THR A 49 3.38 8.28 4.13
C THR A 49 4.08 6.96 4.42
N THR A 51 8.21 5.81 6.51
CA THR A 51 9.52 6.25 6.93
C THR A 51 10.43 5.07 7.13
N ILE A 52 10.60 4.27 6.08
CA ILE A 52 11.46 3.10 6.17
C ILE A 52 12.77 3.29 6.92
N GLN A 53 13.33 2.15 7.33
CA GLN A 53 14.62 2.10 8.00
C GLN A 53 15.47 1.28 7.05
N SER A 55 19.37 -0.36 5.87
CA SER A 55 20.64 -0.84 6.39
C SER A 55 21.34 -1.77 5.41
N GLY A 56 22.59 -2.09 5.72
CA GLY A 56 23.40 -2.94 4.86
C GLY A 56 24.85 -2.68 5.20
N SER A 57 25.76 -3.47 4.64
CA SER A 57 27.18 -3.29 4.93
C SER A 57 27.72 -1.94 4.45
N GLU A 58 27.29 -1.49 3.28
CA GLU A 58 27.75 -0.22 2.76
C GLU A 58 27.19 0.98 3.53
N ILE A 59 25.88 1.13 3.55
CA ILE A 59 25.27 2.27 4.24
C ILE A 59 25.76 2.41 5.68
N GLN A 60 25.94 1.28 6.37
CA GLN A 60 26.39 1.28 7.76
C GLN A 60 27.82 1.81 7.90
N LYS A 61 28.60 1.76 6.83
CA LYS A 61 29.96 2.32 6.92
C LYS A 61 29.85 3.82 7.20
N TYR A 62 28.72 4.41 6.84
CA TYR A 62 28.54 5.85 7.04
C TYR A 62 27.52 6.22 8.11
N PHE A 63 26.48 5.41 8.26
CA PHE A 63 25.46 5.69 9.25
C PHE A 63 25.07 4.47 10.09
N LYS A 64 24.95 4.67 11.40
CA LYS A 64 24.56 3.59 12.31
C LYS A 64 23.07 3.32 12.15
N THR A 65 22.33 4.39 11.83
CA THR A 65 20.90 4.30 11.62
C THR A 65 20.51 5.23 10.48
N LEU A 66 19.63 4.74 9.60
CA LEU A 66 19.12 5.53 8.48
C LEU A 66 17.65 5.22 8.23
N LYS A 67 16.85 6.28 8.20
CA LYS A 67 15.42 6.19 7.93
C LYS A 67 15.17 7.15 6.78
N GLY A 68 14.19 6.81 5.95
CA GLY A 68 13.85 7.67 4.82
C GLY A 68 12.36 7.93 4.89
N SER A 69 11.98 9.21 4.92
CA SER A 69 10.56 9.55 4.97
C SER A 69 10.07 10.15 3.65
N ILE A 70 8.91 9.69 3.18
CA ILE A 70 8.32 10.20 1.97
C ILE A 70 7.05 10.98 2.26
N ALA A 71 6.70 11.86 1.32
CA ALA A 71 5.50 12.67 1.36
C ALA A 71 5.13 12.89 -0.12
N VAL A 72 3.91 12.48 -0.47
CA VAL A 72 3.42 12.62 -1.84
C VAL A 72 2.04 13.23 -1.72
N THR A 73 1.89 14.49 -2.12
CA THR A 73 0.59 15.14 -2.05
C THR A 73 0.12 15.68 -3.40
N PRO A 74 -1.20 15.79 -3.56
CA PRO A 74 -1.76 16.31 -4.82
C PRO A 74 -1.33 17.75 -5.03
N ILE A 75 -0.90 18.09 -6.25
CA ILE A 75 -0.52 19.46 -6.58
C ILE A 75 -1.83 20.22 -6.87
N GLY A 76 -2.80 19.51 -7.45
CA GLY A 76 -4.09 20.10 -7.77
C GLY A 76 -5.08 19.07 -8.29
N VAL A 77 -5.25 19.02 -9.60
CA VAL A 77 -6.14 18.07 -10.25
C VAL A 77 -5.58 17.77 -11.64
N GLY A 78 -4.93 16.62 -11.76
CA GLY A 78 -4.32 16.25 -13.03
C GLY A 78 -3.16 17.18 -13.30
N ASP A 79 -2.51 17.62 -12.22
CA ASP A 79 -1.37 18.54 -12.27
C ASP A 79 -0.05 17.93 -11.82
N GLY A 80 -0.12 16.80 -11.10
CA GLY A 80 1.10 16.18 -10.61
C GLY A 80 1.13 16.09 -9.10
N SER A 81 2.27 15.71 -8.55
CA SER A 81 2.38 15.55 -7.10
C SER A 81 3.65 16.18 -6.51
N HIS A 82 3.53 16.65 -5.27
CA HIS A 82 4.65 17.22 -4.54
C HIS A 82 5.25 16.06 -3.78
N VAL A 83 6.56 15.89 -3.90
CA VAL A 83 7.26 14.82 -3.19
C VAL A 83 8.35 15.42 -2.29
N VAL A 84 8.31 15.09 -1.01
CA VAL A 84 9.32 15.52 -0.04
C VAL A 84 9.94 14.21 0.47
N TRP A 85 11.27 14.14 0.47
CA TRP A 85 11.95 12.94 0.95
C TRP A 85 12.97 13.33 2.02
N THR A 86 12.81 12.74 3.20
CA THR A 86 13.68 13.05 4.33
C THR A 86 14.52 11.88 4.79
N PHE A 87 15.83 12.14 4.94
CA PHE A 87 16.75 11.15 5.47
C PHE A 87 17.05 11.52 6.93
N HIS A 88 16.64 10.68 7.88
CA HIS A 88 16.91 10.88 9.31
C HIS A 88 18.15 10.02 9.56
N PHE A 89 19.04 10.38 10.49
CA PHE A 89 20.23 9.54 10.65
C PHE A 89 21.16 9.78 11.84
N GLU A 90 22.07 8.83 12.01
CA GLU A 90 23.16 8.90 12.99
C GLU A 90 24.36 8.36 12.21
N LYS A 91 25.37 9.20 12.03
CA LYS A 91 26.56 8.82 11.30
C LYS A 91 27.49 8.03 12.22
N VAL A 92 28.46 7.33 11.65
CA VAL A 92 29.37 6.58 12.50
C VAL A 92 30.25 7.57 13.29
N HIS A 93 30.88 8.52 12.61
CA HIS A 93 31.67 9.52 13.31
C HIS A 93 31.28 10.91 12.76
N LYS A 94 31.50 11.94 13.56
CA LYS A 94 31.11 13.32 13.19
C LYS A 94 31.64 13.87 11.87
N ASP A 95 32.70 13.27 11.33
CA ASP A 95 33.25 13.77 10.07
C ASP A 95 32.48 13.23 8.86
N ILE A 96 31.57 12.28 9.07
CA ILE A 96 30.79 11.75 7.95
C ILE A 96 30.01 12.95 7.36
N ASP A 97 29.97 13.05 6.04
CA ASP A 97 29.23 14.15 5.39
C ASP A 97 27.71 13.97 5.50
N ASP A 98 26.96 15.08 5.50
CA ASP A 98 25.51 14.97 5.53
C ASP A 98 25.24 14.35 4.16
N PRO A 99 24.32 13.36 4.09
CA PRO A 99 23.93 12.61 2.88
C PRO A 99 23.38 13.36 1.66
N HIS A 100 24.06 14.44 1.29
CA HIS A 100 23.67 15.25 0.14
C HIS A 100 23.71 14.46 -1.18
N SER A 101 24.78 13.69 -1.39
CA SER A 101 24.89 12.91 -2.62
C SER A 101 23.77 11.88 -2.74
N ILE A 102 23.67 11.02 -1.72
CA ILE A 102 22.65 10.00 -1.71
C ILE A 102 21.24 10.57 -1.86
N ILE A 103 20.97 11.72 -1.24
CA ILE A 103 19.63 12.27 -1.37
C ILE A 103 19.44 12.92 -2.75
N ASP A 104 20.53 13.45 -3.32
CA ASP A 104 20.42 14.03 -4.66
C ASP A 104 20.09 12.87 -5.60
N GLU A 105 20.69 11.71 -5.35
CA GLU A 105 20.42 10.52 -6.16
C GLU A 105 19.01 10.00 -5.86
N SER A 106 18.48 10.32 -4.66
CA SER A 106 17.11 9.92 -4.28
C SER A 106 16.14 10.57 -5.26
N VAL A 107 16.15 11.90 -5.29
CA VAL A 107 15.28 12.65 -6.20
C VAL A 107 15.45 12.08 -7.61
N LYS A 108 16.71 11.82 -7.99
CA LYS A 108 17.01 11.26 -9.29
C LYS A 108 16.26 9.97 -9.51
N TYR A 109 16.25 9.13 -8.48
CA TYR A 109 15.57 7.84 -8.56
C TYR A 109 14.04 8.03 -8.60
N PHE A 110 13.53 8.91 -7.75
CA PHE A 110 12.10 9.16 -7.72
C PHE A 110 11.58 9.70 -9.07
N LYS A 111 12.39 10.50 -9.75
CA LYS A 111 11.97 11.07 -11.04
C LYS A 111 12.02 10.02 -12.16
N LYS A 112 12.93 9.05 -12.05
CA LYS A 112 13.02 7.98 -13.03
C LYS A 112 11.81 7.07 -12.82
N LEU A 113 11.34 7.02 -11.58
CA LEU A 113 10.18 6.24 -11.22
C LEU A 113 8.94 6.92 -11.83
N ASP A 114 8.87 8.24 -11.69
CA ASP A 114 7.76 9.05 -12.22
C ASP A 114 7.61 8.75 -13.72
N GLU A 115 8.73 8.78 -14.44
CA GLU A 115 8.77 8.51 -15.88
C GLU A 115 8.47 7.05 -16.21
N ALA A 116 8.95 6.15 -15.35
CA ALA A 116 8.75 4.72 -15.51
C ALA A 116 7.29 4.31 -15.47
N ILE A 117 6.52 4.93 -14.59
CA ILE A 117 5.12 4.54 -14.45
C ILE A 117 4.12 5.55 -15.00
N LEU A 118 4.61 6.70 -15.45
CA LEU A 118 3.74 7.74 -15.99
C LEU A 118 2.82 7.25 -17.11
N ASN A 119 3.40 6.84 -18.24
CA ASN A 119 2.62 6.36 -19.37
C ASN A 119 2.21 4.90 -19.17
N PHE A 120 2.68 4.31 -18.07
CA PHE A 120 2.39 2.93 -17.73
C PHE A 120 1.43 2.90 -16.55
N SER B 1 -12.13 -29.95 0.07
CA SER B 1 -13.12 -30.84 0.72
C SER B 1 -14.55 -30.42 0.36
N THR B 2 -15.50 -31.31 0.65
CA THR B 2 -16.92 -31.07 0.38
C THR B 2 -17.35 -29.73 0.98
N LEU B 3 -16.54 -29.20 1.88
CA LEU B 3 -16.82 -27.93 2.54
C LEU B 3 -15.97 -26.76 2.03
N LYS B 4 -15.13 -27.03 1.04
CA LYS B 4 -14.23 -26.02 0.48
C LYS B 4 -14.67 -25.49 -0.88
N GLY B 5 -14.65 -24.17 -1.03
CA GLY B 5 -15.04 -23.55 -2.28
C GLY B 5 -14.77 -22.05 -2.30
N ALA B 6 -15.43 -21.34 -3.21
CA ALA B 6 -15.26 -19.89 -3.32
C ALA B 6 -16.48 -19.22 -3.93
N LEU B 7 -16.53 -17.90 -3.81
CA LEU B 7 -17.62 -17.12 -4.34
C LEU B 7 -17.01 -15.77 -4.73
N SER B 8 -17.11 -15.44 -6.02
CA SER B 8 -16.53 -14.21 -6.53
C SER B 8 -17.59 -13.34 -7.18
N VAL B 9 -17.50 -12.04 -6.94
CA VAL B 9 -18.45 -11.10 -7.51
C VAL B 9 -17.71 -9.88 -8.02
N LYS B 10 -17.91 -9.59 -9.31
CA LYS B 10 -17.28 -8.45 -9.99
C LYS B 10 -18.29 -7.34 -10.24
N PHE B 11 -17.86 -6.10 -10.06
CA PHE B 11 -18.69 -4.91 -10.24
C PHE B 11 -17.78 -3.73 -10.49
N ASP B 12 -18.37 -2.54 -10.60
CA ASP B 12 -17.60 -1.34 -10.87
C ASP B 12 -17.72 -0.26 -9.80
N VAL B 13 -16.69 0.59 -9.73
CA VAL B 13 -16.65 1.71 -8.79
C VAL B 13 -16.17 2.91 -9.62
N LYS B 14 -16.55 4.11 -9.19
CA LYS B 14 -16.17 5.32 -9.92
C LYS B 14 -14.75 5.79 -9.57
N CYS B 15 -14.37 5.70 -8.30
CA CYS B 15 -13.05 6.13 -7.84
C CYS B 15 -11.98 5.52 -8.74
N PRO B 16 -10.99 6.34 -9.16
CA PRO B 16 -9.92 5.80 -10.01
C PRO B 16 -9.21 4.68 -9.24
N ALA B 17 -8.77 3.65 -9.96
CA ALA B 17 -8.17 2.45 -9.38
C ALA B 17 -7.10 2.56 -8.32
N ASP B 18 -6.10 3.41 -8.53
CA ASP B 18 -5.02 3.54 -7.56
C ASP B 18 -5.54 4.05 -6.21
N LYS B 19 -6.42 5.04 -6.24
CA LYS B 19 -6.98 5.60 -5.01
C LYS B 19 -7.90 4.58 -4.30
N PHE B 20 -8.59 3.77 -5.09
CA PHE B 20 -9.50 2.77 -4.53
C PHE B 20 -8.79 1.71 -3.71
N PHE B 21 -7.86 1.01 -4.36
CA PHE B 21 -7.09 -0.05 -3.74
C PHE B 21 -6.36 0.44 -2.48
N SER B 22 -5.63 1.55 -2.62
CA SER B 22 -4.91 2.11 -1.48
C SER B 22 -5.87 2.43 -0.33
N ALA B 23 -7.02 3.01 -0.65
CA ALA B 23 -8.00 3.34 0.38
C ALA B 23 -8.45 2.07 1.12
N PHE B 24 -8.68 1.00 0.36
CA PHE B 24 -9.10 -0.27 0.94
C PHE B 24 -8.01 -0.90 1.81
N VAL B 25 -6.80 -0.98 1.27
CA VAL B 25 -5.70 -1.58 2.01
C VAL B 25 -5.60 -0.90 3.37
N GLU B 26 -5.75 0.42 3.38
CA GLU B 26 -5.68 1.13 4.64
C GLU B 26 -6.85 0.74 5.55
N ASP B 27 -7.95 0.29 4.96
CA ASP B 27 -9.11 -0.09 5.79
C ASP B 27 -8.97 -1.48 6.41
N THR B 28 -7.75 -2.03 6.35
CA THR B 28 -7.47 -3.33 6.96
C THR B 28 -7.08 -3.09 8.41
N ASN B 29 -6.81 -1.82 8.75
CA ASN B 29 -6.45 -1.41 10.11
C ASN B 29 -7.66 -1.47 11.05
N ARG B 30 -8.84 -1.61 10.47
CA ARG B 30 -10.05 -1.72 11.29
C ARG B 30 -10.64 -3.12 11.06
N PRO B 31 -10.65 -3.96 12.09
CA PRO B 31 -11.22 -5.30 11.91
C PRO B 31 -12.66 -5.15 11.37
N PHE B 32 -13.16 -6.19 10.72
CA PHE B 32 -14.50 -6.16 10.16
C PHE B 32 -15.61 -6.51 11.12
N GLU B 33 -15.23 -6.96 12.32
CA GLU B 33 -16.18 -7.31 13.37
C GLU B 33 -15.51 -6.93 14.69
N LYS B 34 -16.33 -6.68 15.72
CA LYS B 34 -15.84 -6.27 17.02
C LYS B 34 -14.85 -7.28 17.61
N ASN B 35 -15.07 -8.56 17.32
CA ASN B 35 -14.20 -9.60 17.81
C ASN B 35 -13.51 -10.28 16.63
N GLY B 36 -12.87 -9.49 15.78
CA GLY B 36 -12.21 -10.06 14.62
C GLY B 36 -10.77 -9.64 14.37
N LYS B 37 -10.12 -10.37 13.47
CA LYS B 37 -8.75 -10.09 13.11
C LYS B 37 -8.58 -10.29 11.61
N THR B 38 -7.83 -9.39 11.00
CA THR B 38 -7.56 -9.44 9.57
C THR B 38 -6.05 -9.42 9.40
N GLU B 39 -5.52 -10.32 8.57
CA GLU B 39 -4.09 -10.36 8.30
C GLU B 39 -3.83 -10.39 6.79
N ILE B 40 -2.80 -9.69 6.35
CA ILE B 40 -2.45 -9.66 4.94
C ILE B 40 -1.66 -10.91 4.58
N GLU B 41 -2.06 -11.59 3.50
CA GLU B 41 -1.40 -12.81 3.06
C GLU B 41 -0.85 -12.66 1.63
N ALA B 42 -0.70 -11.42 1.19
CA ALA B 42 -0.18 -11.05 -0.13
C ALA B 42 -0.80 -9.71 -0.51
N VAL B 43 0.04 -8.70 -0.66
CA VAL B 43 -0.45 -7.38 -1.02
C VAL B 43 0.51 -6.64 -1.93
N ASP B 44 0.16 -6.60 -3.22
CA ASP B 44 0.98 -5.91 -4.23
C ASP B 44 0.30 -4.56 -4.51
N LEU B 45 1.00 -3.48 -4.15
CA LEU B 45 0.45 -2.14 -4.32
C LEU B 45 0.23 -1.69 -5.77
N VAL B 46 1.06 -2.17 -6.70
CA VAL B 46 0.91 -1.79 -8.11
C VAL B 46 -0.04 -2.71 -8.89
N LYS B 47 -0.04 -4.00 -8.56
CA LYS B 47 -0.94 -4.94 -9.24
C LYS B 47 -2.38 -4.76 -8.75
N LYS B 48 -2.56 -4.06 -7.63
CA LYS B 48 -3.90 -3.83 -7.05
C LYS B 48 -4.59 -5.15 -6.75
N THR B 49 -3.83 -6.09 -6.19
CA THR B 49 -4.33 -7.41 -5.84
C THR B 49 -3.94 -7.70 -4.40
N THR B 51 -4.91 -10.19 -0.76
CA THR B 51 -5.64 -11.27 -0.09
C THR B 51 -5.42 -11.14 1.42
N ILE B 52 -6.51 -11.19 2.17
CA ILE B 52 -6.44 -11.09 3.62
C ILE B 52 -7.15 -12.27 4.23
N GLN B 53 -6.69 -12.73 5.37
CA GLN B 53 -7.36 -13.81 6.07
C GLN B 53 -8.17 -13.10 7.13
N SER B 55 -10.82 -13.69 10.47
CA SER B 55 -11.34 -14.61 11.46
C SER B 55 -12.06 -13.87 12.57
N GLY B 56 -12.83 -14.62 13.37
CA GLY B 56 -13.57 -14.01 14.45
C GLY B 56 -14.78 -14.81 14.88
N SER B 57 -15.17 -14.63 16.13
CA SER B 57 -16.31 -15.31 16.73
C SER B 57 -17.48 -15.45 15.75
N GLU B 58 -17.84 -14.34 15.10
CA GLU B 58 -18.94 -14.33 14.15
C GLU B 58 -18.64 -15.12 12.87
N ILE B 59 -17.46 -14.90 12.28
CA ILE B 59 -17.06 -15.60 11.06
C ILE B 59 -16.83 -17.08 11.26
N GLN B 60 -15.97 -17.42 12.21
CA GLN B 60 -15.61 -18.80 12.48
C GLN B 60 -16.78 -19.65 12.95
N LYS B 61 -17.96 -19.04 13.01
CA LYS B 61 -19.17 -19.76 13.40
C LYS B 61 -19.57 -20.58 12.18
N TYR B 62 -19.39 -19.97 11.01
CA TYR B 62 -19.75 -20.59 9.74
C TYR B 62 -18.55 -21.15 8.97
N PHE B 63 -17.40 -20.50 9.10
CA PHE B 63 -16.22 -20.95 8.38
C PHE B 63 -14.99 -21.23 9.25
N LYS B 64 -14.31 -22.34 8.95
CA LYS B 64 -13.09 -22.70 9.66
C LYS B 64 -11.96 -21.87 9.07
N THR B 65 -12.17 -21.42 7.83
CA THR B 65 -11.20 -20.60 7.14
C THR B 65 -11.91 -19.69 6.14
N LEU B 66 -11.48 -18.43 6.10
CA LEU B 66 -12.05 -17.44 5.18
C LEU B 66 -10.97 -16.46 4.72
N LYS B 67 -10.78 -16.40 3.41
CA LYS B 67 -9.83 -15.49 2.81
C LYS B 67 -10.53 -14.70 1.71
N GLY B 68 -10.20 -13.43 1.60
CA GLY B 68 -10.80 -12.59 0.58
C GLY B 68 -9.73 -12.01 -0.32
N SER B 69 -9.92 -12.17 -1.63
CA SER B 69 -8.95 -11.65 -2.59
C SER B 69 -9.57 -10.55 -3.45
N ILE B 70 -8.87 -9.41 -3.53
CA ILE B 70 -9.33 -8.30 -4.34
C ILE B 70 -8.40 -8.05 -5.51
N ALA B 71 -8.96 -7.56 -6.61
CA ALA B 71 -8.21 -7.20 -7.80
C ALA B 71 -8.95 -5.98 -8.33
N VAL B 72 -8.21 -4.90 -8.55
CA VAL B 72 -8.80 -3.67 -9.04
C VAL B 72 -8.10 -3.29 -10.33
N THR B 73 -8.88 -2.87 -11.33
CA THR B 73 -8.29 -2.48 -12.60
C THR B 73 -8.98 -1.25 -13.22
N PRO B 74 -8.20 -0.39 -13.91
CA PRO B 74 -8.83 0.78 -14.51
C PRO B 74 -9.83 0.31 -15.57
N ILE B 75 -10.88 1.09 -15.78
CA ILE B 75 -11.88 0.77 -16.79
C ILE B 75 -11.44 1.42 -18.11
N GLY B 76 -11.78 2.70 -18.28
CA GLY B 76 -11.40 3.40 -19.50
C GLY B 76 -9.98 3.93 -19.45
N VAL B 77 -9.84 5.25 -19.26
CA VAL B 77 -8.52 5.87 -19.19
C VAL B 77 -8.48 6.90 -18.07
N GLY B 78 -8.41 6.41 -16.83
CA GLY B 78 -8.37 7.30 -15.69
C GLY B 78 -9.17 6.75 -14.52
N ASP B 79 -10.31 7.38 -14.25
CA ASP B 79 -11.19 6.97 -13.14
C ASP B 79 -12.04 5.79 -13.58
N GLY B 80 -12.78 5.20 -12.64
CA GLY B 80 -13.60 4.06 -12.96
C GLY B 80 -12.80 2.76 -12.88
N SER B 81 -13.21 1.88 -11.98
CA SER B 81 -12.50 0.62 -11.79
C SER B 81 -13.42 -0.60 -11.68
N HIS B 82 -12.89 -1.74 -12.11
CA HIS B 82 -13.57 -3.03 -12.04
C HIS B 82 -13.07 -3.72 -10.78
N VAL B 83 -13.92 -3.86 -9.77
CA VAL B 83 -13.49 -4.55 -8.56
C VAL B 83 -13.99 -5.99 -8.50
N VAL B 84 -13.07 -6.95 -8.52
CA VAL B 84 -13.43 -8.35 -8.38
C VAL B 84 -13.04 -8.71 -6.95
N TRP B 85 -13.97 -9.28 -6.20
CA TRP B 85 -13.72 -9.66 -4.80
C TRP B 85 -14.01 -11.14 -4.62
N THR B 86 -12.97 -11.91 -4.32
CA THR B 86 -13.09 -13.34 -4.15
C THR B 86 -13.06 -13.84 -2.71
N PHE B 87 -14.12 -14.54 -2.34
CA PHE B 87 -14.24 -15.13 -1.02
C PHE B 87 -13.92 -16.63 -1.11
N HIS B 88 -12.83 -17.05 -0.48
CA HIS B 88 -12.47 -18.48 -0.45
C HIS B 88 -12.86 -18.95 0.95
N PHE B 89 -13.32 -20.19 1.08
CA PHE B 89 -13.78 -20.65 2.41
C PHE B 89 -13.89 -22.14 2.64
N GLU B 90 -13.69 -22.53 3.90
CA GLU B 90 -13.85 -23.92 4.31
C GLU B 90 -15.00 -23.84 5.32
N LYS B 91 -16.14 -24.41 4.94
CA LYS B 91 -17.33 -24.39 5.79
C LYS B 91 -17.15 -25.18 7.07
N VAL B 92 -17.78 -24.72 8.15
CA VAL B 92 -17.67 -25.43 9.41
C VAL B 92 -18.43 -26.75 9.24
N HIS B 93 -19.56 -26.69 8.53
CA HIS B 93 -20.33 -27.88 8.26
C HIS B 93 -21.20 -27.78 7.02
N LYS B 94 -21.44 -28.94 6.41
CA LYS B 94 -22.22 -29.08 5.18
C LYS B 94 -23.49 -28.24 5.13
N ASP B 95 -24.10 -28.02 6.28
CA ASP B 95 -25.34 -27.23 6.33
C ASP B 95 -25.12 -25.74 6.05
N ILE B 96 -23.87 -25.33 5.90
CA ILE B 96 -23.57 -23.92 5.63
C ILE B 96 -23.42 -23.69 4.12
N ASP B 97 -24.33 -22.90 3.57
CA ASP B 97 -24.31 -22.59 2.14
C ASP B 97 -23.15 -21.64 1.83
N ASP B 98 -23.01 -21.28 0.56
CA ASP B 98 -21.95 -20.36 0.14
C ASP B 98 -22.38 -19.00 0.71
N PRO B 99 -21.41 -18.14 1.06
CA PRO B 99 -21.64 -16.81 1.65
C PRO B 99 -22.19 -15.67 0.77
N HIS B 100 -23.40 -15.85 0.26
CA HIS B 100 -24.04 -14.85 -0.60
C HIS B 100 -24.44 -13.58 0.15
N SER B 101 -24.91 -13.71 1.39
CA SER B 101 -25.31 -12.53 2.16
C SER B 101 -24.07 -11.67 2.33
N ILE B 102 -23.08 -12.24 2.99
CA ILE B 102 -21.81 -11.59 3.25
C ILE B 102 -21.24 -10.87 2.03
N ILE B 103 -21.17 -11.55 0.90
CA ILE B 103 -20.60 -10.90 -0.29
C ILE B 103 -21.54 -9.85 -0.87
N ASP B 104 -22.84 -10.05 -0.67
CA ASP B 104 -23.81 -9.10 -1.15
C ASP B 104 -23.47 -7.78 -0.43
N GLU B 105 -23.15 -7.90 0.85
CA GLU B 105 -22.78 -6.76 1.67
C GLU B 105 -21.38 -6.30 1.30
N SER B 106 -20.60 -7.20 0.70
CA SER B 106 -19.23 -6.86 0.26
C SER B 106 -19.32 -5.74 -0.76
N VAL B 107 -20.11 -5.97 -1.82
CA VAL B 107 -20.27 -4.95 -2.86
C VAL B 107 -20.71 -3.62 -2.23
N LYS B 108 -21.64 -3.69 -1.28
CA LYS B 108 -22.12 -2.48 -0.61
C LYS B 108 -21.03 -1.84 0.23
N TYR B 109 -20.21 -2.64 0.90
CA TYR B 109 -19.13 -2.08 1.70
C TYR B 109 -18.12 -1.39 0.79
N PHE B 110 -17.79 -2.00 -0.34
CA PHE B 110 -16.83 -1.41 -1.26
C PHE B 110 -17.43 -0.18 -1.93
N LYS B 111 -18.71 -0.26 -2.28
CA LYS B 111 -19.36 0.88 -2.93
C LYS B 111 -19.48 2.02 -1.93
N LYS B 112 -19.79 1.68 -0.68
CA LYS B 112 -19.88 2.70 0.37
C LYS B 112 -18.50 3.31 0.50
N LEU B 113 -17.47 2.48 0.33
CA LEU B 113 -16.12 2.99 0.40
C LEU B 113 -16.11 4.02 -0.75
N ASP B 114 -16.27 3.52 -1.98
CA ASP B 114 -16.29 4.34 -3.22
C ASP B 114 -16.86 5.77 -3.06
N GLU B 115 -18.08 5.89 -2.56
CA GLU B 115 -18.70 7.21 -2.38
C GLU B 115 -17.81 8.15 -1.54
N ALA B 116 -17.22 7.60 -0.49
CA ALA B 116 -16.35 8.39 0.38
C ALA B 116 -15.06 8.84 -0.30
N ILE B 117 -14.36 7.91 -0.93
CA ILE B 117 -13.10 8.22 -1.59
C ILE B 117 -13.24 9.23 -2.69
N LEU B 118 -14.15 8.97 -3.62
CA LEU B 118 -14.40 9.85 -4.74
C LEU B 118 -14.80 11.23 -4.24
N ASN B 119 -15.68 11.25 -3.24
CA ASN B 119 -16.16 12.51 -2.69
C ASN B 119 -15.35 13.08 -1.55
N PHE B 120 -14.04 12.83 -1.58
CA PHE B 120 -13.15 13.35 -0.55
C PHE B 120 -11.98 14.06 -1.19
N SER A 1 25.51 13.63 22.27
CA SER A 1 25.59 13.03 20.90
C SER A 1 25.50 14.11 19.82
N THR A 2 26.29 13.97 18.76
CA THR A 2 26.20 14.94 17.67
C THR A 2 26.20 14.21 16.34
N LEU A 3 25.67 12.99 16.35
CA LEU A 3 25.61 12.16 15.15
C LEU A 3 24.16 12.04 14.64
N LYS A 4 23.28 12.87 15.20
CA LYS A 4 21.87 12.87 14.83
C LYS A 4 21.53 14.08 13.96
N GLY A 5 20.95 13.82 12.79
CA GLY A 5 20.59 14.90 11.91
C GLY A 5 19.44 14.53 10.98
N ALA A 6 18.98 15.53 10.23
CA ALA A 6 17.89 15.33 9.30
C ALA A 6 18.27 15.99 7.99
N LEU A 7 17.96 15.32 6.88
CA LEU A 7 18.26 15.84 5.56
C LEU A 7 17.02 15.63 4.68
N SER A 8 16.36 16.72 4.31
CA SER A 8 15.16 16.65 3.51
C SER A 8 15.25 17.42 2.20
N VAL A 9 14.48 16.99 1.23
CA VAL A 9 14.46 17.61 -0.10
C VAL A 9 13.05 17.45 -0.68
N LYS A 10 12.50 18.53 -1.27
CA LYS A 10 11.17 18.51 -1.86
C LYS A 10 11.25 18.80 -3.36
N PHE A 11 10.36 18.17 -4.14
CA PHE A 11 10.37 18.34 -5.59
C PHE A 11 9.05 17.78 -6.14
N ASP A 12 8.53 18.40 -7.20
CA ASP A 12 7.26 17.99 -7.80
C ASP A 12 7.49 16.85 -8.79
N VAL A 13 6.48 15.99 -8.93
CA VAL A 13 6.52 14.88 -9.86
C VAL A 13 5.26 14.97 -10.74
N LYS A 14 5.33 14.45 -11.96
CA LYS A 14 4.22 14.50 -12.90
C LYS A 14 3.24 13.33 -12.72
N CYS A 15 3.64 12.27 -12.03
CA CYS A 15 2.76 11.11 -11.86
C CYS A 15 1.70 11.29 -10.78
N PRO A 16 0.48 10.82 -11.04
CA PRO A 16 -0.65 10.90 -10.09
C PRO A 16 -0.15 10.42 -8.73
N ALA A 17 -0.60 11.08 -7.66
CA ALA A 17 -0.13 10.77 -6.32
C ALA A 17 -0.35 9.37 -5.77
N ASP A 18 -1.49 8.76 -6.06
CA ASP A 18 -1.77 7.42 -5.54
C ASP A 18 -0.86 6.34 -6.14
N LYS A 19 -0.67 6.42 -7.45
CA LYS A 19 0.17 5.45 -8.17
C LYS A 19 1.63 5.54 -7.69
N PHE A 20 2.14 6.78 -7.67
CA PHE A 20 3.51 7.07 -7.27
C PHE A 20 3.87 6.41 -5.94
N PHE A 21 3.17 6.79 -4.89
CA PHE A 21 3.39 6.25 -3.55
C PHE A 21 3.29 4.71 -3.45
N SER A 22 2.13 4.14 -3.78
CA SER A 22 1.96 2.69 -3.71
C SER A 22 3.01 1.93 -4.54
N ALA A 23 3.38 2.51 -5.68
CA ALA A 23 4.38 1.92 -6.56
C ALA A 23 5.75 2.03 -5.88
N PHE A 24 5.99 3.13 -5.16
CA PHE A 24 7.26 3.29 -4.46
C PHE A 24 7.30 2.31 -3.32
N VAL A 25 6.17 2.22 -2.61
CA VAL A 25 6.05 1.32 -1.48
C VAL A 25 6.30 -0.10 -1.99
N GLU A 26 5.74 -0.41 -3.16
CA GLU A 26 5.93 -1.75 -3.69
C GLU A 26 7.39 -2.02 -4.05
N ASP A 27 8.02 -1.06 -4.73
CA ASP A 27 9.42 -1.21 -5.15
C ASP A 27 10.38 -1.39 -3.98
N THR A 28 9.99 -0.96 -2.77
CA THR A 28 10.91 -1.14 -1.64
C THR A 28 11.09 -2.61 -1.32
N ASN A 29 10.34 -3.48 -2.00
CA ASN A 29 10.54 -4.92 -1.80
C ASN A 29 11.96 -5.28 -2.25
N ARG A 30 12.40 -4.66 -3.35
CA ARG A 30 13.75 -4.92 -3.84
C ARG A 30 14.67 -3.94 -3.11
N PRO A 31 15.57 -4.47 -2.26
CA PRO A 31 16.53 -3.66 -1.48
C PRO A 31 17.33 -2.69 -2.38
N PHE A 32 18.07 -1.78 -1.75
CA PHE A 32 18.86 -0.76 -2.45
C PHE A 32 20.37 -0.99 -2.47
N GLU A 33 20.77 -2.26 -2.36
CA GLU A 33 22.16 -2.69 -2.37
C GLU A 33 22.17 -4.18 -2.11
N LYS A 34 23.27 -4.84 -2.47
CA LYS A 34 23.41 -6.28 -2.31
C LYS A 34 23.00 -6.77 -0.91
N ASN A 35 23.54 -6.14 0.12
CA ASN A 35 23.21 -6.53 1.49
C ASN A 35 22.05 -5.69 2.00
N GLY A 36 20.92 -5.76 1.31
CA GLY A 36 19.78 -4.96 1.70
C GLY A 36 18.77 -5.56 2.66
N LYS A 37 18.22 -4.73 3.53
CA LYS A 37 17.23 -5.18 4.51
C LYS A 37 16.35 -4.03 4.96
N THR A 38 15.74 -3.34 3.99
CA THR A 38 14.85 -2.22 4.28
C THR A 38 13.88 -2.65 5.40
N GLU A 39 13.25 -1.69 6.05
CA GLU A 39 12.29 -2.01 7.09
C GLU A 39 11.17 -0.98 7.08
N ILE A 40 10.05 -1.33 6.44
CA ILE A 40 8.91 -0.42 6.39
C ILE A 40 8.36 -0.30 7.80
N GLU A 41 8.70 0.79 8.47
CA GLU A 41 8.24 1.00 9.84
C GLU A 41 6.81 1.55 9.92
N ALA A 42 6.66 2.87 10.03
CA ALA A 42 5.33 3.45 10.08
C ALA A 42 4.84 3.43 8.65
N VAL A 43 3.53 3.53 8.47
CA VAL A 43 2.96 3.57 7.15
C VAL A 43 1.48 3.88 7.17
N ASP A 44 1.12 4.95 6.48
CA ASP A 44 -0.27 5.37 6.38
C ASP A 44 -0.48 5.38 4.86
N LEU A 45 -1.31 4.46 4.35
CA LEU A 45 -1.54 4.39 2.92
C LEU A 45 -2.50 5.42 2.34
N VAL A 46 -3.34 6.01 3.19
CA VAL A 46 -4.28 7.03 2.74
C VAL A 46 -3.60 8.40 2.80
N LYS A 47 -2.76 8.61 3.80
CA LYS A 47 -2.03 9.87 3.92
C LYS A 47 -0.91 9.95 2.90
N LYS A 48 -0.61 8.82 2.26
CA LYS A 48 0.46 8.79 1.25
C LYS A 48 1.78 9.17 1.94
N THR A 49 2.05 8.53 3.08
CA THR A 49 3.28 8.78 3.83
C THR A 49 3.87 7.45 4.22
N THR A 51 7.60 5.65 6.41
CA THR A 51 8.94 5.73 6.98
C THR A 51 9.54 4.34 6.95
N ILE A 52 10.73 4.24 6.36
CA ILE A 52 11.44 2.97 6.27
C ILE A 52 12.85 3.10 6.84
N GLN A 53 13.33 2.03 7.48
CA GLN A 53 14.67 2.01 8.03
C GLN A 53 15.50 1.22 7.00
N SER A 55 19.11 -0.44 5.92
CA SER A 55 20.39 -0.90 6.44
C SER A 55 21.14 -1.69 5.38
N GLY A 56 22.43 -1.92 5.65
CA GLY A 56 23.28 -2.63 4.72
C GLY A 56 24.71 -2.33 5.08
N SER A 57 25.62 -3.22 4.70
CA SER A 57 27.04 -3.08 4.99
C SER A 57 27.59 -1.78 4.42
N GLU A 58 27.27 -1.52 3.16
CA GLU A 58 27.75 -0.31 2.51
C GLU A 58 27.18 0.93 3.20
N ILE A 59 25.86 1.01 3.28
CA ILE A 59 25.24 2.18 3.91
C ILE A 59 25.74 2.36 5.36
N GLN A 60 25.98 1.25 6.06
CA GLN A 60 26.46 1.32 7.43
C GLN A 60 27.91 1.76 7.52
N LYS A 61 28.57 1.92 6.38
CA LYS A 61 29.96 2.39 6.40
C LYS A 61 29.93 3.87 6.75
N TYR A 62 28.77 4.49 6.58
CA TYR A 62 28.61 5.92 6.83
C TYR A 62 27.65 6.27 7.94
N PHE A 63 26.51 5.60 7.96
CA PHE A 63 25.51 5.86 8.98
C PHE A 63 25.22 4.66 9.83
N LYS A 64 25.33 4.82 11.15
CA LYS A 64 25.04 3.71 12.04
C LYS A 64 23.60 3.35 11.79
N THR A 65 22.78 4.37 11.54
CA THR A 65 21.36 4.16 11.32
C THR A 65 20.81 5.12 10.26
N LEU A 66 19.97 4.60 9.36
CA LEU A 66 19.35 5.41 8.32
C LEU A 66 17.88 5.07 8.10
N LYS A 67 17.05 6.10 8.15
CA LYS A 67 15.61 5.97 7.91
C LYS A 67 15.28 6.99 6.84
N GLY A 68 14.31 6.64 6.00
CA GLY A 68 13.88 7.55 4.95
C GLY A 68 12.38 7.71 5.06
N SER A 69 11.91 8.97 5.08
CA SER A 69 10.47 9.21 5.16
C SER A 69 9.98 9.98 3.95
N ILE A 70 8.87 9.54 3.36
CA ILE A 70 8.29 10.21 2.21
C ILE A 70 6.91 10.74 2.53
N ALA A 71 6.48 11.75 1.76
CA ALA A 71 5.16 12.34 1.84
C ALA A 71 4.84 12.73 0.40
N VAL A 72 3.69 12.25 -0.10
CA VAL A 72 3.30 12.56 -1.47
C VAL A 72 1.91 13.18 -1.46
N THR A 73 1.78 14.39 -2.00
CA THR A 73 0.49 15.07 -2.05
C THR A 73 0.16 15.66 -3.43
N PRO A 74 -1.14 15.83 -3.72
CA PRO A 74 -1.56 16.38 -5.01
C PRO A 74 -1.02 17.81 -5.15
N ILE A 75 -0.74 18.23 -6.38
CA ILE A 75 -0.26 19.58 -6.67
C ILE A 75 -1.47 20.48 -6.94
N GLY A 76 -2.59 19.87 -7.33
CA GLY A 76 -3.81 20.61 -7.60
C GLY A 76 -4.93 19.68 -7.99
N VAL A 77 -5.15 19.54 -9.30
CA VAL A 77 -6.18 18.64 -9.83
C VAL A 77 -5.69 18.12 -11.18
N GLY A 78 -5.14 16.90 -11.17
CA GLY A 78 -4.62 16.33 -12.39
C GLY A 78 -3.41 17.14 -12.83
N ASP A 79 -2.72 17.72 -11.85
CA ASP A 79 -1.55 18.56 -12.06
C ASP A 79 -0.23 17.98 -11.50
N GLY A 80 -0.22 16.70 -11.16
CA GLY A 80 1.00 16.12 -10.62
C GLY A 80 1.00 16.02 -9.11
N SER A 81 2.16 15.79 -8.51
CA SER A 81 2.25 15.66 -7.07
C SER A 81 3.49 16.32 -6.46
N HIS A 82 3.41 16.64 -5.18
CA HIS A 82 4.52 17.22 -4.45
C HIS A 82 5.10 16.06 -3.69
N VAL A 83 6.42 15.94 -3.69
CA VAL A 83 7.10 14.87 -2.98
C VAL A 83 8.10 15.43 -1.96
N VAL A 84 7.97 14.98 -0.71
CA VAL A 84 8.90 15.37 0.34
C VAL A 84 9.59 14.07 0.73
N TRP A 85 10.92 14.06 0.66
CA TRP A 85 11.71 12.87 1.01
C TRP A 85 12.77 13.28 2.03
N THR A 86 12.68 12.69 3.23
CA THR A 86 13.59 13.04 4.31
C THR A 86 14.43 11.87 4.81
N PHE A 87 15.73 12.13 4.95
CA PHE A 87 16.65 11.15 5.52
C PHE A 87 16.89 11.53 6.99
N HIS A 88 16.57 10.61 7.90
CA HIS A 88 16.79 10.80 9.34
C HIS A 88 18.01 9.91 9.59
N PHE A 89 19.10 10.46 10.10
CA PHE A 89 20.31 9.65 10.26
C PHE A 89 21.15 9.81 11.51
N GLU A 90 21.90 8.75 11.81
CA GLU A 90 22.86 8.78 12.91
C GLU A 90 24.19 8.39 12.24
N LYS A 91 25.11 9.35 12.18
CA LYS A 91 26.41 9.13 11.54
C LYS A 91 27.31 8.29 12.43
N VAL A 92 28.25 7.57 11.83
CA VAL A 92 29.15 6.75 12.64
C VAL A 92 30.00 7.70 13.49
N HIS A 93 30.61 8.70 12.86
CA HIS A 93 31.39 9.70 13.60
C HIS A 93 30.98 11.07 13.07
N LYS A 94 31.32 12.12 13.82
CA LYS A 94 30.93 13.49 13.47
C LYS A 94 31.44 14.10 12.16
N ASP A 95 32.54 13.60 11.62
CA ASP A 95 33.06 14.17 10.39
C ASP A 95 32.33 13.62 9.16
N ILE A 96 31.30 12.80 9.38
CA ILE A 96 30.54 12.27 8.26
C ILE A 96 29.63 13.39 7.75
N ASP A 97 29.85 13.84 6.53
CA ASP A 97 29.03 14.89 5.93
C ASP A 97 27.54 14.47 5.93
N ASP A 98 26.63 15.44 5.85
CA ASP A 98 25.21 15.08 5.78
C ASP A 98 25.12 14.37 4.43
N PRO A 99 24.13 13.48 4.26
CA PRO A 99 23.95 12.71 3.01
C PRO A 99 23.41 13.41 1.77
N HIS A 100 24.09 14.48 1.36
CA HIS A 100 23.71 15.25 0.17
C HIS A 100 23.74 14.41 -1.11
N SER A 101 24.76 13.58 -1.28
CA SER A 101 24.83 12.76 -2.49
C SER A 101 23.90 11.57 -2.40
N ILE A 102 23.65 11.12 -1.18
CA ILE A 102 22.75 10.00 -0.99
C ILE A 102 21.33 10.45 -1.30
N ILE A 103 21.00 11.71 -0.99
CA ILE A 103 19.65 12.20 -1.25
C ILE A 103 19.48 12.63 -2.70
N ASP A 104 20.51 13.22 -3.31
CA ASP A 104 20.39 13.60 -4.71
C ASP A 104 20.17 12.32 -5.54
N GLU A 105 20.80 11.23 -5.11
CA GLU A 105 20.62 9.94 -5.78
C GLU A 105 19.16 9.52 -5.63
N SER A 106 18.65 9.61 -4.40
CA SER A 106 17.25 9.23 -4.15
C SER A 106 16.41 10.11 -5.06
N VAL A 107 16.88 11.36 -5.23
CA VAL A 107 16.20 12.31 -6.09
C VAL A 107 16.12 11.76 -7.52
N LYS A 108 17.27 11.39 -8.08
CA LYS A 108 17.30 10.84 -9.43
C LYS A 108 16.38 9.64 -9.49
N TYR A 109 16.39 8.83 -8.43
CA TYR A 109 15.56 7.64 -8.38
C TYR A 109 14.07 7.95 -8.54
N PHE A 110 13.57 8.91 -7.76
CA PHE A 110 12.16 9.26 -7.85
C PHE A 110 11.77 9.87 -9.21
N LYS A 111 12.70 10.57 -9.86
CA LYS A 111 12.40 11.16 -11.18
C LYS A 111 12.28 10.08 -12.25
N LYS A 112 13.20 9.11 -12.22
CA LYS A 112 13.19 8.00 -13.18
C LYS A 112 12.09 7.01 -12.80
N LEU A 113 11.68 7.07 -11.54
CA LEU A 113 10.64 6.19 -11.03
C LEU A 113 9.28 6.59 -11.59
N ASP A 114 9.03 7.91 -11.63
CA ASP A 114 7.76 8.45 -12.14
C ASP A 114 7.75 8.41 -13.69
N GLU A 115 8.92 8.60 -14.30
CA GLU A 115 9.02 8.55 -15.75
C GLU A 115 8.86 7.11 -16.21
N ALA A 116 8.92 6.19 -15.25
CA ALA A 116 8.78 4.77 -15.49
C ALA A 116 7.33 4.32 -15.46
N ILE A 117 6.55 4.89 -14.55
CA ILE A 117 5.16 4.50 -14.41
C ILE A 117 4.18 5.45 -15.07
N LEU A 118 4.68 6.60 -15.54
CA LEU A 118 3.83 7.59 -16.20
C LEU A 118 3.68 7.22 -17.68
N ASN A 119 4.73 6.64 -18.26
CA ASN A 119 4.75 6.25 -19.66
C ASN A 119 4.36 4.80 -19.89
N PHE A 120 4.56 3.96 -18.88
CA PHE A 120 4.19 2.56 -18.99
C PHE A 120 2.67 2.45 -18.88
N SER B 1 -14.54 -32.79 -1.57
CA SER B 1 -14.73 -31.95 -0.35
C SER B 1 -16.00 -31.13 -0.40
N THR B 2 -16.85 -31.30 0.61
CA THR B 2 -18.10 -30.55 0.71
C THR B 2 -17.92 -29.41 1.71
N LEU B 3 -16.68 -28.92 1.81
CA LEU B 3 -16.37 -27.83 2.73
C LEU B 3 -15.67 -26.67 2.03
N LYS B 4 -14.73 -27.01 1.15
CA LYS B 4 -13.95 -26.02 0.43
C LYS B 4 -14.71 -25.43 -0.74
N GLY B 5 -14.62 -24.11 -0.87
CA GLY B 5 -15.30 -23.43 -1.96
C GLY B 5 -14.81 -22.01 -2.12
N ALA B 6 -15.30 -21.33 -3.15
CA ALA B 6 -14.91 -19.95 -3.40
C ALA B 6 -16.10 -19.20 -4.00
N LEU B 7 -16.11 -17.88 -3.80
CA LEU B 7 -17.17 -17.03 -4.28
C LEU B 7 -16.54 -15.72 -4.79
N SER B 8 -16.99 -15.24 -5.94
CA SER B 8 -16.40 -14.04 -6.51
C SER B 8 -17.42 -13.16 -7.20
N VAL B 9 -17.27 -11.86 -7.00
CA VAL B 9 -18.17 -10.89 -7.61
C VAL B 9 -17.33 -9.85 -8.34
N LYS B 10 -17.87 -9.36 -9.46
CA LYS B 10 -17.24 -8.33 -10.27
C LYS B 10 -18.24 -7.20 -10.39
N PHE B 11 -17.76 -5.98 -10.20
CA PHE B 11 -18.59 -4.77 -10.25
C PHE B 11 -17.65 -3.60 -10.41
N ASP B 12 -18.12 -2.56 -11.08
CA ASP B 12 -17.31 -1.37 -11.32
C ASP B 12 -17.43 -0.37 -10.17
N VAL B 13 -16.38 0.43 -9.99
CA VAL B 13 -16.35 1.47 -8.97
C VAL B 13 -15.92 2.76 -9.70
N LYS B 14 -16.42 3.90 -9.23
CA LYS B 14 -16.11 5.18 -9.86
C LYS B 14 -14.66 5.67 -9.65
N CYS B 15 -14.09 5.37 -8.50
CA CYS B 15 -12.73 5.80 -8.18
C CYS B 15 -11.64 5.19 -9.07
N PRO B 16 -10.63 5.99 -9.44
CA PRO B 16 -9.57 5.39 -10.26
C PRO B 16 -8.96 4.28 -9.38
N ALA B 17 -8.32 3.30 -10.00
CA ALA B 17 -7.79 2.14 -9.30
C ALA B 17 -6.76 2.32 -8.18
N ASP B 18 -5.76 3.17 -8.40
CA ASP B 18 -4.75 3.36 -7.37
C ASP B 18 -5.33 3.93 -6.08
N LYS B 19 -6.09 5.02 -6.18
CA LYS B 19 -6.68 5.63 -5.00
C LYS B 19 -7.59 4.64 -4.28
N PHE B 20 -8.53 4.06 -5.03
CA PHE B 20 -9.48 3.11 -4.44
C PHE B 20 -8.85 1.84 -3.89
N PHE B 21 -7.89 1.27 -4.61
CA PHE B 21 -7.25 0.03 -4.17
C PHE B 21 -6.39 0.21 -2.94
N SER B 22 -5.58 1.26 -2.92
CA SER B 22 -4.73 1.52 -1.77
C SER B 22 -5.58 2.16 -0.65
N ALA B 23 -6.68 2.81 -1.02
CA ALA B 23 -7.56 3.41 -0.02
C ALA B 23 -8.20 2.30 0.82
N PHE B 24 -8.36 1.15 0.19
CA PHE B 24 -8.95 -0.02 0.84
C PHE B 24 -7.94 -0.74 1.76
N VAL B 25 -6.74 -0.95 1.27
CA VAL B 25 -5.71 -1.63 2.04
C VAL B 25 -5.59 -0.93 3.40
N GLU B 26 -5.70 0.39 3.38
CA GLU B 26 -5.59 1.14 4.63
C GLU B 26 -6.74 0.81 5.59
N ASP B 27 -7.94 0.59 5.06
CA ASP B 27 -9.08 0.29 5.93
C ASP B 27 -9.06 -1.12 6.53
N THR B 28 -8.06 -1.94 6.21
CA THR B 28 -8.02 -3.28 6.82
C THR B 28 -7.42 -3.21 8.21
N ASN B 29 -6.95 -2.03 8.59
CA ASN B 29 -6.42 -1.82 9.94
C ASN B 29 -7.60 -1.93 10.93
N ARG B 30 -8.80 -1.57 10.46
CA ARG B 30 -9.96 -1.69 11.33
C ARG B 30 -10.54 -3.09 11.10
N PRO B 31 -10.54 -3.92 12.15
CA PRO B 31 -11.10 -5.26 11.96
C PRO B 31 -12.54 -5.14 11.42
N PHE B 32 -13.04 -6.19 10.78
CA PHE B 32 -14.37 -6.17 10.21
C PHE B 32 -15.49 -6.35 11.22
N GLU B 33 -15.18 -6.97 12.35
CA GLU B 33 -16.15 -7.18 13.43
C GLU B 33 -15.49 -6.85 14.77
N LYS B 34 -16.31 -6.70 15.80
CA LYS B 34 -15.85 -6.36 17.14
C LYS B 34 -14.71 -7.21 17.69
N ASN B 35 -14.76 -8.52 17.46
CA ASN B 35 -13.70 -9.39 17.94
C ASN B 35 -13.01 -10.12 16.80
N GLY B 36 -12.99 -9.50 15.64
CA GLY B 36 -12.36 -10.10 14.47
C GLY B 36 -10.90 -9.73 14.31
N LYS B 37 -10.25 -10.39 13.37
CA LYS B 37 -8.84 -10.13 13.08
C LYS B 37 -8.58 -10.36 11.60
N THR B 38 -7.92 -9.39 10.99
CA THR B 38 -7.58 -9.45 9.58
C THR B 38 -6.07 -9.59 9.45
N GLU B 39 -5.64 -10.57 8.67
CA GLU B 39 -4.21 -10.78 8.43
C GLU B 39 -3.98 -10.69 6.93
N ILE B 40 -2.97 -9.91 6.53
CA ILE B 40 -2.65 -9.75 5.13
C ILE B 40 -1.68 -10.85 4.70
N GLU B 41 -2.16 -11.78 3.86
CA GLU B 41 -1.34 -12.89 3.38
C GLU B 41 -0.49 -12.51 2.18
N ALA B 42 -1.04 -11.67 1.31
CA ALA B 42 -0.32 -11.22 0.12
C ALA B 42 -0.87 -9.90 -0.36
N VAL B 43 0.03 -9.01 -0.78
CA VAL B 43 -0.39 -7.71 -1.26
C VAL B 43 0.59 -7.24 -2.31
N ASP B 44 0.07 -6.64 -3.37
CA ASP B 44 0.91 -6.11 -4.46
C ASP B 44 0.31 -4.74 -4.78
N LEU B 45 1.01 -3.68 -4.36
CA LEU B 45 0.53 -2.34 -4.56
C LEU B 45 0.66 -1.83 -6.00
N VAL B 46 1.28 -2.61 -6.86
CA VAL B 46 1.42 -2.23 -8.27
C VAL B 46 0.28 -2.82 -9.10
N LYS B 47 -0.01 -4.10 -8.89
CA LYS B 47 -1.08 -4.78 -9.60
C LYS B 47 -2.42 -4.57 -8.91
N LYS B 48 -2.40 -3.92 -7.75
CA LYS B 48 -3.61 -3.65 -6.98
C LYS B 48 -4.34 -4.95 -6.67
N THR B 49 -3.62 -5.85 -5.99
CA THR B 49 -4.13 -7.15 -5.58
C THR B 49 -3.79 -7.36 -4.11
N THR B 51 -4.57 -10.48 -0.69
CA THR B 51 -5.30 -11.57 -0.06
C THR B 51 -5.21 -11.40 1.46
N ILE B 52 -6.35 -11.46 2.12
CA ILE B 52 -6.41 -11.30 3.57
C ILE B 52 -7.21 -12.42 4.19
N GLN B 53 -6.82 -12.86 5.39
CA GLN B 53 -7.57 -13.88 6.08
C GLN B 53 -8.35 -13.14 7.15
N SER B 55 -11.02 -13.66 10.51
CA SER B 55 -11.54 -14.58 11.51
C SER B 55 -12.27 -13.79 12.59
N GLY B 56 -13.11 -14.48 13.36
CA GLY B 56 -13.84 -13.79 14.42
C GLY B 56 -15.11 -14.50 14.86
N SER B 57 -15.60 -14.09 16.03
CA SER B 57 -16.82 -14.66 16.62
C SER B 57 -17.81 -15.13 15.56
N GLU B 58 -18.40 -14.17 14.85
CA GLU B 58 -19.38 -14.50 13.81
C GLU B 58 -18.77 -15.44 12.76
N ILE B 59 -17.82 -14.91 11.98
CA ILE B 59 -17.17 -15.68 10.92
C ILE B 59 -16.93 -17.15 11.24
N GLN B 60 -16.22 -17.39 12.34
CA GLN B 60 -15.86 -18.73 12.75
C GLN B 60 -17.06 -19.62 13.08
N LYS B 61 -18.25 -19.02 13.17
CA LYS B 61 -19.46 -19.79 13.43
C LYS B 61 -19.96 -20.33 12.10
N TYR B 62 -19.22 -20.04 11.03
CA TYR B 62 -19.59 -20.49 9.69
C TYR B 62 -18.43 -21.13 8.92
N PHE B 63 -17.23 -20.59 9.04
CA PHE B 63 -16.09 -21.14 8.31
C PHE B 63 -14.83 -21.45 9.12
N LYS B 64 -14.20 -22.59 8.83
CA LYS B 64 -12.95 -22.96 9.49
C LYS B 64 -11.93 -21.93 9.01
N THR B 65 -12.13 -21.46 7.79
CA THR B 65 -11.25 -20.47 7.19
C THR B 65 -12.05 -19.61 6.21
N LEU B 66 -11.84 -18.30 6.30
CA LEU B 66 -12.51 -17.33 5.41
C LEU B 66 -11.50 -16.28 4.99
N LYS B 67 -11.02 -16.38 3.76
CA LYS B 67 -10.08 -15.40 3.26
C LYS B 67 -10.76 -14.64 2.14
N GLY B 68 -10.16 -13.53 1.74
CA GLY B 68 -10.72 -12.72 0.68
C GLY B 68 -9.61 -12.10 -0.15
N SER B 69 -9.77 -12.14 -1.46
CA SER B 69 -8.77 -11.59 -2.37
C SER B 69 -9.41 -10.62 -3.35
N ILE B 70 -8.80 -9.44 -3.49
CA ILE B 70 -9.30 -8.42 -4.40
C ILE B 70 -8.29 -8.14 -5.51
N ALA B 71 -8.81 -7.67 -6.64
CA ALA B 71 -8.00 -7.27 -7.79
C ALA B 71 -8.75 -6.07 -8.31
N VAL B 72 -8.09 -4.91 -8.29
CA VAL B 72 -8.70 -3.68 -8.75
C VAL B 72 -8.02 -3.29 -10.05
N THR B 73 -8.79 -3.18 -11.12
CA THR B 73 -8.22 -2.84 -12.42
C THR B 73 -8.84 -1.60 -13.06
N PRO B 74 -7.99 -0.66 -13.50
CA PRO B 74 -8.48 0.58 -14.12
C PRO B 74 -9.33 0.26 -15.35
N ILE B 75 -10.47 0.92 -15.46
CA ILE B 75 -11.34 0.70 -16.61
C ILE B 75 -10.71 1.42 -17.80
N GLY B 76 -10.06 2.56 -17.53
CA GLY B 76 -9.42 3.32 -18.59
C GLY B 76 -8.48 4.41 -18.10
N VAL B 77 -8.77 5.65 -18.51
CA VAL B 77 -7.97 6.81 -18.14
C VAL B 77 -8.83 7.82 -17.38
N GLY B 78 -9.06 7.55 -16.11
CA GLY B 78 -9.88 8.43 -15.29
C GLY B 78 -11.36 8.18 -15.49
N ASP B 79 -11.71 6.93 -15.75
CA ASP B 79 -13.11 6.54 -15.98
C ASP B 79 -13.63 5.47 -15.01
N GLY B 80 -12.96 5.31 -13.86
CA GLY B 80 -13.40 4.32 -12.89
C GLY B 80 -12.58 3.04 -12.89
N SER B 81 -13.05 2.03 -12.14
CA SER B 81 -12.32 0.78 -12.02
C SER B 81 -13.21 -0.46 -11.89
N HIS B 82 -12.69 -1.60 -12.32
CA HIS B 82 -13.35 -2.89 -12.22
C HIS B 82 -12.85 -3.49 -10.91
N VAL B 83 -13.73 -4.11 -10.15
CA VAL B 83 -13.33 -4.76 -8.90
C VAL B 83 -13.74 -6.22 -8.87
N VAL B 84 -12.83 -7.10 -8.44
CA VAL B 84 -13.14 -8.51 -8.28
C VAL B 84 -12.86 -8.85 -6.81
N TRP B 85 -13.85 -9.40 -6.11
CA TRP B 85 -13.71 -9.76 -4.71
C TRP B 85 -14.05 -11.24 -4.56
N THR B 86 -13.04 -12.04 -4.24
CA THR B 86 -13.22 -13.48 -4.10
C THR B 86 -12.99 -14.05 -2.72
N PHE B 87 -14.05 -14.59 -2.11
CA PHE B 87 -13.91 -15.22 -0.81
C PHE B 87 -13.45 -16.65 -1.07
N HIS B 88 -12.39 -17.07 -0.39
CA HIS B 88 -11.87 -18.44 -0.50
C HIS B 88 -12.18 -19.02 0.88
N PHE B 89 -12.62 -20.28 0.94
CA PHE B 89 -12.99 -20.82 2.26
C PHE B 89 -13.17 -22.32 2.37
N GLU B 90 -13.40 -22.74 3.60
CA GLU B 90 -13.68 -24.13 3.94
C GLU B 90 -14.73 -24.00 5.05
N LYS B 91 -15.91 -24.55 4.82
CA LYS B 91 -17.02 -24.49 5.76
C LYS B 91 -16.75 -25.35 7.01
N VAL B 92 -17.49 -25.08 8.08
CA VAL B 92 -17.32 -25.86 9.31
C VAL B 92 -17.99 -27.21 9.08
N HIS B 93 -18.95 -27.23 8.15
CA HIS B 93 -19.66 -28.45 7.77
C HIS B 93 -20.48 -28.21 6.50
N LYS B 94 -20.79 -29.28 5.78
CA LYS B 94 -21.51 -29.20 4.51
C LYS B 94 -22.79 -28.37 4.44
N ASP B 95 -23.53 -28.27 5.54
CA ASP B 95 -24.78 -27.51 5.54
C ASP B 95 -24.64 -25.98 5.57
N ILE B 96 -23.42 -25.47 5.65
CA ILE B 96 -23.23 -24.02 5.67
C ILE B 96 -23.56 -23.46 4.28
N ASP B 97 -24.25 -22.34 4.23
CA ASP B 97 -24.58 -21.74 2.94
C ASP B 97 -23.35 -21.11 2.31
N ASP B 98 -23.35 -20.96 0.99
CA ASP B 98 -22.24 -20.31 0.31
C ASP B 98 -22.44 -18.86 0.78
N PRO B 99 -21.36 -18.10 1.00
CA PRO B 99 -21.40 -16.71 1.48
C PRO B 99 -22.04 -15.61 0.62
N HIS B 100 -23.22 -15.88 0.07
CA HIS B 100 -23.90 -14.90 -0.77
C HIS B 100 -24.21 -13.59 -0.06
N SER B 101 -25.10 -13.65 0.93
CA SER B 101 -25.45 -12.44 1.66
C SER B 101 -24.19 -11.93 2.35
N ILE B 102 -23.25 -12.85 2.58
CA ILE B 102 -22.00 -12.47 3.19
C ILE B 102 -21.19 -11.60 2.21
N ILE B 103 -21.09 -12.03 0.96
CA ILE B 103 -20.32 -11.28 -0.03
C ILE B 103 -21.01 -10.01 -0.49
N ASP B 104 -22.33 -10.09 -0.65
CA ASP B 104 -23.09 -8.91 -1.08
C ASP B 104 -22.90 -7.82 -0.03
N GLU B 105 -22.61 -8.22 1.20
CA GLU B 105 -22.38 -7.24 2.26
C GLU B 105 -21.04 -6.58 2.02
N SER B 106 -20.06 -7.39 1.60
CA SER B 106 -18.74 -6.82 1.30
C SER B 106 -18.93 -5.84 0.18
N VAL B 107 -19.82 -6.20 -0.74
CA VAL B 107 -20.12 -5.36 -1.91
C VAL B 107 -20.69 -4.01 -1.49
N LYS B 108 -21.68 -4.04 -0.59
CA LYS B 108 -22.31 -2.80 -0.11
C LYS B 108 -21.19 -1.89 0.36
N TYR B 109 -20.26 -2.44 1.14
CA TYR B 109 -19.13 -1.66 1.66
C TYR B 109 -18.27 -1.05 0.54
N PHE B 110 -17.80 -1.89 -0.38
CA PHE B 110 -16.95 -1.39 -1.44
C PHE B 110 -17.56 -0.18 -2.16
N LYS B 111 -18.87 -0.24 -2.43
CA LYS B 111 -19.53 0.87 -3.12
C LYS B 111 -19.61 2.09 -2.18
N LYS B 112 -19.80 1.83 -0.89
CA LYS B 112 -19.85 2.90 0.09
C LYS B 112 -18.43 3.44 0.30
N LEU B 113 -17.43 2.57 0.19
CA LEU B 113 -16.05 3.02 0.32
C LEU B 113 -15.84 3.97 -0.86
N ASP B 114 -16.31 3.55 -2.04
CA ASP B 114 -16.22 4.33 -3.29
C ASP B 114 -16.85 5.73 -3.13
N GLU B 115 -18.08 5.78 -2.64
CA GLU B 115 -18.78 7.05 -2.45
C GLU B 115 -18.23 7.84 -1.28
N ALA B 116 -17.31 7.22 -0.54
CA ALA B 116 -16.70 7.86 0.62
C ALA B 116 -15.47 8.66 0.25
N ILE B 117 -14.58 8.07 -0.54
CA ILE B 117 -13.34 8.76 -0.88
C ILE B 117 -13.45 9.53 -2.18
N LEU B 118 -14.49 9.24 -2.95
CA LEU B 118 -14.72 9.95 -4.19
C LEU B 118 -15.32 11.30 -3.81
N ASN B 119 -16.34 11.27 -2.95
CA ASN B 119 -17.00 12.49 -2.53
C ASN B 119 -16.17 13.36 -1.59
N PHE B 120 -15.04 12.84 -1.13
CA PHE B 120 -14.18 13.62 -0.26
C PHE B 120 -12.84 13.87 -0.94
N SER A 1 23.86 16.64 20.10
CA SER A 1 24.66 15.57 19.41
C SER A 1 25.29 16.08 18.11
N THR A 2 26.39 15.47 17.71
CA THR A 2 27.06 15.82 16.47
C THR A 2 26.67 14.80 15.40
N LEU A 3 26.35 13.59 15.85
CA LEU A 3 26.00 12.49 14.93
C LEU A 3 24.56 12.41 14.44
N LYS A 4 23.61 12.93 15.22
CA LYS A 4 22.19 12.88 14.85
C LYS A 4 21.78 14.05 13.96
N GLY A 5 21.14 13.76 12.84
CA GLY A 5 20.71 14.81 11.95
C GLY A 5 19.68 14.34 10.95
N ALA A 6 19.20 15.28 10.13
CA ALA A 6 18.21 14.98 9.12
C ALA A 6 18.45 15.91 7.93
N LEU A 7 18.08 15.43 6.76
CA LEU A 7 18.21 16.19 5.52
C LEU A 7 16.94 15.89 4.74
N SER A 8 16.31 16.92 4.18
CA SER A 8 15.05 16.73 3.46
C SER A 8 14.98 17.51 2.16
N VAL A 9 14.34 16.90 1.16
CA VAL A 9 14.18 17.53 -0.14
C VAL A 9 12.72 17.49 -0.58
N LYS A 10 12.27 18.55 -1.24
CA LYS A 10 10.91 18.67 -1.74
C LYS A 10 11.02 19.02 -3.22
N PHE A 11 10.35 18.25 -4.07
CA PHE A 11 10.40 18.44 -5.51
C PHE A 11 9.06 17.94 -6.09
N ASP A 12 8.85 18.11 -7.39
CA ASP A 12 7.59 17.71 -8.00
C ASP A 12 7.74 16.53 -8.96
N VAL A 13 6.65 15.78 -9.12
CA VAL A 13 6.59 14.63 -10.03
C VAL A 13 5.31 14.81 -10.87
N LYS A 14 5.27 14.16 -12.03
CA LYS A 14 4.13 14.25 -12.95
C LYS A 14 2.97 13.31 -12.57
N CYS A 15 3.29 12.21 -11.91
CA CYS A 15 2.30 11.21 -11.51
C CYS A 15 1.29 11.61 -10.44
N PRO A 16 0.14 10.91 -10.38
CA PRO A 16 -0.92 11.16 -9.39
C PRO A 16 -0.31 10.62 -8.08
N ALA A 17 -0.66 11.21 -6.94
CA ALA A 17 -0.07 10.79 -5.67
C ALA A 17 -0.22 9.32 -5.30
N ASP A 18 -1.46 8.81 -5.30
CA ASP A 18 -1.69 7.42 -4.95
C ASP A 18 -0.92 6.48 -5.89
N LYS A 19 -0.94 6.81 -7.18
CA LYS A 19 -0.25 5.99 -8.19
C LYS A 19 1.26 6.01 -7.94
N PHE A 20 1.84 7.19 -7.96
CA PHE A 20 3.28 7.32 -7.75
C PHE A 20 3.69 6.78 -6.38
N PHE A 21 2.93 7.15 -5.35
CA PHE A 21 3.23 6.71 -3.99
C PHE A 21 3.10 5.21 -3.79
N SER A 22 2.13 4.59 -4.47
CA SER A 22 1.91 3.14 -4.37
C SER A 22 3.03 2.38 -5.08
N ALA A 23 3.46 2.89 -6.24
CA ALA A 23 4.54 2.23 -6.96
C ALA A 23 5.83 2.24 -6.11
N PHE A 24 6.04 3.30 -5.34
CA PHE A 24 7.24 3.40 -4.50
C PHE A 24 7.20 2.38 -3.37
N VAL A 25 6.07 2.32 -2.67
CA VAL A 25 5.93 1.39 -1.57
C VAL A 25 6.19 -0.03 -2.08
N GLU A 26 5.70 -0.32 -3.28
CA GLU A 26 5.90 -1.67 -3.81
C GLU A 26 7.36 -1.92 -4.19
N ASP A 27 8.00 -0.93 -4.80
CA ASP A 27 9.40 -1.08 -5.21
C ASP A 27 10.35 -1.27 -4.03
N THR A 28 9.94 -0.88 -2.83
CA THR A 28 10.82 -1.06 -1.69
C THR A 28 11.03 -2.55 -1.38
N ASN A 29 10.25 -3.42 -2.02
CA ASN A 29 10.46 -4.85 -1.82
C ASN A 29 11.90 -5.19 -2.19
N ARG A 30 12.41 -4.54 -3.25
CA ARG A 30 13.78 -4.77 -3.67
C ARG A 30 14.67 -3.85 -2.84
N PRO A 31 15.60 -4.41 -2.06
CA PRO A 31 16.51 -3.62 -1.23
C PRO A 31 17.38 -2.71 -2.11
N PHE A 32 18.06 -1.77 -1.48
CA PHE A 32 18.92 -0.80 -2.19
C PHE A 32 20.41 -1.10 -2.11
N GLU A 33 20.74 -2.39 -2.17
CA GLU A 33 22.11 -2.88 -2.13
C GLU A 33 22.05 -4.40 -2.05
N LYS A 34 23.07 -5.04 -2.62
CA LYS A 34 23.19 -6.48 -2.69
C LYS A 34 22.75 -7.24 -1.43
N ASN A 35 23.22 -6.82 -0.27
CA ASN A 35 22.85 -7.55 0.93
C ASN A 35 22.04 -6.74 1.93
N GLY A 36 21.31 -5.76 1.42
CA GLY A 36 20.53 -4.90 2.28
C GLY A 36 19.16 -5.40 2.68
N LYS A 37 18.50 -4.62 3.53
CA LYS A 37 17.18 -4.95 4.01
C LYS A 37 16.41 -3.65 4.12
N THR A 38 15.09 -3.74 4.07
CA THR A 38 14.25 -2.55 4.20
C THR A 38 13.06 -2.85 5.07
N GLU A 39 13.00 -2.19 6.22
CA GLU A 39 11.89 -2.38 7.16
C GLU A 39 11.02 -1.12 7.20
N ILE A 40 9.72 -1.34 7.35
CA ILE A 40 8.74 -0.25 7.41
C ILE A 40 8.54 0.16 8.87
N GLU A 41 8.68 1.44 9.17
CA GLU A 41 8.50 1.94 10.54
C GLU A 41 7.07 2.44 10.68
N ALA A 42 6.54 2.99 9.60
CA ALA A 42 5.18 3.50 9.58
C ALA A 42 4.76 3.68 8.11
N VAL A 43 3.49 3.40 7.83
CA VAL A 43 2.99 3.57 6.47
C VAL A 43 1.49 3.81 6.45
N ASP A 44 1.06 4.81 5.68
CA ASP A 44 -0.36 5.13 5.57
C ASP A 44 -0.70 5.30 4.09
N LEU A 45 -1.42 4.32 3.56
CA LEU A 45 -1.78 4.33 2.15
C LEU A 45 -2.77 5.43 1.75
N VAL A 46 -3.38 6.09 2.74
CA VAL A 46 -4.32 7.17 2.45
C VAL A 46 -3.61 8.51 2.64
N LYS A 47 -2.80 8.64 3.67
CA LYS A 47 -2.05 9.89 3.89
C LYS A 47 -0.92 9.97 2.87
N LYS A 48 -0.61 8.86 2.20
CA LYS A 48 0.45 8.84 1.21
C LYS A 48 1.76 9.22 1.91
N THR A 49 2.04 8.53 3.02
CA THR A 49 3.25 8.77 3.77
C THR A 49 3.85 7.45 4.17
N THR A 51 7.57 5.71 6.46
CA THR A 51 8.91 5.79 7.03
C THR A 51 9.51 4.40 6.94
N ILE A 52 10.67 4.30 6.30
CA ILE A 52 11.38 3.04 6.16
C ILE A 52 12.75 3.14 6.84
N GLN A 53 13.19 2.03 7.42
CA GLN A 53 14.50 1.96 8.06
C GLN A 53 15.37 1.18 7.07
N SER A 55 19.12 -0.52 5.97
CA SER A 55 20.38 -1.03 6.48
C SER A 55 21.11 -1.87 5.43
N GLY A 56 22.40 -2.06 5.67
CA GLY A 56 23.22 -2.82 4.75
C GLY A 56 24.68 -2.55 5.00
N SER A 57 25.55 -3.38 4.42
CA SER A 57 26.98 -3.26 4.59
C SER A 57 27.54 -1.89 4.17
N GLU A 58 27.06 -1.36 3.06
CA GLU A 58 27.55 -0.07 2.60
C GLU A 58 27.10 1.10 3.49
N ILE A 59 25.79 1.38 3.51
CA ILE A 59 25.27 2.48 4.31
C ILE A 59 25.82 2.55 5.74
N GLN A 60 25.97 1.39 6.39
CA GLN A 60 26.46 1.33 7.76
C GLN A 60 27.93 1.75 7.91
N LYS A 61 28.63 1.98 6.81
CA LYS A 61 30.01 2.46 6.93
C LYS A 61 29.89 3.96 7.21
N TYR A 62 28.76 4.55 6.83
CA TYR A 62 28.56 5.97 7.02
C TYR A 62 27.59 6.34 8.13
N PHE A 63 26.47 5.61 8.20
CA PHE A 63 25.49 5.86 9.23
C PHE A 63 25.17 4.61 10.03
N LYS A 64 25.12 4.74 11.36
CA LYS A 64 24.79 3.61 12.20
C LYS A 64 23.32 3.32 11.98
N THR A 65 22.58 4.38 11.63
CA THR A 65 21.14 4.27 11.41
C THR A 65 20.71 5.18 10.26
N LEU A 66 19.91 4.64 9.35
CA LEU A 66 19.37 5.40 8.23
C LEU A 66 17.89 5.12 8.09
N LYS A 67 17.10 6.18 8.21
CA LYS A 67 15.66 6.10 8.05
C LYS A 67 15.29 7.10 6.97
N GLY A 68 14.28 6.76 6.19
CA GLY A 68 13.81 7.64 5.14
C GLY A 68 12.32 7.82 5.28
N SER A 69 11.84 9.06 5.21
CA SER A 69 10.40 9.31 5.30
C SER A 69 9.93 10.08 4.07
N ILE A 70 8.83 9.61 3.48
CA ILE A 70 8.26 10.28 2.32
C ILE A 70 6.85 10.77 2.60
N ALA A 71 6.44 11.80 1.85
CA ALA A 71 5.08 12.35 1.91
C ALA A 71 4.77 12.73 0.47
N VAL A 72 3.69 12.19 -0.08
CA VAL A 72 3.31 12.50 -1.45
C VAL A 72 1.95 13.17 -1.44
N THR A 73 1.86 14.38 -1.98
CA THR A 73 0.60 15.10 -2.04
C THR A 73 0.25 15.65 -3.43
N PRO A 74 -1.01 15.53 -3.85
CA PRO A 74 -1.40 16.05 -5.16
C PRO A 74 -1.19 17.55 -5.25
N ILE A 75 -0.78 18.03 -6.42
CA ILE A 75 -0.59 19.46 -6.62
C ILE A 75 -1.98 20.06 -6.88
N GLY A 76 -2.90 19.24 -7.39
CA GLY A 76 -4.25 19.69 -7.66
C GLY A 76 -5.14 18.62 -8.30
N VAL A 77 -5.42 18.79 -9.60
CA VAL A 77 -6.22 17.85 -10.35
C VAL A 77 -5.59 17.69 -11.73
N GLY A 78 -4.89 16.57 -11.92
CA GLY A 78 -4.22 16.33 -13.19
C GLY A 78 -3.06 17.31 -13.32
N ASP A 79 -2.48 17.66 -12.17
CA ASP A 79 -1.35 18.60 -12.09
C ASP A 79 -0.05 17.98 -11.58
N GLY A 80 -0.09 16.72 -11.17
CA GLY A 80 1.12 16.10 -10.66
C GLY A 80 1.14 16.02 -9.14
N SER A 81 2.30 15.70 -8.58
CA SER A 81 2.40 15.55 -7.14
C SER A 81 3.67 16.18 -6.53
N HIS A 82 3.53 16.66 -5.31
CA HIS A 82 4.65 17.21 -4.55
C HIS A 82 5.17 16.04 -3.75
N VAL A 83 6.49 15.88 -3.75
CA VAL A 83 7.12 14.81 -2.99
C VAL A 83 8.11 15.38 -1.97
N VAL A 84 7.96 14.98 -0.71
CA VAL A 84 8.89 15.38 0.33
C VAL A 84 9.58 14.10 0.75
N TRP A 85 10.92 14.08 0.66
CA TRP A 85 11.70 12.90 1.03
C TRP A 85 12.76 13.31 2.06
N THR A 86 12.70 12.69 3.23
CA THR A 86 13.60 13.03 4.32
C THR A 86 14.46 11.87 4.80
N PHE A 87 15.75 12.13 4.92
CA PHE A 87 16.69 11.16 5.46
C PHE A 87 16.94 11.53 6.92
N HIS A 88 16.60 10.63 7.85
CA HIS A 88 16.82 10.82 9.28
C HIS A 88 18.04 9.92 9.56
N PHE A 89 19.12 10.49 10.09
CA PHE A 89 20.33 9.68 10.27
C PHE A 89 21.13 9.81 11.57
N GLU A 90 21.90 8.75 11.84
CA GLU A 90 22.82 8.71 12.97
C GLU A 90 24.18 8.42 12.32
N LYS A 91 25.07 9.41 12.39
CA LYS A 91 26.41 9.27 11.80
C LYS A 91 27.31 8.35 12.61
N VAL A 92 28.16 7.58 11.92
CA VAL A 92 29.06 6.70 12.64
C VAL A 92 30.02 7.58 13.45
N HIS A 93 30.59 8.59 12.81
CA HIS A 93 31.47 9.54 13.50
C HIS A 93 31.22 10.91 12.86
N LYS A 94 31.36 11.96 13.65
CA LYS A 94 31.09 13.33 13.21
C LYS A 94 31.69 13.83 11.91
N ASP A 95 32.74 13.19 11.41
CA ASP A 95 33.34 13.65 10.16
C ASP A 95 32.61 13.14 8.91
N ILE A 96 31.61 12.28 9.09
CA ILE A 96 30.84 11.79 7.95
C ILE A 96 30.03 12.97 7.37
N ASP A 97 29.97 13.10 6.05
CA ASP A 97 29.21 14.19 5.42
C ASP A 97 27.69 14.01 5.57
N ASP A 98 26.93 15.10 5.55
CA ASP A 98 25.47 14.99 5.61
C ASP A 98 25.19 14.29 4.28
N PRO A 99 24.16 13.43 4.23
CA PRO A 99 23.77 12.66 3.03
C PRO A 99 23.30 13.37 1.76
N HIS A 100 24.00 14.43 1.40
CA HIS A 100 23.66 15.18 0.19
C HIS A 100 23.82 14.30 -1.06
N SER A 101 24.75 13.35 -1.01
CA SER A 101 24.97 12.46 -2.16
C SER A 101 23.76 11.59 -2.46
N ILE A 102 23.41 10.76 -1.48
CA ILE A 102 22.27 9.86 -1.59
C ILE A 102 20.99 10.61 -1.95
N ILE A 103 20.68 11.66 -1.20
CA ILE A 103 19.45 12.39 -1.46
C ILE A 103 19.49 13.11 -2.81
N ASP A 104 20.64 13.65 -3.19
CA ASP A 104 20.72 14.30 -4.49
C ASP A 104 20.30 13.30 -5.57
N GLU A 105 20.72 12.05 -5.41
CA GLU A 105 20.38 10.99 -6.37
C GLU A 105 19.04 10.33 -6.05
N SER A 106 18.49 10.63 -4.87
CA SER A 106 17.19 10.10 -4.46
C SER A 106 16.17 10.74 -5.40
N VAL A 107 16.27 12.06 -5.51
CA VAL A 107 15.39 12.82 -6.39
C VAL A 107 15.45 12.17 -7.79
N LYS A 108 16.64 11.78 -8.23
CA LYS A 108 16.81 11.15 -9.55
C LYS A 108 16.10 9.81 -9.61
N TYR A 109 16.14 9.07 -8.52
CA TYR A 109 15.49 7.78 -8.48
C TYR A 109 13.97 7.97 -8.52
N PHE A 110 13.47 8.91 -7.75
CA PHE A 110 12.04 9.18 -7.72
C PHE A 110 11.55 9.73 -9.06
N LYS A 111 12.38 10.51 -9.75
CA LYS A 111 11.99 11.08 -11.04
C LYS A 111 12.02 10.01 -12.14
N LYS A 112 12.94 9.05 -12.01
CA LYS A 112 13.02 7.95 -12.97
C LYS A 112 11.80 7.06 -12.74
N LEU A 113 11.36 7.00 -11.49
CA LEU A 113 10.20 6.22 -11.12
C LEU A 113 8.97 6.89 -11.75
N ASP A 114 8.88 8.22 -11.60
CA ASP A 114 7.78 9.02 -12.14
C ASP A 114 7.64 8.69 -13.65
N GLU A 115 8.78 8.67 -14.34
CA GLU A 115 8.80 8.36 -15.78
C GLU A 115 8.60 6.86 -16.01
N ALA A 116 9.15 6.04 -15.12
CA ALA A 116 9.03 4.61 -15.21
C ALA A 116 7.58 4.16 -15.24
N ILE A 117 6.73 4.88 -14.51
CA ILE A 117 5.33 4.48 -14.44
C ILE A 117 4.35 5.47 -15.07
N LEU A 118 4.86 6.60 -15.54
CA LEU A 118 4.01 7.60 -16.18
C LEU A 118 3.28 7.01 -17.39
N ASN A 119 4.04 6.59 -18.41
CA ASN A 119 3.47 5.99 -19.61
C ASN A 119 2.43 4.94 -19.21
N PHE A 120 2.78 4.12 -18.22
CA PHE A 120 1.89 3.07 -17.74
C PHE A 120 0.59 3.62 -17.19
N SER B 1 -13.67 -32.07 -1.96
CA SER B 1 -14.14 -31.58 -0.62
C SER B 1 -15.59 -31.09 -0.66
N THR B 2 -16.31 -31.37 0.43
CA THR B 2 -17.70 -30.96 0.54
C THR B 2 -17.81 -29.55 1.13
N LEU B 3 -16.80 -29.16 1.93
CA LEU B 3 -16.78 -27.86 2.60
C LEU B 3 -15.93 -26.75 1.96
N LYS B 4 -15.03 -27.11 1.05
CA LYS B 4 -14.16 -26.14 0.41
C LYS B 4 -14.69 -25.55 -0.87
N GLY B 5 -14.72 -24.22 -0.94
CA GLY B 5 -15.22 -23.56 -2.13
C GLY B 5 -14.85 -22.09 -2.17
N ALA B 6 -15.36 -21.38 -3.17
CA ALA B 6 -15.09 -19.95 -3.32
C ALA B 6 -16.32 -19.25 -3.88
N LEU B 7 -16.37 -17.94 -3.70
CA LEU B 7 -17.48 -17.15 -4.18
C LEU B 7 -16.85 -15.82 -4.59
N SER B 8 -17.08 -15.40 -5.83
CA SER B 8 -16.47 -14.19 -6.35
C SER B 8 -17.45 -13.30 -7.09
N VAL B 9 -17.35 -12.00 -6.83
CA VAL B 9 -18.22 -11.03 -7.49
C VAL B 9 -17.36 -9.99 -8.19
N LYS B 10 -17.81 -9.59 -9.38
CA LYS B 10 -17.12 -8.59 -10.20
C LYS B 10 -18.10 -7.47 -10.51
N PHE B 11 -17.72 -6.24 -10.15
CA PHE B 11 -18.54 -5.06 -10.36
C PHE B 11 -17.62 -3.87 -10.59
N ASP B 12 -18.21 -2.68 -10.71
CA ASP B 12 -17.42 -1.48 -10.94
C ASP B 12 -17.68 -0.41 -9.89
N VAL B 13 -16.68 0.45 -9.68
CA VAL B 13 -16.79 1.56 -8.75
C VAL B 13 -16.38 2.81 -9.54
N LYS B 14 -16.49 3.99 -8.94
CA LYS B 14 -16.14 5.22 -9.62
C LYS B 14 -14.68 5.64 -9.41
N CYS B 15 -14.13 5.33 -8.25
CA CYS B 15 -12.75 5.69 -7.92
C CYS B 15 -11.72 5.12 -8.87
N PRO B 16 -10.51 5.72 -8.91
CA PRO B 16 -9.40 5.27 -9.76
C PRO B 16 -8.84 4.07 -9.00
N ALA B 17 -8.18 3.16 -9.71
CA ALA B 17 -7.68 1.92 -9.11
C ALA B 17 -6.71 2.04 -7.94
N ASP B 18 -5.70 2.89 -8.07
CA ASP B 18 -4.73 3.01 -6.98
C ASP B 18 -5.32 3.70 -5.75
N LYS B 19 -6.09 4.77 -5.95
CA LYS B 19 -6.69 5.48 -4.82
C LYS B 19 -7.67 4.58 -4.07
N PHE B 20 -8.56 3.93 -4.83
CA PHE B 20 -9.56 3.03 -4.24
C PHE B 20 -8.92 1.89 -3.47
N PHE B 21 -7.88 1.29 -4.05
CA PHE B 21 -7.16 0.17 -3.45
C PHE B 21 -6.44 0.55 -2.14
N SER B 22 -5.59 1.57 -2.18
CA SER B 22 -4.87 2.00 -0.98
C SER B 22 -5.80 2.22 0.21
N ALA B 23 -6.93 2.89 -0.03
CA ALA B 23 -7.90 3.15 1.02
C ALA B 23 -8.39 1.82 1.60
N PHE B 24 -8.70 0.86 0.72
CA PHE B 24 -9.15 -0.45 1.18
C PHE B 24 -8.08 -1.08 2.07
N VAL B 25 -6.85 -1.16 1.56
CA VAL B 25 -5.75 -1.73 2.33
C VAL B 25 -5.61 -0.99 3.64
N GLU B 26 -5.63 0.34 3.57
CA GLU B 26 -5.49 1.14 4.77
C GLU B 26 -6.67 0.91 5.72
N ASP B 27 -7.87 0.82 5.17
CA ASP B 27 -9.07 0.60 6.00
C ASP B 27 -9.07 -0.77 6.68
N THR B 28 -8.33 -1.74 6.13
CA THR B 28 -8.31 -3.07 6.76
C THR B 28 -7.62 -3.05 8.12
N ASN B 29 -7.02 -1.92 8.48
CA ASN B 29 -6.41 -1.80 9.81
C ASN B 29 -7.53 -1.91 10.84
N ARG B 30 -8.74 -1.51 10.45
CA ARG B 30 -9.87 -1.63 11.38
C ARG B 30 -10.46 -3.01 11.20
N PRO B 31 -10.58 -3.78 12.30
CA PRO B 31 -11.16 -5.12 12.16
C PRO B 31 -12.57 -4.97 11.53
N PHE B 32 -13.07 -6.03 10.91
CA PHE B 32 -14.38 -5.99 10.28
C PHE B 32 -15.55 -6.25 11.21
N GLU B 33 -15.27 -6.85 12.36
CA GLU B 33 -16.29 -7.13 13.37
C GLU B 33 -15.68 -6.82 14.72
N LYS B 34 -16.53 -6.73 15.74
CA LYS B 34 -16.14 -6.42 17.11
C LYS B 34 -14.87 -7.13 17.59
N ASN B 35 -14.81 -8.45 17.42
CA ASN B 35 -13.64 -9.20 17.85
C ASN B 35 -12.96 -9.88 16.67
N GLY B 36 -13.05 -9.27 15.50
CA GLY B 36 -12.45 -9.83 14.31
C GLY B 36 -10.94 -9.60 14.17
N LYS B 37 -10.32 -10.45 13.38
CA LYS B 37 -8.88 -10.35 13.12
C LYS B 37 -8.67 -10.45 11.61
N THR B 38 -7.85 -9.53 11.08
CA THR B 38 -7.55 -9.50 9.66
C THR B 38 -6.05 -9.60 9.48
N GLU B 39 -5.60 -10.54 8.64
CA GLU B 39 -4.18 -10.72 8.37
C GLU B 39 -3.95 -10.55 6.87
N ILE B 40 -2.86 -9.91 6.49
CA ILE B 40 -2.52 -9.72 5.09
C ILE B 40 -1.64 -10.89 4.65
N GLU B 41 -2.22 -11.81 3.87
CA GLU B 41 -1.50 -12.97 3.38
C GLU B 41 -0.66 -12.64 2.17
N ALA B 42 -1.15 -11.73 1.34
CA ALA B 42 -0.42 -11.32 0.13
C ALA B 42 -0.93 -9.97 -0.34
N VAL B 43 -0.01 -9.11 -0.74
CA VAL B 43 -0.38 -7.81 -1.23
C VAL B 43 0.64 -7.36 -2.25
N ASP B 44 0.16 -6.64 -3.28
CA ASP B 44 1.03 -6.11 -4.33
C ASP B 44 0.45 -4.74 -4.66
N LEU B 45 1.13 -3.68 -4.22
CA LEU B 45 0.65 -2.32 -4.44
C LEU B 45 0.65 -1.94 -5.92
N VAL B 46 1.42 -2.65 -6.73
CA VAL B 46 1.43 -2.36 -8.16
C VAL B 46 0.33 -3.13 -8.88
N LYS B 47 0.16 -4.40 -8.54
CA LYS B 47 -0.89 -5.19 -9.17
C LYS B 47 -2.27 -4.81 -8.64
N LYS B 48 -2.30 -4.11 -7.50
CA LYS B 48 -3.58 -3.70 -6.88
C LYS B 48 -4.36 -4.92 -6.43
N THR B 49 -3.64 -5.99 -6.09
CA THR B 49 -4.24 -7.24 -5.63
C THR B 49 -3.83 -7.45 -4.18
N THR B 51 -4.61 -10.48 -0.73
CA THR B 51 -5.35 -11.56 -0.08
C THR B 51 -5.24 -11.37 1.43
N ILE B 52 -6.38 -11.36 2.10
CA ILE B 52 -6.41 -11.19 3.55
C ILE B 52 -7.13 -12.36 4.18
N GLN B 53 -6.66 -12.79 5.35
CA GLN B 53 -7.34 -13.85 6.07
C GLN B 53 -8.14 -13.13 7.12
N SER B 55 -10.60 -13.62 10.46
CA SER B 55 -11.05 -14.53 11.49
C SER B 55 -11.81 -13.78 12.59
N GLY B 56 -12.30 -14.54 13.56
CA GLY B 56 -13.05 -13.94 14.64
C GLY B 56 -14.16 -14.88 15.08
N SER B 57 -14.79 -14.52 16.20
CA SER B 57 -15.87 -15.29 16.79
C SER B 57 -16.98 -15.64 15.79
N GLU B 58 -17.67 -14.63 15.27
CA GLU B 58 -18.74 -14.87 14.32
C GLU B 58 -18.27 -15.76 13.16
N ILE B 59 -17.46 -15.18 12.28
CA ILE B 59 -16.92 -15.90 11.12
C ILE B 59 -16.73 -17.40 11.36
N GLN B 60 -15.99 -17.72 12.42
CA GLN B 60 -15.69 -19.11 12.75
C GLN B 60 -16.89 -19.98 13.09
N LYS B 61 -18.07 -19.37 13.20
CA LYS B 61 -19.27 -20.15 13.49
C LYS B 61 -19.67 -20.80 12.18
N TYR B 62 -19.34 -20.13 11.06
CA TYR B 62 -19.67 -20.62 9.74
C TYR B 62 -18.47 -21.19 8.98
N PHE B 63 -17.32 -20.54 9.09
CA PHE B 63 -16.14 -21.00 8.38
C PHE B 63 -14.90 -21.28 9.24
N LYS B 64 -14.21 -22.39 8.94
CA LYS B 64 -12.99 -22.75 9.64
C LYS B 64 -11.88 -21.86 9.06
N THR B 65 -12.11 -21.41 7.84
CA THR B 65 -11.16 -20.55 7.15
C THR B 65 -11.93 -19.69 6.17
N LEU B 66 -11.79 -18.36 6.31
CA LEU B 66 -12.43 -17.41 5.41
C LEU B 66 -11.43 -16.35 5.00
N LYS B 67 -10.97 -16.43 3.75
CA LYS B 67 -10.04 -15.45 3.25
C LYS B 67 -10.75 -14.64 2.18
N GLY B 68 -10.15 -13.51 1.81
CA GLY B 68 -10.72 -12.67 0.78
C GLY B 68 -9.64 -12.07 -0.07
N SER B 69 -9.82 -12.10 -1.38
CA SER B 69 -8.83 -11.55 -2.30
C SER B 69 -9.46 -10.59 -3.29
N ILE B 70 -8.83 -9.42 -3.46
CA ILE B 70 -9.32 -8.42 -4.40
C ILE B 70 -8.32 -8.17 -5.52
N ALA B 71 -8.84 -7.65 -6.64
CA ALA B 71 -8.03 -7.26 -7.78
C ALA B 71 -8.78 -6.05 -8.31
N VAL B 72 -8.10 -4.92 -8.35
CA VAL B 72 -8.70 -3.68 -8.82
C VAL B 72 -8.00 -3.30 -10.10
N THR B 73 -8.76 -3.17 -11.18
CA THR B 73 -8.17 -2.82 -12.46
C THR B 73 -8.76 -1.55 -13.09
N PRO B 74 -7.90 -0.70 -13.68
CA PRO B 74 -8.39 0.53 -14.29
C PRO B 74 -9.33 0.19 -15.46
N ILE B 75 -10.43 0.91 -15.56
CA ILE B 75 -11.36 0.69 -16.65
C ILE B 75 -10.77 1.42 -17.87
N GLY B 76 -10.10 2.54 -17.59
CA GLY B 76 -9.48 3.32 -18.65
C GLY B 76 -8.68 4.52 -18.15
N VAL B 77 -9.10 5.71 -18.56
CA VAL B 77 -8.44 6.95 -18.17
C VAL B 77 -9.31 7.70 -17.16
N GLY B 78 -9.63 7.02 -16.06
CA GLY B 78 -10.46 7.63 -15.04
C GLY B 78 -11.87 7.08 -15.09
N ASP B 79 -12.17 6.32 -16.14
CA ASP B 79 -13.49 5.73 -16.31
C ASP B 79 -13.88 4.78 -15.17
N GLY B 80 -13.17 4.88 -14.04
CA GLY B 80 -13.48 4.02 -12.91
C GLY B 80 -12.66 2.74 -12.91
N SER B 81 -13.08 1.77 -12.09
CA SER B 81 -12.34 0.52 -11.98
C SER B 81 -13.27 -0.70 -12.02
N HIS B 82 -12.64 -1.87 -12.15
CA HIS B 82 -13.34 -3.15 -12.15
C HIS B 82 -12.95 -3.83 -10.84
N VAL B 83 -13.80 -3.76 -9.82
CA VAL B 83 -13.44 -4.43 -8.57
C VAL B 83 -13.96 -5.86 -8.52
N VAL B 84 -13.06 -6.84 -8.58
CA VAL B 84 -13.47 -8.23 -8.45
C VAL B 84 -13.06 -8.61 -7.03
N TRP B 85 -13.99 -9.20 -6.28
CA TRP B 85 -13.74 -9.62 -4.90
C TRP B 85 -14.04 -11.09 -4.77
N THR B 86 -13.17 -11.81 -4.08
CA THR B 86 -13.33 -13.25 -3.93
C THR B 86 -13.13 -13.79 -2.52
N PHE B 87 -14.09 -14.60 -2.07
CA PHE B 87 -13.99 -15.25 -0.78
C PHE B 87 -13.55 -16.68 -1.04
N HIS B 88 -12.43 -17.07 -0.44
CA HIS B 88 -11.92 -18.44 -0.54
C HIS B 88 -12.24 -19.03 0.82
N PHE B 89 -12.79 -20.24 0.87
CA PHE B 89 -13.17 -20.79 2.17
C PHE B 89 -13.31 -22.30 2.29
N GLU B 90 -13.37 -22.73 3.55
CA GLU B 90 -13.59 -24.12 3.89
C GLU B 90 -14.56 -23.99 5.07
N LYS B 91 -15.78 -24.47 4.87
CA LYS B 91 -16.83 -24.39 5.88
C LYS B 91 -16.54 -25.33 7.05
N VAL B 92 -17.24 -25.14 8.16
CA VAL B 92 -17.05 -25.99 9.33
C VAL B 92 -17.69 -27.35 9.03
N HIS B 93 -18.67 -27.34 8.13
CA HIS B 93 -19.37 -28.55 7.70
C HIS B 93 -20.19 -28.30 6.44
N LYS B 94 -20.50 -29.37 5.71
CA LYS B 94 -21.24 -29.27 4.45
C LYS B 94 -22.56 -28.50 4.54
N ASP B 95 -23.17 -28.49 5.72
CA ASP B 95 -24.44 -27.80 5.89
C ASP B 95 -24.39 -26.36 5.40
N ILE B 96 -23.55 -25.54 6.04
CA ILE B 96 -23.40 -24.12 5.71
C ILE B 96 -23.42 -23.81 4.20
N ASP B 97 -24.29 -22.87 3.82
CA ASP B 97 -24.41 -22.47 2.42
C ASP B 97 -23.22 -21.59 2.01
N ASP B 98 -23.14 -21.27 0.72
CA ASP B 98 -22.07 -20.41 0.21
C ASP B 98 -22.38 -19.02 0.79
N PRO B 99 -21.35 -18.18 1.00
CA PRO B 99 -21.51 -16.83 1.57
C PRO B 99 -22.13 -15.71 0.71
N HIS B 100 -23.32 -15.96 0.18
CA HIS B 100 -24.01 -14.97 -0.66
C HIS B 100 -24.43 -13.71 0.09
N SER B 101 -24.82 -13.86 1.35
CA SER B 101 -25.23 -12.71 2.14
C SER B 101 -23.95 -11.99 2.58
N ILE B 102 -22.91 -12.76 2.80
CA ILE B 102 -21.64 -12.20 3.20
C ILE B 102 -21.04 -11.33 2.10
N ILE B 103 -20.95 -11.87 0.88
CA ILE B 103 -20.36 -11.11 -0.22
C ILE B 103 -21.25 -9.94 -0.59
N ASP B 104 -22.55 -10.12 -0.39
CA ASP B 104 -23.51 -9.05 -0.65
C ASP B 104 -23.08 -7.86 0.24
N GLU B 105 -22.71 -8.17 1.48
CA GLU B 105 -22.29 -7.12 2.41
C GLU B 105 -20.92 -6.56 2.07
N SER B 106 -20.17 -7.29 1.24
CA SER B 106 -18.85 -6.81 0.81
C SER B 106 -19.05 -5.77 -0.29
N VAL B 107 -19.92 -6.10 -1.24
CA VAL B 107 -20.20 -5.19 -2.35
C VAL B 107 -20.72 -3.84 -1.83
N LYS B 108 -21.65 -3.89 -0.88
CA LYS B 108 -22.20 -2.67 -0.30
C LYS B 108 -21.07 -1.91 0.38
N TYR B 109 -20.23 -2.62 1.13
CA TYR B 109 -19.12 -1.96 1.81
C TYR B 109 -18.25 -1.27 0.75
N PHE B 110 -17.93 -1.98 -0.32
CA PHE B 110 -17.10 -1.40 -1.36
C PHE B 110 -17.77 -0.20 -2.02
N LYS B 111 -19.07 -0.32 -2.32
CA LYS B 111 -19.78 0.78 -2.97
C LYS B 111 -19.74 2.06 -2.11
N LYS B 112 -19.87 1.90 -0.80
CA LYS B 112 -19.80 3.05 0.12
C LYS B 112 -18.35 3.50 0.26
N LEU B 113 -17.42 2.55 0.34
CA LEU B 113 -16.00 2.92 0.42
C LEU B 113 -15.72 3.80 -0.80
N ASP B 114 -16.34 3.46 -1.93
CA ASP B 114 -16.19 4.21 -3.19
C ASP B 114 -16.70 5.65 -3.05
N GLU B 115 -17.98 5.79 -2.70
CA GLU B 115 -18.58 7.12 -2.53
C GLU B 115 -17.80 7.98 -1.55
N ALA B 116 -17.24 7.34 -0.52
CA ALA B 116 -16.48 8.06 0.48
C ALA B 116 -15.31 8.84 -0.12
N ILE B 117 -14.19 8.15 -0.29
CA ILE B 117 -12.96 8.76 -0.79
C ILE B 117 -13.18 9.52 -2.09
N LEU B 118 -14.29 9.24 -2.76
CA LEU B 118 -14.63 9.91 -3.99
C LEU B 118 -15.23 11.29 -3.66
N ASN B 119 -16.20 11.30 -2.77
CA ASN B 119 -16.86 12.54 -2.41
C ASN B 119 -16.14 13.37 -1.33
N PHE B 120 -15.03 12.86 -0.82
CA PHE B 120 -14.30 13.59 0.21
C PHE B 120 -13.26 14.58 -0.33
N SER A 1 22.99 16.76 20.62
CA SER A 1 23.61 15.63 19.86
C SER A 1 24.71 16.15 18.96
N THR A 2 25.57 15.24 18.51
CA THR A 2 26.66 15.61 17.62
C THR A 2 26.65 14.69 16.40
N LEU A 3 25.90 13.59 16.47
CA LEU A 3 25.83 12.62 15.37
C LEU A 3 24.49 12.58 14.62
N LYS A 4 23.39 12.89 15.31
CA LYS A 4 22.08 12.87 14.70
C LYS A 4 21.80 14.07 13.80
N GLY A 5 21.07 13.83 12.72
CA GLY A 5 20.74 14.89 11.80
C GLY A 5 19.60 14.52 10.88
N ALA A 6 19.20 15.46 10.04
CA ALA A 6 18.12 15.23 9.10
C ALA A 6 18.36 16.09 7.87
N LEU A 7 18.02 15.54 6.71
CA LEU A 7 18.17 16.24 5.45
C LEU A 7 16.90 15.91 4.66
N SER A 8 16.20 16.94 4.19
CA SER A 8 14.94 16.74 3.49
C SER A 8 14.84 17.56 2.21
N VAL A 9 14.33 16.92 1.16
CA VAL A 9 14.16 17.58 -0.13
C VAL A 9 12.69 17.52 -0.57
N LYS A 10 12.23 18.59 -1.20
CA LYS A 10 10.87 18.70 -1.69
C LYS A 10 10.96 19.00 -3.17
N PHE A 11 10.16 18.31 -3.98
CA PHE A 11 10.18 18.46 -5.43
C PHE A 11 8.91 17.83 -5.97
N ASP A 12 8.39 18.36 -7.07
CA ASP A 12 7.15 17.85 -7.66
C ASP A 12 7.44 16.81 -8.75
N VAL A 13 6.49 15.89 -8.94
CA VAL A 13 6.58 14.86 -9.97
C VAL A 13 5.32 14.98 -10.83
N LYS A 14 5.34 14.37 -12.01
CA LYS A 14 4.21 14.41 -12.95
C LYS A 14 3.06 13.48 -12.56
N CYS A 15 3.38 12.32 -12.00
CA CYS A 15 2.36 11.35 -11.60
C CYS A 15 1.39 11.83 -10.53
N PRO A 16 0.14 11.34 -10.56
CA PRO A 16 -0.88 11.71 -9.57
C PRO A 16 -0.42 11.04 -8.27
N ALA A 17 -0.74 11.63 -7.12
CA ALA A 17 -0.27 11.10 -5.84
C ALA A 17 -0.31 9.58 -5.64
N ASP A 18 -1.46 9.03 -5.26
CA ASP A 18 -1.60 7.59 -5.02
C ASP A 18 -0.84 6.72 -6.02
N LYS A 19 -0.98 7.04 -7.31
CA LYS A 19 -0.30 6.26 -8.34
C LYS A 19 1.20 6.28 -8.08
N PHE A 20 1.73 7.45 -7.78
CA PHE A 20 3.16 7.56 -7.52
C PHE A 20 3.55 6.88 -6.20
N PHE A 21 2.81 7.17 -5.14
CA PHE A 21 3.08 6.60 -3.83
C PHE A 21 3.02 5.08 -3.85
N SER A 22 1.95 4.53 -4.40
CA SER A 22 1.79 3.09 -4.51
C SER A 22 2.97 2.46 -5.24
N ALA A 23 3.41 3.09 -6.33
CA ALA A 23 4.56 2.55 -7.05
C ALA A 23 5.80 2.53 -6.14
N PHE A 24 6.00 3.59 -5.35
CA PHE A 24 7.17 3.63 -4.46
C PHE A 24 7.14 2.51 -3.44
N VAL A 25 6.06 2.44 -2.68
CA VAL A 25 5.91 1.38 -1.67
C VAL A 25 6.19 0.05 -2.35
N GLU A 26 5.71 -0.07 -3.58
CA GLU A 26 5.93 -1.30 -4.31
C GLU A 26 7.41 -1.51 -4.63
N ASP A 27 8.09 -0.44 -5.01
CA ASP A 27 9.51 -0.58 -5.36
C ASP A 27 10.38 -0.94 -4.15
N THR A 28 9.87 -0.71 -2.93
CA THR A 28 10.67 -1.05 -1.76
C THR A 28 10.80 -2.55 -1.48
N ASN A 29 10.09 -3.40 -2.24
CA ASN A 29 10.26 -4.84 -2.06
C ASN A 29 11.70 -5.22 -2.39
N ARG A 30 12.29 -4.51 -3.35
CA ARG A 30 13.68 -4.79 -3.74
C ARG A 30 14.61 -3.88 -2.94
N PRO A 31 15.56 -4.48 -2.20
CA PRO A 31 16.53 -3.71 -1.40
C PRO A 31 17.29 -2.70 -2.29
N PHE A 32 17.93 -1.72 -1.67
CA PHE A 32 18.66 -0.67 -2.39
C PHE A 32 20.17 -0.84 -2.55
N GLU A 33 20.67 -1.97 -2.06
CA GLU A 33 22.08 -2.34 -2.14
C GLU A 33 22.12 -3.86 -1.98
N LYS A 34 23.14 -4.47 -2.54
CA LYS A 34 23.30 -5.92 -2.49
C LYS A 34 23.13 -6.43 -1.07
N ASN A 35 23.90 -5.86 -0.15
CA ASN A 35 23.85 -6.26 1.25
C ASN A 35 23.00 -5.22 1.95
N GLY A 36 21.67 -5.41 1.91
CA GLY A 36 20.79 -4.46 2.55
C GLY A 36 19.40 -4.99 2.84
N LYS A 37 18.72 -4.31 3.75
CA LYS A 37 17.38 -4.69 4.14
C LYS A 37 16.60 -3.39 4.28
N THR A 38 15.31 -3.43 3.97
CA THR A 38 14.47 -2.26 4.09
C THR A 38 13.22 -2.67 4.85
N GLU A 39 13.01 -2.08 6.02
CA GLU A 39 11.84 -2.41 6.82
C GLU A 39 11.01 -1.16 7.04
N ILE A 40 9.70 -1.27 6.79
CA ILE A 40 8.80 -0.14 6.96
C ILE A 40 8.49 -0.02 8.45
N GLU A 41 8.61 1.19 8.99
CA GLU A 41 8.34 1.42 10.40
C GLU A 41 6.98 2.06 10.57
N ALA A 42 6.50 2.71 9.52
CA ALA A 42 5.20 3.36 9.53
C ALA A 42 4.74 3.58 8.09
N VAL A 43 3.44 3.42 7.86
CA VAL A 43 2.90 3.64 6.52
C VAL A 43 1.41 3.96 6.54
N ASP A 44 1.00 4.91 5.71
CA ASP A 44 -0.40 5.31 5.61
C ASP A 44 -0.72 5.38 4.12
N LEU A 45 -1.41 4.35 3.63
CA LEU A 45 -1.74 4.28 2.22
C LEU A 45 -2.69 5.37 1.72
N VAL A 46 -3.43 6.01 2.63
CA VAL A 46 -4.34 7.09 2.22
C VAL A 46 -3.64 8.44 2.33
N LYS A 47 -2.87 8.66 3.40
CA LYS A 47 -2.15 9.92 3.55
C LYS A 47 -0.93 9.95 2.63
N LYS A 48 -0.65 8.83 1.96
CA LYS A 48 0.49 8.76 1.04
C LYS A 48 1.76 9.16 1.82
N THR A 49 2.03 8.43 2.89
CA THR A 49 3.19 8.68 3.73
C THR A 49 3.81 7.38 4.15
N THR A 51 7.50 5.69 6.54
CA THR A 51 8.83 5.77 7.14
C THR A 51 9.46 4.39 7.01
N ILE A 52 10.62 4.32 6.36
CA ILE A 52 11.35 3.08 6.19
C ILE A 52 12.71 3.15 6.87
N GLN A 53 13.18 2.01 7.38
CA GLN A 53 14.49 1.92 8.01
C GLN A 53 15.36 1.14 7.04
N SER A 55 19.28 -0.49 5.99
CA SER A 55 20.56 -0.93 6.52
C SER A 55 21.33 -1.77 5.51
N GLY A 56 22.56 -2.14 5.88
CA GLY A 56 23.40 -2.92 5.00
C GLY A 56 24.85 -2.62 5.31
N SER A 57 25.77 -3.43 4.78
CA SER A 57 27.18 -3.22 5.05
C SER A 57 27.72 -1.90 4.52
N GLU A 58 27.31 -1.51 3.32
CA GLU A 58 27.79 -0.27 2.75
C GLU A 58 27.25 0.97 3.45
N ILE A 59 25.93 1.12 3.48
CA ILE A 59 25.35 2.30 4.11
C ILE A 59 25.76 2.51 5.58
N GLN A 60 25.89 1.42 6.33
CA GLN A 60 26.28 1.52 7.74
C GLN A 60 27.68 2.12 7.94
N LYS A 61 28.62 1.79 7.06
CA LYS A 61 29.97 2.37 7.19
C LYS A 61 29.84 3.87 7.45
N TYR A 62 28.75 4.48 6.95
CA TYR A 62 28.54 5.90 7.12
C TYR A 62 27.55 6.27 8.20
N PHE A 63 26.50 5.46 8.35
CA PHE A 63 25.51 5.75 9.38
C PHE A 63 25.23 4.62 10.35
N LYS A 64 25.18 4.96 11.62
CA LYS A 64 24.88 3.98 12.66
C LYS A 64 23.37 3.71 12.47
N THR A 65 22.69 4.69 11.89
CA THR A 65 21.26 4.59 11.62
C THR A 65 20.86 5.45 10.41
N LEU A 66 19.99 4.92 9.55
CA LEU A 66 19.48 5.64 8.39
C LEU A 66 18.03 5.25 8.11
N LYS A 67 17.14 6.23 8.20
CA LYS A 67 15.74 6.01 7.92
C LYS A 67 15.32 7.06 6.90
N GLY A 68 14.24 6.77 6.19
CA GLY A 68 13.73 7.70 5.21
C GLY A 68 12.22 7.80 5.35
N SER A 69 11.70 9.02 5.45
CA SER A 69 10.26 9.21 5.56
C SER A 69 9.77 9.95 4.33
N ILE A 70 8.84 9.34 3.59
CA ILE A 70 8.30 10.00 2.41
C ILE A 70 6.96 10.68 2.73
N ALA A 71 6.58 11.65 1.89
CA ALA A 71 5.30 12.36 2.02
C ALA A 71 4.98 13.08 0.70
N VAL A 72 3.91 12.64 0.04
CA VAL A 72 3.52 13.23 -1.24
C VAL A 72 2.06 13.67 -1.24
N THR A 73 1.77 14.79 -1.92
CA THR A 73 0.41 15.32 -2.05
C THR A 73 0.13 15.78 -3.48
N PRO A 74 -1.15 15.93 -3.85
CA PRO A 74 -1.48 16.38 -5.20
C PRO A 74 -0.92 17.80 -5.35
N ILE A 75 -0.73 18.25 -6.58
CA ILE A 75 -0.25 19.60 -6.84
C ILE A 75 -1.46 20.51 -7.11
N GLY A 76 -2.58 19.90 -7.47
CA GLY A 76 -3.80 20.65 -7.75
C GLY A 76 -4.92 19.71 -8.10
N VAL A 77 -5.14 19.53 -9.40
CA VAL A 77 -6.17 18.62 -9.90
C VAL A 77 -5.69 18.08 -11.24
N GLY A 78 -5.12 16.87 -11.22
CA GLY A 78 -4.59 16.28 -12.43
C GLY A 78 -3.39 17.09 -12.87
N ASP A 79 -2.72 17.69 -11.89
CA ASP A 79 -1.53 18.53 -12.11
C ASP A 79 -0.21 17.96 -11.57
N GLY A 80 -0.20 16.69 -11.16
CA GLY A 80 1.02 16.11 -10.65
C GLY A 80 1.04 16.00 -9.13
N SER A 81 2.23 15.78 -8.56
CA SER A 81 2.34 15.62 -7.11
C SER A 81 3.59 16.26 -6.50
N HIS A 82 3.45 16.70 -5.25
CA HIS A 82 4.57 17.27 -4.50
C HIS A 82 5.14 16.10 -3.72
N VAL A 83 6.46 16.01 -3.68
CA VAL A 83 7.12 14.93 -2.94
C VAL A 83 8.09 15.49 -1.89
N VAL A 84 7.98 14.97 -0.66
CA VAL A 84 8.90 15.35 0.40
C VAL A 84 9.59 14.05 0.82
N TRP A 85 10.91 14.02 0.68
CA TRP A 85 11.72 12.84 1.03
C TRP A 85 12.76 13.27 2.07
N THR A 86 12.72 12.64 3.24
CA THR A 86 13.62 12.99 4.32
C THR A 86 14.46 11.84 4.83
N PHE A 87 15.76 12.10 4.99
CA PHE A 87 16.67 11.13 5.57
C PHE A 87 16.87 11.50 7.04
N HIS A 88 16.60 10.57 7.95
CA HIS A 88 16.78 10.77 9.39
C HIS A 88 18.01 9.92 9.73
N PHE A 89 18.89 10.37 10.61
CA PHE A 89 20.08 9.56 10.85
C PHE A 89 20.98 9.88 12.04
N GLU A 90 22.01 9.04 12.15
CA GLU A 90 23.09 9.14 13.12
C GLU A 90 24.28 8.52 12.36
N LYS A 91 25.31 9.31 12.11
CA LYS A 91 26.48 8.83 11.37
C LYS A 91 27.38 8.06 12.31
N VAL A 92 28.37 7.34 11.76
CA VAL A 92 29.26 6.59 12.64
C VAL A 92 30.11 7.58 13.46
N HIS A 93 30.66 8.61 12.81
CA HIS A 93 31.41 9.63 13.54
C HIS A 93 31.01 11.01 12.99
N LYS A 94 31.31 12.06 13.75
CA LYS A 94 30.92 13.42 13.39
C LYS A 94 31.45 14.02 12.08
N ASP A 95 32.48 13.43 11.50
CA ASP A 95 33.01 13.99 10.25
C ASP A 95 32.37 13.38 9.01
N ILE A 96 31.49 12.39 9.18
CA ILE A 96 30.80 11.80 8.04
C ILE A 96 30.03 12.97 7.38
N ASP A 97 29.99 13.01 6.06
CA ASP A 97 29.28 14.09 5.36
C ASP A 97 27.74 13.98 5.46
N ASP A 98 27.06 15.08 5.17
CA ASP A 98 25.61 15.10 5.18
C ASP A 98 25.24 14.44 3.85
N PRO A 99 24.34 13.43 3.90
CA PRO A 99 23.86 12.62 2.77
C PRO A 99 23.33 13.33 1.52
N HIS A 100 23.95 14.47 1.20
CA HIS A 100 23.58 15.27 0.04
C HIS A 100 23.66 14.43 -1.24
N SER A 101 24.72 13.64 -1.38
CA SER A 101 24.86 12.81 -2.60
C SER A 101 23.76 11.77 -2.66
N ILE A 102 23.62 11.01 -1.58
CA ILE A 102 22.60 9.97 -1.52
C ILE A 102 21.20 10.53 -1.75
N ILE A 103 20.92 11.73 -1.24
CA ILE A 103 19.58 12.28 -1.42
C ILE A 103 19.41 12.85 -2.82
N ASP A 104 20.48 13.42 -3.40
CA ASP A 104 20.38 13.94 -4.76
C ASP A 104 20.10 12.72 -5.67
N GLU A 105 20.74 11.60 -5.35
CA GLU A 105 20.52 10.37 -6.12
C GLU A 105 19.11 9.82 -5.87
N SER A 106 18.59 9.98 -4.65
CA SER A 106 17.23 9.51 -4.34
C SER A 106 16.25 10.29 -5.23
N VAL A 107 16.51 11.58 -5.39
CA VAL A 107 15.66 12.42 -6.24
C VAL A 107 15.66 11.91 -7.68
N LYS A 108 16.85 11.58 -8.21
CA LYS A 108 16.93 11.08 -9.58
C LYS A 108 16.17 9.77 -9.65
N TYR A 109 16.18 9.03 -8.56
CA TYR A 109 15.50 7.75 -8.51
C TYR A 109 13.97 7.97 -8.57
N PHE A 110 13.48 8.91 -7.77
CA PHE A 110 12.05 9.21 -7.76
C PHE A 110 11.59 9.77 -9.12
N LYS A 111 12.45 10.54 -9.79
CA LYS A 111 12.08 11.12 -11.08
C LYS A 111 12.08 10.05 -12.18
N LYS A 112 12.97 9.07 -12.08
CA LYS A 112 13.02 7.98 -13.05
C LYS A 112 11.82 7.07 -12.80
N LEU A 113 11.40 7.01 -11.54
CA LEU A 113 10.26 6.22 -11.15
C LEU A 113 9.01 6.88 -11.74
N ASP A 114 8.93 8.21 -11.64
CA ASP A 114 7.80 9.01 -12.16
C ASP A 114 7.64 8.68 -13.66
N GLU A 115 8.76 8.68 -14.39
CA GLU A 115 8.77 8.39 -15.82
C GLU A 115 8.50 6.91 -16.11
N ALA A 116 8.99 6.05 -15.21
CA ALA A 116 8.81 4.62 -15.35
C ALA A 116 7.35 4.20 -15.35
N ILE A 117 6.54 4.88 -14.54
CA ILE A 117 5.14 4.51 -14.45
C ILE A 117 4.18 5.47 -15.16
N LEU A 118 4.68 6.64 -15.54
CA LEU A 118 3.85 7.62 -16.24
C LEU A 118 3.70 7.21 -17.72
N ASN A 119 4.77 6.65 -18.27
CA ASN A 119 4.82 6.24 -19.67
C ASN A 119 4.44 4.78 -19.88
N PHE A 120 4.53 3.97 -18.82
CA PHE A 120 4.16 2.57 -18.92
C PHE A 120 2.64 2.47 -18.92
N SER B 1 -10.61 -29.55 0.03
CA SER B 1 -11.34 -30.09 1.21
C SER B 1 -12.78 -30.44 0.84
N THR B 2 -13.43 -31.18 1.72
CA THR B 2 -14.81 -31.63 1.51
C THR B 2 -15.88 -30.54 1.66
N LEU B 3 -15.47 -29.37 2.12
CA LEU B 3 -16.39 -28.25 2.32
C LEU B 3 -15.74 -26.96 1.80
N LYS B 4 -14.81 -27.12 0.87
CA LYS B 4 -14.06 -26.01 0.29
C LYS B 4 -14.80 -25.41 -0.89
N GLY B 5 -14.45 -24.16 -1.21
CA GLY B 5 -15.08 -23.48 -2.34
C GLY B 5 -14.83 -21.99 -2.35
N ALA B 6 -15.58 -21.27 -3.20
CA ALA B 6 -15.43 -19.82 -3.29
C ALA B 6 -16.64 -19.17 -3.96
N LEU B 7 -16.73 -17.85 -3.79
CA LEU B 7 -17.80 -17.06 -4.38
C LEU B 7 -17.13 -15.74 -4.71
N SER B 8 -17.14 -15.38 -5.99
CA SER B 8 -16.48 -14.17 -6.46
C SER B 8 -17.45 -13.26 -7.17
N VAL B 9 -17.30 -11.96 -6.92
CA VAL B 9 -18.16 -10.98 -7.56
C VAL B 9 -17.31 -9.93 -8.27
N LYS B 10 -17.74 -9.59 -9.47
CA LYS B 10 -17.09 -8.58 -10.30
C LYS B 10 -18.09 -7.45 -10.43
N PHE B 11 -17.65 -6.23 -10.15
CA PHE B 11 -18.49 -5.04 -10.19
C PHE B 11 -17.61 -3.83 -10.46
N ASP B 12 -18.24 -2.67 -10.58
CA ASP B 12 -17.48 -1.45 -10.83
C ASP B 12 -17.72 -0.36 -9.79
N VAL B 13 -16.72 0.49 -9.58
CA VAL B 13 -16.81 1.59 -8.66
C VAL B 13 -16.43 2.84 -9.45
N LYS B 14 -16.53 4.01 -8.82
CA LYS B 14 -16.21 5.26 -9.52
C LYS B 14 -14.72 5.66 -9.45
N CYS B 15 -14.08 5.38 -8.32
CA CYS B 15 -12.66 5.74 -8.14
C CYS B 15 -11.68 5.06 -9.07
N PRO B 16 -10.49 5.67 -9.26
CA PRO B 16 -9.42 5.12 -10.11
C PRO B 16 -8.78 4.01 -9.26
N ALA B 17 -8.10 3.07 -9.90
CA ALA B 17 -7.53 1.91 -9.20
C ALA B 17 -6.60 2.13 -8.02
N ASP B 18 -5.51 2.86 -8.20
CA ASP B 18 -4.60 3.06 -7.07
C ASP B 18 -5.29 3.83 -5.95
N LYS B 19 -6.01 4.89 -6.33
CA LYS B 19 -6.71 5.71 -5.34
C LYS B 19 -7.72 4.85 -4.58
N PHE B 20 -8.32 3.89 -5.27
CA PHE B 20 -9.31 3.01 -4.65
C PHE B 20 -8.72 1.77 -4.00
N PHE B 21 -7.79 1.12 -4.69
CA PHE B 21 -7.16 -0.11 -4.19
C PHE B 21 -6.31 0.05 -2.97
N SER B 22 -5.41 1.04 -2.96
CA SER B 22 -4.55 1.26 -1.81
C SER B 22 -5.41 1.87 -0.69
N ALA B 23 -6.53 2.49 -1.07
CA ALA B 23 -7.42 3.09 -0.09
C ALA B 23 -8.09 1.98 0.72
N PHE B 24 -8.33 0.84 0.07
CA PHE B 24 -8.95 -0.29 0.75
C PHE B 24 -7.99 -0.97 1.74
N VAL B 25 -6.73 -1.09 1.35
CA VAL B 25 -5.73 -1.74 2.22
C VAL B 25 -5.61 -1.00 3.54
N GLU B 26 -5.64 0.33 3.47
CA GLU B 26 -5.52 1.12 4.70
C GLU B 26 -6.70 0.86 5.65
N ASP B 27 -7.89 0.64 5.10
CA ASP B 27 -9.06 0.39 5.95
C ASP B 27 -9.06 -1.00 6.62
N THR B 28 -8.19 -1.91 6.21
CA THR B 28 -8.20 -3.23 6.85
C THR B 28 -7.50 -3.20 8.21
N ASN B 29 -6.98 -2.03 8.57
CA ASN B 29 -6.37 -1.87 9.89
C ASN B 29 -7.52 -1.90 10.90
N ARG B 30 -8.70 -1.48 10.47
CA ARG B 30 -9.86 -1.55 11.36
C ARG B 30 -10.47 -2.93 11.15
N PRO B 31 -10.55 -3.74 12.22
CA PRO B 31 -11.15 -5.06 12.04
C PRO B 31 -12.57 -4.89 11.47
N PHE B 32 -13.12 -5.94 10.85
CA PHE B 32 -14.46 -5.88 10.26
C PHE B 32 -15.58 -6.37 11.16
N GLU B 33 -15.22 -6.74 12.39
CA GLU B 33 -16.16 -7.21 13.40
C GLU B 33 -15.51 -6.88 14.75
N LYS B 34 -16.34 -6.64 15.76
CA LYS B 34 -15.86 -6.29 17.10
C LYS B 34 -14.86 -7.31 17.63
N ASN B 35 -15.11 -8.59 17.34
CA ASN B 35 -14.22 -9.65 17.77
C ASN B 35 -13.57 -10.27 16.53
N GLY B 36 -12.73 -9.49 15.86
CA GLY B 36 -12.10 -10.00 14.66
C GLY B 36 -10.67 -9.59 14.39
N LYS B 37 -10.03 -10.33 13.50
CA LYS B 37 -8.67 -10.05 13.10
C LYS B 37 -8.53 -10.22 11.60
N THR B 38 -7.63 -9.44 11.01
CA THR B 38 -7.38 -9.50 9.59
C THR B 38 -5.87 -9.48 9.39
N GLU B 39 -5.37 -10.40 8.56
CA GLU B 39 -3.94 -10.46 8.27
C GLU B 39 -3.71 -10.54 6.75
N ILE B 40 -3.02 -9.56 6.19
CA ILE B 40 -2.73 -9.57 4.77
C ILE B 40 -1.71 -10.65 4.44
N GLU B 41 -2.10 -11.64 3.65
CA GLU B 41 -1.22 -12.74 3.27
C GLU B 41 -0.32 -12.35 2.11
N ALA B 42 -0.82 -11.48 1.23
CA ALA B 42 -0.06 -11.01 0.07
C ALA B 42 -0.66 -9.67 -0.34
N VAL B 43 0.15 -8.79 -0.91
CA VAL B 43 -0.35 -7.51 -1.35
C VAL B 43 0.57 -6.81 -2.34
N ASP B 44 -0.01 -6.42 -3.47
CA ASP B 44 0.77 -5.71 -4.50
C ASP B 44 0.10 -4.36 -4.83
N LEU B 45 0.78 -3.30 -4.45
CA LEU B 45 0.28 -1.94 -4.62
C LEU B 45 0.25 -1.38 -6.05
N VAL B 46 0.82 -2.08 -7.02
CA VAL B 46 0.80 -1.60 -8.40
C VAL B 46 -0.11 -2.46 -9.29
N LYS B 47 -0.23 -3.74 -8.95
CA LYS B 47 -1.09 -4.66 -9.69
C LYS B 47 -2.48 -4.72 -9.03
N LYS B 48 -2.66 -3.85 -8.03
CA LYS B 48 -3.92 -3.73 -7.27
C LYS B 48 -4.53 -5.08 -6.90
N THR B 49 -3.77 -5.86 -6.14
CA THR B 49 -4.18 -7.19 -5.68
C THR B 49 -3.82 -7.40 -4.22
N THR B 51 -4.77 -10.36 -0.73
CA THR B 51 -5.52 -11.46 -0.12
C THR B 51 -5.38 -11.34 1.41
N ILE B 52 -6.51 -11.20 2.08
CA ILE B 52 -6.51 -11.07 3.53
C ILE B 52 -7.08 -12.32 4.17
N GLN B 53 -6.58 -12.64 5.36
CA GLN B 53 -7.08 -13.78 6.10
C GLN B 53 -7.94 -13.18 7.19
N SER B 55 -10.60 -13.74 10.49
CA SER B 55 -11.05 -14.64 11.54
C SER B 55 -11.81 -13.88 12.63
N GLY B 56 -12.39 -14.64 13.55
CA GLY B 56 -13.15 -14.04 14.63
C GLY B 56 -14.33 -14.90 15.02
N SER B 57 -14.86 -14.63 16.21
CA SER B 57 -16.00 -15.34 16.76
C SER B 57 -17.14 -15.50 15.75
N GLU B 58 -17.56 -14.39 15.15
CA GLU B 58 -18.64 -14.42 14.18
C GLU B 58 -18.29 -15.36 13.03
N ILE B 59 -17.33 -14.95 12.21
CA ILE B 59 -16.87 -15.75 11.08
C ILE B 59 -16.82 -17.23 11.37
N GLN B 60 -16.21 -17.58 12.50
CA GLN B 60 -16.05 -18.97 12.90
C GLN B 60 -17.35 -19.74 13.12
N LYS B 61 -18.47 -19.04 13.21
CA LYS B 61 -19.74 -19.72 13.40
C LYS B 61 -20.21 -20.27 12.05
N TYR B 62 -19.43 -20.00 11.01
CA TYR B 62 -19.77 -20.45 9.67
C TYR B 62 -18.58 -21.06 8.93
N PHE B 63 -17.40 -20.47 9.08
CA PHE B 63 -16.22 -20.98 8.39
C PHE B 63 -15.00 -21.26 9.28
N LYS B 64 -14.31 -22.35 9.00
CA LYS B 64 -13.10 -22.71 9.72
C LYS B 64 -12.00 -21.85 9.13
N THR B 65 -12.21 -21.41 7.89
CA THR B 65 -11.27 -20.57 7.19
C THR B 65 -12.03 -19.70 6.21
N LEU B 66 -11.89 -18.39 6.35
CA LEU B 66 -12.54 -17.43 5.45
C LEU B 66 -11.52 -16.38 5.05
N LYS B 67 -11.05 -16.45 3.81
CA LYS B 67 -10.10 -15.48 3.33
C LYS B 67 -10.79 -14.65 2.27
N GLY B 68 -10.19 -13.52 1.92
CA GLY B 68 -10.77 -12.66 0.91
C GLY B 68 -9.70 -12.10 -0.02
N SER B 69 -9.95 -12.16 -1.32
CA SER B 69 -9.00 -11.66 -2.29
C SER B 69 -9.60 -10.57 -3.17
N ILE B 70 -8.90 -9.44 -3.27
CA ILE B 70 -9.35 -8.34 -4.10
C ILE B 70 -8.44 -8.17 -5.31
N ALA B 71 -9.00 -7.65 -6.39
CA ALA B 71 -8.27 -7.37 -7.62
C ALA B 71 -8.93 -6.13 -8.20
N VAL B 72 -8.16 -5.07 -8.35
CA VAL B 72 -8.69 -3.82 -8.88
C VAL B 72 -7.99 -3.48 -10.18
N THR B 73 -8.75 -3.20 -11.22
CA THR B 73 -8.15 -2.88 -12.51
C THR B 73 -8.71 -1.59 -13.13
N PRO B 74 -7.84 -0.78 -13.74
CA PRO B 74 -8.31 0.46 -14.36
C PRO B 74 -9.27 0.15 -15.50
N ILE B 75 -10.37 0.90 -15.58
CA ILE B 75 -11.32 0.70 -16.66
C ILE B 75 -10.76 1.45 -17.87
N GLY B 76 -10.12 2.60 -17.60
CA GLY B 76 -9.54 3.40 -18.66
C GLY B 76 -8.78 4.61 -18.16
N VAL B 77 -9.21 5.80 -18.59
CA VAL B 77 -8.58 7.06 -18.20
C VAL B 77 -9.51 7.86 -17.29
N GLY B 78 -9.70 7.36 -16.07
CA GLY B 78 -10.57 8.03 -15.13
C GLY B 78 -11.99 7.51 -15.21
N ASP B 79 -12.22 6.59 -16.15
CA ASP B 79 -13.54 6.01 -16.34
C ASP B 79 -13.93 5.06 -15.19
N GLY B 80 -13.18 5.11 -14.09
CA GLY B 80 -13.48 4.25 -12.95
C GLY B 80 -12.61 3.01 -12.89
N SER B 81 -13.04 2.02 -12.11
CA SER B 81 -12.26 0.80 -11.95
C SER B 81 -13.12 -0.46 -11.82
N HIS B 82 -12.57 -1.56 -12.32
CA HIS B 82 -13.19 -2.87 -12.23
C HIS B 82 -12.56 -3.45 -10.96
N VAL B 83 -13.28 -4.32 -10.28
CA VAL B 83 -12.81 -4.96 -9.06
C VAL B 83 -13.41 -6.36 -8.94
N VAL B 84 -12.66 -7.29 -8.35
CA VAL B 84 -13.12 -8.66 -8.12
C VAL B 84 -12.92 -8.98 -6.63
N TRP B 85 -13.93 -9.58 -6.00
CA TRP B 85 -13.85 -9.94 -4.58
C TRP B 85 -14.35 -11.36 -4.30
N THR B 86 -13.42 -12.20 -3.86
CA THR B 86 -13.72 -13.60 -3.55
C THR B 86 -13.58 -13.93 -2.06
N PHE B 87 -14.30 -14.95 -1.62
CA PHE B 87 -14.26 -15.40 -0.23
C PHE B 87 -13.83 -16.86 -0.12
N HIS B 88 -12.64 -17.18 -0.59
CA HIS B 88 -12.13 -18.57 -0.51
C HIS B 88 -12.45 -19.05 0.90
N PHE B 89 -13.34 -20.04 1.01
CA PHE B 89 -13.78 -20.50 2.33
C PHE B 89 -13.74 -22.00 2.63
N GLU B 90 -13.89 -22.30 3.92
CA GLU B 90 -13.95 -23.66 4.42
C GLU B 90 -15.08 -23.62 5.44
N LYS B 91 -16.20 -24.24 5.10
CA LYS B 91 -17.36 -24.26 6.00
C LYS B 91 -17.08 -25.19 7.18
N VAL B 92 -17.73 -24.93 8.30
CA VAL B 92 -17.53 -25.77 9.48
C VAL B 92 -18.21 -27.11 9.20
N HIS B 93 -19.20 -27.10 8.31
CA HIS B 93 -19.90 -28.32 7.91
C HIS B 93 -20.64 -28.10 6.59
N LYS B 94 -20.97 -29.19 5.90
CA LYS B 94 -21.63 -29.11 4.58
C LYS B 94 -22.92 -28.32 4.48
N ASP B 95 -23.65 -28.16 5.58
CA ASP B 95 -24.91 -27.42 5.54
C ASP B 95 -24.77 -25.90 5.60
N ILE B 96 -23.55 -25.39 5.70
CA ILE B 96 -23.37 -23.94 5.73
C ILE B 96 -23.68 -23.38 4.33
N ASP B 97 -24.34 -22.23 4.27
CA ASP B 97 -24.64 -21.65 2.97
C ASP B 97 -23.40 -21.05 2.34
N ASP B 98 -23.41 -20.90 1.02
CA ASP B 98 -22.28 -20.27 0.34
C ASP B 98 -22.42 -18.82 0.79
N PRO B 99 -21.32 -18.08 0.95
CA PRO B 99 -21.31 -16.68 1.40
C PRO B 99 -22.02 -15.60 0.59
N HIS B 100 -23.22 -15.89 0.10
CA HIS B 100 -23.97 -14.92 -0.70
C HIS B 100 -24.29 -13.62 0.03
N SER B 101 -25.05 -13.71 1.11
CA SER B 101 -25.41 -12.51 1.86
C SER B 101 -24.12 -11.98 2.49
N ILE B 102 -23.15 -12.87 2.65
CA ILE B 102 -21.87 -12.49 3.21
C ILE B 102 -21.10 -11.63 2.20
N ILE B 103 -20.99 -12.08 0.96
CA ILE B 103 -20.23 -11.34 -0.05
C ILE B 103 -20.97 -10.09 -0.49
N ASP B 104 -22.30 -10.22 -0.63
CA ASP B 104 -23.11 -9.08 -1.02
C ASP B 104 -22.89 -7.98 0.03
N GLU B 105 -22.52 -8.41 1.24
CA GLU B 105 -22.26 -7.46 2.31
C GLU B 105 -20.97 -6.73 2.01
N SER B 106 -19.94 -7.47 1.61
CA SER B 106 -18.67 -6.86 1.27
C SER B 106 -18.93 -5.87 0.16
N VAL B 107 -19.83 -6.27 -0.74
CA VAL B 107 -20.19 -5.44 -1.88
C VAL B 107 -20.80 -4.11 -1.40
N LYS B 108 -21.76 -4.20 -0.48
CA LYS B 108 -22.39 -3.00 0.06
C LYS B 108 -21.27 -2.08 0.51
N TYR B 109 -20.32 -2.61 1.29
CA TYR B 109 -19.20 -1.82 1.77
C TYR B 109 -18.40 -1.26 0.60
N PHE B 110 -18.14 -2.08 -0.41
CA PHE B 110 -17.40 -1.63 -1.57
C PHE B 110 -18.10 -0.47 -2.31
N LYS B 111 -19.42 -0.40 -2.21
CA LYS B 111 -20.14 0.68 -2.88
C LYS B 111 -20.04 1.95 -2.04
N LYS B 112 -20.05 1.79 -0.72
CA LYS B 112 -19.95 2.93 0.19
C LYS B 112 -18.50 3.40 0.33
N LEU B 113 -17.56 2.47 0.40
CA LEU B 113 -16.16 2.86 0.48
C LEU B 113 -16.00 3.82 -0.71
N ASP B 114 -16.41 3.37 -1.89
CA ASP B 114 -16.35 4.17 -3.13
C ASP B 114 -17.02 5.54 -2.91
N GLU B 115 -18.17 5.53 -2.22
CA GLU B 115 -18.89 6.78 -1.96
C GLU B 115 -18.11 7.82 -1.18
N ALA B 116 -17.13 7.37 -0.42
CA ALA B 116 -16.32 8.28 0.39
C ALA B 116 -15.05 8.77 -0.32
N ILE B 117 -14.34 7.87 -0.97
CA ILE B 117 -13.08 8.23 -1.62
C ILE B 117 -13.24 9.26 -2.72
N LEU B 118 -14.11 8.99 -3.68
CA LEU B 118 -14.36 9.91 -4.78
C LEU B 118 -14.82 11.24 -4.19
N ASN B 119 -15.67 11.15 -3.17
CA ASN B 119 -16.22 12.32 -2.52
C ASN B 119 -15.30 12.93 -1.46
N PHE B 120 -14.00 12.62 -1.57
CA PHE B 120 -13.03 13.16 -0.64
C PHE B 120 -11.69 13.34 -1.34
N SER A 1 23.63 16.64 20.12
CA SER A 1 24.41 15.55 19.45
C SER A 1 25.15 16.06 18.21
N THR A 2 26.26 15.39 17.90
CA THR A 2 27.05 15.74 16.74
C THR A 2 26.81 14.75 15.61
N LEU A 3 26.27 13.58 15.94
CA LEU A 3 26.03 12.53 14.95
C LEU A 3 24.61 12.44 14.36
N LYS A 4 23.60 12.89 15.12
CA LYS A 4 22.22 12.83 14.65
C LYS A 4 21.84 14.04 13.79
N GLY A 5 20.96 13.82 12.82
CA GLY A 5 20.53 14.89 11.96
C GLY A 5 19.50 14.44 10.94
N ALA A 6 19.14 15.34 10.03
CA ALA A 6 18.18 15.02 9.00
C ALA A 6 18.40 15.94 7.81
N LEU A 7 18.00 15.46 6.65
CA LEU A 7 18.13 16.21 5.41
C LEU A 7 16.87 15.89 4.61
N SER A 8 16.14 16.94 4.20
CA SER A 8 14.88 16.75 3.50
C SER A 8 14.81 17.58 2.22
N VAL A 9 14.30 16.95 1.17
CA VAL A 9 14.16 17.60 -0.13
C VAL A 9 12.70 17.55 -0.60
N LYS A 10 12.28 18.61 -1.29
CA LYS A 10 10.92 18.71 -1.81
C LYS A 10 11.06 19.00 -3.30
N PHE A 11 10.31 18.26 -4.12
CA PHE A 11 10.38 18.40 -5.56
C PHE A 11 9.06 17.89 -6.13
N ASP A 12 8.80 18.14 -7.41
CA ASP A 12 7.53 17.73 -8.02
C ASP A 12 7.71 16.56 -8.98
N VAL A 13 6.64 15.78 -9.13
CA VAL A 13 6.59 14.64 -10.04
C VAL A 13 5.32 14.81 -10.89
N LYS A 14 5.32 14.23 -12.08
CA LYS A 14 4.18 14.31 -13.00
C LYS A 14 3.00 13.43 -12.59
N CYS A 15 3.28 12.29 -11.96
CA CYS A 15 2.24 11.35 -11.56
C CYS A 15 1.36 11.77 -10.39
N PRO A 16 0.10 11.28 -10.36
CA PRO A 16 -0.86 11.58 -9.28
C PRO A 16 -0.32 10.84 -8.04
N ALA A 17 -0.59 11.37 -6.85
CA ALA A 17 -0.06 10.80 -5.61
C ALA A 17 -0.23 9.30 -5.35
N ASP A 18 -1.46 8.80 -5.36
CA ASP A 18 -1.71 7.38 -5.11
C ASP A 18 -0.87 6.50 -6.04
N LYS A 19 -0.93 6.78 -7.33
CA LYS A 19 -0.20 5.99 -8.32
C LYS A 19 1.31 6.01 -8.05
N PHE A 20 1.90 7.20 -8.13
CA PHE A 20 3.33 7.33 -7.89
C PHE A 20 3.72 6.71 -6.54
N PHE A 21 2.92 7.01 -5.53
CA PHE A 21 3.17 6.49 -4.18
C PHE A 21 3.15 4.96 -4.17
N SER A 22 2.08 4.38 -4.67
CA SER A 22 1.94 2.92 -4.73
C SER A 22 3.14 2.26 -5.41
N ALA A 23 3.56 2.82 -6.54
CA ALA A 23 4.72 2.27 -7.25
C ALA A 23 5.95 2.24 -6.32
N PHE A 24 6.15 3.32 -5.55
CA PHE A 24 7.31 3.38 -4.64
C PHE A 24 7.27 2.30 -3.57
N VAL A 25 6.18 2.26 -2.81
CA VAL A 25 6.03 1.27 -1.76
C VAL A 25 6.30 -0.13 -2.30
N GLU A 26 5.68 -0.44 -3.44
CA GLU A 26 5.88 -1.77 -4.00
C GLU A 26 7.36 -1.97 -4.37
N ASP A 27 7.97 -0.94 -4.95
CA ASP A 27 9.37 -1.04 -5.35
C ASP A 27 10.31 -1.26 -4.15
N THR A 28 9.90 -0.83 -2.96
CA THR A 28 10.77 -1.02 -1.80
C THR A 28 10.97 -2.52 -1.47
N ASN A 29 10.19 -3.40 -2.09
CA ASN A 29 10.41 -4.83 -1.86
C ASN A 29 11.83 -5.19 -2.25
N ARG A 30 12.42 -4.38 -3.14
CA ARG A 30 13.79 -4.61 -3.58
C ARG A 30 14.74 -3.83 -2.67
N PRO A 31 15.70 -4.52 -2.03
CA PRO A 31 16.65 -3.83 -1.15
C PRO A 31 17.39 -2.79 -2.00
N PHE A 32 17.87 -1.73 -1.37
CA PHE A 32 18.57 -0.65 -2.06
C PHE A 32 20.03 -0.96 -2.38
N GLU A 33 20.54 -2.04 -1.77
CA GLU A 33 21.91 -2.51 -1.99
C GLU A 33 21.90 -4.04 -1.87
N LYS A 34 22.89 -4.67 -2.49
CA LYS A 34 23.03 -6.13 -2.51
C LYS A 34 22.79 -6.79 -1.15
N ASN A 35 23.34 -6.21 -0.09
CA ASN A 35 23.17 -6.79 1.24
C ASN A 35 22.21 -5.93 2.06
N GLY A 36 21.44 -5.09 1.38
CA GLY A 36 20.53 -4.19 2.07
C GLY A 36 19.28 -4.82 2.64
N LYS A 37 18.71 -4.12 3.61
CA LYS A 37 17.49 -4.56 4.25
C LYS A 37 16.61 -3.32 4.41
N THR A 38 15.34 -3.45 4.07
CA THR A 38 14.40 -2.34 4.21
C THR A 38 13.22 -2.79 5.08
N GLU A 39 12.97 -2.05 6.16
CA GLU A 39 11.87 -2.36 7.07
C GLU A 39 10.90 -1.19 7.15
N ILE A 40 9.60 -1.49 7.06
CA ILE A 40 8.54 -0.49 7.13
C ILE A 40 8.22 -0.22 8.59
N GLU A 41 8.58 0.97 9.07
CA GLU A 41 8.32 1.33 10.45
C GLU A 41 6.99 2.08 10.57
N ALA A 42 6.42 2.41 9.42
CA ALA A 42 5.14 3.11 9.37
C ALA A 42 4.75 3.37 7.90
N VAL A 43 3.48 3.14 7.57
CA VAL A 43 3.02 3.40 6.21
C VAL A 43 1.50 3.57 6.10
N ASP A 44 1.09 4.71 5.53
CA ASP A 44 -0.33 5.05 5.33
C ASP A 44 -0.50 5.52 3.87
N LEU A 45 -1.16 4.68 3.08
CA LEU A 45 -1.36 4.95 1.67
C LEU A 45 -2.20 6.19 1.32
N VAL A 46 -3.39 6.32 1.91
CA VAL A 46 -4.25 7.46 1.63
C VAL A 46 -3.48 8.75 1.94
N LYS A 47 -2.92 8.86 3.14
CA LYS A 47 -2.13 10.04 3.48
C LYS A 47 -0.91 10.08 2.54
N LYS A 48 -0.64 8.95 1.88
CA LYS A 48 0.50 8.87 0.96
C LYS A 48 1.76 9.27 1.75
N THR A 49 2.05 8.48 2.78
CA THR A 49 3.20 8.76 3.62
C THR A 49 3.83 7.45 4.07
N THR A 51 7.64 5.68 6.31
CA THR A 51 8.98 5.75 6.87
C THR A 51 9.56 4.35 6.91
N ILE A 52 10.76 4.20 6.36
CA ILE A 52 11.45 2.91 6.34
C ILE A 52 12.87 3.07 6.87
N GLN A 53 13.39 2.03 7.53
CA GLN A 53 14.75 2.06 8.02
C GLN A 53 15.56 1.27 6.98
N SER A 55 19.13 -0.47 5.82
CA SER A 55 20.37 -1.00 6.35
C SER A 55 21.19 -1.66 5.23
N GLY A 56 22.40 -2.08 5.57
CA GLY A 56 23.27 -2.70 4.58
C GLY A 56 24.72 -2.44 4.96
N SER A 57 25.61 -3.35 4.58
CA SER A 57 27.01 -3.23 4.90
C SER A 57 27.62 -1.91 4.43
N GLU A 58 27.19 -1.44 3.26
CA GLU A 58 27.71 -0.18 2.75
C GLU A 58 27.21 1.03 3.52
N ILE A 59 25.88 1.17 3.63
CA ILE A 59 25.32 2.32 4.34
C ILE A 59 25.80 2.43 5.79
N GLN A 60 25.97 1.29 6.46
CA GLN A 60 26.42 1.26 7.85
C GLN A 60 27.88 1.69 8.04
N LYS A 61 28.61 1.87 6.94
CA LYS A 61 29.99 2.33 7.08
C LYS A 61 29.93 3.83 7.38
N TYR A 62 28.77 4.45 7.14
CA TYR A 62 28.64 5.88 7.36
C TYR A 62 27.45 6.31 8.21
N PHE A 63 26.39 5.51 8.17
CA PHE A 63 25.20 5.79 8.95
C PHE A 63 24.75 4.55 9.72
N LYS A 64 24.99 4.55 11.03
CA LYS A 64 24.61 3.42 11.89
C LYS A 64 23.11 3.26 11.89
N THR A 65 22.42 4.36 11.61
CA THR A 65 20.97 4.36 11.57
C THR A 65 20.55 5.29 10.44
N LEU A 66 19.73 4.75 9.52
CA LEU A 66 19.21 5.54 8.41
C LEU A 66 17.75 5.18 8.16
N LYS A 67 16.91 6.21 8.17
CA LYS A 67 15.49 6.08 7.91
C LYS A 67 15.18 7.09 6.82
N GLY A 68 14.20 6.75 5.99
CA GLY A 68 13.78 7.64 4.92
C GLY A 68 12.28 7.79 5.02
N SER A 69 11.81 9.03 5.08
CA SER A 69 10.37 9.26 5.17
C SER A 69 9.89 9.93 3.88
N ILE A 70 8.73 9.51 3.39
CA ILE A 70 8.16 10.08 2.18
C ILE A 70 6.71 10.51 2.38
N ALA A 71 6.38 11.71 1.89
CA ALA A 71 5.02 12.23 1.94
C ALA A 71 4.73 12.68 0.51
N VAL A 72 3.72 12.10 -0.11
CA VAL A 72 3.38 12.48 -1.48
C VAL A 72 2.09 13.28 -1.42
N THR A 73 2.05 14.43 -2.09
CA THR A 73 0.85 15.27 -2.08
C THR A 73 0.46 15.76 -3.47
N PRO A 74 -0.77 15.49 -3.91
CA PRO A 74 -1.21 15.95 -5.23
C PRO A 74 -1.06 17.46 -5.37
N ILE A 75 -0.71 17.92 -6.57
CA ILE A 75 -0.59 19.34 -6.84
C ILE A 75 -2.00 19.84 -7.18
N GLY A 76 -2.45 19.55 -8.40
CA GLY A 76 -3.78 19.95 -8.84
C GLY A 76 -4.55 18.74 -9.34
N VAL A 77 -5.18 18.87 -10.50
CA VAL A 77 -5.92 17.74 -11.08
C VAL A 77 -5.18 17.34 -12.35
N GLY A 78 -4.28 16.38 -12.20
CA GLY A 78 -3.47 15.94 -13.33
C GLY A 78 -2.14 16.66 -13.24
N ASP A 79 -2.17 17.82 -12.58
CA ASP A 79 -1.01 18.67 -12.38
C ASP A 79 0.26 17.94 -11.96
N GLY A 80 0.11 16.93 -11.11
CA GLY A 80 1.26 16.18 -10.64
C GLY A 80 1.27 16.09 -9.12
N SER A 81 2.40 15.70 -8.55
CA SER A 81 2.50 15.55 -7.11
C SER A 81 3.76 16.14 -6.49
N HIS A 82 3.61 16.68 -5.29
CA HIS A 82 4.73 17.23 -4.53
C HIS A 82 5.22 16.05 -3.72
N VAL A 83 6.53 15.88 -3.66
CA VAL A 83 7.12 14.80 -2.88
C VAL A 83 8.09 15.37 -1.84
N VAL A 84 7.95 14.92 -0.59
CA VAL A 84 8.88 15.31 0.46
C VAL A 84 9.58 14.02 0.85
N TRP A 85 10.90 14.00 0.70
CA TRP A 85 11.72 12.83 1.04
C TRP A 85 12.77 13.25 2.06
N THR A 86 12.70 12.66 3.25
CA THR A 86 13.60 13.00 4.33
C THR A 86 14.46 11.85 4.81
N PHE A 87 15.76 12.12 4.93
CA PHE A 87 16.69 11.14 5.47
C PHE A 87 16.94 11.53 6.93
N HIS A 88 16.62 10.61 7.86
CA HIS A 88 16.84 10.82 9.29
C HIS A 88 18.07 9.95 9.59
N PHE A 89 19.11 10.51 10.21
CA PHE A 89 20.33 9.71 10.42
C PHE A 89 21.14 9.90 11.68
N GLU A 90 21.83 8.83 12.05
CA GLU A 90 22.76 8.83 13.18
C GLU A 90 24.11 8.50 12.53
N LYS A 91 25.01 9.48 12.52
CA LYS A 91 26.33 9.32 11.91
C LYS A 91 27.25 8.35 12.65
N VAL A 92 28.06 7.60 11.91
CA VAL A 92 28.97 6.66 12.55
C VAL A 92 29.98 7.48 13.36
N HIS A 93 30.50 8.54 12.76
CA HIS A 93 31.43 9.44 13.45
C HIS A 93 31.34 10.81 12.76
N LYS A 94 31.59 11.86 13.55
CA LYS A 94 31.52 13.25 13.12
C LYS A 94 32.08 13.59 11.75
N ASP A 95 33.17 12.93 11.35
CA ASP A 95 33.77 13.24 10.07
C ASP A 95 32.99 12.77 8.84
N ILE A 96 31.80 12.20 9.05
CA ILE A 96 30.95 11.77 7.94
C ILE A 96 30.11 13.00 7.52
N ASP A 97 29.85 13.15 6.24
CA ASP A 97 29.05 14.29 5.75
C ASP A 97 27.53 14.06 5.78
N ASP A 98 26.75 15.13 5.77
CA ASP A 98 25.30 14.97 5.72
C ASP A 98 25.14 14.33 4.34
N PRO A 99 24.19 13.39 4.20
CA PRO A 99 23.91 12.65 2.95
C PRO A 99 23.34 13.39 1.74
N HIS A 100 24.04 14.45 1.32
CA HIS A 100 23.61 15.26 0.18
C HIS A 100 23.62 14.49 -1.16
N SER A 101 24.71 13.81 -1.46
CA SER A 101 24.78 13.08 -2.73
C SER A 101 23.75 11.95 -2.79
N ILE A 102 23.71 11.13 -1.74
CA ILE A 102 22.75 10.04 -1.69
C ILE A 102 21.31 10.55 -1.82
N ILE A 103 21.02 11.72 -1.27
CA ILE A 103 19.65 12.22 -1.37
C ILE A 103 19.39 12.82 -2.75
N ASP A 104 20.42 13.36 -3.40
CA ASP A 104 20.26 13.91 -4.74
C ASP A 104 20.01 12.70 -5.68
N GLU A 105 20.69 11.59 -5.39
CA GLU A 105 20.52 10.37 -6.18
C GLU A 105 19.11 9.78 -5.93
N SER A 106 18.60 9.92 -4.70
CA SER A 106 17.26 9.41 -4.39
C SER A 106 16.25 10.21 -5.24
N VAL A 107 16.53 11.50 -5.42
CA VAL A 107 15.65 12.35 -6.23
C VAL A 107 15.62 11.87 -7.70
N LYS A 108 16.79 11.54 -8.26
CA LYS A 108 16.85 11.06 -9.64
C LYS A 108 16.11 9.73 -9.71
N TYR A 109 16.12 9.01 -8.60
CA TYR A 109 15.46 7.72 -8.55
C TYR A 109 13.94 7.94 -8.59
N PHE A 110 13.45 8.86 -7.78
CA PHE A 110 12.03 9.15 -7.76
C PHE A 110 11.54 9.72 -9.10
N LYS A 111 12.39 10.50 -9.77
CA LYS A 111 12.00 11.09 -11.06
C LYS A 111 12.04 10.05 -12.20
N LYS A 112 12.99 9.11 -12.12
CA LYS A 112 13.07 8.05 -13.13
C LYS A 112 11.90 7.11 -12.91
N LEU A 113 11.48 7.03 -11.65
CA LEU A 113 10.36 6.19 -11.27
C LEU A 113 9.09 6.85 -11.83
N ASP A 114 9.05 8.19 -11.77
CA ASP A 114 7.91 8.98 -12.27
C ASP A 114 7.77 8.77 -13.78
N GLU A 115 8.87 8.99 -14.51
CA GLU A 115 8.90 8.81 -15.96
C GLU A 115 8.55 7.38 -16.29
N ALA A 116 9.03 6.47 -15.45
CA ALA A 116 8.77 5.06 -15.60
C ALA A 116 7.29 4.76 -15.65
N ILE A 117 6.67 4.71 -14.47
CA ILE A 117 5.26 4.37 -14.34
C ILE A 117 4.29 5.27 -15.07
N LEU A 118 4.78 6.38 -15.60
CA LEU A 118 3.93 7.31 -16.34
C LEU A 118 3.91 6.98 -17.84
N ASN A 119 4.89 6.21 -18.29
CA ASN A 119 4.99 5.84 -19.69
C ASN A 119 4.85 4.33 -19.88
N PHE A 120 4.43 3.65 -18.84
CA PHE A 120 4.25 2.20 -18.90
C PHE A 120 2.89 1.87 -19.53
N SER B 1 -13.82 -32.26 -2.25
CA SER B 1 -13.99 -31.61 -0.90
C SER B 1 -15.40 -31.06 -0.72
N THR B 2 -16.05 -31.49 0.36
CA THR B 2 -17.41 -31.05 0.67
C THR B 2 -17.42 -29.66 1.31
N LEU B 3 -16.31 -29.29 1.95
CA LEU B 3 -16.20 -28.01 2.64
C LEU B 3 -15.58 -26.83 1.87
N LYS B 4 -14.56 -27.11 1.06
CA LYS B 4 -13.86 -26.08 0.31
C LYS B 4 -14.67 -25.49 -0.82
N GLY B 5 -14.56 -24.17 -0.99
CA GLY B 5 -15.28 -23.50 -2.05
C GLY B 5 -14.91 -22.02 -2.14
N ALA B 6 -15.49 -21.32 -3.12
CA ALA B 6 -15.21 -19.90 -3.31
C ALA B 6 -16.41 -19.21 -3.95
N LEU B 7 -16.49 -17.90 -3.76
CA LEU B 7 -17.57 -17.10 -4.32
C LEU B 7 -16.93 -15.77 -4.69
N SER B 8 -17.12 -15.37 -5.94
CA SER B 8 -16.50 -14.14 -6.44
C SER B 8 -17.49 -13.24 -7.14
N VAL B 9 -17.34 -11.94 -6.93
CA VAL B 9 -18.22 -10.96 -7.56
C VAL B 9 -17.38 -9.95 -8.33
N LYS B 10 -17.94 -9.45 -9.41
CA LYS B 10 -17.30 -8.46 -10.26
C LYS B 10 -18.29 -7.33 -10.49
N PHE B 11 -17.80 -6.11 -10.34
CA PHE B 11 -18.58 -4.88 -10.52
C PHE B 11 -17.56 -3.77 -10.39
N ASP B 12 -17.68 -2.76 -11.24
CA ASP B 12 -16.77 -1.65 -11.29
C ASP B 12 -17.28 -0.42 -10.53
N VAL B 13 -16.39 0.33 -9.90
CA VAL B 13 -16.77 1.55 -9.18
C VAL B 13 -16.34 2.78 -9.98
N LYS B 14 -16.82 3.95 -9.57
CA LYS B 14 -16.50 5.22 -10.26
C LYS B 14 -15.29 5.94 -9.67
N CYS B 15 -14.48 5.22 -8.91
CA CYS B 15 -13.30 5.78 -8.27
C CYS B 15 -12.01 5.43 -9.00
N PRO B 16 -11.04 6.37 -9.03
CA PRO B 16 -9.76 6.15 -9.69
C PRO B 16 -9.08 4.91 -9.09
N ALA B 17 -8.60 4.03 -9.96
CA ALA B 17 -7.99 2.75 -9.59
C ALA B 17 -7.11 2.62 -8.37
N ASP B 18 -5.93 3.24 -8.41
CA ASP B 18 -5.01 3.12 -7.30
C ASP B 18 -5.48 3.83 -6.02
N LYS B 19 -6.36 4.81 -6.18
CA LYS B 19 -6.91 5.54 -5.04
C LYS B 19 -7.78 4.58 -4.22
N PHE B 20 -8.73 3.95 -4.91
CA PHE B 20 -9.66 3.00 -4.30
C PHE B 20 -8.93 1.89 -3.58
N PHE B 21 -8.02 1.22 -4.29
CA PHE B 21 -7.24 0.13 -3.71
C PHE B 21 -6.54 0.66 -2.46
N SER B 22 -5.89 1.81 -2.60
CA SER B 22 -5.20 2.43 -1.48
C SER B 22 -6.13 2.75 -0.31
N ALA B 23 -7.34 3.26 -0.59
CA ALA B 23 -8.26 3.57 0.49
C ALA B 23 -8.59 2.26 1.24
N PHE B 24 -8.78 1.19 0.48
CA PHE B 24 -9.08 -0.13 1.03
C PHE B 24 -7.87 -0.73 1.73
N VAL B 25 -6.75 -0.80 1.01
CA VAL B 25 -5.53 -1.35 1.57
C VAL B 25 -5.26 -0.70 2.91
N GLU B 26 -5.74 0.55 3.07
CA GLU B 26 -5.55 1.25 4.33
C GLU B 26 -6.71 1.04 5.32
N ASP B 27 -7.95 1.19 4.87
CA ASP B 27 -9.12 1.03 5.75
C ASP B 27 -9.05 -0.28 6.52
N THR B 28 -8.24 -1.22 6.01
CA THR B 28 -8.07 -2.52 6.63
C THR B 28 -7.39 -2.45 8.00
N ASN B 29 -7.03 -1.24 8.44
CA ASN B 29 -6.43 -1.05 9.77
C ASN B 29 -7.52 -1.22 10.83
N ARG B 30 -8.78 -1.20 10.40
CA ARG B 30 -9.88 -1.39 11.34
C ARG B 30 -10.49 -2.77 11.08
N PRO B 31 -10.50 -3.64 12.10
CA PRO B 31 -11.09 -4.96 11.89
C PRO B 31 -12.54 -4.78 11.37
N PHE B 32 -13.05 -5.78 10.63
CA PHE B 32 -14.39 -5.71 10.07
C PHE B 32 -15.50 -6.28 10.95
N GLU B 33 -15.12 -6.76 12.14
CA GLU B 33 -16.07 -7.31 13.11
C GLU B 33 -15.58 -7.05 14.54
N LYS B 34 -16.53 -6.96 15.45
CA LYS B 34 -16.29 -6.68 16.87
C LYS B 34 -15.01 -7.26 17.44
N ASN B 35 -14.83 -8.57 17.33
CA ASN B 35 -13.63 -9.21 17.84
C ASN B 35 -12.91 -9.99 16.76
N GLY B 36 -12.87 -9.42 15.56
CA GLY B 36 -12.21 -10.07 14.44
C GLY B 36 -10.74 -9.69 14.29
N LYS B 37 -10.05 -10.38 13.40
CA LYS B 37 -8.64 -10.12 13.14
C LYS B 37 -8.29 -10.32 11.67
N THR B 38 -8.06 -9.22 10.98
CA THR B 38 -7.68 -9.28 9.58
C THR B 38 -6.18 -9.52 9.51
N GLU B 39 -5.79 -10.58 8.80
CA GLU B 39 -4.38 -10.90 8.61
C GLU B 39 -4.09 -10.76 7.11
N ILE B 40 -3.20 -9.83 6.78
CA ILE B 40 -2.84 -9.59 5.40
C ILE B 40 -1.79 -10.60 4.94
N GLU B 41 -2.18 -11.52 4.05
CA GLU B 41 -1.29 -12.57 3.54
C GLU B 41 -0.49 -12.18 2.31
N ALA B 42 -1.10 -11.43 1.40
CA ALA B 42 -0.41 -10.98 0.18
C ALA B 42 -0.95 -9.64 -0.25
N VAL B 43 -0.07 -8.64 -0.37
CA VAL B 43 -0.52 -7.32 -0.77
C VAL B 43 0.49 -6.60 -1.66
N ASP B 44 0.23 -6.57 -2.96
CA ASP B 44 1.12 -5.89 -3.90
C ASP B 44 0.53 -4.51 -4.21
N LEU B 45 1.29 -3.47 -3.87
CA LEU B 45 0.83 -2.11 -4.08
C LEU B 45 0.50 -1.80 -5.55
N VAL B 46 1.38 -2.22 -6.47
CA VAL B 46 1.14 -1.97 -7.90
C VAL B 46 0.22 -2.99 -8.59
N LYS B 47 0.24 -4.25 -8.15
CA LYS B 47 -0.65 -5.24 -8.76
C LYS B 47 -2.10 -4.90 -8.35
N LYS B 48 -2.23 -4.14 -7.28
CA LYS B 48 -3.55 -3.75 -6.77
C LYS B 48 -4.37 -4.97 -6.35
N THR B 49 -3.68 -6.06 -6.01
CA THR B 49 -4.33 -7.29 -5.56
C THR B 49 -3.92 -7.52 -4.11
N THR B 51 -4.93 -10.36 -0.64
CA THR B 51 -5.69 -11.47 -0.06
C THR B 51 -5.53 -11.40 1.46
N ILE B 52 -6.64 -11.17 2.15
CA ILE B 52 -6.63 -11.09 3.60
C ILE B 52 -7.20 -12.37 4.18
N GLN B 53 -6.74 -12.73 5.37
CA GLN B 53 -7.25 -13.90 6.06
C GLN B 53 -8.01 -13.38 7.25
N SER B 55 -10.65 -13.85 10.60
CA SER B 55 -11.02 -14.72 11.69
C SER B 55 -11.80 -13.96 12.75
N GLY B 56 -12.48 -14.70 13.61
CA GLY B 56 -13.27 -14.08 14.65
C GLY B 56 -14.44 -14.96 15.03
N SER B 57 -14.90 -14.79 16.27
CA SER B 57 -16.02 -15.55 16.83
C SER B 57 -17.18 -15.67 15.84
N GLU B 58 -17.45 -14.58 15.12
CA GLU B 58 -18.54 -14.59 14.14
C GLU B 58 -18.25 -15.54 12.98
N ILE B 59 -17.53 -15.05 11.99
CA ILE B 59 -17.18 -15.83 10.80
C ILE B 59 -16.88 -17.29 11.08
N GLN B 60 -16.00 -17.55 12.05
CA GLN B 60 -15.58 -18.90 12.39
C GLN B 60 -16.69 -19.76 12.99
N LYS B 61 -17.88 -19.21 13.07
CA LYS B 61 -19.03 -19.94 13.60
C LYS B 61 -19.54 -20.82 12.45
N TYR B 62 -19.72 -20.21 11.28
CA TYR B 62 -20.21 -20.90 10.10
C TYR B 62 -19.08 -21.40 9.20
N PHE B 63 -17.91 -20.77 9.31
CA PHE B 63 -16.78 -21.18 8.48
C PHE B 63 -15.49 -21.47 9.22
N LYS B 64 -14.88 -22.60 8.88
CA LYS B 64 -13.62 -23.03 9.47
C LYS B 64 -12.66 -21.88 9.17
N THR B 65 -12.42 -21.66 7.89
CA THR B 65 -11.53 -20.60 7.45
C THR B 65 -12.15 -19.76 6.36
N LEU B 66 -12.05 -18.44 6.51
CA LEU B 66 -12.58 -17.50 5.53
C LEU B 66 -11.42 -16.64 5.05
N LYS B 67 -11.14 -16.75 3.76
CA LYS B 67 -10.07 -15.99 3.14
C LYS B 67 -10.71 -15.00 2.18
N GLY B 68 -10.21 -13.77 2.18
CA GLY B 68 -10.72 -12.76 1.29
C GLY B 68 -9.75 -12.53 0.15
N SER B 69 -10.19 -11.84 -0.90
CA SER B 69 -9.34 -11.55 -2.05
C SER B 69 -9.86 -10.47 -2.98
N ILE B 70 -9.02 -9.47 -3.25
CA ILE B 70 -9.39 -8.37 -4.15
C ILE B 70 -8.44 -8.20 -5.36
N ALA B 71 -8.99 -7.61 -6.42
CA ALA B 71 -8.24 -7.29 -7.65
C ALA B 71 -8.95 -6.08 -8.24
N VAL B 72 -8.18 -5.04 -8.56
CA VAL B 72 -8.74 -3.82 -9.11
C VAL B 72 -8.01 -3.41 -10.38
N THR B 73 -8.77 -2.94 -11.37
CA THR B 73 -8.15 -2.53 -12.64
C THR B 73 -8.84 -1.30 -13.25
N PRO B 74 -8.08 -0.44 -13.97
CA PRO B 74 -8.71 0.74 -14.56
C PRO B 74 -9.74 0.31 -15.58
N ILE B 75 -10.72 1.17 -15.83
CA ILE B 75 -11.76 0.90 -16.82
C ILE B 75 -11.41 1.67 -18.11
N GLY B 76 -11.87 2.92 -18.19
CA GLY B 76 -11.61 3.74 -19.37
C GLY B 76 -10.19 4.29 -19.43
N VAL B 77 -10.01 5.51 -18.92
CA VAL B 77 -8.69 6.14 -18.91
C VAL B 77 -8.34 6.63 -17.50
N GLY B 78 -8.14 5.68 -16.59
CA GLY B 78 -7.80 6.03 -15.22
C GLY B 78 -8.99 6.23 -14.32
N ASP B 79 -10.16 6.49 -14.90
CA ASP B 79 -11.39 6.69 -14.13
C ASP B 79 -12.13 5.36 -14.09
N GLY B 80 -12.87 5.11 -13.01
CA GLY B 80 -13.60 3.87 -12.90
C GLY B 80 -12.68 2.67 -12.89
N SER B 81 -12.98 1.71 -12.02
CA SER B 81 -12.15 0.53 -11.89
C SER B 81 -12.99 -0.75 -11.93
N HIS B 82 -12.39 -1.84 -12.37
CA HIS B 82 -13.03 -3.16 -12.40
C HIS B 82 -12.78 -3.75 -11.01
N VAL B 83 -13.77 -3.69 -10.13
CA VAL B 83 -13.57 -4.26 -8.81
C VAL B 83 -14.03 -5.72 -8.69
N VAL B 84 -13.09 -6.66 -8.72
CA VAL B 84 -13.46 -8.06 -8.54
C VAL B 84 -13.04 -8.42 -7.12
N TRP B 85 -13.92 -9.09 -6.38
CA TRP B 85 -13.66 -9.48 -5.00
C TRP B 85 -13.97 -10.98 -4.83
N THR B 86 -13.09 -11.69 -4.13
CA THR B 86 -13.26 -13.12 -3.94
C THR B 86 -13.23 -13.64 -2.51
N PHE B 87 -14.18 -14.51 -2.21
CA PHE B 87 -14.26 -15.16 -0.90
C PHE B 87 -13.94 -16.64 -1.03
N HIS B 88 -12.82 -17.07 -0.46
CA HIS B 88 -12.45 -18.49 -0.46
C HIS B 88 -12.83 -18.96 0.95
N PHE B 89 -13.44 -20.13 1.06
CA PHE B 89 -13.89 -20.58 2.38
C PHE B 89 -13.94 -22.08 2.67
N GLU B 90 -13.82 -22.41 3.94
CA GLU B 90 -13.93 -23.78 4.40
C GLU B 90 -15.09 -23.74 5.37
N LYS B 91 -16.20 -24.38 4.99
CA LYS B 91 -17.39 -24.41 5.83
C LYS B 91 -17.13 -25.25 7.08
N VAL B 92 -17.73 -24.87 8.20
CA VAL B 92 -17.54 -25.65 9.42
C VAL B 92 -18.12 -27.04 9.18
N HIS B 93 -19.10 -27.11 8.28
CA HIS B 93 -19.70 -28.39 7.91
C HIS B 93 -20.44 -28.26 6.58
N LYS B 94 -20.55 -29.38 5.86
CA LYS B 94 -21.18 -29.43 4.54
C LYS B 94 -22.43 -28.59 4.28
N ASP B 95 -23.35 -28.52 5.25
CA ASP B 95 -24.56 -27.76 5.01
C ASP B 95 -24.45 -26.24 5.09
N ILE B 96 -23.29 -25.72 5.46
CA ILE B 96 -23.13 -24.27 5.52
C ILE B 96 -23.34 -23.72 4.09
N ASP B 97 -24.20 -22.71 3.97
CA ASP B 97 -24.45 -22.11 2.66
C ASP B 97 -23.23 -21.32 2.18
N ASP B 98 -23.13 -21.10 0.87
CA ASP B 98 -22.03 -20.32 0.31
C ASP B 98 -22.30 -18.91 0.86
N PRO B 99 -21.24 -18.10 1.07
CA PRO B 99 -21.34 -16.73 1.60
C PRO B 99 -22.07 -15.65 0.77
N HIS B 100 -23.29 -15.97 0.35
CA HIS B 100 -24.10 -15.05 -0.45
C HIS B 100 -24.53 -13.74 0.21
N SER B 101 -24.94 -13.80 1.48
CA SER B 101 -25.36 -12.57 2.16
C SER B 101 -24.16 -11.63 2.20
N ILE B 102 -23.15 -12.06 2.94
CA ILE B 102 -21.92 -11.30 3.11
C ILE B 102 -21.22 -10.94 1.80
N ILE B 103 -21.40 -11.74 0.75
CA ILE B 103 -20.75 -11.38 -0.49
C ILE B 103 -21.35 -10.06 -0.94
N ASP B 104 -22.63 -9.87 -0.65
CA ASP B 104 -23.32 -8.64 -1.02
C ASP B 104 -22.95 -7.54 0.00
N GLU B 105 -22.79 -7.92 1.27
CA GLU B 105 -22.41 -6.94 2.29
C GLU B 105 -21.06 -6.34 1.89
N SER B 106 -20.25 -7.13 1.19
CA SER B 106 -18.94 -6.65 0.72
C SER B 106 -19.13 -5.65 -0.42
N VAL B 107 -19.97 -6.02 -1.38
CA VAL B 107 -20.22 -5.13 -2.52
C VAL B 107 -20.73 -3.78 -2.01
N LYS B 108 -21.66 -3.80 -1.06
CA LYS B 108 -22.19 -2.57 -0.48
C LYS B 108 -21.07 -1.83 0.22
N TYR B 109 -20.22 -2.56 0.95
CA TYR B 109 -19.11 -1.93 1.64
C TYR B 109 -18.17 -1.25 0.64
N PHE B 110 -17.72 -1.99 -0.36
CA PHE B 110 -16.82 -1.41 -1.35
C PHE B 110 -17.41 -0.18 -2.02
N LYS B 111 -18.71 -0.23 -2.35
CA LYS B 111 -19.34 0.92 -3.00
C LYS B 111 -19.45 2.06 -2.00
N LYS B 112 -19.73 1.72 -0.73
CA LYS B 112 -19.81 2.74 0.31
C LYS B 112 -18.41 3.34 0.47
N LEU B 113 -17.38 2.52 0.26
CA LEU B 113 -16.02 3.00 0.33
C LEU B 113 -15.86 3.95 -0.86
N ASP B 114 -16.35 3.51 -2.02
CA ASP B 114 -16.31 4.29 -3.28
C ASP B 114 -16.88 5.72 -3.12
N GLU B 115 -18.10 5.81 -2.61
CA GLU B 115 -18.75 7.11 -2.44
C GLU B 115 -18.17 7.96 -1.30
N ALA B 116 -17.23 7.39 -0.56
CA ALA B 116 -16.60 8.10 0.55
C ALA B 116 -15.31 8.80 0.14
N ILE B 117 -14.52 8.13 -0.70
CA ILE B 117 -13.24 8.71 -1.09
C ILE B 117 -13.30 9.41 -2.43
N LEU B 118 -14.37 9.17 -3.19
CA LEU B 118 -14.53 9.80 -4.49
C LEU B 118 -14.89 11.29 -4.29
N ASN B 119 -16.05 11.54 -3.69
CA ASN B 119 -16.52 12.90 -3.46
C ASN B 119 -15.57 13.71 -2.58
N PHE B 120 -15.35 13.23 -1.35
CA PHE B 120 -14.47 13.92 -0.41
C PHE B 120 -13.05 14.00 -0.99
N SER A 1 24.52 16.73 19.68
CA SER A 1 25.26 15.68 18.92
C SER A 1 26.04 16.25 17.74
N THR A 2 26.83 15.40 17.12
CA THR A 2 27.62 15.78 15.97
C THR A 2 27.30 14.76 14.89
N LEU A 3 26.64 13.67 15.27
CA LEU A 3 26.31 12.60 14.33
C LEU A 3 24.83 12.39 14.03
N LYS A 4 23.95 13.02 14.81
CA LYS A 4 22.51 12.87 14.61
C LYS A 4 21.83 14.07 13.95
N GLY A 5 21.29 13.85 12.75
CA GLY A 5 20.60 14.91 12.04
C GLY A 5 19.66 14.38 10.97
N ALA A 6 19.16 15.29 10.14
CA ALA A 6 18.26 14.93 9.06
C ALA A 6 18.60 15.83 7.87
N LEU A 7 18.16 15.41 6.68
CA LEU A 7 18.40 16.15 5.46
C LEU A 7 17.31 15.69 4.46
N SER A 8 16.48 16.62 3.99
CA SER A 8 15.40 16.28 3.09
C SER A 8 15.20 17.24 1.92
N VAL A 9 14.50 16.74 0.90
CA VAL A 9 14.22 17.52 -0.29
C VAL A 9 12.72 17.53 -0.63
N LYS A 10 12.28 18.63 -1.21
CA LYS A 10 10.88 18.82 -1.61
C LYS A 10 10.94 19.17 -3.09
N PHE A 11 10.31 18.36 -3.93
CA PHE A 11 10.30 18.55 -5.37
C PHE A 11 8.98 18.03 -5.93
N ASP A 12 8.79 18.09 -7.25
CA ASP A 12 7.53 17.64 -7.84
C ASP A 12 7.75 16.55 -8.89
N VAL A 13 6.70 15.76 -9.12
CA VAL A 13 6.69 14.72 -10.13
C VAL A 13 5.41 14.90 -10.95
N LYS A 14 5.37 14.29 -12.13
CA LYS A 14 4.22 14.40 -13.03
C LYS A 14 3.01 13.53 -12.61
N CYS A 15 3.29 12.37 -12.04
CA CYS A 15 2.23 11.44 -11.63
C CYS A 15 1.32 11.87 -10.49
N PRO A 16 0.07 11.37 -10.47
CA PRO A 16 -0.92 11.67 -9.43
C PRO A 16 -0.41 10.97 -8.17
N ALA A 17 -0.69 11.54 -6.99
CA ALA A 17 -0.19 11.00 -5.73
C ALA A 17 -0.28 9.50 -5.48
N ASP A 18 -1.49 8.97 -5.32
CA ASP A 18 -1.66 7.54 -5.05
C ASP A 18 -0.87 6.68 -6.05
N LYS A 19 -0.97 7.01 -7.33
CA LYS A 19 -0.26 6.24 -8.34
C LYS A 19 1.24 6.30 -8.09
N PHE A 20 1.71 7.45 -7.59
CA PHE A 20 3.12 7.59 -7.30
C PHE A 20 3.53 6.89 -6.01
N PHE A 21 2.81 7.18 -4.93
CA PHE A 21 3.09 6.58 -3.63
C PHE A 21 3.02 5.05 -3.71
N SER A 22 1.92 4.55 -4.25
CA SER A 22 1.76 3.11 -4.41
C SER A 22 2.92 2.54 -5.18
N ALA A 23 3.36 3.24 -6.23
CA ALA A 23 4.50 2.77 -7.00
C ALA A 23 5.75 2.70 -6.10
N PHE A 24 5.97 3.72 -5.27
CA PHE A 24 7.15 3.72 -4.39
C PHE A 24 7.11 2.57 -3.41
N VAL A 25 6.02 2.48 -2.65
CA VAL A 25 5.88 1.40 -1.67
C VAL A 25 6.15 0.08 -2.34
N GLU A 26 5.69 -0.04 -3.58
CA GLU A 26 5.91 -1.28 -4.31
C GLU A 26 7.38 -1.50 -4.64
N ASP A 27 8.04 -0.45 -5.12
CA ASP A 27 9.45 -0.59 -5.48
C ASP A 27 10.30 -1.00 -4.28
N THR A 28 9.85 -0.66 -3.07
CA THR A 28 10.62 -1.01 -1.89
C THR A 28 10.71 -2.50 -1.58
N ASN A 29 10.00 -3.35 -2.34
CA ASN A 29 10.13 -4.79 -2.11
C ASN A 29 11.52 -5.25 -2.59
N ARG A 30 12.25 -4.34 -3.24
CA ARG A 30 13.62 -4.65 -3.71
C ARG A 30 14.60 -3.80 -2.89
N PRO A 31 15.56 -4.43 -2.20
CA PRO A 31 16.55 -3.71 -1.41
C PRO A 31 17.36 -2.72 -2.29
N PHE A 32 18.06 -1.79 -1.65
CA PHE A 32 18.84 -0.77 -2.35
C PHE A 32 20.35 -0.99 -2.38
N GLU A 33 20.74 -2.25 -2.23
CA GLU A 33 22.13 -2.68 -2.24
C GLU A 33 22.14 -4.19 -2.02
N LYS A 34 23.23 -4.84 -2.43
CA LYS A 34 23.36 -6.29 -2.31
C LYS A 34 22.99 -6.82 -0.93
N ASN A 35 23.57 -6.21 0.12
CA ASN A 35 23.28 -6.66 1.49
C ASN A 35 22.22 -5.72 2.07
N GLY A 36 21.30 -5.29 1.22
CA GLY A 36 20.28 -4.36 1.68
C GLY A 36 19.13 -4.93 2.48
N LYS A 37 18.66 -4.15 3.44
CA LYS A 37 17.52 -4.53 4.25
C LYS A 37 16.65 -3.30 4.42
N THR A 38 15.39 -3.40 4.01
CA THR A 38 14.46 -2.29 4.17
C THR A 38 13.29 -2.75 5.04
N GLU A 39 13.04 -2.00 6.12
CA GLU A 39 11.95 -2.33 7.03
C GLU A 39 10.96 -1.17 7.14
N ILE A 40 9.68 -1.48 6.93
CA ILE A 40 8.60 -0.49 7.01
C ILE A 40 8.27 -0.24 8.47
N GLU A 41 8.61 0.95 8.96
CA GLU A 41 8.34 1.31 10.35
C GLU A 41 7.01 2.03 10.51
N ALA A 42 6.59 2.74 9.46
CA ALA A 42 5.33 3.47 9.48
C ALA A 42 4.82 3.65 8.05
N VAL A 43 3.51 3.48 7.88
CA VAL A 43 2.92 3.67 6.55
C VAL A 43 1.44 4.03 6.62
N ASP A 44 1.01 4.91 5.71
CA ASP A 44 -0.38 5.33 5.62
C ASP A 44 -0.73 5.42 4.14
N LEU A 45 -1.41 4.40 3.63
CA LEU A 45 -1.77 4.36 2.22
C LEU A 45 -2.76 5.44 1.80
N VAL A 46 -3.44 6.07 2.77
CA VAL A 46 -4.38 7.13 2.46
C VAL A 46 -3.65 8.47 2.53
N LYS A 47 -2.87 8.68 3.58
CA LYS A 47 -2.11 9.93 3.71
C LYS A 47 -0.94 9.96 2.73
N LYS A 48 -0.64 8.81 2.10
CA LYS A 48 0.46 8.75 1.15
C LYS A 48 1.76 9.14 1.88
N THR A 49 2.02 8.46 2.99
CA THR A 49 3.22 8.73 3.78
C THR A 49 3.83 7.42 4.20
N THR A 51 7.58 5.74 6.50
CA THR A 51 8.93 5.81 7.04
C THR A 51 9.53 4.42 6.95
N ILE A 52 10.70 4.33 6.34
CA ILE A 52 11.42 3.06 6.21
C ILE A 52 12.76 3.12 6.93
N GLN A 53 13.22 1.97 7.41
CA GLN A 53 14.51 1.85 8.07
C GLN A 53 15.38 1.11 7.07
N SER A 55 19.34 -0.41 5.89
CA SER A 55 20.63 -0.85 6.37
C SER A 55 21.32 -1.81 5.42
N GLY A 56 22.60 -2.06 5.68
CA GLY A 56 23.39 -2.94 4.85
C GLY A 56 24.85 -2.71 5.19
N SER A 57 25.75 -3.47 4.58
CA SER A 57 27.17 -3.32 4.87
C SER A 57 27.73 -1.98 4.39
N GLU A 58 27.24 -1.50 3.26
CA GLU A 58 27.73 -0.23 2.74
C GLU A 58 27.18 0.98 3.51
N ILE A 59 25.87 1.12 3.57
CA ILE A 59 25.28 2.26 4.28
C ILE A 59 25.77 2.38 5.73
N GLN A 60 25.96 1.25 6.39
CA GLN A 60 26.43 1.22 7.78
C GLN A 60 27.86 1.76 7.93
N LYS A 61 28.62 1.80 6.83
CA LYS A 61 29.97 2.33 6.94
C LYS A 61 29.87 3.84 7.22
N TYR A 62 28.74 4.44 6.87
CA TYR A 62 28.56 5.88 7.08
C TYR A 62 27.53 6.26 8.11
N PHE A 63 26.48 5.45 8.21
CA PHE A 63 25.41 5.72 9.17
C PHE A 63 25.08 4.50 10.03
N LYS A 64 25.09 4.69 11.35
CA LYS A 64 24.76 3.61 12.28
C LYS A 64 23.27 3.35 12.14
N THR A 65 22.54 4.38 11.74
CA THR A 65 21.09 4.28 11.56
C THR A 65 20.65 5.23 10.46
N LEU A 66 19.87 4.70 9.51
CA LEU A 66 19.33 5.50 8.40
C LEU A 66 17.87 5.14 8.14
N LYS A 67 17.03 6.17 8.18
CA LYS A 67 15.61 6.01 7.90
C LYS A 67 15.26 7.02 6.83
N GLY A 68 14.29 6.68 6.01
CA GLY A 68 13.84 7.57 4.95
C GLY A 68 12.34 7.69 5.02
N SER A 69 11.83 8.91 4.94
CA SER A 69 10.39 9.13 4.99
C SER A 69 9.95 9.87 3.73
N ILE A 70 8.82 9.45 3.15
CA ILE A 70 8.30 10.10 1.96
C ILE A 70 7.06 10.92 2.29
N ALA A 71 6.70 11.80 1.36
CA ALA A 71 5.52 12.63 1.42
C ALA A 71 5.13 12.87 -0.05
N VAL A 72 3.91 12.49 -0.39
CA VAL A 72 3.41 12.64 -1.77
C VAL A 72 2.02 13.23 -1.66
N THR A 73 1.86 14.46 -2.13
CA THR A 73 0.55 15.11 -2.09
C THR A 73 0.16 15.69 -3.45
N PRO A 74 -1.14 15.84 -3.70
CA PRO A 74 -1.61 16.40 -4.96
C PRO A 74 -1.08 17.83 -5.12
N ILE A 75 -0.74 18.22 -6.35
CA ILE A 75 -0.28 19.58 -6.65
C ILE A 75 -1.49 20.47 -6.92
N GLY A 76 -2.59 19.86 -7.34
CA GLY A 76 -3.80 20.61 -7.63
C GLY A 76 -4.93 19.68 -8.02
N VAL A 77 -5.14 19.53 -9.32
CA VAL A 77 -6.18 18.64 -9.84
C VAL A 77 -5.69 18.10 -11.19
N GLY A 78 -5.14 16.89 -11.19
CA GLY A 78 -4.62 16.30 -12.40
C GLY A 78 -3.41 17.11 -12.84
N ASP A 79 -2.72 17.70 -11.85
CA ASP A 79 -1.54 18.55 -12.09
C ASP A 79 -0.22 17.97 -11.55
N GLY A 80 -0.21 16.70 -11.16
CA GLY A 80 1.02 16.11 -10.65
C GLY A 80 1.05 16.00 -9.13
N SER A 81 2.24 15.74 -8.57
CA SER A 81 2.36 15.58 -7.13
C SER A 81 3.62 16.22 -6.55
N HIS A 82 3.51 16.65 -5.29
CA HIS A 82 4.64 17.22 -4.57
C HIS A 82 5.26 16.06 -3.82
N VAL A 83 6.57 15.91 -3.93
CA VAL A 83 7.29 14.85 -3.23
C VAL A 83 8.36 15.44 -2.31
N VAL A 84 8.31 15.06 -1.03
CA VAL A 84 9.31 15.47 -0.04
C VAL A 84 9.91 14.16 0.46
N TRP A 85 11.24 14.08 0.46
CA TRP A 85 11.92 12.87 0.93
C TRP A 85 12.92 13.24 2.02
N THR A 86 12.72 12.67 3.20
CA THR A 86 13.56 12.99 4.34
C THR A 86 14.45 11.85 4.79
N PHE A 87 15.75 12.14 4.87
CA PHE A 87 16.70 11.17 5.38
C PHE A 87 16.98 11.52 6.85
N HIS A 88 16.61 10.62 7.77
CA HIS A 88 16.84 10.79 9.21
C HIS A 88 18.07 9.91 9.48
N PHE A 89 19.11 10.46 10.10
CA PHE A 89 20.33 9.66 10.29
C PHE A 89 21.15 9.84 11.56
N GLU A 90 22.00 8.84 11.79
CA GLU A 90 22.97 8.85 12.88
C GLU A 90 24.25 8.36 12.19
N LYS A 91 25.22 9.26 12.06
CA LYS A 91 26.49 8.92 11.41
C LYS A 91 27.36 8.10 12.34
N VAL A 92 28.32 7.37 11.79
CA VAL A 92 29.19 6.57 12.65
C VAL A 92 30.10 7.48 13.46
N HIS A 93 30.51 8.60 12.87
CA HIS A 93 31.35 9.59 13.57
C HIS A 93 31.07 10.96 12.94
N LYS A 94 31.30 12.02 13.71
CA LYS A 94 31.02 13.39 13.29
C LYS A 94 31.59 13.89 11.95
N ASP A 95 32.65 13.27 11.44
CA ASP A 95 33.21 13.72 10.19
C ASP A 95 32.46 13.21 8.96
N ILE A 96 31.53 12.28 9.15
CA ILE A 96 30.75 11.77 8.02
C ILE A 96 29.99 12.96 7.42
N ASP A 97 29.96 13.05 6.09
CA ASP A 97 29.25 14.15 5.43
C ASP A 97 27.71 13.98 5.53
N ASP A 98 26.98 15.09 5.52
CA ASP A 98 25.52 14.99 5.54
C ASP A 98 25.26 14.36 4.17
N PRO A 99 24.34 13.38 4.09
CA PRO A 99 23.96 12.63 2.88
C PRO A 99 23.38 13.38 1.68
N HIS A 100 24.06 14.45 1.28
CA HIS A 100 23.64 15.27 0.14
C HIS A 100 23.66 14.50 -1.18
N SER A 101 24.73 13.77 -1.46
CA SER A 101 24.81 13.03 -2.72
C SER A 101 23.75 11.94 -2.79
N ILE A 102 23.68 11.11 -1.76
CA ILE A 102 22.70 10.03 -1.74
C ILE A 102 21.26 10.56 -1.88
N ILE A 103 20.97 11.71 -1.30
CA ILE A 103 19.60 12.22 -1.42
C ILE A 103 19.36 12.81 -2.81
N ASP A 104 20.39 13.39 -3.43
CA ASP A 104 20.24 13.91 -4.77
C ASP A 104 20.00 12.69 -5.71
N GLU A 105 20.69 11.60 -5.41
CA GLU A 105 20.52 10.38 -6.19
C GLU A 105 19.11 9.79 -5.94
N SER A 106 18.61 9.92 -4.71
CA SER A 106 17.26 9.42 -4.40
C SER A 106 16.27 10.20 -5.25
N VAL A 107 16.54 11.50 -5.43
CA VAL A 107 15.66 12.36 -6.24
C VAL A 107 15.62 11.87 -7.70
N LYS A 108 16.79 11.55 -8.27
CA LYS A 108 16.84 11.07 -9.65
C LYS A 108 16.11 9.75 -9.73
N TYR A 109 16.14 9.00 -8.64
CA TYR A 109 15.48 7.72 -8.58
C TYR A 109 13.97 7.94 -8.60
N PHE A 110 13.50 8.88 -7.78
CA PHE A 110 12.08 9.16 -7.72
C PHE A 110 11.53 9.69 -9.06
N LYS A 111 12.32 10.50 -9.77
CA LYS A 111 11.86 11.05 -11.05
C LYS A 111 11.94 10.00 -12.17
N LYS A 112 12.92 9.09 -12.10
CA LYS A 112 13.04 8.03 -13.09
C LYS A 112 11.86 7.08 -12.90
N LEU A 113 11.42 6.99 -11.65
CA LEU A 113 10.29 6.16 -11.29
C LEU A 113 9.03 6.81 -11.85
N ASP A 114 8.97 8.15 -11.78
CA ASP A 114 7.83 8.95 -12.26
C ASP A 114 7.61 8.65 -13.77
N GLU A 115 8.69 8.64 -14.53
CA GLU A 115 8.64 8.39 -15.98
C GLU A 115 8.24 6.95 -16.35
N ALA A 116 8.59 6.00 -15.50
CA ALA A 116 8.28 4.58 -15.73
C ALA A 116 6.79 4.29 -15.52
N ILE A 117 6.25 4.78 -14.41
CA ILE A 117 4.84 4.52 -14.12
C ILE A 117 3.96 5.35 -15.03
N LEU A 118 4.51 6.45 -15.52
CA LEU A 118 3.78 7.36 -16.40
C LEU A 118 3.84 6.97 -17.88
N ASN A 119 4.87 6.24 -18.27
CA ASN A 119 5.03 5.83 -19.66
C ASN A 119 4.88 4.32 -19.84
N PHE A 120 4.42 3.64 -18.80
CA PHE A 120 4.24 2.20 -18.88
C PHE A 120 2.89 1.88 -19.51
N SER B 1 -13.64 -32.05 -2.04
CA SER B 1 -14.06 -31.58 -0.68
C SER B 1 -15.50 -31.11 -0.64
N THR B 2 -16.17 -31.39 0.47
CA THR B 2 -17.57 -31.00 0.65
C THR B 2 -17.69 -29.59 1.23
N LEU B 3 -16.74 -29.22 2.09
CA LEU B 3 -16.75 -27.91 2.76
C LEU B 3 -15.94 -26.79 2.11
N LYS B 4 -15.06 -27.14 1.16
CA LYS B 4 -14.22 -26.14 0.51
C LYS B 4 -14.82 -25.55 -0.75
N GLY B 5 -14.81 -24.23 -0.84
CA GLY B 5 -15.36 -23.56 -2.01
C GLY B 5 -14.96 -22.09 -2.09
N ALA B 6 -15.44 -21.41 -3.12
CA ALA B 6 -15.14 -19.98 -3.30
C ALA B 6 -16.35 -19.29 -3.91
N LEU B 7 -16.44 -17.98 -3.69
CA LEU B 7 -17.55 -17.19 -4.20
C LEU B 7 -16.93 -15.87 -4.62
N SER B 8 -17.18 -15.47 -5.87
CA SER B 8 -16.59 -14.24 -6.40
C SER B 8 -17.58 -13.32 -7.10
N VAL B 9 -17.42 -12.03 -6.86
CA VAL B 9 -18.28 -11.03 -7.48
C VAL B 9 -17.40 -9.99 -8.16
N LYS B 10 -17.78 -9.66 -9.40
CA LYS B 10 -17.07 -8.67 -10.21
C LYS B 10 -18.02 -7.52 -10.50
N PHE B 11 -17.62 -6.31 -10.11
CA PHE B 11 -18.41 -5.10 -10.30
C PHE B 11 -17.48 -3.95 -10.64
N ASP B 12 -18.05 -2.75 -10.81
CA ASP B 12 -17.25 -1.58 -11.14
C ASP B 12 -17.48 -0.44 -10.16
N VAL B 13 -16.48 0.44 -10.02
CA VAL B 13 -16.55 1.61 -9.14
C VAL B 13 -16.04 2.79 -9.96
N LYS B 14 -16.37 4.01 -9.54
CA LYS B 14 -15.97 5.23 -10.26
C LYS B 14 -14.59 5.77 -9.87
N CYS B 15 -14.03 5.24 -8.78
CA CYS B 15 -12.71 5.68 -8.31
C CYS B 15 -11.57 5.12 -9.14
N PRO B 16 -10.39 5.79 -9.08
CA PRO B 16 -9.21 5.33 -9.83
C PRO B 16 -8.73 4.12 -9.01
N ALA B 17 -8.11 3.16 -9.68
CA ALA B 17 -7.67 1.92 -9.02
C ALA B 17 -6.70 2.04 -7.87
N ASP B 18 -5.68 2.89 -8.01
CA ASP B 18 -4.71 3.02 -6.95
C ASP B 18 -5.28 3.73 -5.73
N LYS B 19 -6.11 4.76 -5.94
CA LYS B 19 -6.71 5.48 -4.81
C LYS B 19 -7.69 4.57 -4.07
N PHE B 20 -8.54 3.88 -4.83
CA PHE B 20 -9.53 2.98 -4.24
C PHE B 20 -8.87 1.86 -3.46
N PHE B 21 -7.88 1.21 -4.07
CA PHE B 21 -7.14 0.11 -3.45
C PHE B 21 -6.43 0.52 -2.16
N SER B 22 -5.61 1.58 -2.23
CA SER B 22 -4.90 2.05 -1.04
C SER B 22 -5.81 2.25 0.17
N ALA B 23 -6.94 2.93 -0.04
CA ALA B 23 -7.90 3.15 1.06
C ALA B 23 -8.37 1.80 1.60
N PHE B 24 -8.63 0.85 0.71
CA PHE B 24 -9.07 -0.48 1.13
C PHE B 24 -8.02 -1.14 2.02
N VAL B 25 -6.79 -1.21 1.54
CA VAL B 25 -5.70 -1.83 2.32
C VAL B 25 -5.57 -1.10 3.65
N GLU B 26 -5.61 0.24 3.58
CA GLU B 26 -5.48 1.03 4.79
C GLU B 26 -6.66 0.82 5.73
N ASP B 27 -7.87 0.73 5.17
CA ASP B 27 -9.07 0.54 5.99
C ASP B 27 -9.08 -0.84 6.67
N THR B 28 -8.35 -1.82 6.12
CA THR B 28 -8.35 -3.15 6.75
C THR B 28 -7.64 -3.14 8.10
N ASN B 29 -7.03 -2.02 8.46
CA ASN B 29 -6.40 -1.91 9.76
C ASN B 29 -7.51 -1.95 10.82
N ARG B 30 -8.74 -1.59 10.41
CA ARG B 30 -9.86 -1.65 11.35
C ARG B 30 -10.48 -3.03 11.25
N PRO B 31 -10.72 -3.69 12.39
CA PRO B 31 -11.34 -5.01 12.35
C PRO B 31 -12.69 -4.91 11.63
N PHE B 32 -13.14 -5.99 11.00
CA PHE B 32 -14.40 -5.98 10.26
C PHE B 32 -15.63 -6.23 11.11
N GLU B 33 -15.43 -6.73 12.32
CA GLU B 33 -16.51 -7.00 13.26
C GLU B 33 -15.94 -6.70 14.66
N LYS B 34 -16.83 -6.62 15.63
CA LYS B 34 -16.49 -6.33 17.02
C LYS B 34 -15.13 -6.89 17.42
N ASN B 35 -14.98 -8.21 17.33
CA ASN B 35 -13.72 -8.86 17.68
C ASN B 35 -13.04 -9.51 16.47
N GLY B 36 -13.26 -8.92 15.30
CA GLY B 36 -12.67 -9.45 14.08
C GLY B 36 -11.14 -9.44 14.04
N LYS B 37 -10.58 -10.34 13.23
CA LYS B 37 -9.14 -10.43 13.08
C LYS B 37 -8.84 -10.55 11.57
N THR B 38 -8.09 -9.60 11.05
CA THR B 38 -7.71 -9.59 9.65
C THR B 38 -6.20 -9.73 9.57
N GLU B 39 -5.73 -10.64 8.71
CA GLU B 39 -4.30 -10.83 8.53
C GLU B 39 -4.00 -10.76 7.04
N ILE B 40 -3.06 -9.91 6.66
CA ILE B 40 -2.68 -9.79 5.26
C ILE B 40 -1.82 -11.00 4.91
N GLU B 41 -2.27 -11.77 3.91
CA GLU B 41 -1.56 -12.96 3.46
C GLU B 41 -0.71 -12.65 2.24
N ALA B 42 -1.17 -11.70 1.42
CA ALA B 42 -0.45 -11.29 0.21
C ALA B 42 -0.95 -9.95 -0.27
N VAL B 43 -0.04 -9.10 -0.70
CA VAL B 43 -0.42 -7.79 -1.22
C VAL B 43 0.61 -7.33 -2.22
N ASP B 44 0.16 -6.58 -3.24
CA ASP B 44 1.03 -6.04 -4.28
C ASP B 44 0.54 -4.62 -4.58
N LEU B 45 1.34 -3.61 -4.22
CA LEU B 45 0.97 -2.22 -4.41
C LEU B 45 0.69 -1.82 -5.87
N VAL B 46 1.47 -2.35 -6.81
CA VAL B 46 1.25 -2.02 -8.23
C VAL B 46 0.21 -2.91 -8.91
N LYS B 47 0.21 -4.21 -8.60
CA LYS B 47 -0.76 -5.11 -9.21
C LYS B 47 -2.17 -4.86 -8.66
N LYS B 48 -2.24 -4.21 -7.51
CA LYS B 48 -3.53 -3.88 -6.88
C LYS B 48 -4.35 -5.07 -6.36
N THR B 49 -3.67 -6.14 -5.93
CA THR B 49 -4.37 -7.30 -5.38
C THR B 49 -3.93 -7.48 -3.92
N THR B 51 -4.64 -10.59 -0.51
CA THR B 51 -5.39 -11.65 0.13
C THR B 51 -5.29 -11.46 1.65
N ILE B 52 -6.34 -11.82 2.37
CA ILE B 52 -6.36 -11.71 3.81
C ILE B 52 -7.32 -12.73 4.39
N GLN B 53 -7.21 -12.97 5.70
CA GLN B 53 -8.13 -13.88 6.37
C GLN B 53 -8.99 -13.04 7.30
N SER B 55 -11.12 -14.01 10.37
CA SER B 55 -11.57 -15.00 11.34
C SER B 55 -11.95 -14.31 12.64
N GLY B 56 -13.25 -14.03 12.78
CA GLY B 56 -13.77 -13.39 13.97
C GLY B 56 -14.88 -14.20 14.59
N SER B 57 -15.25 -13.86 15.83
CA SER B 57 -16.30 -14.58 16.55
C SER B 57 -17.39 -15.08 15.61
N GLU B 58 -18.08 -14.16 14.95
CA GLU B 58 -19.16 -14.54 14.05
C GLU B 58 -18.69 -15.44 12.90
N ILE B 59 -17.84 -14.92 12.02
CA ILE B 59 -17.33 -15.69 10.89
C ILE B 59 -16.95 -17.12 11.25
N GLN B 60 -16.22 -17.26 12.34
CA GLN B 60 -15.74 -18.55 12.81
C GLN B 60 -16.84 -19.56 13.08
N LYS B 61 -18.07 -19.10 13.25
CA LYS B 61 -19.18 -20.00 13.50
C LYS B 61 -19.53 -20.72 12.20
N TYR B 62 -19.32 -20.03 11.08
CA TYR B 62 -19.63 -20.57 9.76
C TYR B 62 -18.43 -21.13 9.01
N PHE B 63 -17.29 -20.45 9.10
CA PHE B 63 -16.10 -20.88 8.39
C PHE B 63 -14.88 -21.19 9.26
N LYS B 64 -14.17 -22.26 8.91
CA LYS B 64 -12.96 -22.67 9.62
C LYS B 64 -11.80 -21.84 9.06
N THR B 65 -11.96 -21.38 7.82
CA THR B 65 -10.95 -20.57 7.17
C THR B 65 -11.58 -19.70 6.10
N LEU B 66 -11.84 -18.44 6.43
CA LEU B 66 -12.42 -17.50 5.48
C LEU B 66 -11.36 -16.51 5.04
N LYS B 67 -11.04 -16.54 3.75
CA LYS B 67 -10.06 -15.63 3.21
C LYS B 67 -10.77 -14.76 2.16
N GLY B 68 -10.20 -13.59 1.90
CA GLY B 68 -10.77 -12.69 0.92
C GLY B 68 -9.68 -12.14 0.02
N SER B 69 -9.91 -12.21 -1.29
CA SER B 69 -8.94 -11.73 -2.25
C SER B 69 -9.51 -10.63 -3.13
N ILE B 70 -8.79 -9.50 -3.19
CA ILE B 70 -9.20 -8.39 -4.02
C ILE B 70 -8.30 -8.23 -5.25
N ALA B 71 -8.90 -7.71 -6.33
CA ALA B 71 -8.18 -7.43 -7.56
C ALA B 71 -8.89 -6.24 -8.17
N VAL B 72 -8.18 -5.12 -8.31
CA VAL B 72 -8.76 -3.90 -8.86
C VAL B 72 -8.18 -3.61 -10.23
N THR B 73 -9.01 -3.11 -11.13
CA THR B 73 -8.52 -2.80 -12.47
C THR B 73 -9.17 -1.57 -13.09
N PRO B 74 -8.36 -0.55 -13.40
CA PRO B 74 -8.85 0.69 -14.00
C PRO B 74 -9.66 0.41 -15.26
N ILE B 75 -10.76 1.14 -15.43
CA ILE B 75 -11.58 1.00 -16.62
C ILE B 75 -11.01 1.93 -17.68
N GLY B 76 -11.45 3.19 -17.67
CA GLY B 76 -10.96 4.16 -18.64
C GLY B 76 -10.15 5.31 -18.04
N VAL B 77 -10.47 6.53 -18.46
CA VAL B 77 -9.76 7.71 -17.99
C VAL B 77 -10.69 8.63 -17.20
N GLY B 78 -10.67 8.49 -15.88
CA GLY B 78 -11.51 9.31 -15.03
C GLY B 78 -12.77 8.61 -14.57
N ASP B 79 -13.34 7.77 -15.44
CA ASP B 79 -14.56 7.05 -15.09
C ASP B 79 -14.44 6.29 -13.77
N GLY B 80 -13.58 5.28 -13.74
CA GLY B 80 -13.40 4.47 -12.53
C GLY B 80 -12.71 3.14 -12.80
N SER B 81 -13.24 2.05 -12.23
CA SER B 81 -12.61 0.75 -12.43
C SER B 81 -13.41 -0.48 -12.01
N HIS B 82 -12.93 -1.63 -12.48
CA HIS B 82 -13.51 -2.95 -12.18
C HIS B 82 -12.94 -3.38 -10.84
N VAL B 83 -13.76 -4.07 -10.06
CA VAL B 83 -13.31 -4.60 -8.78
C VAL B 83 -13.81 -6.04 -8.63
N VAL B 84 -12.89 -7.01 -8.62
CA VAL B 84 -13.29 -8.39 -8.42
C VAL B 84 -12.94 -8.74 -6.97
N TRP B 85 -13.91 -9.24 -6.23
CA TRP B 85 -13.72 -9.61 -4.83
C TRP B 85 -14.23 -11.04 -4.64
N THR B 86 -13.42 -11.85 -3.98
CA THR B 86 -13.77 -13.24 -3.77
C THR B 86 -13.47 -13.80 -2.38
N PHE B 87 -14.30 -14.74 -1.95
CA PHE B 87 -14.11 -15.41 -0.68
C PHE B 87 -13.68 -16.85 -0.96
N HIS B 88 -12.52 -17.23 -0.43
CA HIS B 88 -12.02 -18.60 -0.56
C HIS B 88 -12.29 -19.14 0.83
N PHE B 89 -13.06 -20.23 0.93
CA PHE B 89 -13.43 -20.73 2.25
C PHE B 89 -13.48 -22.24 2.44
N GLU B 90 -13.59 -22.61 3.72
CA GLU B 90 -13.74 -23.99 4.14
C GLU B 90 -14.80 -23.85 5.23
N LYS B 91 -15.98 -24.41 4.97
CA LYS B 91 -17.10 -24.33 5.91
C LYS B 91 -16.91 -25.21 7.14
N VAL B 92 -17.69 -24.92 8.18
CA VAL B 92 -17.62 -25.69 9.42
C VAL B 92 -18.58 -26.88 9.26
N HIS B 93 -19.51 -26.75 8.32
CA HIS B 93 -20.46 -27.81 8.03
C HIS B 93 -21.27 -27.53 6.76
N LYS B 94 -21.51 -28.58 5.98
CA LYS B 94 -22.24 -28.47 4.72
C LYS B 94 -23.69 -28.07 4.94
N ASP B 95 -24.02 -27.67 6.16
CA ASP B 95 -25.37 -27.26 6.50
C ASP B 95 -25.58 -25.78 6.13
N ILE B 96 -24.51 -25.11 5.70
CA ILE B 96 -24.62 -23.71 5.31
C ILE B 96 -24.16 -23.52 3.86
N ASP B 97 -24.94 -22.79 3.08
CA ASP B 97 -24.62 -22.57 1.67
C ASP B 97 -23.53 -21.51 1.51
N ASP B 98 -23.07 -21.32 0.28
CA ASP B 98 -22.04 -20.34 -0.02
C ASP B 98 -22.50 -18.99 0.57
N PRO B 99 -21.56 -18.15 1.01
CA PRO B 99 -21.80 -16.82 1.62
C PRO B 99 -22.24 -15.64 0.73
N HIS B 100 -23.44 -15.75 0.16
CA HIS B 100 -23.99 -14.72 -0.71
C HIS B 100 -24.37 -13.44 0.05
N SER B 101 -25.12 -13.58 1.14
CA SER B 101 -25.51 -12.39 1.91
C SER B 101 -24.26 -11.58 2.18
N ILE B 102 -23.34 -12.19 2.93
CA ILE B 102 -22.08 -11.56 3.29
C ILE B 102 -21.36 -10.89 2.14
N ILE B 103 -21.17 -11.60 1.02
CA ILE B 103 -20.45 -11.00 -0.10
C ILE B 103 -21.18 -9.81 -0.70
N ASP B 104 -22.51 -9.88 -0.74
CA ASP B 104 -23.31 -8.79 -1.28
C ASP B 104 -23.15 -7.57 -0.35
N GLU B 105 -22.95 -7.84 0.93
CA GLU B 105 -22.76 -6.79 1.92
C GLU B 105 -21.35 -6.23 1.74
N SER B 106 -20.38 -7.10 1.46
CA SER B 106 -19.01 -6.62 1.25
C SER B 106 -19.04 -5.69 0.05
N VAL B 107 -19.92 -6.00 -0.89
CA VAL B 107 -20.08 -5.19 -2.10
C VAL B 107 -20.60 -3.79 -1.77
N LYS B 108 -21.61 -3.73 -0.91
CA LYS B 108 -22.17 -2.44 -0.50
C LYS B 108 -21.06 -1.60 0.13
N TYR B 109 -20.18 -2.26 0.88
CA TYR B 109 -19.07 -1.58 1.54
C TYR B 109 -18.13 -0.96 0.49
N PHE B 110 -17.79 -1.73 -0.52
CA PHE B 110 -16.89 -1.24 -1.56
C PHE B 110 -17.49 -0.09 -2.39
N LYS B 111 -18.81 -0.03 -2.49
CA LYS B 111 -19.46 1.04 -3.26
C LYS B 111 -19.41 2.36 -2.47
N LYS B 112 -19.54 2.29 -1.15
CA LYS B 112 -19.46 3.51 -0.33
C LYS B 112 -17.99 3.96 -0.29
N LEU B 113 -17.06 3.02 -0.45
CA LEU B 113 -15.65 3.41 -0.45
C LEU B 113 -15.48 4.34 -1.64
N ASP B 114 -15.99 3.89 -2.80
CA ASP B 114 -15.91 4.66 -4.02
C ASP B 114 -16.45 6.08 -3.77
N GLU B 115 -17.63 6.16 -3.17
CA GLU B 115 -18.26 7.45 -2.88
C GLU B 115 -17.57 8.19 -1.73
N ALA B 116 -17.27 7.48 -0.66
CA ALA B 116 -16.63 8.09 0.49
C ALA B 116 -15.33 8.79 0.11
N ILE B 117 -14.55 8.18 -0.76
CA ILE B 117 -13.27 8.76 -1.13
C ILE B 117 -13.28 9.48 -2.48
N LEU B 118 -14.33 9.27 -3.26
CA LEU B 118 -14.44 9.92 -4.56
C LEU B 118 -14.44 11.44 -4.32
N ASN B 119 -15.30 11.88 -3.41
CA ASN B 119 -15.44 13.30 -3.05
C ASN B 119 -14.58 13.61 -1.83
N PHE B 120 -13.40 14.17 -2.05
CA PHE B 120 -12.54 14.52 -0.93
C PHE B 120 -11.33 15.33 -1.38
N SER A 1 25.32 17.93 19.68
CA SER A 1 26.29 16.84 19.34
C SER A 1 26.69 16.88 17.86
N THR A 2 27.02 15.72 17.31
CA THR A 2 27.45 15.64 15.91
C THR A 2 27.32 14.23 15.31
N LEU A 3 26.10 13.72 15.27
CA LEU A 3 25.82 12.41 14.70
C LEU A 3 24.37 12.25 14.24
N LYS A 4 23.44 12.88 14.94
CA LYS A 4 22.02 12.80 14.63
C LYS A 4 21.56 13.93 13.71
N GLY A 5 20.58 13.65 12.86
CA GLY A 5 20.06 14.67 11.97
C GLY A 5 19.15 14.14 10.88
N ALA A 6 19.02 14.90 9.79
CA ALA A 6 18.18 14.50 8.68
C ALA A 6 18.37 15.47 7.53
N LEU A 7 17.75 15.16 6.40
CA LEU A 7 17.85 16.01 5.22
C LEU A 7 16.64 15.78 4.34
N SER A 8 15.99 16.88 3.94
CA SER A 8 14.79 16.83 3.12
C SER A 8 14.99 17.62 1.85
N VAL A 9 14.52 17.07 0.74
CA VAL A 9 14.66 17.70 -0.54
C VAL A 9 13.37 17.61 -1.34
N LYS A 10 12.43 18.50 -1.06
CA LYS A 10 11.12 18.54 -1.75
C LYS A 10 11.29 18.86 -3.22
N PHE A 11 10.57 18.13 -4.08
CA PHE A 11 10.63 18.31 -5.53
C PHE A 11 9.29 17.86 -6.11
N ASP A 12 9.13 17.92 -7.42
CA ASP A 12 7.87 17.53 -8.04
C ASP A 12 8.06 16.43 -9.10
N VAL A 13 6.94 15.78 -9.42
CA VAL A 13 6.87 14.74 -10.44
C VAL A 13 5.53 14.91 -11.14
N LYS A 14 5.33 14.22 -12.26
CA LYS A 14 4.09 14.33 -13.02
C LYS A 14 3.03 13.29 -12.66
N CYS A 15 3.45 12.18 -12.06
CA CYS A 15 2.52 11.10 -11.68
C CYS A 15 1.43 11.45 -10.67
N PRO A 16 0.28 10.76 -10.75
CA PRO A 16 -0.86 10.97 -9.83
C PRO A 16 -0.31 10.60 -8.47
N ALA A 17 -0.76 11.27 -7.41
CA ALA A 17 -0.21 10.99 -6.09
C ALA A 17 -0.26 9.52 -5.67
N ASP A 18 -1.45 8.99 -5.38
CA ASP A 18 -1.57 7.60 -4.94
C ASP A 18 -0.88 6.64 -5.90
N LYS A 19 -0.92 6.95 -7.19
CA LYS A 19 -0.29 6.09 -8.20
C LYS A 19 1.22 6.06 -7.99
N PHE A 20 1.86 7.21 -8.17
CA PHE A 20 3.31 7.29 -8.01
C PHE A 20 3.72 6.76 -6.65
N PHE A 21 2.99 7.17 -5.62
CA PHE A 21 3.26 6.75 -4.26
C PHE A 21 3.16 5.24 -4.07
N SER A 22 2.31 4.61 -4.88
CA SER A 22 2.11 3.15 -4.81
C SER A 22 3.24 2.39 -5.47
N ALA A 23 3.69 2.87 -6.63
CA ALA A 23 4.81 2.22 -7.30
C ALA A 23 6.02 2.17 -6.36
N PHE A 24 6.23 3.26 -5.61
CA PHE A 24 7.35 3.35 -4.68
C PHE A 24 7.28 2.29 -3.59
N VAL A 25 6.17 2.26 -2.88
CA VAL A 25 5.96 1.27 -1.81
C VAL A 25 6.25 -0.12 -2.35
N GLU A 26 5.66 -0.46 -3.49
CA GLU A 26 5.88 -1.77 -4.04
C GLU A 26 7.36 -1.95 -4.43
N ASP A 27 7.95 -0.90 -4.98
CA ASP A 27 9.35 -0.98 -5.39
C ASP A 27 10.28 -1.21 -4.20
N THR A 28 9.88 -0.78 -3.01
CA THR A 28 10.74 -0.99 -1.84
C THR A 28 10.96 -2.47 -1.52
N ASN A 29 10.16 -3.36 -2.12
CA ASN A 29 10.39 -4.80 -1.91
C ASN A 29 11.82 -5.16 -2.33
N ARG A 30 12.44 -4.25 -3.08
CA ARG A 30 13.81 -4.45 -3.56
C ARG A 30 14.76 -3.73 -2.61
N PRO A 31 15.71 -4.47 -1.99
CA PRO A 31 16.65 -3.82 -1.09
C PRO A 31 17.42 -2.77 -1.93
N PHE A 32 17.73 -1.64 -1.31
CA PHE A 32 18.44 -0.56 -1.99
C PHE A 32 19.89 -0.89 -2.29
N GLU A 33 20.36 -1.98 -1.67
CA GLU A 33 21.73 -2.46 -1.86
C GLU A 33 21.74 -3.99 -1.74
N LYS A 34 22.72 -4.59 -2.41
CA LYS A 34 22.91 -6.04 -2.46
C LYS A 34 22.77 -6.80 -1.14
N ASN A 35 23.39 -6.31 -0.07
CA ASN A 35 23.31 -7.01 1.22
C ASN A 35 22.27 -6.39 2.17
N GLY A 36 21.64 -5.32 1.69
CA GLY A 36 20.67 -4.59 2.50
C GLY A 36 19.28 -5.17 2.62
N LYS A 37 18.47 -4.52 3.44
CA LYS A 37 17.11 -4.95 3.69
C LYS A 37 16.33 -3.68 4.02
N THR A 38 15.00 -3.76 3.99
CA THR A 38 14.20 -2.59 4.32
C THR A 38 13.06 -2.89 5.30
N GLU A 39 12.99 -2.09 6.36
CA GLU A 39 11.96 -2.24 7.38
C GLU A 39 10.95 -1.10 7.22
N ILE A 40 9.66 -1.44 7.26
CA ILE A 40 8.59 -0.44 7.14
C ILE A 40 8.27 0.02 8.56
N GLU A 41 8.76 1.22 8.92
CA GLU A 41 8.51 1.76 10.25
C GLU A 41 7.04 2.15 10.35
N ALA A 42 6.66 3.26 9.74
CA ALA A 42 5.27 3.71 9.75
C ALA A 42 4.80 3.80 8.30
N VAL A 43 3.48 3.74 8.08
CA VAL A 43 2.94 3.83 6.73
C VAL A 43 1.45 4.17 6.72
N ASP A 44 1.03 4.93 5.70
CA ASP A 44 -0.37 5.32 5.56
C ASP A 44 -0.70 5.49 4.06
N LEU A 45 -1.46 4.54 3.52
CA LEU A 45 -1.82 4.58 2.11
C LEU A 45 -2.93 5.58 1.76
N VAL A 46 -3.33 6.39 2.74
CA VAL A 46 -4.34 7.43 2.51
C VAL A 46 -3.60 8.75 2.41
N LYS A 47 -2.85 9.10 3.45
CA LYS A 47 -2.08 10.35 3.42
C LYS A 47 -0.85 10.19 2.52
N LYS A 48 -0.50 8.94 2.21
CA LYS A 48 0.65 8.67 1.34
C LYS A 48 1.99 8.97 2.07
N THR A 49 2.11 8.46 3.29
CA THR A 49 3.34 8.64 4.06
C THR A 49 3.93 7.28 4.32
N THR A 51 7.52 5.72 6.75
CA THR A 51 8.86 5.83 7.30
C THR A 51 9.50 4.46 7.11
N ILE A 52 10.71 4.44 6.55
CA ILE A 52 11.43 3.20 6.33
C ILE A 52 12.81 3.21 7.01
N GLN A 53 13.27 2.03 7.42
CA GLN A 53 14.59 1.85 8.01
C GLN A 53 15.38 1.06 6.97
N SER A 55 19.18 -0.77 5.98
CA SER A 55 20.39 -1.33 6.51
C SER A 55 21.19 -1.99 5.38
N GLY A 56 22.45 -2.31 5.66
CA GLY A 56 23.29 -2.91 4.65
C GLY A 56 24.73 -2.52 4.91
N SER A 57 25.67 -3.41 4.56
CA SER A 57 27.08 -3.15 4.79
C SER A 57 27.69 -2.08 3.87
N GLU A 58 26.85 -1.39 3.11
CA GLU A 58 27.31 -0.32 2.23
C GLU A 58 26.94 0.98 2.92
N ILE A 59 25.63 1.20 3.06
CA ILE A 59 25.14 2.42 3.68
C ILE A 59 25.57 2.55 5.14
N GLN A 60 25.84 1.43 5.81
CA GLN A 60 26.26 1.49 7.21
C GLN A 60 27.75 1.80 7.34
N LYS A 61 28.41 2.06 6.22
CA LYS A 61 29.82 2.44 6.28
C LYS A 61 29.83 3.90 6.70
N TYR A 62 28.62 4.50 6.73
CA TYR A 62 28.47 5.90 7.07
C TYR A 62 27.51 6.22 8.20
N PHE A 63 26.45 5.42 8.33
CA PHE A 63 25.49 5.65 9.40
C PHE A 63 25.22 4.44 10.29
N LYS A 64 25.00 4.70 11.57
CA LYS A 64 24.70 3.64 12.54
C LYS A 64 23.26 3.20 12.32
N THR A 65 22.40 4.17 12.03
CA THR A 65 21.00 3.91 11.79
C THR A 65 20.48 4.97 10.82
N LEU A 66 20.24 4.60 9.57
CA LEU A 66 19.71 5.57 8.64
C LEU A 66 18.21 5.45 8.74
N LYS A 67 17.50 6.51 8.38
CA LYS A 67 16.05 6.48 8.40
C LYS A 67 15.54 7.35 7.27
N GLY A 68 14.69 6.76 6.43
CA GLY A 68 14.12 7.54 5.33
C GLY A 68 12.65 7.77 5.67
N SER A 69 12.01 8.68 4.95
CA SER A 69 10.59 8.96 5.15
C SER A 69 10.05 9.85 4.03
N ILE A 70 8.97 9.40 3.38
CA ILE A 70 8.36 10.17 2.31
C ILE A 70 6.98 10.73 2.66
N ALA A 71 6.52 11.68 1.85
CA ALA A 71 5.19 12.28 1.96
C ALA A 71 4.84 12.71 0.53
N VAL A 72 3.75 12.17 -0.01
CA VAL A 72 3.34 12.51 -1.37
C VAL A 72 1.95 13.13 -1.31
N THR A 73 1.81 14.37 -1.77
CA THR A 73 0.51 15.04 -1.76
C THR A 73 0.12 15.66 -3.10
N PRO A 74 -1.19 15.70 -3.39
CA PRO A 74 -1.69 16.28 -4.64
C PRO A 74 -1.35 17.76 -4.72
N ILE A 75 -0.82 18.20 -5.87
CA ILE A 75 -0.53 19.62 -6.04
C ILE A 75 -1.89 20.30 -6.26
N GLY A 76 -2.77 19.64 -7.02
CA GLY A 76 -4.08 20.20 -7.27
C GLY A 76 -5.21 19.19 -7.37
N VAL A 77 -5.58 18.82 -8.60
CA VAL A 77 -6.66 17.87 -8.87
C VAL A 77 -6.31 17.04 -10.12
N GLY A 78 -5.17 17.35 -10.72
CA GLY A 78 -4.72 16.64 -11.91
C GLY A 78 -3.48 17.27 -12.50
N ASP A 79 -2.73 17.99 -11.67
CA ASP A 79 -1.51 18.68 -12.07
C ASP A 79 -0.25 18.08 -11.42
N GLY A 80 -0.11 16.75 -11.47
CA GLY A 80 1.05 16.14 -10.86
C GLY A 80 0.95 16.28 -9.36
N SER A 81 2.09 16.27 -8.65
CA SER A 81 2.04 16.38 -7.20
C SER A 81 3.40 16.64 -6.55
N HIS A 82 3.36 16.92 -5.25
CA HIS A 82 4.56 17.16 -4.47
C HIS A 82 5.07 15.85 -3.90
N VAL A 83 6.17 15.93 -3.16
CA VAL A 83 6.80 14.79 -2.51
C VAL A 83 7.85 15.33 -1.52
N VAL A 84 7.86 14.78 -0.31
CA VAL A 84 8.85 15.16 0.68
C VAL A 84 9.62 13.90 1.11
N TRP A 85 10.94 13.91 0.92
CA TRP A 85 11.79 12.77 1.27
C TRP A 85 12.80 13.19 2.33
N THR A 86 13.15 12.28 3.23
CA THR A 86 14.07 12.59 4.31
C THR A 86 14.95 11.38 4.71
N PHE A 87 16.15 11.67 5.23
CA PHE A 87 17.08 10.64 5.69
C PHE A 87 17.46 10.75 7.17
N HIS A 88 16.47 10.81 8.07
CA HIS A 88 16.73 10.92 9.51
C HIS A 88 17.88 9.96 9.82
N PHE A 89 19.11 10.46 9.73
CA PHE A 89 20.31 9.65 9.91
C PHE A 89 20.95 9.58 11.27
N GLU A 90 21.67 8.48 11.48
CA GLU A 90 22.41 8.26 12.70
C GLU A 90 23.87 8.16 12.23
N LYS A 91 24.60 9.27 12.35
CA LYS A 91 26.01 9.28 11.92
C LYS A 91 26.86 8.41 12.82
N VAL A 92 27.89 7.82 12.23
CA VAL A 92 28.81 6.96 12.96
C VAL A 92 29.74 7.83 13.82
N HIS A 93 30.13 8.99 13.30
CA HIS A 93 30.98 9.92 14.02
C HIS A 93 30.96 11.32 13.38
N LYS A 94 32.07 12.05 13.45
CA LYS A 94 32.11 13.42 12.91
C LYS A 94 32.57 13.58 11.47
N ASP A 95 33.57 12.81 11.06
CA ASP A 95 34.10 12.92 9.71
C ASP A 95 33.09 12.67 8.58
N ILE A 96 31.99 11.97 8.87
CA ILE A 96 30.97 11.72 7.85
C ILE A 96 30.12 12.98 7.64
N ASP A 97 30.02 13.45 6.40
CA ASP A 97 29.23 14.65 6.12
C ASP A 97 27.71 14.34 6.04
N ASP A 98 26.86 15.37 6.05
CA ASP A 98 25.43 15.12 5.93
C ASP A 98 25.29 14.41 4.59
N PRO A 99 24.24 13.59 4.42
CA PRO A 99 24.11 12.89 3.15
C PRO A 99 23.42 13.69 2.05
N HIS A 100 24.23 14.43 1.30
CA HIS A 100 23.75 15.25 0.19
C HIS A 100 23.78 14.47 -1.15
N SER A 101 24.79 13.62 -1.33
CA SER A 101 24.87 12.87 -2.58
C SER A 101 23.77 11.83 -2.67
N ILE A 102 23.66 11.01 -1.65
CA ILE A 102 22.65 9.96 -1.60
C ILE A 102 21.24 10.52 -1.80
N ILE A 103 20.95 11.71 -1.26
CA ILE A 103 19.61 12.25 -1.42
C ILE A 103 19.42 12.85 -2.81
N ASP A 104 20.48 13.40 -3.39
CA ASP A 104 20.37 13.93 -4.75
C ASP A 104 20.09 12.73 -5.67
N GLU A 105 20.72 11.61 -5.37
CA GLU A 105 20.52 10.39 -6.14
C GLU A 105 19.10 9.82 -5.88
N SER A 106 18.59 9.99 -4.66
CA SER A 106 17.23 9.51 -4.35
C SER A 106 16.26 10.28 -5.24
N VAL A 107 16.51 11.58 -5.40
CA VAL A 107 15.66 12.42 -6.25
C VAL A 107 15.66 11.90 -7.69
N LYS A 108 16.84 11.57 -8.23
CA LYS A 108 16.92 11.05 -9.60
C LYS A 108 16.17 9.74 -9.66
N TYR A 109 16.19 9.01 -8.56
CA TYR A 109 15.50 7.74 -8.50
C TYR A 109 13.99 7.95 -8.56
N PHE A 110 13.49 8.89 -7.76
CA PHE A 110 12.07 9.18 -7.75
C PHE A 110 11.61 9.75 -9.10
N LYS A 111 12.46 10.53 -9.76
CA LYS A 111 12.10 11.11 -11.07
C LYS A 111 12.10 10.03 -12.15
N LYS A 112 13.02 9.06 -12.03
CA LYS A 112 13.07 7.95 -12.98
C LYS A 112 11.85 7.07 -12.76
N LEU A 113 11.43 6.97 -11.51
CA LEU A 113 10.26 6.20 -11.15
C LEU A 113 9.04 6.89 -11.78
N ASP A 114 9.02 8.22 -11.71
CA ASP A 114 7.94 9.04 -12.27
C ASP A 114 7.86 8.79 -13.80
N GLU A 115 8.95 9.12 -14.49
CA GLU A 115 9.03 8.95 -15.94
C GLU A 115 8.73 7.50 -16.25
N ALA A 116 9.21 6.62 -15.38
CA ALA A 116 8.99 5.20 -15.51
C ALA A 116 7.52 4.93 -15.67
N ILE A 117 6.83 4.84 -14.53
CA ILE A 117 5.42 4.50 -14.47
C ILE A 117 4.45 5.48 -15.12
N LEU A 118 4.94 6.67 -15.49
CA LEU A 118 4.08 7.66 -16.12
C LEU A 118 3.50 7.05 -17.40
N ASN A 119 4.37 6.56 -18.28
CA ASN A 119 3.96 5.96 -19.55
C ASN A 119 4.04 4.43 -19.45
N PHE A 120 3.27 3.85 -18.53
CA PHE A 120 3.27 2.40 -18.36
C PHE A 120 2.17 2.02 -17.37
N SER B 1 -14.19 -32.38 -1.50
CA SER B 1 -14.75 -31.74 -0.27
C SER B 1 -16.10 -31.10 -0.52
N THR B 2 -16.97 -31.18 0.49
CA THR B 2 -18.30 -30.58 0.38
C THR B 2 -18.38 -29.33 1.26
N LEU B 3 -17.26 -28.99 1.92
CA LEU B 3 -17.21 -27.81 2.79
C LEU B 3 -16.38 -26.65 2.22
N LYS B 4 -15.48 -26.97 1.29
CA LYS B 4 -14.62 -25.96 0.68
C LYS B 4 -15.19 -25.35 -0.58
N GLY B 5 -14.67 -24.19 -0.97
CA GLY B 5 -15.13 -23.53 -2.17
C GLY B 5 -14.76 -22.06 -2.21
N ALA B 6 -15.31 -21.34 -3.19
CA ALA B 6 -15.02 -19.92 -3.34
C ALA B 6 -16.25 -19.20 -3.91
N LEU B 7 -16.21 -17.87 -3.82
CA LEU B 7 -17.29 -17.04 -4.31
C LEU B 7 -16.67 -15.71 -4.75
N SER B 8 -16.97 -15.29 -5.97
CA SER B 8 -16.39 -14.07 -6.50
C SER B 8 -17.40 -13.18 -7.19
N VAL B 9 -17.25 -11.88 -7.00
CA VAL B 9 -18.14 -10.92 -7.62
C VAL B 9 -17.32 -9.87 -8.35
N LYS B 10 -17.86 -9.38 -9.47
CA LYS B 10 -17.23 -8.35 -10.28
C LYS B 10 -18.23 -7.22 -10.39
N PHE B 11 -17.74 -6.00 -10.20
CA PHE B 11 -18.56 -4.78 -10.25
C PHE B 11 -17.61 -3.61 -10.40
N ASP B 12 -18.05 -2.58 -11.12
CA ASP B 12 -17.25 -1.41 -11.36
C ASP B 12 -17.40 -0.41 -10.21
N VAL B 13 -16.37 0.43 -10.02
CA VAL B 13 -16.37 1.47 -9.01
C VAL B 13 -15.93 2.77 -9.71
N LYS B 14 -16.43 3.90 -9.23
CA LYS B 14 -16.11 5.21 -9.83
C LYS B 14 -14.64 5.64 -9.68
N CYS B 15 -14.04 5.35 -8.53
CA CYS B 15 -12.65 5.74 -8.27
C CYS B 15 -11.62 5.03 -9.15
N PRO B 16 -10.43 5.66 -9.31
CA PRO B 16 -9.34 5.08 -10.11
C PRO B 16 -8.74 3.99 -9.22
N ALA B 17 -8.08 3.01 -9.84
CA ALA B 17 -7.53 1.85 -9.13
C ALA B 17 -6.62 2.07 -7.93
N ASP B 18 -5.49 2.75 -8.12
CA ASP B 18 -4.59 2.96 -7.00
C ASP B 18 -5.30 3.71 -5.87
N LYS B 19 -6.06 4.75 -6.23
CA LYS B 19 -6.79 5.53 -5.23
C LYS B 19 -7.79 4.64 -4.48
N PHE B 20 -8.47 3.76 -5.21
CA PHE B 20 -9.45 2.86 -4.59
C PHE B 20 -8.79 1.76 -3.79
N PHE B 21 -7.85 1.07 -4.40
CA PHE B 21 -7.12 -0.03 -3.79
C PHE B 21 -6.41 0.43 -2.52
N SER B 22 -5.76 1.59 -2.60
CA SER B 22 -5.06 2.14 -1.46
C SER B 22 -5.99 2.52 -0.30
N ALA B 23 -7.16 3.08 -0.60
CA ALA B 23 -8.09 3.44 0.46
C ALA B 23 -8.51 2.17 1.24
N PHE B 24 -8.73 1.08 0.50
CA PHE B 24 -9.11 -0.20 1.09
C PHE B 24 -8.01 -0.76 1.97
N VAL B 25 -6.83 -0.96 1.39
CA VAL B 25 -5.69 -1.50 2.12
C VAL B 25 -5.59 -0.79 3.46
N GLU B 26 -5.64 0.55 3.42
CA GLU B 26 -5.54 1.31 4.65
C GLU B 26 -6.71 1.03 5.59
N ASP B 27 -7.89 0.79 5.03
CA ASP B 27 -9.08 0.53 5.86
C ASP B 27 -9.05 -0.83 6.56
N THR B 28 -8.19 -1.77 6.11
CA THR B 28 -8.14 -3.07 6.76
C THR B 28 -7.50 -3.04 8.14
N ASN B 29 -6.99 -1.85 8.52
CA ASN B 29 -6.41 -1.67 9.86
C ASN B 29 -7.55 -1.73 10.89
N ARG B 30 -8.79 -1.56 10.42
CA ARG B 30 -9.92 -1.64 11.34
C ARG B 30 -10.53 -3.02 11.20
N PRO B 31 -10.70 -3.73 12.32
CA PRO B 31 -11.31 -5.06 12.24
C PRO B 31 -12.69 -4.94 11.56
N PHE B 32 -13.15 -6.01 10.93
CA PHE B 32 -14.43 -5.98 10.22
C PHE B 32 -15.64 -6.27 11.08
N GLU B 33 -15.40 -6.74 12.30
CA GLU B 33 -16.45 -7.03 13.26
C GLU B 33 -15.88 -6.74 14.65
N LYS B 34 -16.76 -6.66 15.63
CA LYS B 34 -16.41 -6.37 17.02
C LYS B 34 -15.09 -6.99 17.46
N ASN B 35 -14.98 -8.32 17.34
CA ASN B 35 -13.76 -9.00 17.75
C ASN B 35 -13.04 -9.66 16.56
N GLY B 36 -13.19 -9.04 15.38
CA GLY B 36 -12.56 -9.58 14.19
C GLY B 36 -11.04 -9.46 14.10
N LYS B 37 -10.44 -10.37 13.34
CA LYS B 37 -8.99 -10.36 13.13
C LYS B 37 -8.74 -10.51 11.63
N THR B 38 -8.02 -9.54 11.07
CA THR B 38 -7.68 -9.54 9.66
C THR B 38 -6.18 -9.69 9.55
N GLU B 39 -5.74 -10.64 8.72
CA GLU B 39 -4.31 -10.86 8.50
C GLU B 39 -4.04 -10.77 7.00
N ILE B 40 -3.07 -9.96 6.62
CA ILE B 40 -2.71 -9.81 5.21
C ILE B 40 -1.76 -10.93 4.83
N GLU B 41 -2.14 -11.75 3.85
CA GLU B 41 -1.32 -12.86 3.38
C GLU B 41 -0.45 -12.50 2.18
N ALA B 42 -0.97 -11.63 1.32
CA ALA B 42 -0.23 -11.18 0.13
C ALA B 42 -0.72 -9.81 -0.28
N VAL B 43 0.10 -9.10 -1.06
CA VAL B 43 -0.29 -7.77 -1.52
C VAL B 43 0.63 -7.28 -2.62
N ASP B 44 0.03 -6.60 -3.60
CA ASP B 44 0.77 -6.05 -4.74
C ASP B 44 0.14 -4.68 -5.07
N LEU B 45 0.84 -3.62 -4.66
CA LEU B 45 0.36 -2.26 -4.85
C LEU B 45 0.36 -1.71 -6.29
N VAL B 46 1.10 -2.33 -7.19
CA VAL B 46 1.11 -1.88 -8.59
C VAL B 46 -0.02 -2.58 -9.37
N LYS B 47 -0.20 -3.86 -9.08
CA LYS B 47 -1.25 -4.66 -9.72
C LYS B 47 -2.58 -4.53 -8.97
N LYS B 48 -2.56 -3.86 -7.82
CA LYS B 48 -3.75 -3.66 -6.99
C LYS B 48 -4.38 -4.99 -6.58
N THR B 49 -3.57 -5.81 -5.93
CA THR B 49 -4.01 -7.13 -5.46
C THR B 49 -3.69 -7.31 -3.98
N THR B 51 -4.50 -10.52 -0.59
CA THR B 51 -5.25 -11.62 0.01
C THR B 51 -5.20 -11.42 1.53
N ILE B 52 -6.35 -11.59 2.18
CA ILE B 52 -6.43 -11.42 3.62
C ILE B 52 -7.29 -12.53 4.22
N GLN B 53 -7.00 -12.90 5.47
CA GLN B 53 -7.81 -13.89 6.15
C GLN B 53 -8.58 -13.15 7.23
N SER B 55 -11.41 -13.62 10.64
CA SER B 55 -11.87 -14.54 11.68
C SER B 55 -12.39 -13.72 12.86
N GLY B 56 -13.05 -14.38 13.82
CA GLY B 56 -13.56 -13.68 14.99
C GLY B 56 -14.69 -14.35 15.76
N SER B 57 -15.88 -13.78 15.65
CA SER B 57 -17.06 -14.31 16.32
C SER B 57 -18.17 -14.57 15.31
N GLU B 58 -18.41 -13.57 14.47
CA GLU B 58 -19.44 -13.68 13.43
C GLU B 58 -19.01 -14.69 12.37
N ILE B 59 -17.75 -14.59 11.93
CA ILE B 59 -17.20 -15.49 10.92
C ILE B 59 -17.16 -16.94 11.34
N GLN B 60 -16.79 -17.17 12.58
CA GLN B 60 -16.67 -18.51 13.12
C GLN B 60 -18.01 -19.18 13.37
N LYS B 61 -19.09 -18.49 13.03
CA LYS B 61 -20.43 -19.05 13.24
C LYS B 61 -20.81 -20.07 12.16
N TYR B 62 -20.51 -19.76 10.90
CA TYR B 62 -20.83 -20.66 9.79
C TYR B 62 -19.58 -21.11 9.10
N PHE B 63 -18.54 -20.30 9.16
CA PHE B 63 -17.29 -20.66 8.51
C PHE B 63 -16.23 -21.07 9.50
N LYS B 64 -15.33 -21.91 9.01
CA LYS B 64 -14.21 -22.37 9.81
C LYS B 64 -13.07 -21.49 9.33
N THR B 65 -13.10 -21.20 8.02
CA THR B 65 -12.08 -20.37 7.41
C THR B 65 -12.66 -19.43 6.36
N LEU B 66 -12.09 -18.23 6.30
CA LEU B 66 -12.51 -17.22 5.33
C LEU B 66 -11.36 -16.31 4.93
N LYS B 67 -11.05 -16.32 3.65
CA LYS B 67 -10.00 -15.49 3.10
C LYS B 67 -10.59 -14.67 1.97
N GLY B 68 -10.39 -13.35 2.05
CA GLY B 68 -10.90 -12.47 1.03
C GLY B 68 -9.76 -11.95 0.17
N SER B 69 -9.90 -12.09 -1.14
CA SER B 69 -8.88 -11.63 -2.08
C SER B 69 -9.46 -10.57 -3.00
N ILE B 70 -8.89 -9.36 -2.93
CA ILE B 70 -9.35 -8.26 -3.77
C ILE B 70 -8.59 -8.23 -5.08
N ALA B 71 -9.20 -7.63 -6.09
CA ALA B 71 -8.60 -7.47 -7.41
C ALA B 71 -9.08 -6.16 -8.02
N VAL B 72 -8.17 -5.20 -8.15
CA VAL B 72 -8.53 -3.90 -8.70
C VAL B 72 -7.70 -3.57 -9.94
N THR B 73 -8.40 -3.29 -11.04
CA THR B 73 -7.76 -3.00 -12.32
C THR B 73 -8.44 -1.87 -13.11
N PRO B 74 -7.69 -1.16 -13.97
CA PRO B 74 -8.26 -0.06 -14.76
C PRO B 74 -9.25 -0.58 -15.81
N ILE B 75 -10.38 0.11 -15.95
CA ILE B 75 -11.38 -0.28 -16.95
C ILE B 75 -10.82 0.03 -18.35
N GLY B 76 -10.21 1.21 -18.48
CA GLY B 76 -9.64 1.61 -19.76
C GLY B 76 -8.87 2.91 -19.68
N VAL B 77 -9.59 4.02 -19.61
CA VAL B 77 -8.96 5.33 -19.52
C VAL B 77 -9.84 6.25 -18.66
N GLY B 78 -9.48 6.38 -17.39
CA GLY B 78 -10.24 7.22 -16.49
C GLY B 78 -11.72 6.91 -16.59
N ASP B 79 -12.04 5.65 -16.91
CA ASP B 79 -13.42 5.24 -17.04
C ASP B 79 -13.88 4.46 -15.79
N GLY B 80 -13.18 4.64 -14.68
CA GLY B 80 -13.54 3.95 -13.45
C GLY B 80 -12.65 2.75 -13.17
N SER B 81 -13.08 1.86 -12.27
CA SER B 81 -12.29 0.69 -11.93
C SER B 81 -13.15 -0.56 -11.79
N HIS B 82 -12.65 -1.67 -12.35
CA HIS B 82 -13.31 -2.96 -12.25
C HIS B 82 -12.82 -3.52 -10.92
N VAL B 83 -13.71 -4.19 -10.18
CA VAL B 83 -13.31 -4.79 -8.91
C VAL B 83 -13.74 -6.27 -8.86
N VAL B 84 -12.82 -7.13 -8.42
CA VAL B 84 -13.14 -8.54 -8.24
C VAL B 84 -12.84 -8.87 -6.77
N TRP B 85 -13.82 -9.45 -6.08
CA TRP B 85 -13.68 -9.81 -4.67
C TRP B 85 -14.01 -11.30 -4.52
N THR B 86 -12.96 -12.09 -4.31
CA THR B 86 -13.11 -13.53 -4.19
C THR B 86 -12.98 -14.09 -2.78
N PHE B 87 -14.09 -14.55 -2.22
CA PHE B 87 -14.06 -15.17 -0.89
C PHE B 87 -13.65 -16.62 -1.09
N HIS B 88 -12.65 -17.06 -0.33
CA HIS B 88 -12.18 -18.45 -0.37
C HIS B 88 -12.56 -19.02 1.00
N PHE B 89 -13.01 -20.27 1.07
CA PHE B 89 -13.45 -20.79 2.37
C PHE B 89 -13.60 -22.30 2.55
N GLU B 90 -13.87 -22.67 3.79
CA GLU B 90 -14.13 -24.05 4.21
C GLU B 90 -15.19 -23.87 5.31
N LYS B 91 -16.42 -24.30 5.02
CA LYS B 91 -17.55 -24.15 5.94
C LYS B 91 -17.47 -25.04 7.17
N VAL B 92 -18.27 -24.71 8.18
CA VAL B 92 -18.29 -25.50 9.40
C VAL B 92 -18.75 -26.90 9.00
N HIS B 93 -19.92 -26.98 8.38
CA HIS B 93 -20.42 -28.28 7.91
C HIS B 93 -21.06 -28.07 6.54
N LYS B 94 -21.11 -29.15 5.76
CA LYS B 94 -21.63 -29.11 4.40
C LYS B 94 -22.90 -28.31 4.13
N ASP B 95 -23.79 -28.19 5.11
CA ASP B 95 -25.03 -27.46 4.88
C ASP B 95 -25.02 -25.95 5.09
N ILE B 96 -23.89 -25.38 5.46
CA ILE B 96 -23.82 -23.93 5.63
C ILE B 96 -24.02 -23.28 4.26
N ASP B 97 -24.70 -22.13 4.22
CA ASP B 97 -24.92 -21.47 2.94
C ASP B 97 -23.62 -20.92 2.38
N ASP B 98 -23.56 -20.81 1.05
CA ASP B 98 -22.39 -20.22 0.42
C ASP B 98 -22.52 -18.77 0.85
N PRO B 99 -21.40 -18.05 1.06
CA PRO B 99 -21.39 -16.65 1.51
C PRO B 99 -22.09 -15.55 0.68
N HIS B 100 -23.28 -15.83 0.20
CA HIS B 100 -24.02 -14.87 -0.61
C HIS B 100 -24.45 -13.60 0.14
N SER B 101 -24.92 -13.74 1.39
CA SER B 101 -25.32 -12.57 2.16
C SER B 101 -24.10 -11.69 2.31
N ILE B 102 -23.11 -12.24 2.99
CA ILE B 102 -21.85 -11.56 3.26
C ILE B 102 -21.26 -10.83 2.06
N ILE B 103 -21.10 -11.52 0.93
CA ILE B 103 -20.51 -10.87 -0.24
C ILE B 103 -21.43 -9.80 -0.84
N ASP B 104 -22.73 -10.01 -0.72
CA ASP B 104 -23.69 -9.04 -1.24
C ASP B 104 -23.41 -7.74 -0.46
N GLU B 105 -23.08 -7.90 0.82
CA GLU B 105 -22.78 -6.77 1.69
C GLU B 105 -21.37 -6.24 1.42
N SER B 106 -20.51 -7.10 0.86
CA SER B 106 -19.14 -6.68 0.51
C SER B 106 -19.23 -5.64 -0.59
N VAL B 107 -20.02 -5.93 -1.61
CA VAL B 107 -20.19 -5.00 -2.72
C VAL B 107 -20.68 -3.65 -2.18
N LYS B 108 -21.61 -3.69 -1.23
CA LYS B 108 -22.13 -2.47 -0.63
C LYS B 108 -21.04 -1.78 0.18
N TYR B 109 -20.20 -2.56 0.87
CA TYR B 109 -19.12 -1.97 1.63
C TYR B 109 -18.12 -1.29 0.70
N PHE B 110 -17.77 -1.95 -0.39
CA PHE B 110 -16.81 -1.39 -1.32
C PHE B 110 -17.37 -0.15 -2.02
N LYS B 111 -18.65 -0.19 -2.40
CA LYS B 111 -19.26 0.96 -3.06
C LYS B 111 -19.31 2.12 -2.08
N LYS B 112 -19.54 1.81 -0.80
CA LYS B 112 -19.56 2.85 0.23
C LYS B 112 -18.16 3.47 0.26
N LEU B 113 -17.14 2.65 0.01
CA LEU B 113 -15.76 3.14 -0.03
C LEU B 113 -15.61 4.09 -1.23
N ASP B 114 -16.14 3.66 -2.38
CA ASP B 114 -16.09 4.43 -3.62
C ASP B 114 -16.61 5.87 -3.40
N GLU B 115 -17.82 5.97 -2.86
CA GLU B 115 -18.42 7.28 -2.60
C GLU B 115 -17.74 7.99 -1.44
N ALA B 116 -17.31 7.22 -0.45
CA ALA B 116 -16.64 7.80 0.71
C ALA B 116 -15.43 8.61 0.33
N ILE B 117 -14.58 8.06 -0.54
CA ILE B 117 -13.36 8.76 -0.90
C ILE B 117 -13.46 9.52 -2.21
N LEU B 118 -14.55 9.30 -2.94
CA LEU B 118 -14.75 10.02 -4.18
C LEU B 118 -15.31 11.40 -3.84
N ASN B 119 -16.15 11.45 -2.81
CA ASN B 119 -16.77 12.71 -2.42
C ASN B 119 -16.06 13.47 -1.31
N PHE B 120 -14.94 12.92 -0.83
CA PHE B 120 -14.21 13.58 0.25
C PHE B 120 -13.34 14.76 -0.20
N SER A 1 23.59 16.67 20.07
CA SER A 1 24.41 15.58 19.43
C SER A 1 25.16 16.08 18.21
N THR A 2 26.25 15.40 17.89
CA THR A 2 27.06 15.74 16.72
C THR A 2 26.83 14.73 15.60
N LEU A 3 26.26 13.57 15.94
CA LEU A 3 26.03 12.52 14.95
C LEU A 3 24.61 12.42 14.37
N LYS A 4 23.61 12.89 15.11
CA LYS A 4 22.23 12.83 14.64
C LYS A 4 21.84 14.04 13.81
N GLY A 5 21.05 13.81 12.77
CA GLY A 5 20.61 14.90 11.91
C GLY A 5 19.55 14.47 10.93
N ALA A 6 19.17 15.39 10.05
CA ALA A 6 18.15 15.10 9.06
C ALA A 6 18.39 16.00 7.86
N LEU A 7 18.02 15.50 6.68
CA LEU A 7 18.16 16.24 5.46
C LEU A 7 16.91 15.92 4.62
N SER A 8 16.23 16.97 4.16
CA SER A 8 15.00 16.79 3.41
C SER A 8 14.96 17.60 2.12
N VAL A 9 14.43 16.99 1.08
CA VAL A 9 14.33 17.63 -0.22
C VAL A 9 12.89 17.51 -0.74
N LYS A 10 12.39 18.57 -1.35
CA LYS A 10 11.04 18.58 -1.92
C LYS A 10 11.13 18.85 -3.40
N PHE A 11 10.24 18.25 -4.19
CA PHE A 11 10.25 18.40 -5.64
C PHE A 11 8.97 17.76 -6.17
N ASP A 12 8.34 18.41 -7.14
CA ASP A 12 7.09 17.91 -7.73
C ASP A 12 7.40 16.86 -8.80
N VAL A 13 6.44 15.97 -9.03
CA VAL A 13 6.53 14.93 -10.06
C VAL A 13 5.27 14.97 -10.93
N LYS A 14 5.44 14.77 -12.24
CA LYS A 14 4.32 14.77 -13.18
C LYS A 14 3.17 13.85 -12.74
N CYS A 15 3.48 12.57 -12.58
CA CYS A 15 2.49 11.55 -12.19
C CYS A 15 1.65 11.93 -10.99
N PRO A 16 0.36 11.53 -10.99
CA PRO A 16 -0.58 11.82 -9.90
C PRO A 16 -0.10 11.08 -8.64
N ALA A 17 -0.34 11.68 -7.48
CA ALA A 17 0.11 11.16 -6.19
C ALA A 17 -0.25 9.74 -5.80
N ASP A 18 -1.49 9.35 -6.04
CA ASP A 18 -1.96 8.03 -5.66
C ASP A 18 -1.23 6.90 -6.35
N LYS A 19 -0.90 7.12 -7.61
CA LYS A 19 -0.17 6.13 -8.40
C LYS A 19 1.29 6.27 -8.00
N PHE A 20 1.63 7.41 -7.42
CA PHE A 20 2.99 7.63 -7.00
C PHE A 20 3.32 6.99 -5.66
N PHE A 21 2.44 7.11 -4.67
CA PHE A 21 2.71 6.49 -3.37
C PHE A 21 2.84 4.99 -3.60
N SER A 22 1.84 4.43 -4.28
CA SER A 22 1.86 3.00 -4.59
C SER A 22 3.15 2.68 -5.31
N ALA A 23 3.74 3.70 -5.92
CA ALA A 23 5.02 3.54 -6.61
C ALA A 23 6.08 3.23 -5.57
N PHE A 24 6.36 4.20 -4.71
CA PHE A 24 7.38 4.00 -3.68
C PHE A 24 7.11 2.77 -2.86
N VAL A 25 5.85 2.55 -2.49
CA VAL A 25 5.53 1.38 -1.69
C VAL A 25 6.00 0.09 -2.34
N GLU A 26 5.52 -0.17 -3.55
CA GLU A 26 5.87 -1.40 -4.23
C GLU A 26 7.35 -1.51 -4.63
N ASP A 27 7.95 -0.42 -5.06
CA ASP A 27 9.37 -0.48 -5.45
C ASP A 27 10.20 -1.07 -4.31
N THR A 28 9.76 -0.86 -3.07
CA THR A 28 10.52 -1.36 -1.92
C THR A 28 10.53 -2.87 -1.66
N ASN A 29 10.12 -3.69 -2.63
CA ASN A 29 10.22 -5.14 -2.45
C ASN A 29 11.64 -5.57 -2.83
N ARG A 30 12.38 -4.63 -3.42
CA ARG A 30 13.76 -4.90 -3.80
C ARG A 30 14.67 -4.02 -2.96
N PRO A 31 15.63 -4.61 -2.24
CA PRO A 31 16.56 -3.84 -1.40
C PRO A 31 17.29 -2.79 -2.27
N PHE A 32 17.90 -1.80 -1.64
CA PHE A 32 18.61 -0.72 -2.34
C PHE A 32 20.11 -0.86 -2.52
N GLU A 33 20.67 -1.92 -1.96
CA GLU A 33 22.10 -2.22 -2.06
C GLU A 33 22.23 -3.73 -1.93
N LYS A 34 23.44 -4.23 -2.14
CA LYS A 34 23.68 -5.68 -2.06
C LYS A 34 23.18 -6.28 -0.76
N ASN A 35 23.82 -5.93 0.34
CA ASN A 35 23.42 -6.45 1.65
C ASN A 35 22.32 -5.56 2.22
N GLY A 36 21.49 -5.03 1.33
CA GLY A 36 20.44 -4.12 1.77
C GLY A 36 19.27 -4.72 2.52
N LYS A 37 18.81 -3.98 3.52
CA LYS A 37 17.67 -4.40 4.30
C LYS A 37 16.76 -3.21 4.48
N THR A 38 15.53 -3.29 3.99
CA THR A 38 14.57 -2.21 4.15
C THR A 38 13.44 -2.70 5.05
N GLU A 39 13.14 -1.93 6.10
CA GLU A 39 12.08 -2.29 7.03
C GLU A 39 11.07 -1.15 7.14
N ILE A 40 9.79 -1.46 6.90
CA ILE A 40 8.71 -0.47 6.99
C ILE A 40 8.40 -0.25 8.46
N GLU A 41 8.63 0.97 8.94
CA GLU A 41 8.36 1.29 10.33
C GLU A 41 7.04 2.05 10.50
N ALA A 42 6.64 2.78 9.46
CA ALA A 42 5.38 3.52 9.49
C ALA A 42 4.86 3.71 8.07
N VAL A 43 3.55 3.54 7.90
CA VAL A 43 2.95 3.74 6.59
C VAL A 43 1.52 4.25 6.70
N ASP A 44 1.15 5.13 5.76
CA ASP A 44 -0.21 5.66 5.72
C ASP A 44 -0.59 5.66 4.23
N LEU A 45 -1.25 4.58 3.83
CA LEU A 45 -1.65 4.39 2.44
C LEU A 45 -2.67 5.38 1.88
N VAL A 46 -3.38 6.09 2.77
CA VAL A 46 -4.35 7.09 2.33
C VAL A 46 -3.66 8.45 2.29
N LYS A 47 -2.91 8.80 3.33
CA LYS A 47 -2.19 10.07 3.36
C LYS A 47 -0.96 10.02 2.44
N LYS A 48 -0.63 8.83 1.95
CA LYS A 48 0.53 8.68 1.06
C LYS A 48 1.80 9.08 1.83
N THR A 49 2.04 8.38 2.94
CA THR A 49 3.22 8.66 3.75
C THR A 49 3.84 7.37 4.23
N THR A 51 7.67 5.66 6.38
CA THR A 51 9.03 5.74 6.91
C THR A 51 9.61 4.33 6.90
N ILE A 52 10.80 4.20 6.33
CA ILE A 52 11.49 2.91 6.27
C ILE A 52 12.90 3.06 6.80
N GLN A 53 13.39 2.03 7.48
CA GLN A 53 14.76 2.02 7.98
C GLN A 53 15.56 1.25 6.93
N SER A 55 19.21 -0.33 5.87
CA SER A 55 20.52 -0.74 6.36
C SER A 55 21.25 -1.62 5.35
N GLY A 56 22.49 -1.95 5.66
CA GLY A 56 23.30 -2.76 4.77
C GLY A 56 24.77 -2.53 5.12
N SER A 57 25.65 -3.38 4.62
CA SER A 57 27.07 -3.25 4.90
C SER A 57 27.65 -1.93 4.42
N GLU A 58 27.22 -1.48 3.25
CA GLU A 58 27.72 -0.22 2.71
C GLU A 58 27.19 0.99 3.46
N ILE A 59 25.86 1.11 3.56
CA ILE A 59 25.29 2.25 4.25
C ILE A 59 25.77 2.39 5.70
N GLN A 60 25.95 1.26 6.38
CA GLN A 60 26.40 1.24 7.77
C GLN A 60 27.84 1.76 7.92
N LYS A 61 28.60 1.77 6.83
CA LYS A 61 29.96 2.30 6.93
C LYS A 61 29.90 3.80 7.25
N TYR A 62 28.76 4.43 6.94
CA TYR A 62 28.62 5.86 7.18
C TYR A 62 27.54 6.25 8.15
N PHE A 63 26.50 5.42 8.26
CA PHE A 63 25.42 5.70 9.18
C PHE A 63 25.09 4.52 10.08
N LYS A 64 25.11 4.75 11.39
CA LYS A 64 24.78 3.72 12.35
C LYS A 64 23.29 3.42 12.22
N THR A 65 22.55 4.45 11.80
CA THR A 65 21.10 4.33 11.61
C THR A 65 20.66 5.27 10.48
N LEU A 66 19.85 4.73 9.55
CA LEU A 66 19.32 5.52 8.45
C LEU A 66 17.85 5.16 8.18
N LYS A 67 17.01 6.19 8.21
CA LYS A 67 15.59 6.04 7.92
C LYS A 67 15.25 7.06 6.85
N GLY A 68 14.24 6.74 6.06
CA GLY A 68 13.80 7.64 5.00
C GLY A 68 12.29 7.76 5.08
N SER A 69 11.79 8.99 5.07
CA SER A 69 10.35 9.20 5.13
C SER A 69 9.89 9.89 3.84
N ILE A 70 8.72 9.50 3.35
CA ILE A 70 8.16 10.09 2.15
C ILE A 70 6.69 10.47 2.30
N ALA A 71 6.35 11.70 1.92
CA ALA A 71 4.97 12.17 1.94
C ALA A 71 4.68 12.55 0.50
N VAL A 72 3.62 12.00 -0.08
CA VAL A 72 3.27 12.34 -1.46
C VAL A 72 1.93 13.06 -1.43
N THR A 73 1.89 14.29 -1.93
CA THR A 73 0.66 15.08 -1.94
C THR A 73 0.32 15.68 -3.31
N PRO A 74 -0.88 15.38 -3.83
CA PRO A 74 -1.27 15.93 -5.13
C PRO A 74 -1.16 17.45 -5.15
N ILE A 75 -0.73 18.00 -6.27
CA ILE A 75 -0.64 19.44 -6.40
C ILE A 75 -2.07 19.93 -6.64
N GLY A 76 -2.89 19.08 -7.26
CA GLY A 76 -4.28 19.41 -7.52
C GLY A 76 -5.01 18.34 -8.32
N VAL A 77 -5.66 18.76 -9.41
CA VAL A 77 -6.38 17.83 -10.28
C VAL A 77 -5.66 17.83 -11.62
N GLY A 78 -4.86 16.79 -11.87
CA GLY A 78 -4.11 16.73 -13.10
C GLY A 78 -2.99 17.75 -13.06
N ASP A 79 -2.40 17.94 -11.87
CA ASP A 79 -1.31 18.88 -11.68
C ASP A 79 -0.02 18.23 -11.21
N GLY A 80 -0.04 16.91 -11.02
CA GLY A 80 1.16 16.24 -10.55
C GLY A 80 1.18 16.13 -9.03
N SER A 81 2.34 15.83 -8.47
CA SER A 81 2.43 15.66 -7.03
C SER A 81 3.68 16.27 -6.42
N HIS A 82 3.55 16.76 -5.19
CA HIS A 82 4.66 17.30 -4.44
C HIS A 82 5.22 16.10 -3.70
N VAL A 83 6.54 15.95 -3.73
CA VAL A 83 7.19 14.84 -3.04
C VAL A 83 8.17 15.39 -1.99
N VAL A 84 8.00 14.97 -0.74
CA VAL A 84 8.93 15.35 0.32
C VAL A 84 9.61 14.05 0.73
N TRP A 85 10.94 14.04 0.63
CA TRP A 85 11.74 12.86 0.99
C TRP A 85 12.78 13.30 2.02
N THR A 86 12.74 12.68 3.19
CA THR A 86 13.64 13.06 4.27
C THR A 86 14.41 11.90 4.86
N PHE A 87 15.73 12.10 5.02
CA PHE A 87 16.59 11.12 5.66
C PHE A 87 16.76 11.53 7.12
N HIS A 88 16.54 10.59 8.04
CA HIS A 88 16.71 10.82 9.47
C HIS A 88 17.92 9.91 9.77
N PHE A 89 19.04 10.48 10.18
CA PHE A 89 20.25 9.66 10.37
C PHE A 89 21.05 9.84 11.65
N GLU A 90 21.95 8.87 11.87
CA GLU A 90 22.90 8.89 12.97
C GLU A 90 24.23 8.50 12.31
N LYS A 91 25.18 9.42 12.33
CA LYS A 91 26.50 9.20 11.73
C LYS A 91 27.38 8.23 12.51
N VAL A 92 28.23 7.49 11.81
CA VAL A 92 29.12 6.56 12.49
C VAL A 92 30.17 7.36 13.29
N HIS A 93 30.53 8.53 12.78
CA HIS A 93 31.46 9.44 13.44
C HIS A 93 31.35 10.81 12.78
N LYS A 94 31.58 11.84 13.58
CA LYS A 94 31.47 13.25 13.16
C LYS A 94 32.02 13.62 11.80
N ASP A 95 33.10 12.97 11.37
CA ASP A 95 33.68 13.30 10.08
C ASP A 95 32.92 12.81 8.85
N ILE A 96 31.77 12.16 9.06
CA ILE A 96 30.94 11.70 7.94
C ILE A 96 30.19 12.92 7.38
N ASP A 97 30.05 13.01 6.06
CA ASP A 97 29.35 14.13 5.44
C ASP A 97 27.82 14.01 5.58
N ASP A 98 27.11 15.13 5.65
CA ASP A 98 25.66 15.07 5.72
C ASP A 98 25.33 14.39 4.39
N PRO A 99 24.17 13.73 4.27
CA PRO A 99 23.88 13.04 3.01
C PRO A 99 23.39 13.85 1.82
N HIS A 100 24.29 14.65 1.25
CA HIS A 100 23.98 15.48 0.08
C HIS A 100 23.86 14.65 -1.21
N SER A 101 24.99 14.13 -1.66
CA SER A 101 24.97 13.33 -2.89
C SER A 101 24.10 12.11 -2.65
N ILE A 102 24.04 11.66 -1.38
CA ILE A 102 23.21 10.51 -1.03
C ILE A 102 21.74 10.82 -1.31
N ILE A 103 21.25 11.94 -0.80
CA ILE A 103 19.85 12.28 -1.02
C ILE A 103 19.65 12.67 -2.48
N ASP A 104 20.70 13.17 -3.12
CA ASP A 104 20.58 13.52 -4.53
C ASP A 104 20.36 12.24 -5.35
N GLU A 105 20.87 11.12 -4.85
CA GLU A 105 20.66 9.84 -5.55
C GLU A 105 19.18 9.46 -5.46
N SER A 106 18.63 9.54 -4.24
CA SER A 106 17.22 9.20 -4.06
C SER A 106 16.48 10.14 -4.99
N VAL A 107 17.05 11.34 -5.13
CA VAL A 107 16.53 12.36 -6.00
C VAL A 107 16.46 11.79 -7.42
N LYS A 108 17.61 11.35 -7.94
CA LYS A 108 17.64 10.74 -9.28
C LYS A 108 16.61 9.63 -9.31
N TYR A 109 16.71 8.72 -8.34
CA TYR A 109 15.80 7.58 -8.26
C TYR A 109 14.33 7.95 -8.50
N PHE A 110 13.82 8.88 -7.72
CA PHE A 110 12.42 9.28 -7.86
C PHE A 110 12.08 9.82 -9.26
N LYS A 111 12.97 10.62 -9.85
CA LYS A 111 12.71 11.15 -11.19
C LYS A 111 12.45 10.00 -12.17
N LYS A 112 13.21 8.91 -12.00
CA LYS A 112 13.07 7.73 -12.85
C LYS A 112 11.76 6.98 -12.58
N LEU A 113 11.40 6.84 -11.31
CA LEU A 113 10.16 6.17 -10.96
C LEU A 113 9.00 6.88 -11.69
N ASP A 114 9.07 8.22 -11.74
CA ASP A 114 8.04 9.05 -12.38
C ASP A 114 7.92 8.75 -13.90
N GLU A 115 9.05 8.68 -14.59
CA GLU A 115 9.06 8.41 -16.02
C GLU A 115 8.51 7.03 -16.36
N ALA A 116 8.80 6.06 -15.50
CA ALA A 116 8.34 4.69 -15.66
C ALA A 116 6.82 4.56 -15.48
N ILE A 117 6.27 5.23 -14.48
CA ILE A 117 4.82 5.14 -14.27
C ILE A 117 4.07 5.87 -15.37
N LEU A 118 4.40 7.14 -15.55
CA LEU A 118 3.76 7.96 -16.57
C LEU A 118 3.75 7.28 -17.93
N ASN A 119 4.94 7.13 -18.51
CA ASN A 119 5.11 6.52 -19.82
C ASN A 119 4.66 5.05 -19.91
N PHE A 120 4.25 4.48 -18.79
CA PHE A 120 3.78 3.09 -18.79
C PHE A 120 2.26 3.14 -18.96
N SER B 1 -14.47 -32.36 -1.46
CA SER B 1 -15.03 -31.73 -0.23
C SER B 1 -16.40 -31.11 -0.46
N THR B 2 -17.20 -31.06 0.60
CA THR B 2 -18.52 -30.46 0.54
C THR B 2 -18.51 -29.20 1.39
N LEU B 3 -17.33 -28.86 1.94
CA LEU B 3 -17.17 -27.70 2.80
C LEU B 3 -16.29 -26.58 2.21
N LYS B 4 -15.51 -26.92 1.19
CA LYS B 4 -14.58 -25.97 0.59
C LYS B 4 -15.05 -25.41 -0.75
N GLY B 5 -14.69 -24.16 -1.01
CA GLY B 5 -15.07 -23.53 -2.27
C GLY B 5 -14.81 -22.03 -2.28
N ALA B 6 -15.49 -21.32 -3.19
CA ALA B 6 -15.32 -19.87 -3.29
C ALA B 6 -16.53 -19.20 -3.94
N LEU B 7 -16.59 -17.88 -3.81
CA LEU B 7 -17.66 -17.08 -4.38
C LEU B 7 -17.01 -15.76 -4.73
N SER B 8 -17.14 -15.34 -5.98
CA SER B 8 -16.50 -14.13 -6.46
C SER B 8 -17.48 -13.21 -7.18
N VAL B 9 -17.27 -11.91 -7.04
CA VAL B 9 -18.13 -10.93 -7.69
C VAL B 9 -17.27 -9.90 -8.43
N LYS B 10 -17.84 -9.36 -9.50
CA LYS B 10 -17.19 -8.34 -10.32
C LYS B 10 -18.20 -7.21 -10.42
N PHE B 11 -17.72 -5.99 -10.21
CA PHE B 11 -18.55 -4.78 -10.23
C PHE B 11 -17.63 -3.59 -10.41
N ASP B 12 -18.11 -2.58 -11.12
CA ASP B 12 -17.34 -1.38 -11.38
C ASP B 12 -17.40 -0.42 -10.20
N VAL B 13 -16.35 0.38 -10.04
CA VAL B 13 -16.27 1.39 -8.99
C VAL B 13 -15.86 2.70 -9.67
N LYS B 14 -16.33 3.82 -9.14
CA LYS B 14 -16.02 5.14 -9.72
C LYS B 14 -14.57 5.59 -9.48
N CYS B 15 -14.02 5.25 -8.31
CA CYS B 15 -12.66 5.63 -7.98
C CYS B 15 -11.63 5.02 -8.92
N PRO B 16 -10.40 5.56 -8.91
CA PRO B 16 -9.27 5.09 -9.74
C PRO B 16 -8.73 3.91 -8.96
N ALA B 17 -8.03 3.00 -9.64
CA ALA B 17 -7.52 1.79 -9.00
C ALA B 17 -6.59 1.97 -7.81
N ASP B 18 -5.55 2.77 -7.95
CA ASP B 18 -4.62 2.96 -6.85
C ASP B 18 -5.28 3.60 -5.62
N LYS B 19 -5.95 4.73 -5.79
CA LYS B 19 -6.61 5.41 -4.67
C LYS B 19 -7.54 4.44 -3.93
N PHE B 20 -8.62 4.05 -4.60
CA PHE B 20 -9.60 3.12 -4.04
C PHE B 20 -8.97 1.92 -3.34
N PHE B 21 -7.87 1.43 -3.89
CA PHE B 21 -7.16 0.26 -3.35
C PHE B 21 -6.42 0.54 -2.02
N SER B 22 -5.56 1.56 -1.99
CA SER B 22 -4.82 1.91 -0.78
C SER B 22 -5.72 2.11 0.44
N ALA B 23 -6.83 2.83 0.24
CA ALA B 23 -7.80 3.08 1.31
C ALA B 23 -8.30 1.72 1.79
N PHE B 24 -8.54 0.81 0.85
CA PHE B 24 -9.01 -0.52 1.19
C PHE B 24 -8.01 -1.27 2.05
N VAL B 25 -6.76 -1.38 1.58
CA VAL B 25 -5.72 -2.09 2.33
C VAL B 25 -5.53 -1.41 3.68
N GLU B 26 -5.59 -0.08 3.66
CA GLU B 26 -5.42 0.72 4.85
C GLU B 26 -6.62 0.59 5.79
N ASP B 27 -7.82 0.55 5.22
CA ASP B 27 -9.02 0.43 6.04
C ASP B 27 -9.08 -0.93 6.75
N THR B 28 -8.35 -1.92 6.24
CA THR B 28 -8.38 -3.24 6.90
C THR B 28 -7.64 -3.19 8.23
N ASN B 29 -7.06 -2.04 8.57
CA ASN B 29 -6.42 -1.89 9.87
C ASN B 29 -7.54 -1.96 10.91
N ARG B 30 -8.75 -1.55 10.51
CA ARG B 30 -9.88 -1.62 11.42
C ARG B 30 -10.48 -3.01 11.27
N PRO B 31 -10.67 -3.72 12.39
CA PRO B 31 -11.27 -5.06 12.29
C PRO B 31 -12.64 -4.94 11.59
N PHE B 32 -13.10 -6.02 10.97
CA PHE B 32 -14.37 -6.00 10.25
C PHE B 32 -15.60 -6.21 11.12
N GLU B 33 -15.40 -6.72 12.32
CA GLU B 33 -16.47 -6.95 13.28
C GLU B 33 -15.89 -6.69 14.67
N LYS B 34 -16.77 -6.62 15.66
CA LYS B 34 -16.41 -6.35 17.05
C LYS B 34 -15.08 -6.95 17.47
N ASN B 35 -14.96 -8.28 17.35
CA ASN B 35 -13.72 -8.95 17.73
C ASN B 35 -13.04 -9.62 16.52
N GLY B 36 -13.23 -9.03 15.35
CA GLY B 36 -12.63 -9.58 14.15
C GLY B 36 -11.11 -9.46 14.04
N LYS B 37 -10.52 -10.36 13.28
CA LYS B 37 -9.07 -10.34 13.07
C LYS B 37 -8.81 -10.49 11.57
N THR B 38 -8.02 -9.57 11.04
CA THR B 38 -7.68 -9.57 9.62
C THR B 38 -6.17 -9.73 9.52
N GLU B 39 -5.73 -10.66 8.67
CA GLU B 39 -4.30 -10.89 8.47
C GLU B 39 -4.03 -10.78 6.97
N ILE B 40 -3.07 -9.95 6.60
CA ILE B 40 -2.71 -9.80 5.19
C ILE B 40 -1.74 -10.91 4.81
N GLU B 41 -2.12 -11.73 3.82
CA GLU B 41 -1.29 -12.83 3.36
C GLU B 41 -0.41 -12.46 2.17
N ALA B 42 -0.91 -11.57 1.32
CA ALA B 42 -0.17 -11.11 0.14
C ALA B 42 -0.73 -9.76 -0.29
N VAL B 43 0.10 -8.94 -0.92
CA VAL B 43 -0.35 -7.65 -1.38
C VAL B 43 0.61 -7.07 -2.41
N ASP B 44 0.04 -6.47 -3.45
CA ASP B 44 0.83 -5.84 -4.51
C ASP B 44 0.19 -4.48 -4.85
N LEU B 45 0.93 -3.42 -4.56
CA LEU B 45 0.43 -2.07 -4.77
C LEU B 45 0.46 -1.56 -6.23
N VAL B 46 1.11 -2.30 -7.13
CA VAL B 46 1.16 -1.90 -8.54
C VAL B 46 0.07 -2.61 -9.34
N LYS B 47 -0.17 -3.88 -9.03
CA LYS B 47 -1.20 -4.66 -9.70
C LYS B 47 -2.55 -4.51 -9.01
N LYS B 48 -2.56 -3.80 -7.88
CA LYS B 48 -3.77 -3.57 -7.09
C LYS B 48 -4.44 -4.89 -6.72
N THR B 49 -3.69 -5.71 -5.98
CA THR B 49 -4.15 -7.01 -5.53
C THR B 49 -3.76 -7.25 -4.07
N THR B 51 -4.49 -10.49 -0.66
CA THR B 51 -5.23 -11.58 -0.04
C THR B 51 -5.14 -11.41 1.48
N ILE B 52 -6.27 -11.61 2.15
CA ILE B 52 -6.32 -11.47 3.60
C ILE B 52 -7.23 -12.53 4.20
N GLN B 53 -6.96 -12.91 5.45
CA GLN B 53 -7.82 -13.86 6.13
C GLN B 53 -8.60 -13.08 7.18
N SER B 55 -11.42 -13.58 10.63
CA SER B 55 -11.94 -14.47 11.67
C SER B 55 -12.43 -13.60 12.83
N GLY B 56 -13.08 -14.23 13.82
CA GLY B 56 -13.58 -13.48 14.97
C GLY B 56 -14.68 -14.16 15.77
N SER B 57 -15.91 -13.69 15.59
CA SER B 57 -17.06 -14.25 16.29
C SER B 57 -18.18 -14.56 15.33
N GLU B 58 -18.47 -13.61 14.44
CA GLU B 58 -19.54 -13.79 13.48
C GLU B 58 -19.15 -14.73 12.33
N ILE B 59 -17.95 -14.59 11.77
CA ILE B 59 -17.53 -15.44 10.67
C ILE B 59 -17.12 -16.83 11.17
N GLN B 60 -16.63 -16.88 12.39
CA GLN B 60 -16.18 -18.14 12.98
C GLN B 60 -17.33 -19.13 13.17
N LYS B 61 -18.56 -18.62 13.24
CA LYS B 61 -19.71 -19.50 13.42
C LYS B 61 -20.17 -20.08 12.09
N TYR B 62 -19.44 -19.77 11.03
CA TYR B 62 -19.79 -20.26 9.71
C TYR B 62 -18.61 -20.86 8.94
N PHE B 63 -17.41 -20.32 9.15
CA PHE B 63 -16.25 -20.82 8.44
C PHE B 63 -15.01 -21.11 9.29
N LYS B 64 -14.38 -22.25 9.01
CA LYS B 64 -13.15 -22.64 9.70
C LYS B 64 -12.02 -21.81 9.10
N THR B 65 -12.21 -21.41 7.86
CA THR B 65 -11.23 -20.60 7.16
C THR B 65 -11.92 -19.69 6.15
N LEU B 66 -11.50 -18.44 6.11
CA LEU B 66 -12.04 -17.45 5.18
C LEU B 66 -10.95 -16.49 4.73
N LYS B 67 -10.81 -16.36 3.41
CA LYS B 67 -9.84 -15.45 2.82
C LYS B 67 -10.51 -14.67 1.71
N GLY B 68 -10.24 -13.37 1.68
CA GLY B 68 -10.81 -12.52 0.65
C GLY B 68 -9.71 -11.95 -0.21
N SER B 69 -9.83 -12.13 -1.52
CA SER B 69 -8.84 -11.63 -2.46
C SER B 69 -9.44 -10.57 -3.37
N ILE B 70 -8.84 -9.39 -3.38
CA ILE B 70 -9.32 -8.32 -4.24
C ILE B 70 -8.38 -8.11 -5.43
N ALA B 71 -8.96 -7.58 -6.51
CA ALA B 71 -8.21 -7.26 -7.72
C ALA B 71 -8.91 -6.02 -8.25
N VAL B 72 -8.17 -4.93 -8.35
CA VAL B 72 -8.72 -3.68 -8.84
C VAL B 72 -8.00 -3.32 -10.11
N THR B 73 -8.74 -3.20 -11.21
CA THR B 73 -8.13 -2.87 -12.50
C THR B 73 -8.70 -1.60 -13.11
N PRO B 74 -7.83 -0.77 -13.73
CA PRO B 74 -8.31 0.47 -14.34
C PRO B 74 -9.26 0.16 -15.49
N ILE B 75 -10.35 0.90 -15.58
CA ILE B 75 -11.31 0.71 -16.66
C ILE B 75 -10.73 1.46 -17.86
N GLY B 76 -10.08 2.59 -17.59
CA GLY B 76 -9.48 3.39 -18.65
C GLY B 76 -8.72 4.60 -18.16
N VAL B 77 -9.15 5.78 -18.58
CA VAL B 77 -8.52 7.05 -18.20
C VAL B 77 -9.48 7.89 -17.37
N GLY B 78 -9.76 7.44 -16.15
CA GLY B 78 -10.67 8.16 -15.28
C GLY B 78 -12.06 7.55 -15.32
N ASP B 79 -12.23 6.55 -16.18
CA ASP B 79 -13.51 5.87 -16.33
C ASP B 79 -13.84 4.94 -15.15
N GLY B 80 -13.13 5.10 -14.03
CA GLY B 80 -13.38 4.25 -12.88
C GLY B 80 -12.56 2.97 -12.87
N SER B 81 -13.00 1.99 -12.10
CA SER B 81 -12.28 0.73 -11.98
C SER B 81 -13.19 -0.49 -11.85
N HIS B 82 -12.66 -1.64 -12.24
CA HIS B 82 -13.35 -2.93 -12.14
C HIS B 82 -12.76 -3.56 -10.88
N VAL B 83 -13.59 -4.29 -10.13
CA VAL B 83 -13.13 -4.97 -8.92
C VAL B 83 -13.51 -6.45 -8.92
N VAL B 84 -12.56 -7.31 -8.56
CA VAL B 84 -12.85 -8.74 -8.47
C VAL B 84 -12.55 -9.23 -7.04
N TRP B 85 -13.56 -9.13 -6.18
CA TRP B 85 -13.47 -9.53 -4.77
C TRP B 85 -13.87 -11.01 -4.66
N THR B 86 -12.94 -11.82 -4.17
CA THR B 86 -13.16 -13.26 -4.07
C THR B 86 -13.08 -13.81 -2.65
N PHE B 87 -14.15 -14.50 -2.23
CA PHE B 87 -14.18 -15.14 -0.93
C PHE B 87 -13.82 -16.61 -1.08
N HIS B 88 -12.83 -17.06 -0.32
CA HIS B 88 -12.41 -18.46 -0.31
C HIS B 88 -12.84 -18.94 1.09
N PHE B 89 -13.58 -20.04 1.17
CA PHE B 89 -14.08 -20.48 2.48
C PHE B 89 -14.12 -21.97 2.82
N GLU B 90 -14.29 -22.23 4.11
CA GLU B 90 -14.40 -23.58 4.65
C GLU B 90 -15.58 -23.54 5.61
N LYS B 91 -16.71 -24.10 5.17
CA LYS B 91 -17.93 -24.10 5.96
C LYS B 91 -17.84 -24.99 7.20
N VAL B 92 -18.47 -24.55 8.27
CA VAL B 92 -18.48 -25.33 9.50
C VAL B 92 -19.05 -26.69 9.13
N HIS B 93 -20.26 -26.70 8.59
CA HIS B 93 -20.88 -27.96 8.18
C HIS B 93 -21.46 -27.79 6.77
N LYS B 94 -21.45 -28.88 6.01
CA LYS B 94 -21.90 -28.90 4.63
C LYS B 94 -23.22 -28.19 4.35
N ASP B 95 -24.02 -27.97 5.37
CA ASP B 95 -25.31 -27.31 5.20
C ASP B 95 -25.29 -25.79 5.35
N ILE B 96 -24.11 -25.21 5.57
CA ILE B 96 -24.00 -23.77 5.69
C ILE B 96 -24.15 -23.16 4.30
N ASP B 97 -24.82 -22.02 4.20
CA ASP B 97 -25.01 -21.38 2.91
C ASP B 97 -23.70 -20.86 2.35
N ASP B 98 -23.61 -20.78 1.03
CA ASP B 98 -22.39 -20.24 0.41
C ASP B 98 -22.43 -18.78 0.88
N PRO B 99 -21.28 -18.10 0.94
CA PRO B 99 -21.17 -16.71 1.39
C PRO B 99 -21.95 -15.60 0.68
N HIS B 100 -23.15 -15.91 0.19
CA HIS B 100 -23.97 -14.94 -0.52
C HIS B 100 -24.33 -13.69 0.28
N SER B 101 -24.62 -13.87 1.57
CA SER B 101 -24.97 -12.72 2.42
C SER B 101 -23.72 -11.88 2.64
N ILE B 102 -22.59 -12.56 2.78
CA ILE B 102 -21.34 -11.87 3.01
C ILE B 102 -20.87 -11.08 1.79
N ILE B 103 -21.04 -11.64 0.60
CA ILE B 103 -20.59 -10.93 -0.59
C ILE B 103 -21.57 -9.80 -0.92
N ASP B 104 -22.79 -9.95 -0.44
CA ASP B 104 -23.80 -8.93 -0.63
C ASP B 104 -23.29 -7.73 0.17
N GLU B 105 -22.98 -7.97 1.45
CA GLU B 105 -22.46 -6.91 2.32
C GLU B 105 -21.05 -6.52 1.88
N SER B 106 -20.47 -7.33 0.99
CA SER B 106 -19.14 -7.05 0.45
C SER B 106 -19.27 -5.90 -0.55
N VAL B 107 -20.06 -6.12 -1.59
CA VAL B 107 -20.25 -5.10 -2.63
C VAL B 107 -20.71 -3.76 -2.04
N LYS B 108 -21.61 -3.80 -1.06
CA LYS B 108 -22.10 -2.58 -0.42
C LYS B 108 -20.99 -1.90 0.38
N TYR B 109 -20.19 -2.69 1.09
CA TYR B 109 -19.09 -2.09 1.85
C TYR B 109 -18.12 -1.37 0.92
N PHE B 110 -17.96 -1.88 -0.30
CA PHE B 110 -17.07 -1.27 -1.26
C PHE B 110 -17.70 -0.07 -1.96
N LYS B 111 -18.96 -0.23 -2.39
CA LYS B 111 -19.65 0.87 -3.08
C LYS B 111 -19.65 2.11 -2.18
N LYS B 112 -19.79 1.91 -0.87
CA LYS B 112 -19.77 3.03 0.07
C LYS B 112 -18.33 3.53 0.20
N LEU B 113 -17.36 2.61 0.18
CA LEU B 113 -15.97 3.01 0.25
C LEU B 113 -15.69 3.92 -0.96
N ASP B 114 -16.24 3.55 -2.11
CA ASP B 114 -16.09 4.31 -3.36
C ASP B 114 -16.63 5.74 -3.24
N GLU B 115 -17.88 5.87 -2.81
CA GLU B 115 -18.51 7.18 -2.67
C GLU B 115 -17.89 7.96 -1.50
N ALA B 116 -17.64 7.26 -0.40
CA ALA B 116 -17.08 7.88 0.77
C ALA B 116 -15.74 8.56 0.49
N ILE B 117 -15.00 8.06 -0.51
CA ILE B 117 -13.70 8.64 -0.81
C ILE B 117 -13.59 9.27 -2.19
N LEU B 118 -14.60 9.07 -3.04
CA LEU B 118 -14.59 9.64 -4.37
C LEU B 118 -14.47 11.16 -4.23
N ASN B 119 -15.30 11.73 -3.37
CA ASN B 119 -15.32 13.17 -3.09
C ASN B 119 -14.33 13.47 -1.96
N PHE B 120 -13.04 13.48 -2.29
CA PHE B 120 -12.00 13.77 -1.32
C PHE B 120 -10.66 13.43 -1.97
N SER A 1 23.69 16.57 20.18
CA SER A 1 24.43 15.43 19.52
C SER A 1 25.05 15.87 18.20
N THR A 2 26.31 15.50 17.99
CA THR A 2 27.01 15.83 16.76
C THR A 2 26.90 14.68 15.77
N LEU A 3 26.05 13.70 16.08
CA LEU A 3 25.87 12.56 15.19
C LEU A 3 24.51 12.48 14.50
N LYS A 4 23.44 12.89 15.20
CA LYS A 4 22.09 12.86 14.65
C LYS A 4 21.80 14.07 13.78
N GLY A 5 20.90 13.88 12.82
CA GLY A 5 20.52 14.96 11.94
C GLY A 5 19.46 14.53 10.93
N ALA A 6 19.13 15.43 10.03
CA ALA A 6 18.14 15.15 9.01
C ALA A 6 18.37 16.04 7.81
N LEU A 7 18.00 15.52 6.64
CA LEU A 7 18.15 16.25 5.39
C LEU A 7 16.88 15.92 4.60
N SER A 8 16.16 16.95 4.17
CA SER A 8 14.90 16.75 3.47
C SER A 8 14.81 17.57 2.18
N VAL A 9 14.27 16.94 1.14
CA VAL A 9 14.12 17.58 -0.16
C VAL A 9 12.65 17.54 -0.60
N LYS A 10 12.23 18.57 -1.32
CA LYS A 10 10.87 18.68 -1.82
C LYS A 10 11.00 18.98 -3.31
N PHE A 11 10.22 18.29 -4.13
CA PHE A 11 10.27 18.45 -5.58
C PHE A 11 9.00 17.82 -6.14
N ASP A 12 8.48 18.37 -7.24
CA ASP A 12 7.25 17.88 -7.84
C ASP A 12 7.49 16.76 -8.85
N VAL A 13 6.49 15.90 -9.02
CA VAL A 13 6.53 14.81 -9.98
C VAL A 13 5.26 14.90 -10.85
N LYS A 14 5.38 14.49 -12.11
CA LYS A 14 4.25 14.54 -13.06
C LYS A 14 3.05 13.68 -12.62
N CYS A 15 3.32 12.44 -12.25
CA CYS A 15 2.27 11.50 -11.85
C CYS A 15 1.39 11.93 -10.69
N PRO A 16 0.09 11.55 -10.73
CA PRO A 16 -0.85 11.89 -9.66
C PRO A 16 -0.34 11.13 -8.43
N ALA A 17 -0.48 11.73 -7.26
CA ALA A 17 0.03 11.16 -6.01
C ALA A 17 -0.33 9.73 -5.62
N ASP A 18 -1.56 9.32 -5.90
CA ASP A 18 -2.01 7.99 -5.50
C ASP A 18 -1.28 6.84 -6.15
N LYS A 19 -0.89 7.02 -7.40
CA LYS A 19 -0.17 5.99 -8.15
C LYS A 19 1.32 6.09 -7.84
N PHE A 20 1.78 7.30 -7.57
CA PHE A 20 3.20 7.49 -7.26
C PHE A 20 3.61 6.81 -5.96
N PHE A 21 2.90 7.13 -4.88
CA PHE A 21 3.19 6.55 -3.57
C PHE A 21 3.10 5.02 -3.63
N SER A 22 2.02 4.52 -4.24
CA SER A 22 1.81 3.10 -4.39
C SER A 22 2.94 2.46 -5.18
N ALA A 23 3.33 3.07 -6.29
CA ALA A 23 4.43 2.53 -7.08
C ALA A 23 5.73 2.47 -6.25
N PHE A 24 5.97 3.48 -5.41
CA PHE A 24 7.18 3.50 -4.59
C PHE A 24 7.16 2.43 -3.52
N VAL A 25 6.04 2.33 -2.81
CA VAL A 25 5.90 1.34 -1.75
C VAL A 25 6.20 -0.05 -2.30
N GLU A 26 5.65 -0.36 -3.46
CA GLU A 26 5.89 -1.68 -4.02
C GLU A 26 7.35 -1.85 -4.44
N ASP A 27 7.95 -0.80 -4.99
CA ASP A 27 9.35 -0.88 -5.41
C ASP A 27 10.27 -1.19 -4.23
N THR A 28 9.87 -0.81 -3.02
CA THR A 28 10.72 -1.08 -1.86
C THR A 28 10.90 -2.57 -1.55
N ASN A 29 10.16 -3.44 -2.23
CA ASN A 29 10.37 -4.89 -2.04
C ASN A 29 11.76 -5.28 -2.50
N ARG A 30 12.47 -4.31 -3.09
CA ARG A 30 13.83 -4.55 -3.56
C ARG A 30 14.80 -3.81 -2.63
N PRO A 31 15.77 -4.54 -2.04
CA PRO A 31 16.73 -3.88 -1.16
C PRO A 31 17.45 -2.80 -1.99
N PHE A 32 17.90 -1.73 -1.33
CA PHE A 32 18.57 -0.63 -2.01
C PHE A 32 20.05 -0.87 -2.34
N GLU A 33 20.62 -1.93 -1.74
CA GLU A 33 22.01 -2.32 -1.97
C GLU A 33 22.08 -3.85 -1.96
N LYS A 34 23.19 -4.40 -2.45
CA LYS A 34 23.40 -5.84 -2.55
C LYS A 34 22.84 -6.71 -1.44
N ASN A 35 23.23 -6.44 -0.21
CA ASN A 35 22.74 -7.25 0.90
C ASN A 35 21.94 -6.45 1.91
N GLY A 36 21.40 -5.33 1.43
CA GLY A 36 20.64 -4.43 2.28
C GLY A 36 19.32 -4.97 2.79
N LYS A 37 18.72 -4.21 3.70
CA LYS A 37 17.45 -4.58 4.26
C LYS A 37 16.60 -3.33 4.39
N THR A 38 15.30 -3.46 4.13
CA THR A 38 14.38 -2.35 4.24
C THR A 38 13.19 -2.78 5.11
N GLU A 39 12.98 -2.07 6.22
CA GLU A 39 11.88 -2.37 7.12
C GLU A 39 10.89 -1.22 7.15
N ILE A 40 9.60 -1.53 7.13
CA ILE A 40 8.53 -0.53 7.15
C ILE A 40 8.19 -0.20 8.59
N GLU A 41 8.66 0.96 9.05
CA GLU A 41 8.41 1.39 10.42
C GLU A 41 7.00 1.98 10.49
N ALA A 42 6.45 2.29 9.32
CA ALA A 42 5.11 2.85 9.23
C ALA A 42 4.76 3.16 7.77
N VAL A 43 3.55 2.79 7.35
CA VAL A 43 3.13 3.07 5.99
C VAL A 43 1.60 3.11 5.81
N ASP A 44 1.08 4.34 5.82
CA ASP A 44 -0.35 4.63 5.68
C ASP A 44 -0.46 5.20 4.27
N LEU A 45 -1.21 4.52 3.40
CA LEU A 45 -1.35 4.91 2.01
C LEU A 45 -2.15 6.18 1.70
N VAL A 46 -3.40 6.26 2.14
CA VAL A 46 -4.23 7.43 1.87
C VAL A 46 -3.49 8.71 2.25
N LYS A 47 -2.89 8.74 3.44
CA LYS A 47 -2.12 9.92 3.84
C LYS A 47 -0.93 10.06 2.89
N LYS A 48 -0.63 8.98 2.18
CA LYS A 48 0.48 8.97 1.23
C LYS A 48 1.80 9.32 1.95
N THR A 49 2.05 8.61 3.05
CA THR A 49 3.27 8.83 3.82
C THR A 49 3.84 7.48 4.21
N THR A 51 7.49 5.75 6.54
CA THR A 51 8.82 5.83 7.13
C THR A 51 9.45 4.45 6.99
N ILE A 52 10.60 4.41 6.32
CA ILE A 52 11.33 3.15 6.14
C ILE A 52 12.66 3.18 6.92
N GLN A 53 13.10 2.00 7.32
CA GLN A 53 14.35 1.82 8.05
C GLN A 53 15.28 1.10 7.06
N SER A 55 19.17 -0.55 6.01
CA SER A 55 20.44 -1.07 6.49
C SER A 55 21.20 -1.84 5.42
N GLY A 56 22.45 -2.15 5.71
CA GLY A 56 23.30 -2.85 4.76
C GLY A 56 24.75 -2.58 5.13
N SER A 57 25.67 -3.40 4.61
CA SER A 57 27.08 -3.25 4.91
C SER A 57 27.64 -1.89 4.49
N GLU A 58 27.21 -1.39 3.33
CA GLU A 58 27.70 -0.11 2.86
C GLU A 58 27.19 1.06 3.71
N ILE A 59 25.91 1.37 3.61
CA ILE A 59 25.33 2.48 4.37
C ILE A 59 25.83 2.56 5.80
N GLN A 60 25.99 1.41 6.45
CA GLN A 60 26.45 1.36 7.84
C GLN A 60 27.92 1.74 8.03
N LYS A 61 28.64 1.96 6.92
CA LYS A 61 30.02 2.40 7.04
C LYS A 61 29.92 3.91 7.31
N TYR A 62 28.75 4.48 7.02
CA TYR A 62 28.55 5.91 7.19
C TYR A 62 27.55 6.29 8.28
N PHE A 63 26.50 5.49 8.44
CA PHE A 63 25.51 5.78 9.45
C PHE A 63 25.23 4.62 10.41
N LYS A 64 25.08 4.95 11.69
CA LYS A 64 24.77 3.97 12.72
C LYS A 64 23.29 3.61 12.51
N THR A 65 22.53 4.58 12.02
CA THR A 65 21.09 4.39 11.74
C THR A 65 20.65 5.27 10.58
N LEU A 66 19.80 4.72 9.70
CA LEU A 66 19.25 5.46 8.57
C LEU A 66 17.77 5.15 8.32
N LYS A 67 16.99 6.22 8.26
CA LYS A 67 15.56 6.11 8.01
C LYS A 67 15.24 7.11 6.90
N GLY A 68 14.25 6.76 6.08
CA GLY A 68 13.83 7.63 5.01
C GLY A 68 12.32 7.78 5.11
N SER A 69 11.84 9.02 5.15
CA SER A 69 10.40 9.25 5.22
C SER A 69 9.91 9.97 3.97
N ILE A 70 8.76 9.54 3.45
CA ILE A 70 8.19 10.17 2.28
C ILE A 70 6.74 10.59 2.48
N ALA A 71 6.37 11.75 1.93
CA ALA A 71 5.01 12.24 1.96
C ALA A 71 4.72 12.65 0.52
N VAL A 72 3.66 12.09 -0.06
CA VAL A 72 3.31 12.41 -1.45
C VAL A 72 1.96 13.11 -1.41
N THR A 73 1.89 14.34 -1.93
CA THR A 73 0.64 15.08 -1.94
C THR A 73 0.29 15.69 -3.31
N PRO A 74 -0.91 15.39 -3.83
CA PRO A 74 -1.30 15.94 -5.13
C PRO A 74 -1.19 17.46 -5.14
N ILE A 75 -0.74 18.01 -6.27
CA ILE A 75 -0.65 19.45 -6.40
C ILE A 75 -2.07 19.96 -6.63
N GLY A 76 -2.91 19.11 -7.24
CA GLY A 76 -4.30 19.46 -7.49
C GLY A 76 -5.06 18.39 -8.27
N VAL A 77 -5.62 18.78 -9.41
CA VAL A 77 -6.36 17.86 -10.28
C VAL A 77 -5.66 17.87 -11.63
N GLY A 78 -4.86 16.83 -11.88
CA GLY A 78 -4.12 16.77 -13.13
C GLY A 78 -2.98 17.76 -13.08
N ASP A 79 -2.41 17.95 -11.89
CA ASP A 79 -1.30 18.88 -11.67
C ASP A 79 0.00 18.16 -11.28
N GLY A 80 -0.13 17.00 -10.66
CA GLY A 80 1.04 16.27 -10.23
C GLY A 80 1.05 16.13 -8.72
N SER A 81 2.23 15.97 -8.13
CA SER A 81 2.31 15.81 -6.68
C SER A 81 3.45 16.62 -6.07
N HIS A 82 3.65 16.43 -4.77
CA HIS A 82 4.70 17.10 -4.04
C HIS A 82 5.44 16.03 -3.26
N VAL A 83 6.53 15.54 -3.82
CA VAL A 83 7.32 14.52 -3.15
C VAL A 83 8.33 15.15 -2.20
N VAL A 84 8.12 14.97 -0.90
CA VAL A 84 9.03 15.44 0.12
C VAL A 84 9.71 14.15 0.56
N TRP A 85 11.04 14.13 0.55
CA TRP A 85 11.78 12.93 0.96
C TRP A 85 12.83 13.32 2.01
N THR A 86 12.73 12.71 3.19
CA THR A 86 13.61 13.04 4.29
C THR A 86 14.46 11.88 4.77
N PHE A 87 15.76 12.14 4.89
CA PHE A 87 16.69 11.16 5.43
C PHE A 87 16.93 11.53 6.89
N HIS A 88 16.60 10.62 7.82
CA HIS A 88 16.82 10.82 9.25
C HIS A 88 18.03 9.93 9.55
N PHE A 89 19.10 10.50 10.11
CA PHE A 89 20.31 9.69 10.32
C PHE A 89 21.12 9.88 11.58
N GLU A 90 21.90 8.86 11.90
CA GLU A 90 22.84 8.90 13.01
C GLU A 90 24.17 8.52 12.35
N LYS A 91 25.11 9.46 12.35
CA LYS A 91 26.41 9.24 11.73
C LYS A 91 27.32 8.35 12.57
N VAL A 92 28.17 7.55 11.93
CA VAL A 92 29.05 6.68 12.68
C VAL A 92 30.00 7.56 13.51
N HIS A 93 30.44 8.67 12.93
CA HIS A 93 31.30 9.62 13.63
C HIS A 93 31.06 11.00 12.98
N LYS A 94 31.23 12.05 13.78
CA LYS A 94 30.97 13.42 13.34
C LYS A 94 31.54 13.92 12.02
N ASP A 95 32.64 13.35 11.56
CA ASP A 95 33.21 13.81 10.30
C ASP A 95 32.43 13.35 9.07
N ILE A 96 31.40 12.52 9.28
CA ILE A 96 30.60 12.08 8.15
C ILE A 96 29.72 13.25 7.69
N ASP A 97 29.90 13.68 6.45
CA ASP A 97 29.09 14.79 5.91
C ASP A 97 27.59 14.42 5.92
N ASP A 98 26.70 15.41 5.85
CA ASP A 98 25.27 15.09 5.79
C ASP A 98 25.15 14.38 4.44
N PRO A 99 24.13 13.52 4.27
CA PRO A 99 23.94 12.76 3.04
C PRO A 99 23.37 13.45 1.80
N HIS A 100 24.07 14.47 1.33
CA HIS A 100 23.66 15.25 0.16
C HIS A 100 23.70 14.44 -1.15
N SER A 101 24.79 13.70 -1.38
CA SER A 101 24.88 12.92 -2.63
C SER A 101 23.77 11.89 -2.73
N ILE A 102 23.68 11.03 -1.72
CA ILE A 102 22.66 10.00 -1.70
C ILE A 102 21.24 10.56 -1.85
N ILE A 103 20.96 11.71 -1.27
CA ILE A 103 19.60 12.24 -1.39
C ILE A 103 19.37 12.84 -2.77
N ASP A 104 20.42 13.38 -3.39
CA ASP A 104 20.27 13.92 -4.74
C ASP A 104 20.01 12.72 -5.67
N GLU A 105 20.69 11.61 -5.39
CA GLU A 105 20.50 10.39 -6.17
C GLU A 105 19.09 9.81 -5.92
N SER A 106 18.59 9.95 -4.69
CA SER A 106 17.23 9.46 -4.38
C SER A 106 16.24 10.24 -5.25
N VAL A 107 16.48 11.54 -5.40
CA VAL A 107 15.62 12.38 -6.23
C VAL A 107 15.61 11.89 -7.68
N LYS A 108 16.79 11.58 -8.22
CA LYS A 108 16.88 11.10 -9.59
C LYS A 108 16.14 9.79 -9.70
N TYR A 109 16.17 9.02 -8.61
CA TYR A 109 15.49 7.73 -8.59
C TYR A 109 13.98 7.95 -8.60
N PHE A 110 13.51 8.87 -7.78
CA PHE A 110 12.08 9.16 -7.72
C PHE A 110 11.53 9.69 -9.06
N LYS A 111 12.32 10.50 -9.76
CA LYS A 111 11.86 11.05 -11.05
C LYS A 111 11.93 9.99 -12.17
N LYS A 112 12.91 9.09 -12.07
CA LYS A 112 13.02 8.01 -13.07
C LYS A 112 11.83 7.08 -12.87
N LEU A 113 11.38 7.01 -11.62
CA LEU A 113 10.24 6.19 -11.26
C LEU A 113 8.98 6.86 -11.84
N ASP A 114 8.93 8.20 -11.75
CA ASP A 114 7.81 9.00 -12.25
C ASP A 114 7.65 8.74 -13.77
N GLU A 115 8.77 8.84 -14.49
CA GLU A 115 8.77 8.64 -15.94
C GLU A 115 8.37 7.21 -16.32
N ALA A 116 8.75 6.26 -15.47
CA ALA A 116 8.44 4.85 -15.68
C ALA A 116 6.96 4.54 -15.54
N ILE A 117 6.37 4.95 -14.40
CA ILE A 117 4.97 4.67 -14.16
C ILE A 117 4.07 5.48 -15.07
N LEU A 118 4.57 6.62 -15.52
CA LEU A 118 3.81 7.51 -16.39
C LEU A 118 3.82 7.07 -17.87
N ASN A 119 4.91 6.45 -18.30
CA ASN A 119 5.04 6.03 -19.68
C ASN A 119 4.80 4.54 -19.90
N PHE A 120 4.56 3.81 -18.81
CA PHE A 120 4.30 2.38 -18.91
C PHE A 120 2.90 2.16 -19.48
N SER B 1 -14.54 -32.81 -1.58
CA SER B 1 -14.71 -31.97 -0.35
C SER B 1 -15.97 -31.12 -0.39
N THR B 2 -16.82 -31.29 0.61
CA THR B 2 -18.05 -30.52 0.72
C THR B 2 -17.85 -29.38 1.72
N LEU B 3 -16.63 -28.86 1.76
CA LEU B 3 -16.29 -27.78 2.68
C LEU B 3 -15.66 -26.58 1.97
N LYS B 4 -14.81 -26.86 0.98
CA LYS B 4 -14.10 -25.82 0.24
C LYS B 4 -14.87 -25.29 -0.97
N GLY B 5 -14.43 -24.13 -1.46
CA GLY B 5 -15.05 -23.51 -2.62
C GLY B 5 -14.90 -22.00 -2.61
N ALA B 6 -15.73 -21.32 -3.39
CA ALA B 6 -15.68 -19.85 -3.44
C ALA B 6 -16.93 -19.22 -4.04
N LEU B 7 -17.03 -17.90 -3.91
CA LEU B 7 -18.15 -17.14 -4.45
C LEU B 7 -17.59 -15.76 -4.78
N SER B 8 -17.51 -15.46 -6.07
CA SER B 8 -16.93 -14.22 -6.54
C SER B 8 -17.92 -13.21 -7.11
N VAL B 9 -17.51 -11.96 -7.11
CA VAL B 9 -18.34 -10.89 -7.64
C VAL B 9 -17.45 -9.87 -8.34
N LYS B 10 -17.95 -9.35 -9.46
CA LYS B 10 -17.26 -8.34 -10.26
C LYS B 10 -18.25 -7.19 -10.38
N PHE B 11 -17.75 -5.97 -10.21
CA PHE B 11 -18.55 -4.76 -10.28
C PHE B 11 -17.59 -3.59 -10.45
N ASP B 12 -18.01 -2.60 -11.21
CA ASP B 12 -17.20 -1.42 -11.47
C ASP B 12 -17.31 -0.46 -10.31
N VAL B 13 -16.24 0.32 -10.09
CA VAL B 13 -16.20 1.33 -9.05
C VAL B 13 -15.85 2.66 -9.75
N LYS B 14 -16.29 3.77 -9.17
CA LYS B 14 -16.05 5.09 -9.77
C LYS B 14 -14.61 5.60 -9.58
N CYS B 15 -14.02 5.32 -8.41
CA CYS B 15 -12.66 5.77 -8.13
C CYS B 15 -11.60 5.14 -9.03
N PRO B 16 -10.47 5.83 -9.24
CA PRO B 16 -9.39 5.27 -10.07
C PRO B 16 -8.82 4.14 -9.22
N ALA B 17 -8.14 3.19 -9.86
CA ALA B 17 -7.61 2.01 -9.17
C ALA B 17 -6.70 2.17 -7.97
N ASP B 18 -5.60 2.91 -8.11
CA ASP B 18 -4.69 3.06 -6.99
C ASP B 18 -5.34 3.79 -5.82
N LYS B 19 -6.12 4.83 -6.11
CA LYS B 19 -6.80 5.59 -5.06
C LYS B 19 -7.77 4.67 -4.29
N PHE B 20 -8.57 3.92 -5.04
CA PHE B 20 -9.55 3.01 -4.42
C PHE B 20 -8.90 1.86 -3.68
N PHE B 21 -7.89 1.25 -4.31
CA PHE B 21 -7.18 0.11 -3.73
C PHE B 21 -6.44 0.53 -2.45
N SER B 22 -5.72 1.64 -2.52
CA SER B 22 -4.98 2.14 -1.36
C SER B 22 -5.92 2.43 -0.20
N ALA B 23 -7.06 3.07 -0.48
CA ALA B 23 -8.02 3.39 0.56
C ALA B 23 -8.45 2.12 1.29
N PHE B 24 -8.68 1.05 0.53
CA PHE B 24 -9.09 -0.24 1.08
C PHE B 24 -8.00 -0.82 1.95
N VAL B 25 -6.80 -1.01 1.39
CA VAL B 25 -5.69 -1.57 2.13
C VAL B 25 -5.57 -0.86 3.47
N GLU B 26 -5.63 0.47 3.44
CA GLU B 26 -5.52 1.23 4.67
C GLU B 26 -6.69 0.95 5.62
N ASP B 27 -7.88 0.74 5.07
CA ASP B 27 -9.06 0.48 5.91
C ASP B 27 -9.04 -0.91 6.56
N THR B 28 -8.14 -1.80 6.15
CA THR B 28 -8.10 -3.12 6.77
C THR B 28 -7.46 -3.08 8.15
N ASN B 29 -6.96 -1.92 8.54
CA ASN B 29 -6.39 -1.74 9.88
C ASN B 29 -7.54 -1.84 10.89
N ARG B 30 -8.74 -1.46 10.46
CA ARG B 30 -9.90 -1.56 11.36
C ARG B 30 -10.52 -2.93 11.12
N PRO B 31 -10.58 -3.78 12.16
CA PRO B 31 -11.19 -5.10 11.96
C PRO B 31 -12.62 -4.92 11.43
N PHE B 32 -13.18 -5.95 10.81
CA PHE B 32 -14.53 -5.89 10.25
C PHE B 32 -15.63 -6.41 11.15
N GLU B 33 -15.28 -6.69 12.40
CA GLU B 33 -16.21 -7.17 13.42
C GLU B 33 -15.53 -6.87 14.76
N LYS B 34 -16.35 -6.63 15.78
CA LYS B 34 -15.86 -6.31 17.12
C LYS B 34 -14.86 -7.34 17.65
N ASN B 35 -15.12 -8.60 17.36
CA ASN B 35 -14.24 -9.67 17.78
C ASN B 35 -13.59 -10.27 16.54
N GLY B 36 -12.81 -9.45 15.83
CA GLY B 36 -12.18 -9.94 14.62
C GLY B 36 -10.73 -9.55 14.39
N LYS B 37 -10.10 -10.30 13.48
CA LYS B 37 -8.72 -10.04 13.13
C LYS B 37 -8.52 -10.25 11.63
N THR B 38 -7.77 -9.34 11.04
CA THR B 38 -7.49 -9.39 9.62
C THR B 38 -5.99 -9.52 9.43
N GLU B 39 -5.58 -10.51 8.62
CA GLU B 39 -4.17 -10.69 8.31
C GLU B 39 -4.02 -10.48 6.81
N ILE B 40 -2.84 -10.03 6.41
CA ILE B 40 -2.56 -9.79 5.00
C ILE B 40 -1.58 -10.84 4.49
N GLU B 41 -2.10 -11.89 3.85
CA GLU B 41 -1.27 -12.97 3.34
C GLU B 41 -0.41 -12.53 2.16
N ALA B 42 -0.93 -11.65 1.32
CA ALA B 42 -0.20 -11.14 0.17
C ALA B 42 -0.75 -9.79 -0.22
N VAL B 43 0.06 -9.01 -0.92
CA VAL B 43 -0.38 -7.70 -1.37
C VAL B 43 0.58 -7.15 -2.40
N ASP B 44 0.05 -6.51 -3.43
CA ASP B 44 0.85 -5.91 -4.48
C ASP B 44 0.23 -4.55 -4.83
N LEU B 45 0.95 -3.49 -4.52
CA LEU B 45 0.46 -2.14 -4.75
C LEU B 45 0.47 -1.67 -6.22
N VAL B 46 1.14 -2.41 -7.10
CA VAL B 46 1.15 -2.06 -8.52
C VAL B 46 0.11 -2.87 -9.29
N LYS B 47 -0.07 -4.13 -8.89
CA LYS B 47 -1.05 -5.00 -9.52
C LYS B 47 -2.39 -4.86 -8.79
N LYS B 48 -2.33 -4.23 -7.62
CA LYS B 48 -3.53 -3.99 -6.79
C LYS B 48 -4.28 -5.27 -6.39
N THR B 49 -3.56 -6.20 -5.75
CA THR B 49 -4.12 -7.45 -5.25
C THR B 49 -3.87 -7.55 -3.75
N THR B 51 -4.96 -10.67 -0.37
CA THR B 51 -5.79 -11.70 0.23
C THR B 51 -5.74 -11.40 1.72
N ILE B 52 -6.87 -10.98 2.29
CA ILE B 52 -6.90 -10.65 3.70
C ILE B 52 -7.47 -11.76 4.54
N GLN B 53 -6.59 -12.59 5.09
CA GLN B 53 -7.01 -13.68 5.94
C GLN B 53 -7.82 -13.06 7.04
N SER B 55 -10.43 -13.71 10.47
CA SER B 55 -10.97 -14.59 11.50
C SER B 55 -11.73 -13.81 12.58
N GLY B 56 -12.16 -14.55 13.59
CA GLY B 56 -12.92 -13.94 14.66
C GLY B 56 -14.06 -14.84 15.06
N SER B 57 -14.71 -14.48 16.17
CA SER B 57 -15.84 -15.22 16.72
C SER B 57 -16.96 -15.45 15.69
N GLU B 58 -17.52 -14.37 15.16
CA GLU B 58 -18.59 -14.48 14.19
C GLU B 58 -18.22 -15.45 13.06
N ILE B 59 -17.30 -15.02 12.20
CA ILE B 59 -16.83 -15.84 11.08
C ILE B 59 -16.78 -17.31 11.43
N GLN B 60 -16.19 -17.61 12.59
CA GLN B 60 -16.03 -18.98 13.07
C GLN B 60 -17.32 -19.77 13.18
N LYS B 61 -18.45 -19.09 13.24
CA LYS B 61 -19.73 -19.77 13.33
C LYS B 61 -20.15 -20.28 11.96
N TYR B 62 -19.29 -20.05 10.96
CA TYR B 62 -19.58 -20.48 9.60
C TYR B 62 -18.38 -21.09 8.87
N PHE B 63 -17.19 -20.50 9.00
CA PHE B 63 -16.02 -21.01 8.31
C PHE B 63 -14.80 -21.33 9.18
N LYS B 64 -14.02 -22.32 8.74
CA LYS B 64 -12.80 -22.73 9.45
C LYS B 64 -11.64 -21.84 9.00
N THR B 65 -11.71 -21.35 7.76
CA THR B 65 -10.67 -20.48 7.25
C THR B 65 -11.16 -19.57 6.14
N LEU B 66 -11.98 -18.58 6.53
CA LEU B 66 -12.51 -17.63 5.57
C LEU B 66 -11.42 -16.63 5.23
N LYS B 67 -11.19 -16.45 3.94
CA LYS B 67 -10.20 -15.49 3.47
C LYS B 67 -10.90 -14.63 2.43
N GLY B 68 -10.26 -13.52 2.06
CA GLY B 68 -10.84 -12.64 1.07
C GLY B 68 -9.79 -12.07 0.13
N SER B 69 -10.11 -12.02 -1.16
CA SER B 69 -9.16 -11.51 -2.14
C SER B 69 -9.77 -10.49 -3.10
N ILE B 70 -8.98 -9.47 -3.44
CA ILE B 70 -9.42 -8.42 -4.35
C ILE B 70 -8.41 -8.17 -5.48
N ALA B 71 -8.93 -7.63 -6.59
CA ALA B 71 -8.12 -7.25 -7.74
C ALA B 71 -8.86 -6.04 -8.29
N VAL B 72 -8.14 -4.93 -8.45
CA VAL B 72 -8.73 -3.70 -8.95
C VAL B 72 -8.01 -3.31 -10.23
N THR B 73 -8.76 -3.11 -11.30
CA THR B 73 -8.16 -2.74 -12.58
C THR B 73 -8.76 -1.47 -13.18
N PRO B 74 -7.94 -0.65 -13.86
CA PRO B 74 -8.46 0.59 -14.46
C PRO B 74 -9.51 0.26 -15.52
N ILE B 75 -10.53 1.12 -15.61
CA ILE B 75 -11.58 0.96 -16.61
C ILE B 75 -11.28 1.95 -17.73
N GLY B 76 -11.42 3.24 -17.44
CA GLY B 76 -11.16 4.27 -18.42
C GLY B 76 -10.63 5.57 -17.81
N VAL B 77 -10.12 6.45 -18.65
CA VAL B 77 -9.57 7.73 -18.19
C VAL B 77 -10.67 8.53 -17.48
N GLY B 78 -10.79 8.33 -16.18
CA GLY B 78 -11.82 9.02 -15.42
C GLY B 78 -13.12 8.26 -15.52
N ASP B 79 -13.07 7.06 -16.09
CA ASP B 79 -14.24 6.22 -16.25
C ASP B 79 -14.52 5.35 -15.02
N GLY B 80 -13.47 5.02 -14.26
CA GLY B 80 -13.64 4.20 -13.08
C GLY B 80 -12.70 3.00 -13.03
N SER B 81 -13.07 1.99 -12.23
CA SER B 81 -12.24 0.81 -12.07
C SER B 81 -13.07 -0.47 -11.94
N HIS B 82 -12.51 -1.57 -12.45
CA HIS B 82 -13.13 -2.88 -12.34
C HIS B 82 -12.59 -3.42 -11.02
N VAL B 83 -13.41 -4.18 -10.31
CA VAL B 83 -13.00 -4.78 -9.04
C VAL B 83 -13.53 -6.21 -8.96
N VAL B 84 -12.66 -7.14 -8.55
CA VAL B 84 -13.05 -8.53 -8.35
C VAL B 84 -12.79 -8.80 -6.86
N TRP B 85 -13.80 -9.32 -6.17
CA TRP B 85 -13.71 -9.62 -4.74
C TRP B 85 -14.41 -10.95 -4.43
N THR B 86 -13.62 -11.93 -4.00
CA THR B 86 -14.15 -13.25 -3.71
C THR B 86 -13.79 -13.81 -2.33
N PHE B 87 -14.49 -14.86 -1.94
CA PHE B 87 -14.22 -15.54 -0.67
C PHE B 87 -13.66 -16.93 -0.95
N HIS B 88 -12.56 -17.26 -0.29
CA HIS B 88 -11.93 -18.58 -0.39
C HIS B 88 -12.22 -19.18 0.98
N PHE B 89 -12.77 -20.39 1.02
CA PHE B 89 -13.14 -20.97 2.32
C PHE B 89 -13.21 -22.50 2.33
N GLU B 90 -13.35 -23.06 3.53
CA GLU B 90 -13.49 -24.51 3.68
C GLU B 90 -14.49 -24.89 4.76
N LYS B 91 -15.66 -24.25 4.72
CA LYS B 91 -16.77 -24.48 5.64
C LYS B 91 -16.53 -25.50 6.75
N VAL B 92 -17.03 -25.22 7.95
CA VAL B 92 -16.88 -26.17 9.04
C VAL B 92 -17.46 -27.47 8.51
N HIS B 93 -18.78 -27.48 8.26
CA HIS B 93 -19.45 -28.66 7.71
C HIS B 93 -20.28 -28.32 6.47
N LYS B 94 -20.73 -29.36 5.76
CA LYS B 94 -21.47 -29.19 4.51
C LYS B 94 -22.75 -28.36 4.47
N ASP B 95 -23.49 -28.29 5.56
CA ASP B 95 -24.74 -27.51 5.57
C ASP B 95 -24.61 -25.99 5.60
N ILE B 96 -23.38 -25.48 5.67
CA ILE B 96 -23.21 -24.03 5.68
C ILE B 96 -23.56 -23.48 4.29
N ASP B 97 -24.23 -22.33 4.23
CA ASP B 97 -24.55 -21.76 2.94
C ASP B 97 -23.32 -21.13 2.30
N ASP B 98 -23.33 -20.97 0.98
CA ASP B 98 -22.22 -20.33 0.31
C ASP B 98 -22.38 -18.88 0.79
N PRO B 99 -21.28 -18.13 0.93
CA PRO B 99 -21.30 -16.73 1.41
C PRO B 99 -22.03 -15.64 0.63
N HIS B 100 -23.24 -15.92 0.18
CA HIS B 100 -24.03 -14.96 -0.59
C HIS B 100 -24.35 -13.66 0.16
N SER B 101 -24.96 -13.78 1.33
CA SER B 101 -25.30 -12.59 2.11
C SER B 101 -23.98 -12.00 2.59
N ILE B 102 -23.01 -12.87 2.78
CA ILE B 102 -21.70 -12.44 3.24
C ILE B 102 -21.04 -11.57 2.15
N ILE B 103 -21.07 -12.01 0.90
CA ILE B 103 -20.43 -11.23 -0.16
C ILE B 103 -21.28 -10.01 -0.49
N ASP B 104 -22.59 -10.17 -0.39
CA ASP B 104 -23.50 -9.06 -0.63
C ASP B 104 -23.07 -7.90 0.29
N GLU B 105 -22.69 -8.22 1.52
CA GLU B 105 -22.27 -7.19 2.47
C GLU B 105 -20.90 -6.63 2.11
N SER B 106 -20.13 -7.36 1.31
CA SER B 106 -18.82 -6.87 0.89
C SER B 106 -19.05 -5.82 -0.19
N VAL B 107 -19.94 -6.14 -1.13
CA VAL B 107 -20.24 -5.23 -2.22
C VAL B 107 -20.79 -3.92 -1.69
N LYS B 108 -21.68 -4.00 -0.70
CA LYS B 108 -22.26 -2.80 -0.09
C LYS B 108 -21.12 -1.98 0.46
N TYR B 109 -20.23 -2.62 1.22
CA TYR B 109 -19.08 -1.91 1.78
C TYR B 109 -18.31 -1.22 0.66
N PHE B 110 -17.86 -2.00 -0.32
CA PHE B 110 -17.12 -1.43 -1.42
C PHE B 110 -17.88 -0.28 -2.08
N LYS B 111 -19.18 -0.43 -2.26
CA LYS B 111 -19.98 0.64 -2.89
C LYS B 111 -19.88 1.91 -2.04
N LYS B 112 -19.89 1.75 -0.72
CA LYS B 112 -19.78 2.90 0.19
C LYS B 112 -18.35 3.42 0.26
N LEU B 113 -17.37 2.51 0.26
CA LEU B 113 -15.97 2.95 0.28
C LEU B 113 -15.80 3.90 -0.92
N ASP B 114 -16.39 3.53 -2.05
CA ASP B 114 -16.33 4.32 -3.29
C ASP B 114 -16.97 5.71 -3.10
N GLU B 115 -18.21 5.73 -2.62
CA GLU B 115 -18.93 6.99 -2.42
C GLU B 115 -18.42 7.77 -1.22
N ALA B 116 -17.49 7.16 -0.48
CA ALA B 116 -16.91 7.79 0.69
C ALA B 116 -15.65 8.58 0.39
N ILE B 117 -14.81 8.07 -0.51
CA ILE B 117 -13.56 8.76 -0.81
C ILE B 117 -13.60 9.47 -2.16
N LEU B 118 -14.66 9.26 -2.91
CA LEU B 118 -14.80 9.92 -4.21
C LEU B 118 -15.07 11.41 -4.00
N ASN B 119 -16.04 11.72 -3.16
CA ASN B 119 -16.40 13.11 -2.89
C ASN B 119 -15.68 13.71 -1.68
N PHE B 120 -14.45 13.29 -1.48
CA PHE B 120 -13.65 13.78 -0.37
C PHE B 120 -12.27 14.22 -0.87
N SER A 1 23.74 16.56 20.17
CA SER A 1 24.53 15.50 19.46
C SER A 1 25.18 16.03 18.18
N THR A 2 26.33 15.46 17.83
CA THR A 2 27.03 15.87 16.64
C THR A 2 26.80 14.84 15.52
N LEU A 3 26.29 13.66 15.89
CA LEU A 3 26.06 12.60 14.91
C LEU A 3 24.64 12.49 14.35
N LYS A 4 23.63 12.88 15.12
CA LYS A 4 22.25 12.81 14.65
C LYS A 4 21.86 13.98 13.77
N GLY A 5 20.83 13.79 12.95
CA GLY A 5 20.36 14.83 12.07
C GLY A 5 19.52 14.28 10.94
N ALA A 6 19.15 15.16 10.01
CA ALA A 6 18.35 14.75 8.87
C ALA A 6 18.57 15.76 7.75
N LEU A 7 18.07 15.43 6.58
CA LEU A 7 18.19 16.29 5.41
C LEU A 7 16.94 15.99 4.57
N SER A 8 16.25 17.04 4.15
CA SER A 8 15.01 16.88 3.39
C SER A 8 15.01 17.61 2.05
N VAL A 9 14.29 17.05 1.11
CA VAL A 9 14.17 17.63 -0.22
C VAL A 9 12.72 17.59 -0.69
N LYS A 10 12.30 18.66 -1.36
CA LYS A 10 10.95 18.76 -1.90
C LYS A 10 11.11 19.01 -3.39
N PHE A 11 10.35 18.29 -4.20
CA PHE A 11 10.44 18.41 -5.66
C PHE A 11 9.11 17.90 -6.20
N ASP A 12 8.83 18.14 -7.48
CA ASP A 12 7.56 17.72 -8.05
C ASP A 12 7.71 16.54 -9.01
N VAL A 13 6.63 15.78 -9.17
CA VAL A 13 6.56 14.63 -10.06
C VAL A 13 5.26 14.78 -10.89
N LYS A 14 5.28 14.22 -12.09
CA LYS A 14 4.13 14.28 -13.01
C LYS A 14 2.96 13.38 -12.60
N CYS A 15 3.27 12.25 -11.97
CA CYS A 15 2.27 11.27 -11.56
C CYS A 15 1.33 11.67 -10.42
N PRO A 16 0.13 11.05 -10.39
CA PRO A 16 -0.89 11.30 -9.35
C PRO A 16 -0.29 10.67 -8.08
N ALA A 17 -0.62 11.20 -6.91
CA ALA A 17 -0.04 10.71 -5.65
C ALA A 17 -0.23 9.23 -5.30
N ASP A 18 -1.47 8.74 -5.40
CA ASP A 18 -1.75 7.34 -5.07
C ASP A 18 -0.90 6.42 -5.95
N LYS A 19 -0.90 6.69 -7.25
CA LYS A 19 -0.14 5.88 -8.21
C LYS A 19 1.36 5.95 -7.92
N PHE A 20 1.86 7.18 -7.79
CA PHE A 20 3.28 7.36 -7.53
C PHE A 20 3.68 6.74 -6.19
N PHE A 21 2.93 7.06 -5.15
CA PHE A 21 3.21 6.53 -3.80
C PHE A 21 3.14 5.00 -3.77
N SER A 22 2.06 4.46 -4.33
CA SER A 22 1.88 3.00 -4.37
C SER A 22 3.01 2.30 -5.12
N ALA A 23 3.41 2.87 -6.26
CA ALA A 23 4.50 2.27 -7.02
C ALA A 23 5.80 2.26 -6.19
N PHE A 24 6.03 3.30 -5.40
CA PHE A 24 7.24 3.38 -4.58
C PHE A 24 7.23 2.36 -3.45
N VAL A 25 6.13 2.31 -2.71
CA VAL A 25 6.00 1.37 -1.61
C VAL A 25 6.30 -0.03 -2.10
N GLU A 26 5.81 -0.37 -3.29
CA GLU A 26 6.06 -1.70 -3.79
C GLU A 26 7.56 -1.93 -4.07
N ASP A 27 8.30 -0.83 -4.27
CA ASP A 27 9.75 -0.96 -4.53
C ASP A 27 10.58 -1.14 -3.25
N THR A 28 9.96 -1.06 -2.06
CA THR A 28 10.73 -1.28 -0.82
C THR A 28 11.10 -2.76 -0.79
N ASN A 29 10.45 -3.54 -1.65
CA ASN A 29 10.77 -4.97 -1.76
C ASN A 29 12.15 -5.10 -2.40
N ARG A 30 12.74 -3.97 -2.78
CA ARG A 30 14.07 -3.96 -3.37
C ARG A 30 14.99 -3.24 -2.40
N PRO A 31 15.88 -3.97 -1.72
CA PRO A 31 16.76 -3.27 -0.80
C PRO A 31 17.67 -2.38 -1.66
N PHE A 32 18.14 -1.28 -1.09
CA PHE A 32 18.98 -0.34 -1.82
C PHE A 32 20.28 -0.97 -2.36
N GLU A 33 20.95 -1.75 -1.52
CA GLU A 33 22.19 -2.43 -1.91
C GLU A 33 22.03 -3.96 -1.81
N LYS A 34 22.99 -4.66 -2.40
CA LYS A 34 23.02 -6.13 -2.44
C LYS A 34 22.72 -6.83 -1.11
N ASN A 35 23.29 -6.33 -0.03
CA ASN A 35 23.08 -6.96 1.27
C ASN A 35 22.15 -6.11 2.14
N GLY A 36 21.50 -5.15 1.50
CA GLY A 36 20.63 -4.24 2.21
C GLY A 36 19.33 -4.84 2.72
N LYS A 37 18.73 -4.13 3.66
CA LYS A 37 17.48 -4.56 4.25
C LYS A 37 16.62 -3.32 4.40
N THR A 38 15.34 -3.44 4.05
CA THR A 38 14.42 -2.31 4.19
C THR A 38 13.23 -2.75 5.05
N GLU A 39 12.98 -2.02 6.14
CA GLU A 39 11.87 -2.35 7.02
C GLU A 39 10.89 -1.18 7.13
N ILE A 40 9.61 -1.49 6.96
CA ILE A 40 8.54 -0.49 7.02
C ILE A 40 8.21 -0.24 8.49
N GLU A 41 8.60 0.93 8.99
CA GLU A 41 8.34 1.26 10.38
C GLU A 41 7.02 2.01 10.54
N ALA A 42 6.57 2.63 9.45
CA ALA A 42 5.29 3.36 9.46
C ALA A 42 4.80 3.57 8.02
N VAL A 43 3.50 3.39 7.82
CA VAL A 43 2.93 3.61 6.50
C VAL A 43 1.44 3.94 6.54
N ASP A 44 1.02 4.89 5.70
CA ASP A 44 -0.38 5.28 5.61
C ASP A 44 -0.72 5.38 4.12
N LEU A 45 -1.43 4.38 3.61
CA LEU A 45 -1.78 4.34 2.21
C LEU A 45 -2.79 5.40 1.77
N VAL A 46 -3.44 6.06 2.73
CA VAL A 46 -4.40 7.11 2.41
C VAL A 46 -3.68 8.45 2.35
N LYS A 47 -2.92 8.79 3.40
CA LYS A 47 -2.18 10.04 3.41
C LYS A 47 -0.96 9.99 2.48
N LYS A 48 -0.64 8.80 1.97
CA LYS A 48 0.50 8.65 1.08
C LYS A 48 1.78 9.07 1.84
N THR A 49 2.04 8.35 2.93
CA THR A 49 3.21 8.62 3.76
C THR A 49 3.83 7.31 4.17
N THR A 51 7.56 5.61 6.51
CA THR A 51 8.89 5.69 7.09
C THR A 51 9.49 4.30 7.02
N ILE A 52 10.66 4.19 6.39
CA ILE A 52 11.37 2.91 6.28
C ILE A 52 12.80 3.07 6.76
N GLN A 53 13.31 2.07 7.49
CA GLN A 53 14.70 2.13 7.94
C GLN A 53 15.53 1.36 6.91
N SER A 55 19.24 -0.50 5.85
CA SER A 55 20.41 -1.13 6.42
C SER A 55 21.25 -1.75 5.31
N GLY A 56 22.44 -2.24 5.67
CA GLY A 56 23.32 -2.84 4.69
C GLY A 56 24.76 -2.55 5.09
N SER A 57 25.69 -3.38 4.64
CA SER A 57 27.10 -3.21 4.98
C SER A 57 27.68 -1.89 4.48
N GLU A 58 27.26 -1.44 3.30
CA GLU A 58 27.76 -0.19 2.76
C GLU A 58 27.21 1.02 3.51
N ILE A 59 25.89 1.13 3.61
CA ILE A 59 25.30 2.27 4.29
C ILE A 59 25.78 2.40 5.75
N GLN A 60 25.96 1.26 6.42
CA GLN A 60 26.42 1.23 7.81
C GLN A 60 27.86 1.72 7.96
N LYS A 61 28.59 1.83 6.86
CA LYS A 61 29.96 2.34 6.96
C LYS A 61 29.86 3.84 7.26
N TYR A 62 28.72 4.45 6.93
CA TYR A 62 28.55 5.89 7.13
C TYR A 62 27.48 6.26 8.16
N PHE A 63 26.43 5.44 8.24
CA PHE A 63 25.35 5.70 9.19
C PHE A 63 24.99 4.48 10.02
N LYS A 64 24.97 4.66 11.34
CA LYS A 64 24.61 3.57 12.26
C LYS A 64 23.11 3.34 12.17
N THR A 65 22.39 4.42 11.89
CA THR A 65 20.94 4.37 11.75
C THR A 65 20.55 5.35 10.64
N LEU A 66 19.70 4.87 9.74
CA LEU A 66 19.20 5.70 8.64
C LEU A 66 17.73 5.36 8.43
N LYS A 67 16.92 6.41 8.37
CA LYS A 67 15.50 6.25 8.12
C LYS A 67 15.14 7.23 7.00
N GLY A 68 14.21 6.81 6.15
CA GLY A 68 13.76 7.65 5.05
C GLY A 68 12.25 7.68 5.07
N SER A 69 11.67 8.87 5.01
CA SER A 69 10.22 9.00 5.00
C SER A 69 9.82 9.70 3.70
N ILE A 70 8.62 9.41 3.19
CA ILE A 70 8.13 10.04 1.97
C ILE A 70 6.66 10.42 2.02
N ALA A 71 6.36 11.72 1.96
CA ALA A 71 4.97 12.18 1.94
C ALA A 71 4.70 12.56 0.49
N VAL A 72 3.63 12.02 -0.09
CA VAL A 72 3.29 12.35 -1.48
C VAL A 72 1.95 13.09 -1.44
N THR A 73 1.93 14.31 -1.96
CA THR A 73 0.68 15.10 -1.98
C THR A 73 0.34 15.68 -3.35
N PRO A 74 -0.87 15.40 -3.85
CA PRO A 74 -1.28 15.94 -5.15
C PRO A 74 -1.16 17.45 -5.19
N ILE A 75 -0.75 17.98 -6.34
CA ILE A 75 -0.65 19.43 -6.49
C ILE A 75 -2.07 19.96 -6.71
N GLY A 76 -2.93 19.14 -7.31
CA GLY A 76 -4.32 19.53 -7.55
C GLY A 76 -5.15 18.47 -8.27
N VAL A 77 -5.52 18.76 -9.51
CA VAL A 77 -6.30 17.84 -10.34
C VAL A 77 -5.62 17.76 -11.70
N GLY A 78 -4.87 16.69 -11.93
CA GLY A 78 -4.16 16.55 -13.19
C GLY A 78 -3.02 17.55 -13.23
N ASP A 79 -2.42 17.79 -12.06
CA ASP A 79 -1.31 18.74 -11.92
C ASP A 79 0.00 18.07 -11.48
N GLY A 80 -0.06 16.79 -11.10
CA GLY A 80 1.14 16.12 -10.65
C GLY A 80 1.19 16.02 -9.14
N SER A 81 2.37 15.73 -8.59
CA SER A 81 2.48 15.58 -7.15
C SER A 81 3.77 16.15 -6.55
N HIS A 82 3.63 16.75 -5.36
CA HIS A 82 4.77 17.26 -4.63
C HIS A 82 5.26 16.03 -3.89
N VAL A 83 6.47 16.10 -3.36
CA VAL A 83 7.03 14.96 -2.65
C VAL A 83 7.94 15.43 -1.51
N VAL A 84 7.64 15.00 -0.29
CA VAL A 84 8.52 15.33 0.81
C VAL A 84 9.25 14.04 1.16
N TRP A 85 10.52 13.99 0.76
CA TRP A 85 11.40 12.85 0.97
C TRP A 85 12.55 13.36 1.81
N THR A 86 12.98 12.57 2.79
CA THR A 86 14.06 13.01 3.64
C THR A 86 14.63 11.94 4.55
N PHE A 87 15.95 11.96 4.69
CA PHE A 87 16.64 11.01 5.56
C PHE A 87 16.65 11.52 7.00
N HIS A 88 16.70 10.60 7.96
CA HIS A 88 16.76 10.91 9.38
C HIS A 88 17.90 10.00 9.86
N PHE A 89 18.75 10.46 10.77
CA PHE A 89 19.87 9.60 11.15
C PHE A 89 20.75 10.02 12.33
N GLU A 90 21.81 9.22 12.49
CA GLU A 90 22.87 9.39 13.48
C GLU A 90 24.08 8.71 12.83
N LYS A 91 24.99 9.51 12.27
CA LYS A 91 26.18 8.96 11.61
C LYS A 91 27.01 8.18 12.62
N VAL A 92 28.06 7.51 12.14
CA VAL A 92 28.94 6.77 13.04
C VAL A 92 29.79 7.79 13.81
N HIS A 93 30.50 8.66 13.08
CA HIS A 93 31.31 9.69 13.73
C HIS A 93 31.00 11.05 13.07
N LYS A 94 31.29 12.12 13.78
CA LYS A 94 30.99 13.48 13.32
C LYS A 94 31.57 13.94 11.98
N ASP A 95 32.60 13.29 11.48
CA ASP A 95 33.17 13.70 10.21
C ASP A 95 32.42 13.19 8.99
N ILE A 96 31.50 12.25 9.18
CA ILE A 96 30.72 11.74 8.06
C ILE A 96 29.99 12.95 7.44
N ASP A 97 29.93 13.02 6.10
CA ASP A 97 29.24 14.13 5.44
C ASP A 97 27.71 13.97 5.54
N ASP A 98 26.97 15.08 5.57
CA ASP A 98 25.52 14.99 5.60
C ASP A 98 25.23 14.33 4.25
N PRO A 99 24.22 13.46 4.17
CA PRO A 99 23.83 12.72 2.96
C PRO A 99 23.39 13.46 1.70
N HIS A 100 24.13 14.50 1.36
CA HIS A 100 23.82 15.30 0.17
C HIS A 100 23.93 14.44 -1.10
N SER A 101 24.96 13.59 -1.17
CA SER A 101 25.14 12.74 -2.35
C SER A 101 23.86 11.96 -2.65
N ILE A 102 23.66 10.91 -1.87
CA ILE A 102 22.51 10.03 -2.00
C ILE A 102 21.15 10.75 -2.04
N ILE A 103 20.95 11.77 -1.23
CA ILE A 103 19.66 12.45 -1.25
C ILE A 103 19.36 12.91 -2.69
N ASP A 104 20.37 13.42 -3.39
CA ASP A 104 20.16 13.82 -4.78
C ASP A 104 19.96 12.57 -5.66
N GLU A 105 20.69 11.50 -5.32
CA GLU A 105 20.52 10.24 -6.05
C GLU A 105 19.10 9.72 -5.80
N SER A 106 18.58 9.93 -4.58
CA SER A 106 17.21 9.49 -4.27
C SER A 106 16.29 10.28 -5.19
N VAL A 107 16.55 11.58 -5.34
CA VAL A 107 15.75 12.42 -6.22
C VAL A 107 15.83 11.87 -7.64
N LYS A 108 17.04 11.50 -8.08
CA LYS A 108 17.19 10.95 -9.42
C LYS A 108 16.37 9.68 -9.49
N TYR A 109 16.47 8.86 -8.45
CA TYR A 109 15.72 7.62 -8.42
C TYR A 109 14.23 7.92 -8.58
N PHE A 110 13.75 8.93 -7.88
CA PHE A 110 12.35 9.30 -7.97
C PHE A 110 11.98 9.86 -9.36
N LYS A 111 12.82 10.75 -9.90
CA LYS A 111 12.53 11.32 -11.22
C LYS A 111 12.27 10.19 -12.22
N LYS A 112 13.01 9.08 -12.06
CA LYS A 112 12.85 7.90 -12.91
C LYS A 112 11.58 7.11 -12.56
N LEU A 113 11.26 7.01 -11.28
CA LEU A 113 10.06 6.29 -10.86
C LEU A 113 8.85 6.96 -11.51
N ASP A 114 8.84 8.30 -11.52
CA ASP A 114 7.75 9.09 -12.12
C ASP A 114 7.61 8.73 -13.62
N GLU A 115 8.75 8.69 -14.32
CA GLU A 115 8.77 8.36 -15.75
C GLU A 115 8.54 6.86 -16.01
N ALA A 116 9.06 6.02 -15.11
CA ALA A 116 8.91 4.58 -15.24
C ALA A 116 7.45 4.14 -15.29
N ILE A 117 6.57 4.91 -14.66
CA ILE A 117 5.16 4.52 -14.63
C ILE A 117 4.18 5.50 -15.27
N LEU A 118 4.69 6.64 -15.75
CA LEU A 118 3.86 7.65 -16.38
C LEU A 118 2.86 7.16 -17.43
N ASN A 119 3.35 6.88 -18.64
CA ASN A 119 2.50 6.43 -19.75
C ASN A 119 2.44 4.90 -19.86
N PHE A 120 1.61 4.28 -19.04
CA PHE A 120 1.51 2.82 -19.04
C PHE A 120 0.32 2.26 -19.84
N SER B 1 -10.46 -31.14 0.13
CA SER B 1 -11.13 -32.16 -0.73
C SER B 1 -12.62 -31.85 -0.91
N THR B 2 -13.24 -31.28 0.13
CA THR B 2 -14.65 -30.92 0.11
C THR B 2 -14.93 -29.73 1.02
N LEU B 3 -14.14 -28.67 0.87
CA LEU B 3 -14.28 -27.48 1.68
C LEU B 3 -13.48 -26.29 1.15
N LYS B 4 -12.85 -26.46 -0.01
CA LYS B 4 -12.00 -25.43 -0.60
C LYS B 4 -12.62 -24.47 -1.61
N GLY B 5 -13.95 -24.42 -1.65
CA GLY B 5 -14.65 -23.57 -2.60
C GLY B 5 -14.47 -22.06 -2.42
N ALA B 6 -15.16 -21.30 -3.28
CA ALA B 6 -15.08 -19.85 -3.23
C ALA B 6 -16.35 -19.26 -3.84
N LEU B 7 -16.48 -17.94 -3.73
CA LEU B 7 -17.62 -17.24 -4.26
C LEU B 7 -17.08 -15.84 -4.53
N SER B 8 -17.21 -15.40 -5.78
CA SER B 8 -16.70 -14.10 -6.19
C SER B 8 -17.75 -13.24 -6.87
N VAL B 9 -17.50 -11.94 -6.86
CA VAL B 9 -18.41 -11.00 -7.48
C VAL B 9 -17.57 -9.89 -8.12
N LYS B 10 -17.92 -9.55 -9.36
CA LYS B 10 -17.25 -8.49 -10.10
C LYS B 10 -18.23 -7.34 -10.29
N PHE B 11 -17.74 -6.13 -10.06
CA PHE B 11 -18.51 -4.89 -10.15
C PHE B 11 -17.44 -3.82 -10.28
N ASP B 12 -17.78 -2.71 -10.93
CA ASP B 12 -16.80 -1.66 -11.11
C ASP B 12 -17.22 -0.32 -10.54
N VAL B 13 -16.41 0.23 -9.61
CA VAL B 13 -16.71 1.51 -8.99
C VAL B 13 -16.23 2.68 -9.85
N LYS B 14 -16.34 3.90 -9.30
CA LYS B 14 -15.92 5.10 -10.02
C LYS B 14 -14.58 5.67 -9.53
N CYS B 15 -14.23 5.38 -8.27
CA CYS B 15 -12.99 5.88 -7.67
C CYS B 15 -11.76 5.40 -8.43
N PRO B 16 -10.69 6.22 -8.47
CA PRO B 16 -9.47 5.82 -9.17
C PRO B 16 -8.95 4.51 -8.60
N ALA B 17 -8.48 3.63 -9.48
CA ALA B 17 -8.03 2.28 -9.09
C ALA B 17 -6.96 2.17 -8.02
N ASP B 18 -5.89 2.96 -8.14
CA ASP B 18 -4.84 2.87 -7.15
C ASP B 18 -5.24 3.50 -5.83
N LYS B 19 -6.03 4.58 -5.90
CA LYS B 19 -6.49 5.26 -4.69
C LYS B 19 -7.45 4.33 -3.94
N PHE B 20 -8.51 3.90 -4.63
CA PHE B 20 -9.51 2.99 -4.07
C PHE B 20 -8.84 1.84 -3.35
N PHE B 21 -7.90 1.18 -4.03
CA PHE B 21 -7.18 0.04 -3.47
C PHE B 21 -6.42 0.43 -2.19
N SER B 22 -5.64 1.51 -2.26
CA SER B 22 -4.89 1.96 -1.09
C SER B 22 -5.82 2.24 0.10
N ALA B 23 -6.95 2.90 -0.16
CA ALA B 23 -7.91 3.21 0.91
C ALA B 23 -8.39 1.90 1.53
N PHE B 24 -8.71 0.92 0.69
CA PHE B 24 -9.18 -0.39 1.17
C PHE B 24 -8.11 -1.00 2.07
N VAL B 25 -6.89 -1.08 1.57
CA VAL B 25 -5.78 -1.66 2.34
C VAL B 25 -5.68 -0.93 3.67
N GLU B 26 -5.71 0.40 3.63
CA GLU B 26 -5.61 1.16 4.86
C GLU B 26 -6.77 0.84 5.80
N ASP B 27 -7.98 0.75 5.26
CA ASP B 27 -9.15 0.45 6.08
C ASP B 27 -9.10 -0.96 6.66
N THR B 28 -8.39 -1.90 6.03
CA THR B 28 -8.34 -3.25 6.61
C THR B 28 -7.58 -3.27 7.92
N ASN B 29 -6.90 -2.16 8.25
CA ASN B 29 -6.25 -2.11 9.56
C ASN B 29 -7.37 -2.24 10.59
N ARG B 30 -8.63 -2.14 10.13
CA ARG B 30 -9.76 -2.24 11.06
C ARG B 30 -10.51 -3.57 10.90
N PRO B 31 -10.48 -4.40 11.95
CA PRO B 31 -11.13 -5.71 11.98
C PRO B 31 -12.66 -5.66 11.89
N PHE B 32 -13.17 -5.68 10.67
CA PHE B 32 -14.60 -5.65 10.36
C PHE B 32 -15.51 -5.54 11.58
N GLU B 33 -15.60 -6.62 12.36
CA GLU B 33 -16.44 -6.62 13.55
C GLU B 33 -15.62 -6.72 14.84
N LYS B 34 -16.30 -7.10 15.93
CA LYS B 34 -15.70 -7.22 17.25
C LYS B 34 -14.28 -7.77 17.29
N ASN B 35 -13.94 -8.65 16.34
CA ASN B 35 -12.60 -9.22 16.30
C ASN B 35 -12.08 -9.56 14.90
N GLY B 36 -10.82 -9.99 14.86
CA GLY B 36 -10.21 -10.35 13.59
C GLY B 36 -8.69 -10.33 13.56
N LYS B 37 -8.08 -11.50 13.61
CA LYS B 37 -6.63 -11.58 13.53
C LYS B 37 -6.28 -11.15 12.11
N THR B 38 -5.13 -10.53 11.95
CA THR B 38 -4.72 -10.10 10.63
C THR B 38 -3.40 -10.72 10.24
N GLU B 39 -3.45 -11.49 9.15
CA GLU B 39 -2.31 -12.21 8.62
C GLU B 39 -2.19 -12.00 7.11
N ILE B 40 -1.71 -10.83 6.72
CA ILE B 40 -1.58 -10.52 5.30
C ILE B 40 -0.82 -11.61 4.55
N GLU B 41 -1.48 -12.23 3.58
CA GLU B 41 -0.82 -13.31 2.84
C GLU B 41 -0.46 -12.92 1.42
N ALA B 42 -0.23 -11.63 1.20
CA ALA B 42 0.16 -11.05 -0.11
C ALA B 42 -0.54 -9.72 -0.36
N VAL B 43 0.23 -8.71 -0.75
CA VAL B 43 -0.33 -7.40 -1.06
C VAL B 43 0.59 -6.57 -1.94
N ASP B 44 0.32 -6.63 -3.25
CA ASP B 44 1.11 -5.90 -4.25
C ASP B 44 0.39 -4.59 -4.58
N LEU B 45 1.13 -3.49 -4.57
CA LEU B 45 0.53 -2.19 -4.82
C LEU B 45 0.54 -1.71 -6.28
N VAL B 46 1.18 -2.45 -7.17
CA VAL B 46 1.20 -2.09 -8.59
C VAL B 46 0.03 -2.75 -9.32
N LYS B 47 -0.17 -4.04 -9.06
CA LYS B 47 -1.25 -4.80 -9.67
C LYS B 47 -2.60 -4.52 -8.99
N LYS B 48 -2.55 -4.05 -7.75
CA LYS B 48 -3.74 -3.76 -6.96
C LYS B 48 -4.51 -5.06 -6.70
N THR B 49 -3.82 -6.02 -6.11
CA THR B 49 -4.37 -7.33 -5.78
C THR B 49 -4.00 -7.69 -4.36
N THR B 51 -5.03 -10.11 -0.72
CA THR B 51 -5.75 -11.21 -0.08
C THR B 51 -5.52 -11.13 1.44
N ILE B 52 -6.62 -11.16 2.18
CA ILE B 52 -6.54 -11.09 3.62
C ILE B 52 -7.21 -12.33 4.20
N GLN B 53 -6.76 -12.75 5.38
CA GLN B 53 -7.39 -13.87 6.05
C GLN B 53 -8.17 -13.23 7.19
N SER B 55 -10.59 -13.68 10.59
CA SER B 55 -10.90 -14.58 11.68
C SER B 55 -11.76 -13.90 12.74
N GLY B 56 -12.23 -14.70 13.68
CA GLY B 56 -13.07 -14.19 14.74
C GLY B 56 -13.96 -15.33 15.21
N SER B 57 -14.51 -15.21 16.41
CA SER B 57 -15.38 -16.24 16.99
C SER B 57 -16.42 -16.78 16.02
N GLU B 58 -17.38 -15.90 15.67
CA GLU B 58 -18.49 -16.23 14.77
C GLU B 58 -18.03 -16.99 13.51
N ILE B 59 -17.17 -16.35 12.72
CA ILE B 59 -16.65 -16.95 11.50
C ILE B 59 -16.21 -18.38 11.78
N GLN B 60 -15.59 -18.57 12.92
CA GLN B 60 -15.10 -19.88 13.34
C GLN B 60 -16.23 -20.88 13.54
N LYS B 61 -17.47 -20.40 13.48
CA LYS B 61 -18.61 -21.28 13.68
C LYS B 61 -19.27 -21.65 12.35
N TYR B 62 -18.68 -21.17 11.26
CA TYR B 62 -19.17 -21.45 9.92
C TYR B 62 -18.02 -21.76 8.95
N PHE B 63 -16.92 -21.02 9.11
CA PHE B 63 -15.77 -21.19 8.25
C PHE B 63 -14.47 -21.51 8.99
N LYS B 64 -13.96 -22.72 8.79
CA LYS B 64 -12.69 -23.14 9.40
C LYS B 64 -11.64 -22.12 8.95
N THR B 65 -11.79 -21.62 7.73
CA THR B 65 -10.89 -20.64 7.18
C THR B 65 -11.59 -19.80 6.12
N LEU B 66 -11.37 -18.48 6.18
CA LEU B 66 -11.95 -17.54 5.22
C LEU B 66 -10.89 -16.55 4.76
N LYS B 67 -10.77 -16.43 3.45
CA LYS B 67 -9.83 -15.48 2.85
C LYS B 67 -10.56 -14.69 1.78
N GLY B 68 -10.24 -13.41 1.70
CA GLY B 68 -10.87 -12.55 0.71
C GLY B 68 -9.84 -11.98 -0.24
N SER B 69 -10.11 -12.10 -1.54
CA SER B 69 -9.20 -11.61 -2.56
C SER B 69 -9.79 -10.47 -3.37
N ILE B 70 -8.98 -9.44 -3.62
CA ILE B 70 -9.41 -8.29 -4.40
C ILE B 70 -8.40 -7.90 -5.49
N ALA B 71 -8.93 -7.63 -6.68
CA ALA B 71 -8.11 -7.15 -7.79
C ALA B 71 -8.80 -5.89 -8.25
N VAL B 72 -8.04 -4.84 -8.44
CA VAL B 72 -8.59 -3.56 -8.87
C VAL B 72 -7.78 -3.11 -10.07
N THR B 73 -8.40 -3.07 -11.23
CA THR B 73 -7.71 -2.67 -12.46
C THR B 73 -8.45 -1.54 -13.20
N PRO B 74 -7.73 -0.76 -14.03
CA PRO B 74 -8.42 0.32 -14.74
C PRO B 74 -9.37 -0.29 -15.77
N ILE B 75 -10.56 0.32 -15.91
CA ILE B 75 -11.53 -0.16 -16.89
C ILE B 75 -10.97 0.10 -18.28
N GLY B 76 -10.48 1.32 -18.49
CA GLY B 76 -9.91 1.68 -19.78
C GLY B 76 -8.63 2.47 -19.61
N VAL B 77 -8.77 3.72 -19.17
CA VAL B 77 -7.62 4.58 -18.95
C VAL B 77 -7.89 5.51 -17.77
N GLY B 78 -7.87 4.94 -16.57
CA GLY B 78 -8.13 5.73 -15.37
C GLY B 78 -9.59 5.93 -15.13
N ASP B 79 -10.38 5.99 -16.20
CA ASP B 79 -11.82 6.17 -16.06
C ASP B 79 -12.38 4.95 -15.30
N GLY B 80 -12.87 5.18 -14.09
CA GLY B 80 -13.43 4.09 -13.30
C GLY B 80 -12.47 2.93 -13.13
N SER B 81 -12.95 1.84 -12.51
CA SER B 81 -12.09 0.69 -12.25
C SER B 81 -12.83 -0.65 -12.14
N HIS B 82 -12.15 -1.72 -12.53
CA HIS B 82 -12.68 -3.08 -12.43
C HIS B 82 -12.23 -3.55 -11.04
N VAL B 83 -12.91 -4.55 -10.50
CA VAL B 83 -12.59 -5.09 -9.16
C VAL B 83 -13.12 -6.54 -8.96
N VAL B 84 -12.35 -7.36 -8.24
CA VAL B 84 -12.75 -8.74 -7.94
C VAL B 84 -12.75 -8.98 -6.42
N TRP B 85 -13.77 -9.67 -5.92
CA TRP B 85 -13.83 -9.97 -4.49
C TRP B 85 -14.42 -11.36 -4.23
N THR B 86 -13.57 -12.27 -3.78
CA THR B 86 -13.94 -13.66 -3.49
C THR B 86 -13.83 -14.01 -2.01
N PHE B 87 -14.40 -15.15 -1.63
CA PHE B 87 -14.36 -15.64 -0.26
C PHE B 87 -13.75 -17.04 -0.14
N HIS B 88 -12.59 -17.28 -0.75
CA HIS B 88 -11.96 -18.60 -0.68
C HIS B 88 -12.11 -19.04 0.77
N PHE B 89 -13.12 -19.89 1.02
CA PHE B 89 -13.46 -20.33 2.37
C PHE B 89 -13.23 -21.79 2.71
N GLU B 90 -13.70 -22.13 3.90
CA GLU B 90 -13.64 -23.49 4.42
C GLU B 90 -14.81 -23.59 5.37
N LYS B 91 -15.85 -24.32 4.96
CA LYS B 91 -17.04 -24.48 5.79
C LYS B 91 -16.70 -25.39 6.98
N VAL B 92 -17.33 -25.14 8.12
CA VAL B 92 -17.07 -25.97 9.29
C VAL B 92 -17.63 -27.36 8.94
N HIS B 93 -18.70 -27.36 8.14
CA HIS B 93 -19.31 -28.61 7.69
C HIS B 93 -20.18 -28.37 6.44
N LYS B 94 -20.40 -29.44 5.67
CA LYS B 94 -21.15 -29.37 4.42
C LYS B 94 -22.42 -28.51 4.36
N ASP B 95 -23.21 -28.49 5.43
CA ASP B 95 -24.44 -27.72 5.41
C ASP B 95 -24.29 -26.19 5.36
N ILE B 96 -23.09 -25.68 5.63
CA ILE B 96 -22.90 -24.23 5.57
C ILE B 96 -23.21 -23.74 4.15
N ASP B 97 -24.08 -22.74 4.05
CA ASP B 97 -24.42 -22.18 2.74
C ASP B 97 -23.26 -21.37 2.19
N ASP B 98 -23.25 -21.15 0.88
CA ASP B 98 -22.19 -20.35 0.25
C ASP B 98 -22.50 -18.94 0.77
N PRO B 99 -21.48 -18.14 1.08
CA PRO B 99 -21.60 -16.76 1.60
C PRO B 99 -22.17 -15.65 0.72
N HIS B 100 -23.38 -15.85 0.21
CA HIS B 100 -24.03 -14.87 -0.66
C HIS B 100 -24.44 -13.57 0.04
N SER B 101 -25.11 -13.68 1.18
CA SER B 101 -25.53 -12.48 1.91
C SER B 101 -24.30 -11.62 2.12
N ILE B 102 -23.37 -12.17 2.91
CA ILE B 102 -22.13 -11.51 3.24
C ILE B 102 -21.33 -10.95 2.07
N ILE B 103 -21.21 -11.69 0.97
CA ILE B 103 -20.42 -11.15 -0.13
C ILE B 103 -21.08 -9.90 -0.69
N ASP B 104 -22.41 -9.88 -0.68
CA ASP B 104 -23.14 -8.73 -1.16
C ASP B 104 -22.96 -7.62 -0.12
N GLU B 105 -22.72 -8.03 1.13
CA GLU B 105 -22.48 -7.07 2.21
C GLU B 105 -21.18 -6.36 1.85
N SER B 106 -20.14 -7.16 1.59
CA SER B 106 -18.84 -6.61 1.22
C SER B 106 -19.00 -5.68 0.03
N VAL B 107 -19.90 -6.06 -0.86
CA VAL B 107 -20.15 -5.27 -2.07
C VAL B 107 -20.65 -3.86 -1.71
N LYS B 108 -21.65 -3.79 -0.84
CA LYS B 108 -22.20 -2.51 -0.40
C LYS B 108 -21.08 -1.68 0.21
N TYR B 109 -20.20 -2.33 0.97
CA TYR B 109 -19.08 -1.64 1.60
C TYR B 109 -18.16 -1.03 0.55
N PHE B 110 -17.83 -1.79 -0.48
CA PHE B 110 -16.96 -1.30 -1.53
C PHE B 110 -17.54 -0.11 -2.29
N LYS B 111 -18.86 -0.10 -2.50
CA LYS B 111 -19.51 1.00 -3.23
C LYS B 111 -19.45 2.30 -2.41
N LYS B 112 -19.60 2.19 -1.08
CA LYS B 112 -19.51 3.38 -0.22
C LYS B 112 -18.05 3.85 -0.19
N LEU B 113 -17.09 2.91 -0.29
CA LEU B 113 -15.69 3.33 -0.32
C LEU B 113 -15.54 4.25 -1.53
N ASP B 114 -16.09 3.81 -2.65
CA ASP B 114 -16.06 4.56 -3.90
C ASP B 114 -16.54 6.00 -3.64
N GLU B 115 -17.71 6.11 -3.01
CA GLU B 115 -18.30 7.40 -2.70
C GLU B 115 -17.65 8.10 -1.51
N ALA B 116 -17.41 7.33 -0.45
CA ALA B 116 -16.79 7.87 0.76
C ALA B 116 -15.54 8.64 0.43
N ILE B 117 -14.74 8.13 -0.51
CA ILE B 117 -13.49 8.79 -0.85
C ILE B 117 -13.54 9.50 -2.19
N LEU B 118 -14.70 9.46 -2.83
CA LEU B 118 -14.88 10.14 -4.11
C LEU B 118 -15.26 11.60 -3.86
N ASN B 119 -16.12 11.84 -2.89
CA ASN B 119 -16.57 13.20 -2.62
C ASN B 119 -16.01 13.80 -1.34
N PHE B 120 -14.84 13.32 -0.92
CA PHE B 120 -14.22 13.83 0.28
C PHE B 120 -13.29 15.01 0.03
N SER A 1 23.90 16.58 20.04
CA SER A 1 24.71 15.47 19.45
C SER A 1 25.20 15.86 18.06
N THR A 2 26.48 15.62 17.79
CA THR A 2 27.04 15.95 16.48
C THR A 2 26.64 14.90 15.45
N LEU A 3 26.32 13.70 15.91
CA LEU A 3 25.98 12.59 15.01
C LEU A 3 24.56 12.51 14.44
N LYS A 4 23.57 13.01 15.18
CA LYS A 4 22.18 12.96 14.73
C LYS A 4 21.71 14.19 13.96
N GLY A 5 21.24 13.96 12.72
CA GLY A 5 20.76 15.05 11.90
C GLY A 5 19.63 14.61 11.00
N ALA A 6 19.10 15.55 10.23
CA ALA A 6 18.01 15.28 9.31
C ALA A 6 18.33 15.92 7.98
N LEU A 7 18.01 15.24 6.90
CA LEU A 7 18.25 15.73 5.56
C LEU A 7 16.98 15.56 4.71
N SER A 8 16.37 16.67 4.32
CA SER A 8 15.14 16.63 3.54
C SER A 8 15.25 17.42 2.24
N VAL A 9 14.47 17.00 1.26
CA VAL A 9 14.46 17.64 -0.07
C VAL A 9 13.05 17.49 -0.68
N LYS A 10 12.52 18.58 -1.23
CA LYS A 10 11.18 18.56 -1.85
C LYS A 10 11.29 18.88 -3.34
N PHE A 11 10.52 18.17 -4.16
CA PHE A 11 10.55 18.34 -5.62
C PHE A 11 9.20 17.86 -6.15
N ASP A 12 8.93 18.09 -7.44
CA ASP A 12 7.65 17.71 -8.04
C ASP A 12 7.82 16.56 -9.03
N VAL A 13 6.72 15.83 -9.27
CA VAL A 13 6.70 14.73 -10.23
C VAL A 13 5.40 14.80 -11.04
N LYS A 14 5.50 14.63 -12.35
CA LYS A 14 4.33 14.66 -13.21
C LYS A 14 3.36 13.52 -12.87
N CYS A 15 3.87 12.42 -12.32
CA CYS A 15 3.01 11.29 -12.02
C CYS A 15 1.94 11.65 -11.00
N PRO A 16 0.72 11.13 -11.17
CA PRO A 16 -0.43 11.35 -10.29
C PRO A 16 -0.05 10.82 -8.90
N ALA A 17 -0.44 11.54 -7.86
CA ALA A 17 -0.08 11.18 -6.49
C ALA A 17 -0.32 9.76 -6.02
N ASP A 18 -1.42 9.15 -6.44
CA ASP A 18 -1.72 7.78 -5.98
C ASP A 18 -0.81 6.70 -6.55
N LYS A 19 -0.57 6.74 -7.84
CA LYS A 19 0.27 5.74 -8.49
C LYS A 19 1.75 5.79 -8.07
N PHE A 20 2.19 6.93 -7.53
CA PHE A 20 3.59 7.08 -7.11
C PHE A 20 3.87 6.35 -5.80
N PHE A 21 3.19 6.75 -4.73
CA PHE A 21 3.33 6.11 -3.42
C PHE A 21 3.23 4.58 -3.61
N SER A 22 2.10 4.13 -4.14
CA SER A 22 1.91 2.69 -4.38
C SER A 22 3.10 2.07 -5.10
N ALA A 23 3.48 2.65 -6.23
CA ALA A 23 4.62 2.15 -6.98
C ALA A 23 5.88 2.18 -6.11
N PHE A 24 6.06 3.27 -5.34
CA PHE A 24 7.24 3.38 -4.48
C PHE A 24 7.19 2.40 -3.33
N VAL A 25 6.05 2.34 -2.65
CA VAL A 25 5.89 1.43 -1.53
C VAL A 25 6.10 0.00 -2.02
N GLU A 26 5.70 -0.28 -3.26
CA GLU A 26 5.86 -1.64 -3.75
C GLU A 26 7.32 -1.92 -4.13
N ASP A 27 7.94 -1.00 -4.85
CA ASP A 27 9.33 -1.17 -5.28
C ASP A 27 10.29 -1.36 -4.12
N THR A 28 9.91 -0.90 -2.92
CA THR A 28 10.81 -1.06 -1.78
C THR A 28 11.02 -2.55 -1.43
N ASN A 29 10.25 -3.43 -2.06
CA ASN A 29 10.47 -4.86 -1.83
C ASN A 29 11.90 -5.24 -2.19
N ARG A 30 12.42 -4.63 -3.26
CA ARG A 30 13.79 -4.91 -3.68
C ARG A 30 14.70 -4.02 -2.85
N PRO A 31 15.69 -4.61 -2.16
CA PRO A 31 16.63 -3.82 -1.35
C PRO A 31 17.35 -2.78 -2.24
N PHE A 32 17.96 -1.78 -1.62
CA PHE A 32 18.65 -0.72 -2.34
C PHE A 32 20.16 -0.86 -2.52
N GLU A 33 20.70 -1.95 -1.99
CA GLU A 33 22.12 -2.28 -2.08
C GLU A 33 22.20 -3.80 -2.00
N LYS A 34 23.33 -4.36 -2.41
CA LYS A 34 23.51 -5.81 -2.40
C LYS A 34 23.14 -6.40 -1.05
N ASN A 35 23.79 -5.91 0.01
CA ASN A 35 23.47 -6.41 1.35
C ASN A 35 22.38 -5.48 1.85
N GLY A 36 21.12 -5.81 1.61
CA GLY A 36 20.07 -4.91 2.06
C GLY A 36 18.89 -5.49 2.81
N LYS A 37 18.20 -4.63 3.56
CA LYS A 37 17.05 -5.03 4.33
C LYS A 37 16.21 -3.83 4.76
N THR A 38 15.62 -3.14 3.79
CA THR A 38 14.77 -1.98 4.10
C THR A 38 13.69 -2.56 5.01
N GLU A 39 13.24 -1.79 6.01
CA GLU A 39 12.20 -2.28 6.92
C GLU A 39 11.12 -1.23 7.09
N ILE A 40 9.86 -1.59 6.84
CA ILE A 40 8.74 -0.65 7.00
C ILE A 40 8.55 -0.38 8.48
N GLU A 41 8.67 0.89 8.88
CA GLU A 41 8.51 1.25 10.28
C GLU A 41 7.19 2.01 10.47
N ALA A 42 6.76 2.74 9.44
CA ALA A 42 5.51 3.49 9.49
C ALA A 42 4.92 3.65 8.09
N VAL A 43 3.61 3.46 7.97
CA VAL A 43 2.96 3.62 6.67
C VAL A 43 1.49 4.00 6.75
N ASP A 44 1.05 4.81 5.80
CA ASP A 44 -0.34 5.24 5.73
C ASP A 44 -0.67 5.43 4.24
N LEU A 45 -1.40 4.47 3.68
CA LEU A 45 -1.75 4.51 2.27
C LEU A 45 -2.75 5.61 1.89
N VAL A 46 -3.46 6.16 2.87
CA VAL A 46 -4.40 7.23 2.58
C VAL A 46 -3.62 8.55 2.47
N LYS A 47 -2.80 8.85 3.47
CA LYS A 47 -1.99 10.08 3.45
C LYS A 47 -0.80 9.92 2.50
N LYS A 48 -0.45 8.67 2.19
CA LYS A 48 0.70 8.39 1.31
C LYS A 48 2.01 8.79 2.01
N THR A 49 2.15 8.35 3.26
CA THR A 49 3.35 8.64 4.03
C THR A 49 3.91 7.34 4.60
N THR A 51 7.62 5.69 6.68
CA THR A 51 8.94 5.84 7.29
C THR A 51 9.54 4.45 7.42
N ILE A 52 10.83 4.35 7.16
CA ILE A 52 11.55 3.07 7.24
C ILE A 52 13.04 3.22 7.58
N GLN A 53 13.75 2.10 7.55
CA GLN A 53 15.19 2.06 7.79
C GLN A 53 15.81 1.24 6.64
N SER A 55 19.05 -0.64 6.01
CA SER A 55 20.31 -1.18 6.47
C SER A 55 21.07 -1.88 5.35
N GLY A 56 22.37 -2.05 5.55
CA GLY A 56 23.21 -2.67 4.54
C GLY A 56 24.68 -2.34 4.68
N SER A 57 25.53 -3.33 4.42
CA SER A 57 26.97 -3.19 4.50
C SER A 57 27.46 -1.74 4.43
N GLU A 58 27.31 -1.14 3.27
CA GLU A 58 27.72 0.22 3.03
C GLU A 58 27.29 1.21 4.13
N ILE A 59 26.08 1.74 3.97
CA ILE A 59 25.52 2.72 4.91
C ILE A 59 25.96 2.47 6.36
N GLN A 60 26.23 1.22 6.72
CA GLN A 60 26.69 0.89 8.08
C GLN A 60 28.10 1.47 8.34
N LYS A 61 28.75 1.91 7.28
CA LYS A 61 30.07 2.54 7.38
C LYS A 61 29.90 4.05 7.56
N TYR A 62 28.76 4.58 7.11
CA TYR A 62 28.54 6.02 7.20
C TYR A 62 27.52 6.42 8.25
N PHE A 63 26.37 5.76 8.24
CA PHE A 63 25.35 6.05 9.23
C PHE A 63 24.87 4.79 9.91
N LYS A 64 25.09 4.73 11.22
CA LYS A 64 24.66 3.58 12.01
C LYS A 64 23.15 3.48 11.87
N THR A 65 22.54 4.62 11.55
CA THR A 65 21.11 4.68 11.35
C THR A 65 20.82 5.54 10.12
N LEU A 66 19.88 5.05 9.30
CA LEU A 66 19.43 5.76 8.11
C LEU A 66 17.98 5.39 7.87
N LYS A 67 17.10 6.35 8.13
CA LYS A 67 15.66 6.17 7.90
C LYS A 67 15.27 7.09 6.77
N GLY A 68 14.43 6.59 5.87
CA GLY A 68 13.95 7.39 4.75
C GLY A 68 12.44 7.42 4.87
N SER A 69 11.85 8.62 4.82
CA SER A 69 10.40 8.73 4.94
C SER A 69 9.85 9.65 3.86
N ILE A 70 8.78 9.23 3.18
CA ILE A 70 8.16 10.04 2.15
C ILE A 70 6.76 10.50 2.57
N ALA A 71 6.30 11.61 1.99
CA ALA A 71 4.98 12.17 2.21
C ALA A 71 4.56 12.79 0.88
N VAL A 72 3.47 12.28 0.29
CA VAL A 72 3.01 12.83 -0.99
C VAL A 72 1.76 13.69 -0.89
N THR A 73 1.39 14.28 -2.02
CA THR A 73 0.21 15.14 -2.11
C THR A 73 -0.02 15.67 -3.52
N PRO A 74 -1.29 15.82 -3.91
CA PRO A 74 -1.56 16.33 -5.25
C PRO A 74 -1.11 17.79 -5.29
N ILE A 75 -0.65 18.25 -6.44
CA ILE A 75 -0.25 19.65 -6.59
C ILE A 75 -1.54 20.47 -6.68
N GLY A 76 -2.67 19.76 -6.58
CA GLY A 76 -3.98 20.39 -6.61
C GLY A 76 -5.09 19.37 -6.73
N VAL A 77 -5.39 19.01 -7.99
CA VAL A 77 -6.40 18.01 -8.32
C VAL A 77 -5.78 17.21 -9.46
N GLY A 78 -5.39 17.91 -10.51
CA GLY A 78 -4.76 17.29 -11.65
C GLY A 78 -3.53 18.09 -12.04
N ASP A 79 -2.68 18.38 -11.05
CA ASP A 79 -1.47 19.15 -11.29
C ASP A 79 -0.16 18.42 -10.96
N GLY A 80 -0.22 17.10 -10.77
CA GLY A 80 0.98 16.36 -10.46
C GLY A 80 1.14 16.13 -8.97
N SER A 81 2.37 15.91 -8.51
CA SER A 81 2.57 15.63 -7.10
C SER A 81 3.85 16.19 -6.50
N HIS A 82 3.72 16.78 -5.32
CA HIS A 82 4.86 17.30 -4.57
C HIS A 82 5.33 16.07 -3.83
N VAL A 83 6.55 16.10 -3.33
CA VAL A 83 7.11 14.97 -2.60
C VAL A 83 8.01 15.42 -1.44
N VAL A 84 7.77 14.89 -0.25
CA VAL A 84 8.62 15.19 0.88
C VAL A 84 9.36 13.92 1.29
N TRP A 85 10.62 13.84 0.85
CA TRP A 85 11.52 12.70 1.11
C TRP A 85 12.55 13.22 2.12
N THR A 86 12.82 12.44 3.15
CA THR A 86 13.75 12.88 4.18
C THR A 86 14.53 11.76 4.84
N PHE A 87 15.79 12.05 5.12
CA PHE A 87 16.68 11.12 5.82
C PHE A 87 16.86 11.60 7.27
N HIS A 88 16.54 10.74 8.23
CA HIS A 88 16.72 11.04 9.65
C HIS A 88 17.88 10.10 10.01
N PHE A 89 18.90 10.57 10.70
CA PHE A 89 20.05 9.69 10.95
C PHE A 89 21.03 10.03 12.06
N GLU A 90 21.97 9.10 12.25
CA GLU A 90 23.08 9.23 13.19
C GLU A 90 24.30 8.69 12.41
N LYS A 91 25.37 9.50 12.36
CA LYS A 91 26.59 9.12 11.63
C LYS A 91 27.50 8.16 12.40
N VAL A 92 28.44 7.54 11.70
CA VAL A 92 29.37 6.61 12.34
C VAL A 92 30.57 7.34 12.95
N HIS A 93 30.45 8.66 13.04
CA HIS A 93 31.42 9.60 13.60
C HIS A 93 31.37 10.90 12.79
N LYS A 94 31.68 12.02 13.44
CA LYS A 94 31.65 13.35 12.84
C LYS A 94 32.26 13.50 11.45
N ASP A 95 33.38 12.84 11.22
CA ASP A 95 34.05 12.94 9.94
C ASP A 95 33.15 12.62 8.74
N ILE A 96 31.99 12.01 9.00
CA ILE A 96 31.03 11.72 7.93
C ILE A 96 30.22 13.00 7.69
N ASP A 97 29.86 13.26 6.44
CA ASP A 97 29.09 14.48 6.12
C ASP A 97 27.57 14.20 5.98
N ASP A 98 26.75 15.24 5.95
CA ASP A 98 25.32 15.03 5.78
C ASP A 98 25.24 14.39 4.38
N PRO A 99 24.27 13.48 4.16
CA PRO A 99 24.10 12.77 2.88
C PRO A 99 23.59 13.54 1.68
N HIS A 100 24.35 14.55 1.27
CA HIS A 100 24.01 15.39 0.11
C HIS A 100 24.00 14.57 -1.19
N SER A 101 25.08 13.85 -1.44
CA SER A 101 25.17 13.05 -2.67
C SER A 101 23.94 12.14 -2.80
N ILE A 102 23.87 11.15 -1.91
CA ILE A 102 22.77 10.19 -1.92
C ILE A 102 21.36 10.81 -1.97
N ILE A 103 21.12 11.90 -1.26
CA ILE A 103 19.78 12.48 -1.30
C ILE A 103 19.43 12.85 -2.75
N ASP A 104 20.38 13.44 -3.48
CA ASP A 104 20.13 13.79 -4.88
C ASP A 104 19.93 12.50 -5.70
N GLU A 105 20.71 11.47 -5.38
CA GLU A 105 20.56 10.18 -6.07
C GLU A 105 19.14 9.68 -5.78
N SER A 106 18.64 9.90 -4.56
CA SER A 106 17.27 9.48 -4.22
C SER A 106 16.34 10.25 -5.15
N VAL A 107 16.61 11.55 -5.32
CA VAL A 107 15.81 12.38 -6.21
C VAL A 107 15.89 11.80 -7.63
N LYS A 108 17.08 11.41 -8.06
CA LYS A 108 17.24 10.81 -9.39
C LYS A 108 16.38 9.57 -9.43
N TYR A 109 16.47 8.75 -8.39
CA TYR A 109 15.70 7.54 -8.34
C TYR A 109 14.20 7.87 -8.50
N PHE A 110 13.75 8.94 -7.85
CA PHE A 110 12.36 9.32 -7.94
C PHE A 110 12.00 9.91 -9.31
N LYS A 111 12.87 10.75 -9.89
CA LYS A 111 12.57 11.33 -11.20
C LYS A 111 12.32 10.21 -12.21
N LYS A 112 13.07 9.11 -12.08
CA LYS A 112 12.91 7.95 -12.96
C LYS A 112 11.67 7.14 -12.58
N LEU A 113 11.41 7.02 -11.28
CA LEU A 113 10.24 6.29 -10.83
C LEU A 113 9.01 6.97 -11.45
N ASP A 114 9.07 8.30 -11.58
CA ASP A 114 7.98 9.10 -12.15
C ASP A 114 7.77 8.73 -13.64
N GLU A 115 8.88 8.69 -14.39
CA GLU A 115 8.84 8.36 -15.81
C GLU A 115 8.60 6.87 -16.05
N ALA A 116 9.09 6.05 -15.15
CA ALA A 116 8.92 4.61 -15.25
C ALA A 116 7.46 4.19 -15.31
N ILE A 117 6.59 4.91 -14.59
CA ILE A 117 5.18 4.54 -14.55
C ILE A 117 4.24 5.52 -15.26
N LEU A 118 4.73 6.72 -15.55
CA LEU A 118 3.91 7.71 -16.21
C LEU A 118 3.70 7.31 -17.69
N ASN A 119 4.76 6.78 -18.29
CA ASN A 119 4.75 6.36 -19.69
C ASN A 119 4.30 4.92 -19.90
N PHE A 120 4.57 4.07 -18.92
CA PHE A 120 4.16 2.67 -19.00
C PHE A 120 2.66 2.59 -18.76
N SER B 1 -13.68 -32.17 -2.16
CA SER B 1 -14.00 -31.65 -0.80
C SER B 1 -15.41 -31.09 -0.71
N THR B 2 -16.12 -31.45 0.36
CA THR B 2 -17.49 -30.99 0.57
C THR B 2 -17.54 -29.60 1.20
N LEU B 3 -16.49 -29.26 1.96
CA LEU B 3 -16.40 -27.98 2.67
C LEU B 3 -15.73 -26.82 1.93
N LYS B 4 -14.73 -27.12 1.11
CA LYS B 4 -13.98 -26.09 0.39
C LYS B 4 -14.73 -25.50 -0.79
N GLY B 5 -14.59 -24.19 -0.96
CA GLY B 5 -15.25 -23.51 -2.06
C GLY B 5 -14.88 -22.05 -2.14
N ALA B 6 -15.43 -21.34 -3.12
CA ALA B 6 -15.16 -19.92 -3.30
C ALA B 6 -16.36 -19.23 -3.93
N LEU B 7 -16.43 -17.92 -3.73
CA LEU B 7 -17.54 -17.12 -4.26
C LEU B 7 -16.89 -15.80 -4.64
N SER B 8 -17.06 -15.41 -5.90
CA SER B 8 -16.42 -14.18 -6.40
C SER B 8 -17.41 -13.29 -7.13
N VAL B 9 -17.27 -11.98 -6.92
CA VAL B 9 -18.14 -11.02 -7.56
C VAL B 9 -17.30 -9.95 -8.25
N LYS B 10 -17.75 -9.56 -9.44
CA LYS B 10 -17.10 -8.52 -10.24
C LYS B 10 -18.13 -7.40 -10.37
N PHE B 11 -17.71 -6.18 -10.06
CA PHE B 11 -18.58 -5.01 -10.09
C PHE B 11 -17.74 -3.77 -10.35
N ASP B 12 -18.37 -2.62 -10.40
CA ASP B 12 -17.66 -1.38 -10.67
C ASP B 12 -17.83 -0.27 -9.64
N VAL B 13 -16.81 0.56 -9.53
CA VAL B 13 -16.80 1.69 -8.61
C VAL B 13 -16.38 2.89 -9.46
N LYS B 14 -16.51 4.10 -8.92
CA LYS B 14 -16.17 5.30 -9.68
C LYS B 14 -14.69 5.72 -9.56
N CYS B 15 -14.04 5.38 -8.46
CA CYS B 15 -12.64 5.75 -8.22
C CYS B 15 -11.63 5.04 -9.12
N PRO B 16 -10.44 5.66 -9.32
CA PRO B 16 -9.36 5.09 -10.12
C PRO B 16 -8.74 4.00 -9.25
N ALA B 17 -8.06 3.04 -9.87
CA ALA B 17 -7.49 1.89 -9.16
C ALA B 17 -6.58 2.12 -7.96
N ASP B 18 -5.45 2.81 -8.15
CA ASP B 18 -4.55 3.01 -7.02
C ASP B 18 -5.30 3.73 -5.90
N LYS B 19 -6.04 4.79 -6.24
CA LYS B 19 -6.80 5.56 -5.25
C LYS B 19 -7.77 4.66 -4.48
N PHE B 20 -8.53 3.84 -5.20
CA PHE B 20 -9.51 2.96 -4.57
C PHE B 20 -8.87 1.79 -3.84
N PHE B 21 -7.86 1.20 -4.47
CA PHE B 21 -7.16 0.04 -3.90
C PHE B 21 -6.39 0.39 -2.63
N SER B 22 -5.63 1.49 -2.67
CA SER B 22 -4.88 1.90 -1.49
C SER B 22 -5.80 2.39 -0.37
N ALA B 23 -6.94 2.98 -0.73
CA ALA B 23 -7.88 3.46 0.29
C ALA B 23 -8.38 2.26 1.10
N PHE B 24 -8.58 1.14 0.41
CA PHE B 24 -9.05 -0.10 1.01
C PHE B 24 -7.98 -0.75 1.90
N VAL B 25 -6.80 -0.97 1.32
CA VAL B 25 -5.70 -1.59 2.07
C VAL B 25 -5.57 -0.92 3.42
N GLU B 26 -5.66 0.41 3.42
CA GLU B 26 -5.54 1.13 4.67
C GLU B 26 -6.72 0.84 5.61
N ASP B 27 -7.89 0.61 5.05
CA ASP B 27 -9.08 0.34 5.89
C ASP B 27 -9.04 -1.05 6.53
N THR B 28 -8.03 -1.87 6.23
CA THR B 28 -7.97 -3.19 6.86
C THR B 28 -7.36 -3.09 8.26
N ASN B 29 -6.94 -1.88 8.63
CA ASN B 29 -6.41 -1.62 9.97
C ASN B 29 -7.57 -1.69 10.97
N ARG B 30 -8.80 -1.55 10.47
CA ARG B 30 -9.96 -1.66 11.34
C ARG B 30 -10.53 -3.05 11.13
N PRO B 31 -10.54 -3.87 12.19
CA PRO B 31 -11.09 -5.21 12.02
C PRO B 31 -12.53 -5.08 11.47
N PHE B 32 -13.05 -6.13 10.84
CA PHE B 32 -14.38 -6.08 10.28
C PHE B 32 -15.49 -6.19 11.31
N GLU B 33 -15.18 -6.79 12.46
CA GLU B 33 -16.12 -6.93 13.56
C GLU B 33 -15.41 -6.70 14.89
N LYS B 34 -16.19 -6.51 15.94
CA LYS B 34 -15.67 -6.23 17.29
C LYS B 34 -14.58 -7.19 17.76
N ASN B 35 -14.74 -8.48 17.50
CA ASN B 35 -13.74 -9.44 17.93
C ASN B 35 -13.04 -10.10 16.73
N GLY B 36 -13.06 -9.40 15.61
CA GLY B 36 -12.44 -9.93 14.40
C GLY B 36 -10.94 -9.63 14.24
N LYS B 37 -10.31 -10.40 13.36
CA LYS B 37 -8.89 -10.23 13.09
C LYS B 37 -8.68 -10.32 11.57
N THR B 38 -7.79 -9.49 11.07
CA THR B 38 -7.49 -9.46 9.65
C THR B 38 -5.98 -9.62 9.47
N GLU B 39 -5.58 -10.62 8.68
CA GLU B 39 -4.17 -10.85 8.41
C GLU B 39 -3.94 -10.71 6.91
N ILE B 40 -3.33 -9.61 6.50
CA ILE B 40 -3.08 -9.42 5.07
C ILE B 40 -1.90 -10.32 4.71
N GLU B 41 -2.14 -11.31 3.83
CA GLU B 41 -1.09 -12.24 3.42
C GLU B 41 -0.24 -11.70 2.27
N ALA B 42 -0.73 -11.87 1.05
CA ALA B 42 -0.02 -11.40 -0.13
C ALA B 42 -0.42 -9.96 -0.36
N VAL B 43 0.21 -9.31 -1.33
CA VAL B 43 -0.11 -7.93 -1.63
C VAL B 43 0.82 -7.37 -2.67
N ASP B 44 0.25 -6.58 -3.58
CA ASP B 44 0.98 -5.94 -4.65
C ASP B 44 0.31 -4.58 -4.88
N LEU B 45 1.02 -3.52 -4.54
CA LEU B 45 0.47 -2.18 -4.65
C LEU B 45 0.52 -1.56 -6.07
N VAL B 46 1.09 -2.27 -7.03
CA VAL B 46 1.14 -1.77 -8.41
C VAL B 46 0.08 -2.46 -9.27
N LYS B 47 -0.17 -3.73 -8.99
CA LYS B 47 -1.18 -4.50 -9.72
C LYS B 47 -2.53 -4.38 -9.01
N LYS B 48 -2.54 -3.71 -7.86
CA LYS B 48 -3.75 -3.50 -7.07
C LYS B 48 -4.39 -4.85 -6.74
N THR B 49 -3.64 -5.67 -5.99
CA THR B 49 -4.09 -7.00 -5.59
C THR B 49 -3.77 -7.24 -4.12
N THR B 51 -4.58 -10.41 -0.67
CA THR B 51 -5.28 -11.53 -0.05
C THR B 51 -5.20 -11.36 1.46
N ILE B 52 -6.34 -11.48 2.14
CA ILE B 52 -6.39 -11.35 3.58
C ILE B 52 -7.22 -12.47 4.19
N GLN B 53 -6.86 -12.88 5.41
CA GLN B 53 -7.64 -13.90 6.09
C GLN B 53 -8.43 -13.15 7.15
N SER B 55 -11.21 -13.65 10.52
CA SER B 55 -11.70 -14.56 11.54
C SER B 55 -12.16 -13.78 12.76
N GLY B 56 -12.76 -14.49 13.72
CA GLY B 56 -13.25 -13.83 14.93
C GLY B 56 -14.26 -14.63 15.72
N SER B 57 -15.45 -14.07 15.91
CA SER B 57 -16.51 -14.75 16.64
C SER B 57 -17.58 -15.25 15.67
N GLU B 58 -18.16 -14.33 14.91
CA GLU B 58 -19.19 -14.67 13.95
C GLU B 58 -18.67 -15.52 12.80
N ILE B 59 -17.79 -14.96 11.97
CA ILE B 59 -17.23 -15.69 10.83
C ILE B 59 -16.92 -17.15 11.15
N GLN B 60 -16.13 -17.33 12.21
CA GLN B 60 -15.69 -18.66 12.63
C GLN B 60 -16.83 -19.58 13.01
N LYS B 61 -18.04 -19.04 13.09
CA LYS B 61 -19.21 -19.85 13.41
C LYS B 61 -19.53 -20.67 12.16
N TYR B 62 -19.32 -20.04 11.00
CA TYR B 62 -19.61 -20.67 9.71
C TYR B 62 -18.38 -21.20 8.96
N PHE B 63 -17.24 -20.52 9.09
CA PHE B 63 -16.05 -20.94 8.38
C PHE B 63 -14.81 -21.23 9.24
N LYS B 64 -14.11 -22.32 8.90
CA LYS B 64 -12.88 -22.70 9.59
C LYS B 64 -11.74 -21.86 9.03
N THR B 65 -11.87 -21.50 7.76
CA THR B 65 -10.88 -20.68 7.09
C THR B 65 -11.56 -19.81 6.04
N LEU B 66 -11.24 -18.52 6.05
CA LEU B 66 -11.79 -17.57 5.10
C LEU B 66 -10.71 -16.60 4.61
N LYS B 67 -10.71 -16.38 3.30
CA LYS B 67 -9.77 -15.46 2.68
C LYS B 67 -10.50 -14.67 1.62
N GLY B 68 -10.13 -13.41 1.45
CA GLY B 68 -10.77 -12.58 0.45
C GLY B 68 -9.76 -11.93 -0.47
N SER B 69 -10.02 -11.99 -1.77
CA SER B 69 -9.14 -11.39 -2.77
C SER B 69 -9.78 -10.18 -3.43
N ILE B 70 -8.96 -9.16 -3.70
CA ILE B 70 -9.44 -7.95 -4.36
C ILE B 70 -8.50 -7.40 -5.44
N ALA B 71 -8.64 -7.90 -6.67
CA ALA B 71 -7.81 -7.37 -7.75
C ALA B 71 -8.59 -6.19 -8.30
N VAL B 72 -7.92 -5.04 -8.39
CA VAL B 72 -8.55 -3.83 -8.89
C VAL B 72 -7.76 -3.38 -10.11
N THR B 73 -8.41 -3.27 -11.26
CA THR B 73 -7.74 -2.87 -12.49
C THR B 73 -8.45 -1.70 -13.21
N PRO B 74 -7.71 -0.93 -14.01
CA PRO B 74 -8.35 0.18 -14.72
C PRO B 74 -9.31 -0.35 -15.76
N ILE B 75 -10.47 0.28 -15.90
CA ILE B 75 -11.46 -0.14 -16.89
C ILE B 75 -10.88 0.12 -18.29
N GLY B 76 -10.28 1.29 -18.46
CA GLY B 76 -9.70 1.64 -19.74
C GLY B 76 -8.50 2.56 -19.60
N VAL B 77 -8.75 3.86 -19.59
CA VAL B 77 -7.68 4.85 -19.46
C VAL B 77 -8.10 5.91 -18.44
N GLY B 78 -9.42 6.06 -18.28
CA GLY B 78 -9.95 7.03 -17.34
C GLY B 78 -11.46 6.92 -17.26
N ASP B 79 -11.93 5.79 -16.76
CA ASP B 79 -13.37 5.56 -16.65
C ASP B 79 -13.78 4.72 -15.44
N GLY B 80 -13.11 4.94 -14.30
CA GLY B 80 -13.44 4.19 -13.10
C GLY B 80 -12.61 2.91 -12.96
N SER B 81 -13.08 1.99 -12.12
CA SER B 81 -12.35 0.75 -11.88
C SER B 81 -13.25 -0.48 -11.74
N HIS B 82 -12.76 -1.61 -12.22
CA HIS B 82 -13.43 -2.91 -12.11
C HIS B 82 -12.81 -3.54 -10.87
N VAL B 83 -13.63 -4.26 -10.10
CA VAL B 83 -13.14 -4.94 -8.90
C VAL B 83 -13.54 -6.42 -8.90
N VAL B 84 -12.62 -7.29 -8.54
CA VAL B 84 -12.91 -8.72 -8.44
C VAL B 84 -12.62 -9.20 -7.01
N TRP B 85 -13.64 -9.16 -6.16
CA TRP B 85 -13.54 -9.58 -4.77
C TRP B 85 -13.91 -11.05 -4.64
N THR B 86 -12.96 -11.85 -4.17
CA THR B 86 -13.16 -13.28 -4.04
C THR B 86 -13.10 -13.83 -2.62
N PHE B 87 -14.16 -14.54 -2.23
CA PHE B 87 -14.21 -15.16 -0.91
C PHE B 87 -13.90 -16.65 -1.06
N HIS B 88 -12.81 -17.10 -0.44
CA HIS B 88 -12.45 -18.52 -0.46
C HIS B 88 -12.83 -19.03 0.94
N PHE B 89 -13.15 -20.31 1.07
CA PHE B 89 -13.59 -20.79 2.39
C PHE B 89 -13.78 -22.29 2.57
N GLU B 90 -13.74 -22.71 3.83
CA GLU B 90 -14.00 -24.10 4.18
C GLU B 90 -15.09 -23.96 5.23
N LYS B 91 -16.29 -24.43 4.92
CA LYS B 91 -17.43 -24.34 5.83
C LYS B 91 -17.24 -25.18 7.08
N VAL B 92 -17.95 -24.84 8.15
CA VAL B 92 -17.83 -25.60 9.38
C VAL B 92 -18.44 -26.97 9.14
N HIS B 93 -19.48 -27.02 8.31
CA HIS B 93 -20.11 -28.30 7.94
C HIS B 93 -20.81 -28.14 6.59
N LYS B 94 -20.76 -29.20 5.80
CA LYS B 94 -21.33 -29.23 4.45
C LYS B 94 -22.61 -28.44 4.18
N ASP B 95 -23.52 -28.38 5.16
CA ASP B 95 -24.77 -27.66 4.94
C ASP B 95 -24.70 -26.14 5.00
N ILE B 96 -23.60 -25.58 5.52
CA ILE B 96 -23.49 -24.12 5.57
C ILE B 96 -23.65 -23.56 4.16
N ASP B 97 -24.42 -22.49 4.03
CA ASP B 97 -24.63 -21.89 2.71
C ASP B 97 -23.40 -21.15 2.19
N ASP B 98 -23.29 -21.03 0.87
CA ASP B 98 -22.17 -20.31 0.29
C ASP B 98 -22.43 -18.88 0.80
N PRO B 99 -21.36 -18.09 1.01
CA PRO B 99 -21.47 -16.70 1.52
C PRO B 99 -22.14 -15.62 0.65
N HIS B 100 -23.32 -15.90 0.13
CA HIS B 100 -24.04 -14.97 -0.73
C HIS B 100 -24.55 -13.70 -0.03
N SER B 101 -25.06 -13.84 1.19
CA SER B 101 -25.55 -12.68 1.92
C SER B 101 -24.37 -11.73 2.09
N ILE B 102 -23.43 -12.16 2.93
CA ILE B 102 -22.22 -11.41 3.24
C ILE B 102 -21.55 -10.73 2.06
N ILE B 103 -21.13 -11.50 1.05
CA ILE B 103 -20.44 -10.92 -0.09
C ILE B 103 -21.20 -9.76 -0.71
N ASP B 104 -22.53 -9.87 -0.74
CA ASP B 104 -23.37 -8.81 -1.29
C ASP B 104 -23.21 -7.57 -0.41
N GLU B 105 -22.97 -7.80 0.88
CA GLU B 105 -22.77 -6.72 1.84
C GLU B 105 -21.36 -6.18 1.68
N SER B 106 -20.41 -7.05 1.35
CA SER B 106 -19.03 -6.60 1.13
C SER B 106 -19.07 -5.65 -0.06
N VAL B 107 -19.94 -5.97 -1.02
CA VAL B 107 -20.08 -5.15 -2.21
C VAL B 107 -20.61 -3.77 -1.84
N LYS B 108 -21.61 -3.73 -0.96
CA LYS B 108 -22.18 -2.47 -0.49
C LYS B 108 -21.08 -1.66 0.16
N TYR B 109 -20.22 -2.33 0.93
CA TYR B 109 -19.11 -1.67 1.60
C TYR B 109 -18.16 -1.05 0.57
N PHE B 110 -17.90 -1.79 -0.50
CA PHE B 110 -17.00 -1.30 -1.54
C PHE B 110 -17.58 -0.10 -2.30
N LYS B 111 -18.91 -0.06 -2.46
CA LYS B 111 -19.55 1.06 -3.17
C LYS B 111 -19.53 2.32 -2.29
N LYS B 112 -19.81 2.18 -1.00
CA LYS B 112 -19.78 3.32 -0.08
C LYS B 112 -18.31 3.70 0.13
N LEU B 113 -17.45 2.70 0.37
CA LEU B 113 -16.03 2.97 0.53
C LEU B 113 -15.58 3.80 -0.67
N ASP B 114 -16.22 3.57 -1.82
CA ASP B 114 -15.91 4.29 -3.06
C ASP B 114 -16.53 5.70 -3.11
N GLU B 115 -17.80 5.82 -2.70
CA GLU B 115 -18.46 7.12 -2.69
C GLU B 115 -17.67 8.11 -1.82
N ALA B 116 -17.27 7.65 -0.64
CA ALA B 116 -16.52 8.47 0.30
C ALA B 116 -15.20 9.02 -0.26
N ILE B 117 -14.32 8.13 -0.66
CA ILE B 117 -13.01 8.55 -1.15
C ILE B 117 -13.09 9.34 -2.44
N LEU B 118 -14.14 9.10 -3.22
CA LEU B 118 -14.33 9.82 -4.47
C LEU B 118 -14.83 11.22 -4.11
N ASN B 119 -15.67 11.27 -3.07
CA ASN B 119 -16.24 12.53 -2.61
C ASN B 119 -15.48 13.22 -1.50
N PHE B 120 -14.22 12.84 -1.34
CA PHE B 120 -13.38 13.45 -0.32
C PHE B 120 -12.16 14.11 -0.98
N SER A 1 23.72 16.49 20.02
CA SER A 1 24.56 15.49 19.29
C SER A 1 25.33 16.14 18.16
N THR A 2 26.48 15.55 17.81
CA THR A 2 27.29 16.07 16.73
C THR A 2 27.13 15.18 15.51
N LEU A 3 26.40 14.06 15.66
CA LEU A 3 26.20 13.13 14.54
C LEU A 3 24.75 12.79 14.15
N LYS A 4 23.80 13.29 14.93
CA LYS A 4 22.39 13.02 14.67
C LYS A 4 21.66 14.17 13.99
N GLY A 5 21.15 13.92 12.78
CA GLY A 5 20.41 14.94 12.06
C GLY A 5 19.56 14.34 10.97
N ALA A 6 19.07 15.21 10.10
CA ALA A 6 18.24 14.81 8.98
C ALA A 6 18.55 15.74 7.83
N LEU A 7 18.05 15.39 6.65
CA LEU A 7 18.24 16.17 5.45
C LEU A 7 17.15 15.74 4.46
N SER A 8 16.39 16.71 3.94
CA SER A 8 15.29 16.40 3.03
C SER A 8 15.22 17.34 1.85
N VAL A 9 14.62 16.84 0.79
CA VAL A 9 14.49 17.60 -0.44
C VAL A 9 13.08 17.41 -1.00
N LYS A 10 12.35 18.50 -1.19
CA LYS A 10 11.00 18.47 -1.76
C LYS A 10 11.13 18.88 -3.22
N PHE A 11 10.47 18.13 -4.11
CA PHE A 11 10.52 18.36 -5.55
C PHE A 11 9.17 17.91 -6.12
N ASP A 12 8.98 18.03 -7.43
CA ASP A 12 7.70 17.66 -8.04
C ASP A 12 7.85 16.48 -9.01
N VAL A 13 6.73 15.78 -9.23
CA VAL A 13 6.63 14.65 -10.16
C VAL A 13 5.32 14.81 -10.94
N LYS A 14 5.29 14.28 -12.16
CA LYS A 14 4.12 14.35 -13.04
C LYS A 14 2.96 13.44 -12.60
N CYS A 15 3.27 12.30 -12.02
CA CYS A 15 2.27 11.32 -11.59
C CYS A 15 1.22 11.74 -10.55
N PRO A 16 0.10 11.01 -10.48
CA PRO A 16 -1.02 11.23 -9.55
C PRO A 16 -0.41 10.74 -8.24
N ALA A 17 -0.77 11.35 -7.11
CA ALA A 17 -0.15 10.96 -5.84
C ALA A 17 -0.27 9.50 -5.44
N ASP A 18 -1.48 8.96 -5.36
CA ASP A 18 -1.64 7.55 -4.98
C ASP A 18 -0.93 6.66 -6.00
N LYS A 19 -1.01 7.02 -7.29
CA LYS A 19 -0.35 6.22 -8.33
C LYS A 19 1.14 6.19 -8.09
N PHE A 20 1.76 7.37 -8.10
CA PHE A 20 3.20 7.43 -7.88
C PHE A 20 3.58 6.84 -6.52
N PHE A 21 2.75 7.10 -5.53
CA PHE A 21 3.02 6.62 -4.17
C PHE A 21 3.03 5.08 -4.10
N SER A 22 2.02 4.47 -4.70
CA SER A 22 1.91 3.01 -4.72
C SER A 22 3.08 2.34 -5.43
N ALA A 23 3.48 2.90 -6.57
CA ALA A 23 4.62 2.34 -7.31
C ALA A 23 5.87 2.28 -6.41
N PHE A 24 6.10 3.32 -5.60
CA PHE A 24 7.27 3.36 -4.72
C PHE A 24 7.24 2.30 -3.63
N VAL A 25 6.15 2.27 -2.87
CA VAL A 25 5.99 1.30 -1.79
C VAL A 25 6.30 -0.11 -2.31
N GLU A 26 5.69 -0.45 -3.44
CA GLU A 26 5.91 -1.78 -3.97
C GLU A 26 7.40 -1.97 -4.29
N ASP A 27 8.05 -0.92 -4.79
CA ASP A 27 9.47 -1.03 -5.13
C ASP A 27 10.38 -1.08 -3.90
N THR A 28 9.91 -0.69 -2.71
CA THR A 28 10.79 -0.78 -1.56
C THR A 28 11.00 -2.25 -1.17
N ASN A 29 10.24 -3.16 -1.78
CA ASN A 29 10.47 -4.57 -1.49
C ASN A 29 11.86 -4.96 -2.07
N ARG A 30 12.54 -3.97 -2.68
CA ARG A 30 13.88 -4.19 -3.26
C ARG A 30 14.95 -3.64 -2.32
N PRO A 31 15.89 -4.48 -1.88
CA PRO A 31 16.93 -3.93 -1.00
C PRO A 31 17.61 -2.84 -1.86
N PHE A 32 17.91 -1.70 -1.26
CA PHE A 32 18.54 -0.59 -1.95
C PHE A 32 20.01 -0.83 -2.31
N GLU A 33 20.59 -1.83 -1.66
CA GLU A 33 21.97 -2.25 -1.90
C GLU A 33 22.02 -3.78 -1.87
N LYS A 34 23.09 -4.33 -2.44
CA LYS A 34 23.29 -5.78 -2.57
C LYS A 34 22.90 -6.57 -1.32
N ASN A 35 23.39 -6.16 -0.15
CA ASN A 35 23.05 -6.90 1.07
C ASN A 35 22.11 -6.08 1.94
N GLY A 36 21.47 -5.09 1.33
CA GLY A 36 20.59 -4.20 2.06
C GLY A 36 19.33 -4.81 2.65
N LYS A 37 18.79 -4.10 3.63
CA LYS A 37 17.57 -4.52 4.28
C LYS A 37 16.69 -3.29 4.42
N THR A 38 15.43 -3.41 4.03
CA THR A 38 14.50 -2.30 4.17
C THR A 38 13.36 -2.75 5.08
N GLU A 39 13.14 -2.00 6.16
CA GLU A 39 12.07 -2.32 7.10
C GLU A 39 11.14 -1.12 7.22
N ILE A 40 9.84 -1.38 7.17
CA ILE A 40 8.82 -0.32 7.28
C ILE A 40 8.61 -0.04 8.76
N GLU A 41 8.59 1.24 9.14
CA GLU A 41 8.37 1.60 10.53
C GLU A 41 7.04 2.35 10.69
N ALA A 42 6.49 2.78 9.57
CA ALA A 42 5.22 3.49 9.56
C ALA A 42 4.74 3.64 8.10
N VAL A 43 3.44 3.46 7.89
CA VAL A 43 2.88 3.61 6.56
C VAL A 43 1.39 3.93 6.56
N ASP A 44 0.99 4.84 5.66
CA ASP A 44 -0.40 5.23 5.53
C ASP A 44 -0.63 5.49 4.03
N LEU A 45 -1.31 4.56 3.37
CA LEU A 45 -1.54 4.66 1.94
C LEU A 45 -2.44 5.81 1.50
N VAL A 46 -3.46 6.16 2.29
CA VAL A 46 -4.31 7.27 1.90
C VAL A 46 -3.60 8.55 2.27
N LYS A 47 -2.91 8.56 3.41
CA LYS A 47 -2.16 9.73 3.82
C LYS A 47 -0.86 9.76 3.03
N LYS A 48 -0.58 8.67 2.34
CA LYS A 48 0.64 8.52 1.52
C LYS A 48 1.92 8.95 2.25
N THR A 49 2.11 8.41 3.46
CA THR A 49 3.30 8.69 4.25
C THR A 49 3.90 7.36 4.64
N THR A 51 7.68 5.55 6.39
CA THR A 51 9.02 5.65 6.92
C THR A 51 9.61 4.25 6.92
N ILE A 52 10.78 4.12 6.33
CA ILE A 52 11.47 2.84 6.27
C ILE A 52 12.91 3.00 6.78
N GLN A 53 13.42 2.00 7.49
CA GLN A 53 14.81 2.04 7.92
C GLN A 53 15.54 1.26 6.84
N SER A 55 19.22 -0.49 5.91
CA SER A 55 20.52 -0.90 6.41
C SER A 55 21.20 -1.91 5.46
N GLY A 56 22.52 -1.90 5.49
CA GLY A 56 23.30 -2.78 4.62
C GLY A 56 24.77 -2.56 4.95
N SER A 57 25.65 -3.47 4.49
CA SER A 57 27.07 -3.35 4.76
C SER A 57 27.74 -2.17 4.08
N GLU A 58 27.04 -1.52 3.15
CA GLU A 58 27.62 -0.37 2.48
C GLU A 58 27.12 0.90 3.15
N ILE A 59 25.79 1.07 3.19
CA ILE A 59 25.24 2.26 3.80
C ILE A 59 25.69 2.42 5.26
N GLN A 60 26.00 1.31 5.92
CA GLN A 60 26.45 1.34 7.31
C GLN A 60 27.90 1.79 7.46
N LYS A 61 28.57 2.07 6.34
CA LYS A 61 29.94 2.58 6.43
C LYS A 61 29.88 4.01 6.95
N TYR A 62 28.67 4.59 6.89
CA TYR A 62 28.50 5.99 7.30
C TYR A 62 27.43 6.20 8.33
N PHE A 63 26.25 5.66 8.04
CA PHE A 63 25.12 5.82 8.94
C PHE A 63 24.74 4.54 9.66
N LYS A 64 24.98 4.52 10.96
CA LYS A 64 24.65 3.37 11.79
C LYS A 64 23.14 3.42 11.98
N THR A 65 22.60 4.59 11.67
CA THR A 65 21.17 4.82 11.79
C THR A 65 20.80 5.74 10.63
N LEU A 66 20.22 5.16 9.59
CA LEU A 66 19.75 5.91 8.42
C LEU A 66 18.30 5.54 8.21
N LYS A 67 17.43 6.52 8.44
CA LYS A 67 16.00 6.32 8.23
C LYS A 67 15.58 7.29 7.13
N GLY A 68 14.50 6.94 6.45
CA GLY A 68 13.99 7.81 5.41
C GLY A 68 12.51 7.94 5.70
N SER A 69 11.89 8.99 5.14
CA SER A 69 10.45 9.20 5.32
C SER A 69 9.91 10.00 4.13
N ILE A 70 8.85 9.50 3.48
CA ILE A 70 8.25 10.20 2.36
C ILE A 70 6.85 10.71 2.69
N ALA A 71 6.42 11.75 1.97
CA ALA A 71 5.08 12.33 2.06
C ALA A 71 4.78 12.87 0.66
N VAL A 72 3.77 12.31 0.02
CA VAL A 72 3.40 12.75 -1.33
C VAL A 72 2.18 13.64 -1.27
N THR A 73 2.08 14.60 -2.20
CA THR A 73 0.93 15.50 -2.23
C THR A 73 0.44 15.80 -3.65
N PRO A 74 -0.88 15.77 -3.86
CA PRO A 74 -1.43 16.06 -5.18
C PRO A 74 -1.14 17.53 -5.49
N ILE A 75 -0.88 17.85 -6.75
CA ILE A 75 -0.68 19.25 -7.12
C ILE A 75 -2.06 19.76 -7.55
N GLY A 76 -2.35 19.69 -8.85
CA GLY A 76 -3.64 20.11 -9.38
C GLY A 76 -4.38 18.94 -10.01
N VAL A 77 -4.93 19.13 -11.21
CA VAL A 77 -5.63 18.05 -11.88
C VAL A 77 -4.70 17.50 -12.96
N GLY A 78 -4.06 16.39 -12.67
CA GLY A 78 -3.12 15.83 -13.63
C GLY A 78 -1.82 16.59 -13.43
N ASP A 79 -1.94 17.77 -12.82
CA ASP A 79 -0.81 18.65 -12.54
C ASP A 79 0.43 17.91 -12.06
N GLY A 80 0.23 16.89 -11.22
CA GLY A 80 1.36 16.15 -10.70
C GLY A 80 1.36 16.07 -9.18
N SER A 81 2.49 15.71 -8.61
CA SER A 81 2.58 15.56 -7.16
C SER A 81 3.87 16.11 -6.57
N HIS A 82 3.73 16.76 -5.41
CA HIS A 82 4.87 17.29 -4.68
C HIS A 82 5.33 16.08 -3.88
N VAL A 83 6.64 15.93 -3.75
CA VAL A 83 7.20 14.84 -2.97
C VAL A 83 8.16 15.39 -1.92
N VAL A 84 7.98 14.96 -0.67
CA VAL A 84 8.91 15.34 0.39
C VAL A 84 9.58 14.04 0.78
N TRP A 85 10.91 14.00 0.70
CA TRP A 85 11.71 12.82 1.03
C TRP A 85 12.76 13.22 2.06
N THR A 86 12.65 12.65 3.24
CA THR A 86 13.55 12.99 4.34
C THR A 86 14.39 11.85 4.84
N PHE A 87 15.69 12.08 4.95
CA PHE A 87 16.61 11.11 5.53
C PHE A 87 16.80 11.56 6.98
N HIS A 88 16.54 10.66 7.93
CA HIS A 88 16.73 10.93 9.36
C HIS A 88 17.93 10.04 9.71
N PHE A 89 19.07 10.63 10.08
CA PHE A 89 20.27 9.82 10.34
C PHE A 89 21.02 10.00 11.65
N GLU A 90 21.86 9.02 11.91
CA GLU A 90 22.77 9.03 13.06
C GLU A 90 24.10 8.59 12.44
N LYS A 91 25.03 9.53 12.36
CA LYS A 91 26.36 9.29 11.78
C LYS A 91 27.19 8.30 12.58
N VAL A 92 28.17 7.68 11.94
CA VAL A 92 29.04 6.74 12.66
C VAL A 92 30.07 7.55 13.46
N HIS A 93 30.45 8.72 12.94
CA HIS A 93 31.38 9.62 13.62
C HIS A 93 31.35 10.98 12.89
N LYS A 94 31.91 12.01 13.52
CA LYS A 94 31.91 13.38 13.00
C LYS A 94 32.37 13.65 11.57
N ASP A 95 33.37 12.91 11.10
CA ASP A 95 33.86 13.17 9.76
C ASP A 95 32.99 12.72 8.59
N ILE A 96 31.89 12.02 8.86
CA ILE A 96 30.99 11.62 7.79
C ILE A 96 30.21 12.89 7.38
N ASP A 97 29.92 13.06 6.09
CA ASP A 97 29.18 14.24 5.64
C ASP A 97 27.64 14.05 5.71
N ASP A 98 26.90 15.15 5.57
CA ASP A 98 25.44 15.05 5.55
C ASP A 98 25.20 14.38 4.19
N PRO A 99 24.24 13.45 4.11
CA PRO A 99 23.87 12.67 2.92
C PRO A 99 23.37 13.38 1.66
N HIS A 100 24.03 14.49 1.33
CA HIS A 100 23.68 15.27 0.15
C HIS A 100 23.87 14.46 -1.14
N SER A 101 25.02 13.83 -1.31
CA SER A 101 25.25 13.06 -2.54
C SER A 101 24.16 12.00 -2.72
N ILE A 102 23.90 11.23 -1.67
CA ILE A 102 22.90 10.19 -1.73
C ILE A 102 21.44 10.68 -1.85
N ILE A 103 21.10 11.81 -1.22
CA ILE A 103 19.72 12.26 -1.35
C ILE A 103 19.47 12.84 -2.73
N ASP A 104 20.50 13.39 -3.37
CA ASP A 104 20.33 13.91 -4.73
C ASP A 104 20.08 12.69 -5.64
N GLU A 105 20.75 11.58 -5.34
CA GLU A 105 20.55 10.35 -6.11
C GLU A 105 19.13 9.80 -5.84
N SER A 106 18.63 9.97 -4.61
CA SER A 106 17.27 9.49 -4.29
C SER A 106 16.30 10.25 -5.21
N VAL A 107 16.54 11.55 -5.38
CA VAL A 107 15.70 12.38 -6.24
C VAL A 107 15.72 11.87 -7.69
N LYS A 108 16.92 11.56 -8.21
CA LYS A 108 17.01 11.05 -9.58
C LYS A 108 16.22 9.76 -9.67
N TYR A 109 16.24 9.00 -8.58
CA TYR A 109 15.54 7.74 -8.54
C TYR A 109 14.02 7.96 -8.58
N PHE A 110 13.55 8.87 -7.75
CA PHE A 110 12.13 9.16 -7.69
C PHE A 110 11.58 9.70 -9.03
N LYS A 111 12.35 10.52 -9.74
CA LYS A 111 11.88 11.07 -11.02
C LYS A 111 11.96 10.00 -12.12
N LYS A 112 12.94 9.10 -12.04
CA LYS A 112 13.06 8.02 -13.02
C LYS A 112 11.87 7.09 -12.79
N LEU A 113 11.44 7.02 -11.54
CA LEU A 113 10.30 6.21 -11.17
C LEU A 113 9.06 6.84 -11.79
N ASP A 114 8.88 8.15 -11.55
CA ASP A 114 7.75 8.93 -12.09
C ASP A 114 7.63 8.71 -13.61
N GLU A 115 8.75 8.83 -14.30
CA GLU A 115 8.81 8.66 -15.76
C GLU A 115 8.46 7.23 -16.17
N ALA A 116 8.83 6.28 -15.32
CA ALA A 116 8.56 4.88 -15.54
C ALA A 116 7.05 4.61 -15.52
N ILE A 117 6.39 5.11 -14.48
CA ILE A 117 4.94 4.88 -14.36
C ILE A 117 4.18 5.70 -15.39
N LEU A 118 4.71 6.88 -15.72
CA LEU A 118 4.07 7.76 -16.68
C LEU A 118 3.62 7.08 -17.97
N ASN A 119 4.50 6.30 -18.59
CA ASN A 119 4.15 5.62 -19.84
C ASN A 119 4.34 4.10 -19.71
N PHE A 120 3.41 3.34 -20.29
CA PHE A 120 3.45 1.87 -20.20
C PHE A 120 2.67 1.23 -21.34
N SER B 1 -13.78 -32.27 -2.26
CA SER B 1 -13.96 -31.59 -0.94
C SER B 1 -15.37 -31.04 -0.77
N THR B 2 -16.06 -31.49 0.29
CA THR B 2 -17.42 -31.04 0.58
C THR B 2 -17.42 -29.66 1.22
N LEU B 3 -16.34 -29.33 1.92
CA LEU B 3 -16.21 -28.05 2.62
C LEU B 3 -15.58 -26.88 1.86
N LYS B 4 -14.52 -27.15 1.11
CA LYS B 4 -13.80 -26.13 0.36
C LYS B 4 -14.52 -25.56 -0.84
N GLY B 5 -14.70 -24.24 -0.82
CA GLY B 5 -15.37 -23.57 -1.91
C GLY B 5 -14.90 -22.13 -2.02
N ALA B 6 -15.26 -21.47 -3.11
CA ALA B 6 -14.88 -20.08 -3.34
C ALA B 6 -16.07 -19.38 -3.96
N LEU B 7 -16.28 -18.13 -3.55
CA LEU B 7 -17.38 -17.33 -4.04
C LEU B 7 -16.70 -16.03 -4.47
N SER B 8 -17.06 -15.52 -5.65
CA SER B 8 -16.42 -14.33 -6.19
C SER B 8 -17.35 -13.43 -7.00
N VAL B 9 -17.24 -12.13 -6.77
CA VAL B 9 -18.08 -11.16 -7.48
C VAL B 9 -17.22 -10.12 -8.19
N LYS B 10 -17.66 -9.73 -9.38
CA LYS B 10 -16.97 -8.75 -10.21
C LYS B 10 -17.89 -7.59 -10.60
N PHE B 11 -17.60 -6.42 -10.08
CA PHE B 11 -18.36 -5.20 -10.35
C PHE B 11 -17.41 -4.08 -10.72
N ASP B 12 -17.93 -2.86 -10.77
CA ASP B 12 -17.12 -1.69 -11.11
C ASP B 12 -17.46 -0.53 -10.19
N VAL B 13 -16.49 0.34 -9.92
CA VAL B 13 -16.71 1.52 -9.08
C VAL B 13 -16.31 2.75 -9.91
N LYS B 14 -16.77 3.94 -9.49
CA LYS B 14 -16.49 5.19 -10.21
C LYS B 14 -15.25 5.93 -9.70
N CYS B 15 -14.50 5.27 -8.82
CA CYS B 15 -13.29 5.85 -8.23
C CYS B 15 -12.05 5.43 -9.01
N PRO B 16 -11.07 6.34 -9.14
CA PRO B 16 -9.82 6.07 -9.84
C PRO B 16 -9.13 4.87 -9.14
N ALA B 17 -8.67 3.90 -9.92
CA ALA B 17 -8.09 2.66 -9.39
C ALA B 17 -7.02 2.67 -8.33
N ASP B 18 -5.94 3.41 -8.56
CA ASP B 18 -4.87 3.44 -7.55
C ASP B 18 -5.40 3.95 -6.21
N LYS B 19 -6.19 5.01 -6.24
CA LYS B 19 -6.74 5.55 -5.00
C LYS B 19 -7.78 4.58 -4.43
N PHE B 20 -8.40 3.80 -5.31
CA PHE B 20 -9.40 2.85 -4.85
C PHE B 20 -8.79 1.71 -4.07
N PHE B 21 -7.90 0.97 -4.72
CA PHE B 21 -7.24 -0.18 -4.11
C PHE B 21 -6.49 0.25 -2.88
N SER B 22 -6.08 1.53 -2.86
CA SER B 22 -5.37 2.12 -1.75
C SER B 22 -6.23 2.29 -0.51
N ALA B 23 -7.45 2.83 -0.67
CA ALA B 23 -8.31 3.00 0.48
C ALA B 23 -8.67 1.66 1.11
N PHE B 24 -8.93 0.62 0.31
CA PHE B 24 -9.27 -0.69 0.89
C PHE B 24 -8.11 -1.14 1.76
N VAL B 25 -6.90 -0.98 1.26
CA VAL B 25 -5.73 -1.38 2.03
C VAL B 25 -5.77 -0.61 3.33
N GLU B 26 -5.82 0.72 3.24
CA GLU B 26 -5.87 1.48 4.46
C GLU B 26 -7.11 1.07 5.29
N ASP B 27 -8.16 0.59 4.63
CA ASP B 27 -9.36 0.18 5.38
C ASP B 27 -9.09 -1.10 6.20
N THR B 28 -7.95 -1.74 6.00
CA THR B 28 -7.63 -2.96 6.78
C THR B 28 -7.18 -2.70 8.22
N ASN B 29 -6.96 -1.43 8.57
CA ASN B 29 -6.57 -1.07 9.94
C ASN B 29 -7.73 -1.19 10.94
N ARG B 30 -8.93 -1.43 10.41
CA ARG B 30 -10.09 -1.61 11.28
C ARG B 30 -10.69 -2.98 10.99
N PRO B 31 -10.64 -3.89 11.95
CA PRO B 31 -11.23 -5.22 11.71
C PRO B 31 -12.71 -5.02 11.30
N PHE B 32 -13.31 -6.02 10.68
CA PHE B 32 -14.70 -5.93 10.23
C PHE B 32 -15.75 -6.52 11.17
N GLU B 33 -15.37 -6.66 12.44
CA GLU B 33 -16.21 -7.17 13.50
C GLU B 33 -15.48 -6.88 14.82
N LYS B 34 -16.26 -6.65 15.87
CA LYS B 34 -15.73 -6.32 17.20
C LYS B 34 -14.68 -7.30 17.71
N ASN B 35 -14.85 -8.58 17.43
CA ASN B 35 -13.91 -9.60 17.87
C ASN B 35 -13.13 -10.17 16.68
N GLY B 36 -12.94 -9.35 15.66
CA GLY B 36 -12.24 -9.80 14.47
C GLY B 36 -10.75 -9.51 14.30
N LYS B 37 -10.12 -10.36 13.50
CA LYS B 37 -8.70 -10.23 13.20
C LYS B 37 -8.52 -10.34 11.69
N THR B 38 -7.80 -9.38 11.12
CA THR B 38 -7.54 -9.36 9.70
C THR B 38 -6.04 -9.52 9.50
N GLU B 39 -5.65 -10.50 8.69
CA GLU B 39 -4.24 -10.72 8.40
C GLU B 39 -4.03 -10.57 6.89
N ILE B 40 -2.91 -9.97 6.51
CA ILE B 40 -2.61 -9.78 5.10
C ILE B 40 -1.71 -10.91 4.62
N GLU B 41 -2.31 -11.92 4.00
CA GLU B 41 -1.57 -13.08 3.49
C GLU B 41 -0.75 -12.76 2.26
N ALA B 42 -1.20 -11.78 1.47
CA ALA B 42 -0.47 -11.38 0.25
C ALA B 42 -0.81 -9.95 -0.13
N VAL B 43 0.03 -9.36 -0.96
CA VAL B 43 -0.20 -8.00 -1.41
C VAL B 43 0.78 -7.55 -2.48
N ASP B 44 0.25 -6.79 -3.43
CA ASP B 44 1.04 -6.24 -4.54
C ASP B 44 0.41 -4.87 -4.81
N LEU B 45 1.13 -3.79 -4.48
CA LEU B 45 0.59 -2.46 -4.64
C LEU B 45 0.60 -1.91 -6.08
N VAL B 46 1.39 -2.53 -6.96
CA VAL B 46 1.40 -2.08 -8.36
C VAL B 46 0.24 -2.73 -9.12
N LYS B 47 0.05 -4.03 -8.91
CA LYS B 47 -1.03 -4.76 -9.56
C LYS B 47 -2.36 -4.50 -8.87
N LYS B 48 -2.31 -4.00 -7.63
CA LYS B 48 -3.52 -3.71 -6.87
C LYS B 48 -4.32 -4.97 -6.55
N THR B 49 -3.64 -5.94 -5.98
CA THR B 49 -4.23 -7.22 -5.57
C THR B 49 -3.81 -7.47 -4.13
N THR B 51 -4.54 -10.56 -0.68
CA THR B 51 -5.26 -11.63 -0.03
C THR B 51 -5.20 -11.41 1.48
N ILE B 52 -6.34 -11.47 2.13
CA ILE B 52 -6.41 -11.28 3.57
C ILE B 52 -7.22 -12.41 4.18
N GLN B 53 -6.82 -12.88 5.37
CA GLN B 53 -7.58 -13.91 6.04
C GLN B 53 -8.31 -13.19 7.16
N SER B 55 -10.71 -13.60 10.66
CA SER B 55 -11.06 -14.48 11.77
C SER B 55 -11.97 -13.71 12.69
N GLY B 56 -12.66 -14.43 13.57
CA GLY B 56 -13.57 -13.79 14.50
C GLY B 56 -14.73 -14.66 14.90
N SER B 57 -15.16 -14.47 16.14
CA SER B 57 -16.27 -15.21 16.72
C SER B 57 -17.40 -15.33 15.69
N GLU B 58 -17.72 -14.21 15.05
CA GLU B 58 -18.78 -14.16 14.04
C GLU B 58 -18.46 -15.12 12.90
N ILE B 59 -17.36 -14.85 12.20
CA ILE B 59 -16.91 -15.68 11.08
C ILE B 59 -16.91 -17.17 11.38
N GLN B 60 -16.37 -17.52 12.54
CA GLN B 60 -16.26 -18.92 12.95
C GLN B 60 -17.61 -19.58 13.22
N LYS B 61 -18.67 -18.80 13.27
CA LYS B 61 -19.98 -19.40 13.52
C LYS B 61 -20.51 -19.99 12.23
N TYR B 62 -19.84 -19.69 11.12
CA TYR B 62 -20.25 -20.20 9.82
C TYR B 62 -19.11 -20.87 9.09
N PHE B 63 -17.95 -20.23 9.10
CA PHE B 63 -16.79 -20.77 8.41
C PHE B 63 -15.67 -21.21 9.33
N LYS B 64 -14.95 -22.22 8.88
CA LYS B 64 -13.80 -22.74 9.61
C LYS B 64 -12.72 -21.74 9.27
N THR B 65 -12.42 -21.64 7.97
CA THR B 65 -11.41 -20.71 7.49
C THR B 65 -11.97 -19.88 6.36
N LEU B 66 -11.87 -18.56 6.52
CA LEU B 66 -12.33 -17.61 5.52
C LEU B 66 -11.15 -16.76 5.10
N LYS B 67 -11.02 -16.59 3.79
CA LYS B 67 -9.99 -15.77 3.19
C LYS B 67 -10.66 -14.91 2.13
N GLY B 68 -10.16 -13.69 1.96
CA GLY B 68 -10.74 -12.81 0.96
C GLY B 68 -9.64 -12.26 0.07
N SER B 69 -9.98 -11.95 -1.18
CA SER B 69 -8.97 -11.44 -2.09
C SER B 69 -9.54 -10.55 -3.18
N ILE B 70 -8.88 -9.41 -3.40
CA ILE B 70 -9.30 -8.46 -4.41
C ILE B 70 -8.26 -8.29 -5.51
N ALA B 71 -8.71 -7.78 -6.65
CA ALA B 71 -7.87 -7.46 -7.80
C ALA B 71 -8.64 -6.34 -8.46
N VAL B 72 -8.10 -5.12 -8.37
CA VAL B 72 -8.72 -3.94 -8.93
C VAL B 72 -8.05 -3.57 -10.24
N THR B 73 -8.83 -3.16 -11.23
CA THR B 73 -8.25 -2.82 -12.53
C THR B 73 -8.82 -1.52 -13.13
N PRO B 74 -7.95 -0.72 -13.78
CA PRO B 74 -8.43 0.52 -14.38
C PRO B 74 -9.42 0.23 -15.50
N ILE B 75 -10.47 1.03 -15.58
CA ILE B 75 -11.47 0.89 -16.64
C ILE B 75 -11.03 1.90 -17.71
N GLY B 76 -11.59 3.10 -17.65
CA GLY B 76 -11.23 4.14 -18.61
C GLY B 76 -10.59 5.35 -17.96
N VAL B 77 -10.15 6.31 -18.78
CA VAL B 77 -9.50 7.52 -18.27
C VAL B 77 -10.47 8.29 -17.39
N GLY B 78 -10.38 8.04 -16.09
CA GLY B 78 -11.27 8.70 -15.14
C GLY B 78 -12.59 7.96 -15.09
N ASP B 79 -12.71 6.95 -15.93
CA ASP B 79 -13.92 6.14 -16.02
C ASP B 79 -14.08 5.12 -14.87
N GLY B 80 -13.27 5.24 -13.82
CA GLY B 80 -13.39 4.31 -12.71
C GLY B 80 -12.57 3.03 -12.81
N SER B 81 -13.01 1.99 -12.10
CA SER B 81 -12.29 0.72 -12.06
C SER B 81 -13.19 -0.52 -11.98
N HIS B 82 -12.62 -1.65 -12.37
CA HIS B 82 -13.27 -2.96 -12.30
C HIS B 82 -12.83 -3.50 -10.96
N VAL B 83 -13.72 -4.17 -10.23
CA VAL B 83 -13.37 -4.75 -8.95
C VAL B 83 -13.75 -6.23 -8.89
N VAL B 84 -12.79 -7.09 -8.53
CA VAL B 84 -13.09 -8.50 -8.34
C VAL B 84 -12.81 -8.82 -6.87
N TRP B 85 -13.79 -9.38 -6.18
CA TRP B 85 -13.67 -9.75 -4.77
C TRP B 85 -14.03 -11.22 -4.66
N THR B 86 -13.08 -12.02 -4.19
CA THR B 86 -13.27 -13.46 -4.08
C THR B 86 -13.03 -14.05 -2.71
N PHE B 87 -14.08 -14.54 -2.06
CA PHE B 87 -13.89 -15.19 -0.77
C PHE B 87 -13.47 -16.61 -1.08
N HIS B 88 -12.44 -17.09 -0.40
CA HIS B 88 -11.96 -18.47 -0.54
C HIS B 88 -12.29 -19.05 0.84
N PHE B 89 -12.98 -20.19 0.90
CA PHE B 89 -13.38 -20.70 2.21
C PHE B 89 -13.45 -22.21 2.40
N GLU B 90 -13.55 -22.58 3.67
CA GLU B 90 -13.72 -23.96 4.08
C GLU B 90 -14.79 -23.86 5.17
N LYS B 91 -15.96 -24.42 4.90
CA LYS B 91 -17.08 -24.39 5.84
C LYS B 91 -16.79 -25.25 7.07
N VAL B 92 -17.44 -24.94 8.19
CA VAL B 92 -17.21 -25.74 9.40
C VAL B 92 -17.76 -27.14 9.11
N HIS B 93 -18.82 -27.19 8.30
CA HIS B 93 -19.42 -28.46 7.89
C HIS B 93 -20.25 -28.29 6.62
N LYS B 94 -20.28 -29.33 5.80
CA LYS B 94 -20.98 -29.32 4.52
C LYS B 94 -22.27 -28.54 4.38
N ASP B 95 -23.06 -28.46 5.45
CA ASP B 95 -24.34 -27.75 5.34
C ASP B 95 -24.27 -26.23 5.26
N ILE B 96 -23.16 -25.63 5.68
CA ILE B 96 -23.06 -24.18 5.63
C ILE B 96 -23.38 -23.63 4.23
N ASP B 97 -24.19 -22.58 4.17
CA ASP B 97 -24.53 -21.98 2.88
C ASP B 97 -23.33 -21.26 2.30
N ASP B 98 -23.34 -21.05 0.98
CA ASP B 98 -22.27 -20.32 0.32
C ASP B 98 -22.52 -18.89 0.79
N PRO B 99 -21.46 -18.13 1.11
CA PRO B 99 -21.53 -16.75 1.61
C PRO B 99 -22.13 -15.61 0.78
N HIS B 100 -23.32 -15.83 0.22
CA HIS B 100 -23.99 -14.82 -0.59
C HIS B 100 -24.36 -13.55 0.20
N SER B 101 -24.85 -13.71 1.42
CA SER B 101 -25.21 -12.54 2.22
C SER B 101 -23.91 -11.84 2.57
N ILE B 102 -22.91 -12.63 2.94
CA ILE B 102 -21.61 -12.09 3.29
C ILE B 102 -21.00 -11.27 2.15
N ILE B 103 -20.99 -11.83 0.94
CA ILE B 103 -20.38 -11.11 -0.17
C ILE B 103 -21.22 -9.92 -0.65
N ASP B 104 -22.54 -10.10 -0.68
CA ASP B 104 -23.42 -9.02 -1.09
C ASP B 104 -23.14 -7.86 -0.11
N GLU B 105 -22.85 -8.21 1.14
CA GLU B 105 -22.55 -7.21 2.15
C GLU B 105 -21.22 -6.55 1.83
N SER B 106 -20.21 -7.36 1.50
CA SER B 106 -18.90 -6.80 1.16
C SER B 106 -19.08 -5.83 0.01
N VAL B 107 -19.97 -6.19 -0.91
CA VAL B 107 -20.23 -5.35 -2.07
C VAL B 107 -20.78 -3.98 -1.65
N LYS B 108 -21.75 -3.98 -0.75
CA LYS B 108 -22.32 -2.72 -0.26
C LYS B 108 -21.18 -1.91 0.32
N TYR B 109 -20.33 -2.58 1.11
CA TYR B 109 -19.19 -1.89 1.70
C TYR B 109 -18.35 -1.24 0.60
N PHE B 110 -18.08 -1.99 -0.47
CA PHE B 110 -17.30 -1.46 -1.56
C PHE B 110 -17.94 -0.29 -2.31
N LYS B 111 -19.27 -0.25 -2.38
CA LYS B 111 -19.95 0.86 -3.07
C LYS B 111 -19.83 2.13 -2.20
N LYS B 112 -19.87 1.96 -0.87
CA LYS B 112 -19.73 3.11 0.04
C LYS B 112 -18.26 3.54 0.12
N LEU B 113 -17.34 2.58 0.21
CA LEU B 113 -15.92 2.95 0.24
C LEU B 113 -15.69 3.85 -1.00
N ASP B 114 -16.34 3.50 -2.10
CA ASP B 114 -16.25 4.24 -3.38
C ASP B 114 -16.74 5.70 -3.20
N GLU B 115 -17.95 5.84 -2.68
CA GLU B 115 -18.52 7.18 -2.48
C GLU B 115 -17.81 7.93 -1.35
N ALA B 116 -17.40 7.18 -0.33
CA ALA B 116 -16.70 7.78 0.80
C ALA B 116 -15.48 8.57 0.38
N ILE B 117 -14.70 8.00 -0.53
CA ILE B 117 -13.46 8.66 -0.94
C ILE B 117 -13.56 9.40 -2.26
N LEU B 118 -14.67 9.21 -2.98
CA LEU B 118 -14.87 9.92 -4.23
C LEU B 118 -15.44 11.29 -3.83
N ASN B 119 -16.62 11.25 -3.22
CA ASN B 119 -17.32 12.45 -2.77
C ASN B 119 -16.38 13.59 -2.37
N PHE B 120 -15.63 13.41 -1.29
CA PHE B 120 -14.70 14.44 -0.84
C PHE B 120 -13.61 14.68 -1.89
N SER A 1 23.66 16.58 20.22
CA SER A 1 24.16 15.30 19.61
C SER A 1 24.78 15.56 18.24
N THR A 2 26.11 15.57 18.20
CA THR A 2 26.85 15.82 16.96
C THR A 2 26.69 14.71 15.94
N LEU A 3 25.93 13.68 16.25
CA LEU A 3 25.76 12.56 15.32
C LEU A 3 24.40 12.52 14.60
N LYS A 4 23.34 12.92 15.29
CA LYS A 4 22.00 12.89 14.72
C LYS A 4 21.69 14.11 13.86
N GLY A 5 21.08 13.87 12.71
CA GLY A 5 20.73 14.95 11.83
C GLY A 5 19.58 14.59 10.91
N ALA A 6 19.20 15.54 10.08
CA ALA A 6 18.12 15.33 9.14
C ALA A 6 18.37 16.21 7.93
N LEU A 7 18.09 15.64 6.77
CA LEU A 7 18.25 16.33 5.51
C LEU A 7 16.93 15.99 4.81
N SER A 8 16.35 16.94 4.07
CA SER A 8 15.06 16.70 3.44
C SER A 8 14.88 17.50 2.16
N VAL A 9 14.31 16.85 1.15
CA VAL A 9 14.08 17.50 -0.14
C VAL A 9 12.59 17.45 -0.53
N LYS A 10 12.15 18.50 -1.21
CA LYS A 10 10.78 18.65 -1.67
C LYS A 10 10.93 19.04 -3.13
N PHE A 11 10.35 18.23 -4.03
CA PHE A 11 10.43 18.44 -5.47
C PHE A 11 9.12 17.96 -6.10
N ASP A 12 9.01 18.01 -7.43
CA ASP A 12 7.78 17.61 -8.08
C ASP A 12 7.93 16.42 -9.04
N VAL A 13 6.81 15.73 -9.25
CA VAL A 13 6.72 14.59 -10.16
C VAL A 13 5.42 14.78 -10.97
N LYS A 14 5.34 14.15 -12.14
CA LYS A 14 4.18 14.27 -13.02
C LYS A 14 3.00 13.38 -12.60
N CYS A 15 3.28 12.28 -11.92
CA CYS A 15 2.26 11.32 -11.49
C CYS A 15 1.24 11.75 -10.43
N PRO A 16 0.16 10.97 -10.28
CA PRO A 16 -0.93 11.17 -9.30
C PRO A 16 -0.31 10.56 -8.04
N ALA A 17 -0.65 11.06 -6.85
CA ALA A 17 -0.03 10.57 -5.62
C ALA A 17 -0.24 9.10 -5.25
N ASP A 18 -1.47 8.61 -5.37
CA ASP A 18 -1.77 7.22 -5.04
C ASP A 18 -0.92 6.28 -5.91
N LYS A 19 -0.93 6.53 -7.22
CA LYS A 19 -0.18 5.70 -8.18
C LYS A 19 1.32 5.80 -7.92
N PHE A 20 1.83 7.02 -7.90
CA PHE A 20 3.25 7.22 -7.66
C PHE A 20 3.68 6.75 -6.27
N PHE A 21 2.77 6.83 -5.30
CA PHE A 21 3.09 6.42 -3.93
C PHE A 21 3.13 4.91 -3.63
N SER A 22 2.11 4.16 -4.04
CA SER A 22 2.06 2.71 -3.79
C SER A 22 3.10 1.92 -4.60
N ALA A 23 3.44 2.47 -5.76
CA ALA A 23 4.42 1.86 -6.64
C ALA A 23 5.79 1.96 -5.96
N PHE A 24 6.03 3.05 -5.22
CA PHE A 24 7.29 3.21 -4.52
C PHE A 24 7.29 2.27 -3.34
N VAL A 25 6.16 2.21 -2.64
CA VAL A 25 6.03 1.33 -1.50
C VAL A 25 6.28 -0.09 -2.00
N GLU A 26 5.76 -0.41 -3.17
CA GLU A 26 5.96 -1.76 -3.68
C GLU A 26 7.45 -2.03 -4.00
N ASP A 27 8.11 -1.03 -4.58
CA ASP A 27 9.53 -1.19 -4.94
C ASP A 27 10.47 -1.24 -3.73
N THR A 28 10.02 -0.83 -2.53
CA THR A 28 10.92 -0.92 -1.38
C THR A 28 11.11 -2.38 -0.97
N ASN A 29 10.36 -3.28 -1.59
CA ASN A 29 10.56 -4.70 -1.29
C ASN A 29 11.93 -5.09 -1.89
N ARG A 30 12.42 -4.27 -2.84
CA ARG A 30 13.73 -4.54 -3.45
C ARG A 30 14.75 -3.83 -2.58
N PRO A 31 15.71 -4.57 -1.99
CA PRO A 31 16.71 -3.91 -1.16
C PRO A 31 17.43 -2.87 -2.04
N PHE A 32 17.93 -1.80 -1.42
CA PHE A 32 18.63 -0.74 -2.14
C PHE A 32 20.10 -1.04 -2.40
N GLU A 33 20.55 -2.19 -1.91
CA GLU A 33 21.92 -2.69 -2.09
C GLU A 33 21.89 -4.21 -1.91
N LYS A 34 22.86 -4.88 -2.51
CA LYS A 34 23.00 -6.34 -2.49
C LYS A 34 22.70 -7.01 -1.13
N ASN A 35 23.19 -6.41 -0.05
CA ASN A 35 22.95 -6.98 1.28
C ASN A 35 22.04 -6.07 2.07
N GLY A 36 21.43 -5.13 1.36
CA GLY A 36 20.57 -4.17 2.01
C GLY A 36 19.34 -4.73 2.68
N LYS A 37 18.86 -3.99 3.66
CA LYS A 37 17.66 -4.39 4.37
C LYS A 37 16.78 -3.15 4.52
N THR A 38 15.54 -3.26 4.06
CA THR A 38 14.58 -2.17 4.18
C THR A 38 13.47 -2.69 5.09
N GLU A 39 13.18 -1.96 6.16
CA GLU A 39 12.12 -2.34 7.08
C GLU A 39 11.18 -1.16 7.19
N ILE A 40 9.87 -1.42 7.14
CA ILE A 40 8.87 -0.35 7.25
C ILE A 40 8.69 -0.03 8.73
N GLU A 41 8.62 1.26 9.06
CA GLU A 41 8.43 1.67 10.44
C GLU A 41 7.20 2.56 10.57
N ALA A 42 6.37 2.54 9.54
CA ALA A 42 5.12 3.29 9.46
C ALA A 42 4.75 3.50 7.99
N VAL A 43 3.50 3.22 7.65
CA VAL A 43 3.05 3.43 6.28
C VAL A 43 1.53 3.63 6.24
N ASP A 44 1.09 4.77 5.69
CA ASP A 44 -0.33 5.09 5.59
C ASP A 44 -0.67 5.25 4.11
N LEU A 45 -1.41 4.29 3.58
CA LEU A 45 -1.76 4.31 2.18
C LEU A 45 -2.88 5.29 1.84
N VAL A 46 -3.55 5.82 2.87
CA VAL A 46 -4.58 6.81 2.62
C VAL A 46 -3.87 8.09 2.21
N LYS A 47 -3.19 8.74 3.17
CA LYS A 47 -2.45 9.99 2.95
C LYS A 47 -1.10 9.87 2.21
N LYS A 48 -0.64 8.64 1.97
CA LYS A 48 0.65 8.44 1.27
C LYS A 48 1.88 8.88 2.09
N THR A 49 2.04 8.31 3.28
CA THR A 49 3.18 8.64 4.12
C THR A 49 3.82 7.35 4.60
N THR A 51 7.69 5.57 6.32
CA THR A 51 9.05 5.68 6.85
C THR A 51 9.62 4.28 6.88
N ILE A 52 10.78 4.12 6.28
CA ILE A 52 11.46 2.83 6.24
C ILE A 52 12.89 3.00 6.75
N GLN A 53 13.39 2.00 7.49
CA GLN A 53 14.78 2.04 7.93
C GLN A 53 15.53 1.23 6.88
N SER A 55 19.21 -0.52 5.92
CA SER A 55 20.51 -0.93 6.43
C SER A 55 21.23 -1.85 5.44
N GLY A 56 22.53 -2.00 5.64
CA GLY A 56 23.35 -2.81 4.77
C GLY A 56 24.81 -2.56 5.10
N SER A 57 25.70 -3.41 4.59
CA SER A 57 27.13 -3.26 4.88
C SER A 57 27.75 -2.00 4.28
N GLU A 58 27.16 -1.48 3.21
CA GLU A 58 27.69 -0.27 2.61
C GLU A 58 27.15 0.98 3.30
N ILE A 59 25.82 1.09 3.39
CA ILE A 59 25.26 2.27 4.02
C ILE A 59 25.73 2.45 5.47
N GLN A 60 25.93 1.34 6.18
CA GLN A 60 26.40 1.41 7.57
C GLN A 60 27.86 1.83 7.69
N LYS A 61 28.57 1.92 6.58
CA LYS A 61 29.94 2.39 6.68
C LYS A 61 29.89 3.88 7.00
N TYR A 62 28.71 4.48 6.80
CA TYR A 62 28.56 5.92 7.03
C TYR A 62 27.53 6.30 8.07
N PHE A 63 26.44 5.54 8.13
CA PHE A 63 25.38 5.81 9.08
C PHE A 63 25.02 4.59 9.92
N LYS A 64 25.07 4.73 11.24
CA LYS A 64 24.72 3.61 12.11
C LYS A 64 23.26 3.31 11.86
N THR A 65 22.46 4.36 11.74
CA THR A 65 21.03 4.23 11.50
C THR A 65 20.64 5.17 10.35
N LEU A 66 19.87 4.64 9.41
CA LEU A 66 19.36 5.45 8.29
C LEU A 66 17.89 5.10 8.04
N LYS A 67 17.05 6.12 8.16
CA LYS A 67 15.62 5.98 7.90
C LYS A 67 15.29 7.02 6.84
N GLY A 68 14.25 6.74 6.08
CA GLY A 68 13.82 7.67 5.03
C GLY A 68 12.33 7.82 5.13
N SER A 69 11.84 9.05 5.10
CA SER A 69 10.40 9.29 5.16
C SER A 69 9.91 9.98 3.89
N ILE A 70 8.73 9.58 3.41
CA ILE A 70 8.14 10.19 2.24
C ILE A 70 6.68 10.58 2.45
N ALA A 71 6.31 11.77 1.97
CA ALA A 71 4.93 12.24 2.00
C ALA A 71 4.68 12.61 0.54
N VAL A 72 3.58 12.13 -0.02
CA VAL A 72 3.25 12.46 -1.41
C VAL A 72 1.87 13.10 -1.42
N THR A 73 1.77 14.33 -1.93
CA THR A 73 0.49 15.03 -1.99
C THR A 73 0.12 15.63 -3.36
N PRO A 74 -1.18 15.80 -3.60
CA PRO A 74 -1.63 16.37 -4.88
C PRO A 74 -1.13 17.80 -5.02
N ILE A 75 -0.74 18.18 -6.24
CA ILE A 75 -0.28 19.55 -6.53
C ILE A 75 -1.52 20.43 -6.77
N GLY A 76 -2.62 19.80 -7.19
CA GLY A 76 -3.85 20.54 -7.45
C GLY A 76 -4.97 19.59 -7.83
N VAL A 77 -5.20 19.46 -9.14
CA VAL A 77 -6.22 18.56 -9.67
C VAL A 77 -5.72 18.10 -11.04
N GLY A 78 -5.18 16.88 -11.08
CA GLY A 78 -4.64 16.34 -12.32
C GLY A 78 -3.45 17.19 -12.70
N ASP A 79 -2.77 17.74 -11.68
CA ASP A 79 -1.60 18.61 -11.85
C ASP A 79 -0.27 18.06 -11.32
N GLY A 80 -0.17 16.74 -11.15
CA GLY A 80 1.07 16.18 -10.65
C GLY A 80 1.12 16.07 -9.14
N SER A 81 2.30 15.73 -8.60
CA SER A 81 2.44 15.56 -7.16
C SER A 81 3.70 16.17 -6.57
N HIS A 82 3.57 16.72 -5.37
CA HIS A 82 4.70 17.28 -4.63
C HIS A 82 5.24 16.09 -3.87
N VAL A 83 6.57 16.01 -3.77
CA VAL A 83 7.21 14.93 -3.04
C VAL A 83 8.19 15.50 -2.01
N VAL A 84 8.13 14.98 -0.78
CA VAL A 84 9.06 15.35 0.27
C VAL A 84 9.73 14.06 0.70
N TRP A 85 11.06 14.03 0.65
CA TRP A 85 11.83 12.84 1.04
C TRP A 85 12.83 13.29 2.11
N THR A 86 12.88 12.58 3.22
CA THR A 86 13.74 13.00 4.31
C THR A 86 14.51 11.85 4.96
N PHE A 87 15.81 12.09 5.19
CA PHE A 87 16.65 11.12 5.89
C PHE A 87 16.71 11.57 7.36
N HIS A 88 16.51 10.63 8.28
CA HIS A 88 16.61 10.89 9.72
C HIS A 88 17.82 10.00 10.06
N PHE A 89 18.85 10.54 10.69
CA PHE A 89 20.04 9.70 10.93
C PHE A 89 21.03 10.06 12.02
N GLU A 90 21.88 9.08 12.32
CA GLU A 90 22.99 9.23 13.26
C GLU A 90 24.18 8.65 12.47
N LYS A 91 25.17 9.49 12.20
CA LYS A 91 26.35 9.07 11.43
C LYS A 91 27.28 8.21 12.28
N VAL A 92 28.26 7.57 11.64
CA VAL A 92 29.17 6.74 12.42
C VAL A 92 30.04 7.65 13.31
N HIS A 93 30.57 8.73 12.75
CA HIS A 93 31.34 9.69 13.55
C HIS A 93 30.88 11.09 13.11
N LYS A 94 31.31 12.11 13.84
CA LYS A 94 30.87 13.49 13.54
C LYS A 94 31.36 14.16 12.27
N ASP A 95 32.37 13.60 11.61
CA ASP A 95 32.84 14.23 10.39
C ASP A 95 32.28 13.59 9.13
N ILE A 96 31.30 12.71 9.31
CA ILE A 96 30.63 12.09 8.15
C ILE A 96 29.77 13.23 7.60
N ASP A 97 29.84 13.50 6.30
CA ASP A 97 29.05 14.57 5.70
C ASP A 97 27.53 14.26 5.72
N ASP A 98 26.69 15.28 5.53
CA ASP A 98 25.24 15.04 5.47
C ASP A 98 25.10 14.35 4.12
N PRO A 99 24.04 13.54 3.95
CA PRO A 99 23.77 12.78 2.70
C PRO A 99 23.42 13.52 1.42
N HIS A 100 24.12 14.62 1.15
CA HIS A 100 23.92 15.42 -0.06
C HIS A 100 23.94 14.52 -1.31
N SER A 101 25.13 14.04 -1.64
CA SER A 101 25.28 13.15 -2.80
C SER A 101 24.22 12.06 -2.65
N ILE A 102 24.12 11.52 -1.44
CA ILE A 102 23.17 10.46 -1.13
C ILE A 102 21.71 10.79 -1.44
N ILE A 103 21.23 11.94 -0.96
CA ILE A 103 19.84 12.29 -1.21
C ILE A 103 19.63 12.76 -2.64
N ASP A 104 20.68 13.28 -3.28
CA ASP A 104 20.55 13.68 -4.68
C ASP A 104 20.29 12.41 -5.52
N GLU A 105 20.91 11.31 -5.10
CA GLU A 105 20.68 10.02 -5.79
C GLU A 105 19.22 9.58 -5.58
N SER A 106 18.72 9.71 -4.36
CA SER A 106 17.32 9.32 -4.09
C SER A 106 16.46 10.14 -5.05
N VAL A 107 16.84 11.40 -5.24
CA VAL A 107 16.13 12.29 -6.15
C VAL A 107 16.06 11.63 -7.53
N LYS A 108 17.21 11.20 -8.05
CA LYS A 108 17.25 10.52 -9.34
C LYS A 108 16.29 9.32 -9.26
N TYR A 109 16.34 8.58 -8.16
CA TYR A 109 15.48 7.41 -8.02
C TYR A 109 13.98 7.75 -8.10
N PHE A 110 13.60 8.95 -7.69
CA PHE A 110 12.19 9.31 -7.74
C PHE A 110 11.73 9.85 -9.10
N LYS A 111 12.61 10.57 -9.81
CA LYS A 111 12.23 11.10 -11.13
C LYS A 111 12.20 9.94 -12.14
N LYS A 112 13.04 8.93 -11.91
CA LYS A 112 13.08 7.74 -12.78
C LYS A 112 11.78 6.95 -12.58
N LEU A 113 11.39 6.79 -11.31
CA LEU A 113 10.17 6.09 -10.98
C LEU A 113 9.03 6.79 -11.74
N ASP A 114 9.03 8.13 -11.68
CA ASP A 114 8.01 8.98 -12.34
C ASP A 114 7.96 8.66 -13.85
N GLU A 115 9.14 8.51 -14.46
CA GLU A 115 9.26 8.22 -15.88
C GLU A 115 8.55 6.93 -16.30
N ALA A 116 8.80 5.87 -15.54
CA ALA A 116 8.22 4.55 -15.79
C ALA A 116 6.70 4.50 -15.56
N ILE A 117 6.21 5.22 -14.55
CA ILE A 117 4.78 5.18 -14.31
C ILE A 117 4.07 5.93 -15.44
N LEU A 118 4.43 7.19 -15.61
CA LEU A 118 3.83 8.04 -16.64
C LEU A 118 3.79 7.39 -18.02
N ASN A 119 4.83 6.63 -18.36
CA ASN A 119 4.92 5.99 -19.66
C ASN A 119 4.61 4.49 -19.62
N PHE A 120 3.80 4.10 -18.66
CA PHE A 120 3.38 2.72 -18.50
C PHE A 120 1.90 2.74 -18.17
N SER B 1 -14.64 -32.17 -1.39
CA SER B 1 -15.22 -31.65 -0.12
C SER B 1 -16.67 -31.19 -0.28
N THR B 2 -17.35 -31.02 0.85
CA THR B 2 -18.72 -30.56 0.88
C THR B 2 -18.78 -29.17 1.48
N LEU B 3 -17.65 -28.70 2.01
CA LEU B 3 -17.58 -27.38 2.65
C LEU B 3 -16.50 -26.44 2.09
N LYS B 4 -15.69 -26.95 1.18
CA LYS B 4 -14.61 -26.17 0.58
C LYS B 4 -15.05 -25.56 -0.74
N GLY B 5 -15.53 -24.32 -0.69
CA GLY B 5 -15.99 -23.64 -1.88
C GLY B 5 -15.67 -22.16 -1.89
N ALA B 6 -15.94 -21.50 -3.03
CA ALA B 6 -15.66 -20.08 -3.13
C ALA B 6 -16.75 -19.32 -3.89
N LEU B 7 -16.77 -18.00 -3.67
CA LEU B 7 -17.72 -17.12 -4.32
C LEU B 7 -16.91 -15.87 -4.63
N SER B 8 -17.17 -15.28 -5.80
CA SER B 8 -16.41 -14.12 -6.25
C SER B 8 -17.27 -13.22 -7.13
N VAL B 9 -17.06 -11.91 -7.02
CA VAL B 9 -17.81 -10.96 -7.85
C VAL B 9 -16.87 -10.04 -8.61
N LYS B 10 -17.40 -9.50 -9.71
CA LYS B 10 -16.68 -8.58 -10.57
C LYS B 10 -17.53 -7.36 -10.88
N PHE B 11 -17.66 -6.47 -9.91
CA PHE B 11 -18.43 -5.25 -10.08
C PHE B 11 -17.48 -4.13 -10.47
N ASP B 12 -18.00 -2.91 -10.53
CA ASP B 12 -17.15 -1.77 -10.92
C ASP B 12 -17.44 -0.53 -10.09
N VAL B 13 -16.42 0.31 -9.88
CA VAL B 13 -16.57 1.55 -9.12
C VAL B 13 -16.06 2.72 -9.97
N LYS B 14 -16.35 3.96 -9.53
CA LYS B 14 -15.95 5.17 -10.26
C LYS B 14 -14.55 5.70 -9.90
N CYS B 15 -14.16 5.58 -8.63
CA CYS B 15 -12.85 6.06 -8.15
C CYS B 15 -11.74 5.44 -8.97
N PRO B 16 -10.76 6.25 -9.41
CA PRO B 16 -9.67 5.64 -10.18
C PRO B 16 -9.07 4.51 -9.33
N ALA B 17 -8.42 3.55 -9.99
CA ALA B 17 -7.90 2.37 -9.30
C ALA B 17 -6.82 2.50 -8.25
N ASP B 18 -5.83 3.36 -8.47
CA ASP B 18 -4.78 3.50 -7.48
C ASP B 18 -5.33 3.99 -6.15
N LYS B 19 -6.15 5.04 -6.18
CA LYS B 19 -6.73 5.60 -4.95
C LYS B 19 -7.75 4.66 -4.31
N PHE B 20 -8.65 4.11 -5.13
CA PHE B 20 -9.66 3.20 -4.60
C PHE B 20 -9.03 1.96 -4.00
N PHE B 21 -8.06 1.39 -4.71
CA PHE B 21 -7.37 0.19 -4.24
C PHE B 21 -6.57 0.46 -3.00
N SER B 22 -6.00 1.67 -2.94
CA SER B 22 -5.20 2.09 -1.80
C SER B 22 -6.07 2.42 -0.59
N ALA B 23 -7.21 3.07 -0.82
CA ALA B 23 -8.09 3.39 0.29
C ALA B 23 -8.49 2.10 0.98
N PHE B 24 -8.71 1.04 0.19
CA PHE B 24 -9.08 -0.25 0.77
C PHE B 24 -7.89 -0.97 1.38
N VAL B 25 -6.78 -1.03 0.66
CA VAL B 25 -5.62 -1.72 1.20
C VAL B 25 -5.30 -1.05 2.51
N GLU B 26 -5.81 0.17 2.68
CA GLU B 26 -5.58 0.87 3.93
C GLU B 26 -6.69 0.64 4.96
N ASP B 27 -7.95 0.96 4.62
CA ASP B 27 -9.07 0.80 5.58
C ASP B 27 -9.02 -0.50 6.38
N THR B 28 -8.24 -1.47 5.92
CA THR B 28 -8.12 -2.75 6.62
C THR B 28 -7.52 -2.66 8.03
N ASN B 29 -7.10 -1.46 8.43
CA ASN B 29 -6.58 -1.28 9.79
C ASN B 29 -7.69 -1.35 10.84
N ARG B 30 -8.91 -1.64 10.37
CA ARG B 30 -10.03 -1.77 11.30
C ARG B 30 -10.59 -3.18 11.19
N PRO B 31 -10.67 -3.90 12.31
CA PRO B 31 -11.23 -5.25 12.23
C PRO B 31 -12.63 -5.10 11.62
N PHE B 32 -13.12 -6.15 10.97
CA PHE B 32 -14.42 -6.09 10.33
C PHE B 32 -15.61 -6.09 11.31
N GLU B 33 -15.32 -6.36 12.58
CA GLU B 33 -16.29 -6.35 13.68
C GLU B 33 -15.50 -6.37 15.00
N LYS B 34 -16.21 -6.19 16.11
CA LYS B 34 -15.62 -6.13 17.46
C LYS B 34 -14.58 -7.21 17.76
N ASN B 35 -14.92 -8.46 17.47
CA ASN B 35 -14.00 -9.56 17.70
C ASN B 35 -13.26 -9.89 16.40
N GLY B 36 -13.51 -9.09 15.38
CA GLY B 36 -12.89 -9.30 14.07
C GLY B 36 -11.38 -9.43 14.07
N LYS B 37 -10.86 -10.16 13.08
CA LYS B 37 -9.43 -10.32 12.95
C LYS B 37 -9.07 -10.52 11.48
N THR B 38 -8.24 -9.62 10.97
CA THR B 38 -7.81 -9.70 9.60
C THR B 38 -6.32 -10.01 9.65
N GLU B 39 -5.79 -10.60 8.60
CA GLU B 39 -4.37 -10.90 8.51
C GLU B 39 -4.02 -10.80 7.03
N ILE B 40 -3.15 -9.87 6.68
CA ILE B 40 -2.75 -9.76 5.28
C ILE B 40 -1.87 -10.97 5.01
N GLU B 41 -2.18 -11.71 3.94
CA GLU B 41 -1.42 -12.89 3.54
C GLU B 41 -0.61 -12.60 2.29
N ALA B 42 -1.11 -11.71 1.45
CA ALA B 42 -0.41 -11.34 0.21
C ALA B 42 -0.85 -9.95 -0.24
N VAL B 43 0.07 -9.23 -0.85
CA VAL B 43 -0.26 -7.90 -1.33
C VAL B 43 0.74 -7.47 -2.39
N ASP B 44 0.23 -6.76 -3.39
CA ASP B 44 1.05 -6.24 -4.48
C ASP B 44 0.44 -4.87 -4.78
N LEU B 45 1.13 -3.80 -4.37
CA LEU B 45 0.62 -2.47 -4.57
C LEU B 45 0.76 -1.97 -6.01
N VAL B 46 1.46 -2.74 -6.85
CA VAL B 46 1.60 -2.36 -8.24
C VAL B 46 0.39 -2.84 -9.05
N LYS B 47 0.09 -4.14 -8.91
CA LYS B 47 -1.03 -4.75 -9.61
C LYS B 47 -2.35 -4.50 -8.88
N LYS B 48 -2.27 -3.98 -7.66
CA LYS B 48 -3.45 -3.69 -6.86
C LYS B 48 -4.22 -4.96 -6.52
N THR B 49 -3.52 -5.88 -5.87
CA THR B 49 -4.08 -7.16 -5.44
C THR B 49 -3.77 -7.33 -3.94
N THR B 51 -4.52 -10.57 -0.59
CA THR B 51 -5.26 -11.68 0.00
C THR B 51 -5.20 -11.47 1.51
N ILE B 52 -6.36 -11.48 2.15
CA ILE B 52 -6.42 -11.29 3.60
C ILE B 52 -7.19 -12.44 4.22
N GLN B 53 -6.74 -12.91 5.38
CA GLN B 53 -7.48 -13.94 6.07
C GLN B 53 -8.28 -13.17 7.10
N SER B 55 -10.71 -13.62 10.44
CA SER B 55 -11.10 -14.52 11.50
C SER B 55 -11.86 -13.77 12.59
N GLY B 56 -12.36 -14.53 13.55
CA GLY B 56 -13.12 -13.95 14.64
C GLY B 56 -14.21 -14.89 15.07
N SER B 57 -14.82 -14.56 16.21
CA SER B 57 -15.90 -15.35 16.80
C SER B 57 -17.05 -15.63 15.84
N GLU B 58 -17.64 -14.59 15.27
CA GLU B 58 -18.75 -14.79 14.35
C GLU B 58 -18.30 -15.64 13.16
N ILE B 59 -17.44 -15.08 12.32
CA ILE B 59 -16.93 -15.79 11.15
C ILE B 59 -16.82 -17.30 11.34
N GLN B 60 -16.16 -17.69 12.43
CA GLN B 60 -15.94 -19.10 12.73
C GLN B 60 -17.21 -19.87 13.08
N LYS B 61 -18.33 -19.17 13.20
CA LYS B 61 -19.60 -19.84 13.48
C LYS B 61 -20.19 -20.35 12.18
N TYR B 62 -19.54 -19.99 11.08
CA TYR B 62 -19.99 -20.40 9.75
C TYR B 62 -18.85 -21.01 8.96
N PHE B 63 -17.68 -20.38 9.06
CA PHE B 63 -16.53 -20.85 8.32
C PHE B 63 -15.35 -21.30 9.16
N LYS B 64 -14.87 -22.50 8.86
CA LYS B 64 -13.70 -23.04 9.52
C LYS B 64 -12.68 -21.96 9.15
N THR B 65 -12.61 -21.68 7.86
CA THR B 65 -11.70 -20.68 7.35
C THR B 65 -12.38 -19.74 6.35
N LEU B 66 -11.83 -18.53 6.25
CA LEU B 66 -12.33 -17.51 5.33
C LEU B 66 -11.16 -16.63 4.92
N LYS B 67 -10.99 -16.49 3.62
CA LYS B 67 -9.95 -15.63 3.05
C LYS B 67 -10.57 -14.80 1.92
N GLY B 68 -10.26 -13.51 1.90
CA GLY B 68 -10.78 -12.63 0.88
C GLY B 68 -9.66 -12.05 0.04
N SER B 69 -9.86 -12.02 -1.28
CA SER B 69 -8.84 -11.49 -2.18
C SER B 69 -9.42 -10.59 -3.26
N ILE B 70 -8.82 -9.42 -3.42
CA ILE B 70 -9.26 -8.46 -4.43
C ILE B 70 -8.21 -8.26 -5.52
N ALA B 71 -8.66 -7.76 -6.67
CA ALA B 71 -7.81 -7.43 -7.80
C ALA B 71 -8.57 -6.28 -8.43
N VAL B 72 -8.02 -5.07 -8.28
CA VAL B 72 -8.65 -3.87 -8.81
C VAL B 72 -7.96 -3.48 -10.10
N THR B 73 -8.73 -3.22 -11.14
CA THR B 73 -8.15 -2.86 -12.43
C THR B 73 -8.74 -1.59 -13.06
N PRO B 74 -7.88 -0.73 -13.63
CA PRO B 74 -8.35 0.51 -14.25
C PRO B 74 -9.26 0.18 -15.43
N ILE B 75 -10.38 0.88 -15.51
CA ILE B 75 -11.30 0.67 -16.62
C ILE B 75 -10.68 1.41 -17.82
N GLY B 76 -10.03 2.54 -17.53
CA GLY B 76 -9.40 3.32 -18.58
C GLY B 76 -8.47 4.42 -18.08
N VAL B 77 -8.71 5.65 -18.55
CA VAL B 77 -7.91 6.81 -18.17
C VAL B 77 -8.78 7.83 -17.46
N GLY B 78 -9.07 7.58 -16.18
CA GLY B 78 -9.91 8.48 -15.41
C GLY B 78 -11.37 8.20 -15.63
N ASP B 79 -11.71 6.92 -15.87
CA ASP B 79 -13.09 6.51 -16.10
C ASP B 79 -13.62 5.47 -15.09
N GLY B 80 -12.93 5.31 -13.97
CA GLY B 80 -13.38 4.34 -12.97
C GLY B 80 -12.55 3.06 -12.93
N SER B 81 -13.01 2.07 -12.16
CA SER B 81 -12.27 0.83 -12.01
C SER B 81 -13.14 -0.44 -11.95
N HIS B 82 -12.57 -1.54 -12.40
CA HIS B 82 -13.19 -2.86 -12.33
C HIS B 82 -12.71 -3.40 -10.99
N VAL B 83 -13.58 -4.11 -10.28
CA VAL B 83 -13.18 -4.70 -9.00
C VAL B 83 -13.62 -6.17 -8.94
N VAL B 84 -12.68 -7.05 -8.59
CA VAL B 84 -13.01 -8.46 -8.40
C VAL B 84 -12.72 -8.71 -6.92
N TRP B 85 -13.69 -9.25 -6.20
CA TRP B 85 -13.56 -9.53 -4.77
C TRP B 85 -13.96 -11.00 -4.59
N THR B 86 -13.16 -11.76 -3.85
CA THR B 86 -13.43 -13.18 -3.68
C THR B 86 -13.27 -13.77 -2.26
N PHE B 87 -14.07 -14.79 -1.99
CA PHE B 87 -13.99 -15.52 -0.72
C PHE B 87 -13.49 -16.92 -1.04
N HIS B 88 -12.31 -17.26 -0.55
CA HIS B 88 -11.75 -18.61 -0.73
C HIS B 88 -11.83 -19.14 0.70
N PHE B 89 -12.42 -20.31 0.92
CA PHE B 89 -12.54 -20.76 2.30
C PHE B 89 -13.03 -22.18 2.52
N GLU B 90 -13.09 -22.57 3.79
CA GLU B 90 -13.59 -23.88 4.17
C GLU B 90 -14.64 -23.66 5.26
N LYS B 91 -15.84 -24.17 5.03
CA LYS B 91 -16.95 -24.01 5.97
C LYS B 91 -16.74 -24.81 7.25
N VAL B 92 -17.71 -24.74 8.17
CA VAL B 92 -17.60 -25.48 9.41
C VAL B 92 -18.30 -26.83 9.20
N HIS B 93 -19.37 -26.82 8.41
CA HIS B 93 -20.08 -28.06 8.09
C HIS B 93 -20.90 -27.92 6.81
N LYS B 94 -21.14 -29.06 6.14
CA LYS B 94 -21.87 -29.09 4.88
C LYS B 94 -23.17 -28.32 4.85
N ASP B 95 -23.79 -28.10 6.00
CA ASP B 95 -25.05 -27.36 6.05
C ASP B 95 -24.86 -25.86 5.82
N ILE B 96 -23.62 -25.38 5.87
CA ILE B 96 -23.39 -23.96 5.65
C ILE B 96 -23.45 -23.63 4.16
N ASP B 97 -24.37 -22.75 3.79
CA ASP B 97 -24.53 -22.35 2.39
C ASP B 97 -23.38 -21.46 1.91
N ASP B 98 -23.34 -21.21 0.60
CA ASP B 98 -22.32 -20.34 0.05
C ASP B 98 -22.73 -18.95 0.56
N PRO B 99 -21.75 -18.15 1.03
CA PRO B 99 -21.89 -16.79 1.59
C PRO B 99 -22.23 -15.60 0.69
N HIS B 100 -23.36 -15.70 -0.01
CA HIS B 100 -23.82 -14.66 -0.93
C HIS B 100 -24.13 -13.35 -0.20
N SER B 101 -25.17 -13.37 0.62
CA SER B 101 -25.56 -12.18 1.37
C SER B 101 -24.33 -11.72 2.13
N ILE B 102 -23.48 -12.68 2.48
CA ILE B 102 -22.24 -12.34 3.17
C ILE B 102 -21.38 -11.50 2.22
N ILE B 103 -21.28 -11.91 0.96
CA ILE B 103 -20.47 -11.18 -0.01
C ILE B 103 -21.13 -9.88 -0.50
N ASP B 104 -22.42 -9.94 -0.78
CA ASP B 104 -23.14 -8.76 -1.27
C ASP B 104 -23.00 -7.61 -0.26
N GLU B 105 -22.81 -7.96 1.01
CA GLU B 105 -22.62 -6.94 2.03
C GLU B 105 -21.24 -6.34 1.85
N SER B 106 -20.26 -7.18 1.51
CA SER B 106 -18.90 -6.67 1.29
C SER B 106 -18.98 -5.73 0.10
N VAL B 107 -19.89 -6.06 -0.83
CA VAL B 107 -20.08 -5.28 -2.05
C VAL B 107 -20.58 -3.85 -1.77
N LYS B 108 -21.61 -3.73 -0.93
CA LYS B 108 -22.16 -2.42 -0.59
C LYS B 108 -21.07 -1.57 0.04
N TYR B 109 -20.19 -2.23 0.83
CA TYR B 109 -19.08 -1.55 1.48
C TYR B 109 -18.15 -0.90 0.45
N PHE B 110 -17.70 -1.70 -0.52
CA PHE B 110 -16.81 -1.19 -1.54
C PHE B 110 -17.41 -0.04 -2.34
N LYS B 111 -18.73 -0.07 -2.55
CA LYS B 111 -19.40 1.00 -3.31
C LYS B 111 -19.44 2.29 -2.47
N LYS B 112 -19.60 2.14 -1.16
CA LYS B 112 -19.59 3.33 -0.27
C LYS B 112 -18.13 3.79 -0.18
N LEU B 113 -17.17 2.86 -0.29
CA LEU B 113 -15.76 3.26 -0.26
C LEU B 113 -15.55 4.19 -1.46
N ASP B 114 -16.05 3.76 -2.63
CA ASP B 114 -15.92 4.51 -3.86
C ASP B 114 -16.47 5.94 -3.70
N GLU B 115 -17.69 6.05 -3.20
CA GLU B 115 -18.32 7.35 -3.00
C GLU B 115 -17.78 8.09 -1.78
N ALA B 116 -17.74 7.41 -0.65
CA ALA B 116 -17.26 8.02 0.57
C ALA B 116 -15.89 8.64 0.42
N ILE B 117 -15.14 8.23 -0.62
CA ILE B 117 -13.80 8.76 -0.85
C ILE B 117 -13.63 9.38 -2.23
N LEU B 118 -14.64 9.24 -3.09
CA LEU B 118 -14.58 9.78 -4.44
C LEU B 118 -14.39 11.30 -4.48
N ASN B 119 -15.30 12.03 -3.81
CA ASN B 119 -15.29 13.50 -3.75
C ASN B 119 -14.22 14.03 -2.81
N PHE B 120 -14.06 13.37 -1.67
CA PHE B 120 -13.09 13.80 -0.67
C PHE B 120 -11.67 13.48 -1.12
N SER A 1 23.70 16.56 20.18
CA SER A 1 24.42 15.42 19.54
C SER A 1 25.00 15.81 18.18
N THR A 2 26.30 15.56 18.00
CA THR A 2 26.95 15.90 16.75
C THR A 2 26.82 14.73 15.78
N LEU A 3 26.02 13.73 16.12
CA LEU A 3 25.84 12.57 15.25
C LEU A 3 24.49 12.51 14.54
N LYS A 4 23.42 12.88 15.24
CA LYS A 4 22.06 12.84 14.68
C LYS A 4 21.74 14.02 13.79
N GLY A 5 20.76 13.82 12.91
CA GLY A 5 20.35 14.89 12.01
C GLY A 5 19.37 14.43 10.94
N ALA A 6 19.11 15.32 9.99
CA ALA A 6 18.21 15.03 8.90
C ALA A 6 18.60 15.95 7.75
N LEU A 7 18.35 15.46 6.54
CA LEU A 7 18.65 16.19 5.33
C LEU A 7 17.61 15.69 4.32
N SER A 8 16.62 16.53 4.02
CA SER A 8 15.52 16.19 3.13
C SER A 8 15.34 17.17 1.99
N VAL A 9 14.75 16.68 0.91
CA VAL A 9 14.51 17.50 -0.27
C VAL A 9 13.03 17.50 -0.64
N LYS A 10 12.54 18.67 -1.05
CA LYS A 10 11.16 18.84 -1.44
C LYS A 10 11.12 19.27 -2.90
N PHE A 11 10.90 18.30 -3.78
CA PHE A 11 10.82 18.48 -5.23
C PHE A 11 9.44 17.90 -5.55
N ASP A 12 9.03 17.95 -6.82
CA ASP A 12 7.72 17.43 -7.23
C ASP A 12 7.85 16.78 -8.60
N VAL A 13 7.00 15.79 -8.89
CA VAL A 13 7.02 15.14 -10.19
C VAL A 13 5.75 15.46 -10.96
N LYS A 14 5.48 14.72 -12.03
CA LYS A 14 4.29 14.92 -12.86
C LYS A 14 3.15 13.93 -12.53
N CYS A 15 3.51 12.66 -12.31
CA CYS A 15 2.53 11.61 -11.99
C CYS A 15 1.59 11.97 -10.85
N PRO A 16 0.31 11.54 -10.91
CA PRO A 16 -0.66 11.82 -9.85
C PRO A 16 -0.20 11.06 -8.60
N ALA A 17 -0.53 11.60 -7.43
CA ALA A 17 -0.07 11.04 -6.17
C ALA A 17 -0.28 9.56 -5.84
N ASP A 18 -1.50 9.05 -5.97
CA ASP A 18 -1.74 7.65 -5.63
C ASP A 18 -0.84 6.69 -6.42
N LYS A 19 -0.90 6.79 -7.74
CA LYS A 19 -0.09 5.92 -8.58
C LYS A 19 1.39 6.11 -8.23
N PHE A 20 1.77 7.34 -7.91
CA PHE A 20 3.16 7.57 -7.56
C PHE A 20 3.55 6.94 -6.23
N PHE A 21 2.82 7.30 -5.18
CA PHE A 21 3.11 6.78 -3.85
C PHE A 21 3.00 5.27 -3.80
N SER A 22 2.00 4.72 -4.49
CA SER A 22 1.82 3.27 -4.57
C SER A 22 3.02 2.72 -5.29
N ALA A 23 3.45 3.43 -6.34
CA ALA A 23 4.63 3.00 -7.07
C ALA A 23 5.82 2.85 -6.13
N PHE A 24 6.03 3.83 -5.24
CA PHE A 24 7.17 3.75 -4.31
C PHE A 24 7.04 2.62 -3.32
N VAL A 25 5.85 2.43 -2.77
CA VAL A 25 5.64 1.36 -1.82
C VAL A 25 6.07 0.02 -2.39
N GLU A 26 5.52 -0.32 -3.54
CA GLU A 26 5.87 -1.59 -4.13
C GLU A 26 7.35 -1.63 -4.53
N ASP A 27 7.94 -0.47 -4.78
CA ASP A 27 9.34 -0.45 -5.17
C ASP A 27 10.27 -0.87 -4.02
N THR A 28 9.79 -0.82 -2.77
CA THR A 28 10.65 -1.23 -1.67
C THR A 28 10.77 -2.75 -1.47
N ASN A 29 10.14 -3.54 -2.35
CA ASN A 29 10.29 -5.00 -2.25
C ASN A 29 11.72 -5.36 -2.69
N ARG A 30 12.42 -4.36 -3.23
CA ARG A 30 13.81 -4.56 -3.66
C ARG A 30 14.72 -3.80 -2.70
N PRO A 31 15.67 -4.50 -2.05
CA PRO A 31 16.58 -3.80 -1.14
C PRO A 31 17.36 -2.80 -2.00
N PHE A 32 17.85 -1.73 -1.37
CA PHE A 32 18.58 -0.68 -2.07
C PHE A 32 20.05 -0.98 -2.37
N GLU A 33 20.54 -2.08 -1.79
CA GLU A 33 21.91 -2.57 -2.00
C GLU A 33 21.89 -4.09 -1.85
N LYS A 34 22.87 -4.74 -2.48
CA LYS A 34 23.01 -6.19 -2.51
C LYS A 34 22.79 -6.88 -1.16
N ASN A 35 23.34 -6.32 -0.08
CA ASN A 35 23.18 -6.93 1.23
C ASN A 35 22.18 -6.13 2.07
N GLY A 36 21.55 -5.16 1.43
CA GLY A 36 20.62 -4.29 2.12
C GLY A 36 19.34 -4.88 2.66
N LYS A 37 18.75 -4.16 3.60
CA LYS A 37 17.51 -4.58 4.20
C LYS A 37 16.67 -3.32 4.38
N THR A 38 15.41 -3.37 3.97
CA THR A 38 14.51 -2.25 4.14
C THR A 38 13.38 -2.73 5.04
N GLU A 39 13.15 -2.02 6.15
CA GLU A 39 12.10 -2.39 7.08
C GLU A 39 11.13 -1.21 7.17
N ILE A 40 9.84 -1.49 7.03
CA ILE A 40 8.81 -0.46 7.12
C ILE A 40 8.58 -0.21 8.60
N GLU A 41 8.64 1.06 9.02
CA GLU A 41 8.41 1.39 10.42
C GLU A 41 7.11 2.16 10.55
N ALA A 42 6.56 2.56 9.42
CA ALA A 42 5.29 3.28 9.38
C ALA A 42 4.85 3.52 7.94
N VAL A 43 3.59 3.20 7.65
CA VAL A 43 3.07 3.46 6.33
C VAL A 43 1.59 3.78 6.37
N ASP A 44 1.22 4.93 5.78
CA ASP A 44 -0.17 5.35 5.75
C ASP A 44 -0.55 5.43 4.27
N LEU A 45 -1.32 4.44 3.81
CA LEU A 45 -1.69 4.34 2.41
C LEU A 45 -2.70 5.36 1.87
N VAL A 46 -3.34 6.13 2.77
CA VAL A 46 -4.27 7.17 2.34
C VAL A 46 -3.58 8.51 2.58
N LYS A 47 -2.85 8.63 3.68
CA LYS A 47 -2.10 9.87 3.94
C LYS A 47 -0.94 9.94 2.97
N LYS A 48 -0.60 8.80 2.37
CA LYS A 48 0.49 8.74 1.40
C LYS A 48 1.83 9.08 2.08
N THR A 49 2.07 8.49 3.25
CA THR A 49 3.31 8.70 3.99
C THR A 49 3.94 7.35 4.25
N THR A 51 7.90 5.46 6.09
CA THR A 51 9.28 5.54 6.55
C THR A 51 9.80 4.11 6.60
N ILE A 52 10.85 3.86 5.85
CA ILE A 52 11.47 2.54 5.81
C ILE A 52 12.87 2.70 6.37
N GLN A 53 13.26 1.94 7.40
CA GLN A 53 14.64 2.07 7.87
C GLN A 53 15.48 1.35 6.82
N SER A 55 19.11 -0.48 5.79
CA SER A 55 20.27 -1.15 6.34
C SER A 55 21.05 -1.84 5.23
N GLY A 56 22.35 -2.01 5.43
CA GLY A 56 23.19 -2.63 4.43
C GLY A 56 24.64 -2.28 4.64
N SER A 57 25.52 -3.24 4.36
CA SER A 57 26.95 -3.09 4.52
C SER A 57 27.45 -1.70 4.07
N GLU A 58 26.95 -1.24 2.94
CA GLU A 58 27.36 0.07 2.44
C GLU A 58 26.59 1.25 3.02
N ILE A 59 25.35 1.02 3.44
CA ILE A 59 24.56 2.11 3.99
C ILE A 59 24.62 2.24 5.52
N GLN A 60 25.73 1.78 6.11
CA GLN A 60 25.91 1.85 7.56
C GLN A 60 27.25 2.47 7.98
N LYS A 61 28.37 2.04 7.37
CA LYS A 61 29.68 2.61 7.71
C LYS A 61 29.57 4.13 7.91
N TYR A 62 28.49 4.73 7.41
CA TYR A 62 28.29 6.15 7.54
C TYR A 62 27.30 6.51 8.64
N PHE A 63 26.25 5.70 8.81
CA PHE A 63 25.26 5.97 9.84
C PHE A 63 25.01 4.83 10.83
N LYS A 64 24.88 5.21 12.09
CA LYS A 64 24.56 4.26 13.15
C LYS A 64 23.13 3.87 12.78
N THR A 65 22.41 4.84 12.21
CA THR A 65 21.03 4.66 11.74
C THR A 65 20.81 5.61 10.57
N LEU A 66 20.13 5.11 9.54
CA LEU A 66 19.79 5.92 8.36
C LEU A 66 18.37 5.58 7.93
N LYS A 67 17.39 6.37 8.39
CA LYS A 67 16.00 6.14 8.00
C LYS A 67 15.58 7.15 6.94
N GLY A 68 14.33 7.00 6.49
CA GLY A 68 13.79 7.90 5.49
C GLY A 68 12.28 7.98 5.57
N SER A 69 11.74 9.20 5.54
CA SER A 69 10.29 9.38 5.60
C SER A 69 9.82 10.10 4.32
N ILE A 70 8.75 9.59 3.70
CA ILE A 70 8.21 10.23 2.51
C ILE A 70 6.84 10.85 2.81
N ALA A 71 6.45 11.81 1.98
CA ALA A 71 5.14 12.46 2.05
C ALA A 71 4.84 12.97 0.64
N VAL A 72 3.85 12.35 -0.01
CA VAL A 72 3.47 12.75 -1.36
C VAL A 72 2.12 13.44 -1.29
N THR A 73 1.95 14.52 -2.06
CA THR A 73 0.67 15.23 -2.06
C THR A 73 0.32 15.77 -3.46
N PRO A 74 -0.89 15.49 -3.95
CA PRO A 74 -1.26 15.99 -5.28
C PRO A 74 -1.06 17.49 -5.43
N ILE A 75 -0.77 17.92 -6.65
CA ILE A 75 -0.61 19.33 -6.95
C ILE A 75 -2.00 19.84 -7.34
N GLY A 76 -2.34 19.77 -8.62
CA GLY A 76 -3.65 20.22 -9.08
C GLY A 76 -4.54 19.01 -9.33
N VAL A 77 -5.44 19.10 -10.31
CA VAL A 77 -6.31 17.96 -10.65
C VAL A 77 -5.76 17.31 -11.90
N GLY A 78 -4.93 16.28 -11.71
CA GLY A 78 -4.31 15.61 -12.84
C GLY A 78 -3.19 16.50 -13.33
N ASP A 79 -2.46 17.09 -12.39
CA ASP A 79 -1.37 18.01 -12.69
C ASP A 79 -0.03 17.65 -12.04
N GLY A 80 -0.02 16.60 -11.22
CA GLY A 80 1.20 16.21 -10.55
C GLY A 80 1.06 16.22 -9.04
N SER A 81 2.15 15.96 -8.34
CA SER A 81 2.10 15.91 -6.87
C SER A 81 3.29 16.61 -6.23
N HIS A 82 3.23 16.76 -4.91
CA HIS A 82 4.30 17.34 -4.12
C HIS A 82 5.02 16.14 -3.56
N VAL A 83 6.35 16.21 -3.51
CA VAL A 83 7.16 15.13 -2.98
C VAL A 83 8.17 15.63 -1.93
N VAL A 84 8.13 15.03 -0.75
CA VAL A 84 9.07 15.35 0.32
C VAL A 84 9.70 14.02 0.74
N TRP A 85 11.02 13.94 0.68
CA TRP A 85 11.76 12.74 1.05
C TRP A 85 12.79 13.14 2.11
N THR A 86 12.66 12.58 3.31
CA THR A 86 13.53 12.93 4.41
C THR A 86 14.36 11.77 4.93
N PHE A 87 15.65 12.05 5.17
CA PHE A 87 16.56 11.08 5.77
C PHE A 87 16.74 11.52 7.23
N HIS A 88 16.52 10.58 8.16
CA HIS A 88 16.69 10.84 9.59
C HIS A 88 17.91 9.97 9.94
N PHE A 89 18.84 10.45 10.75
CA PHE A 89 20.01 9.61 11.02
C PHE A 89 20.91 9.98 12.18
N GLU A 90 21.93 9.14 12.32
CA GLU A 90 23.03 9.27 13.27
C GLU A 90 24.20 8.70 12.49
N LYS A 91 25.25 9.50 12.27
CA LYS A 91 26.41 9.03 11.51
C LYS A 91 27.31 8.19 12.41
N VAL A 92 28.28 7.50 11.81
CA VAL A 92 29.18 6.70 12.64
C VAL A 92 30.03 7.66 13.49
N HIS A 93 30.58 8.70 12.87
CA HIS A 93 31.34 9.70 13.62
C HIS A 93 30.90 11.09 13.12
N LYS A 94 31.30 12.12 13.84
CA LYS A 94 30.88 13.49 13.51
C LYS A 94 31.39 14.13 12.22
N ASP A 95 32.39 13.55 11.58
CA ASP A 95 32.89 14.15 10.34
C ASP A 95 32.37 13.46 9.08
N ILE A 96 31.42 12.53 9.24
CA ILE A 96 30.82 11.88 8.08
C ILE A 96 30.02 13.02 7.40
N ASP A 97 30.06 13.10 6.07
CA ASP A 97 29.31 14.16 5.38
C ASP A 97 27.78 14.03 5.53
N ASP A 98 27.07 15.15 5.53
CA ASP A 98 25.62 15.11 5.61
C ASP A 98 25.29 14.38 4.30
N PRO A 99 24.15 13.66 4.24
CA PRO A 99 23.79 12.90 3.03
C PRO A 99 23.42 13.61 1.73
N HIS A 100 24.21 14.62 1.38
CA HIS A 100 23.99 15.39 0.15
C HIS A 100 24.06 14.49 -1.09
N SER A 101 25.16 13.75 -1.23
CA SER A 101 25.29 12.89 -2.41
C SER A 101 24.19 11.84 -2.42
N ILE A 102 23.86 11.31 -1.24
CA ILE A 102 22.82 10.30 -1.13
C ILE A 102 21.44 10.87 -1.51
N ILE A 103 21.11 12.04 -1.00
CA ILE A 103 19.80 12.60 -1.32
C ILE A 103 19.75 12.99 -2.80
N ASP A 104 20.90 13.28 -3.41
CA ASP A 104 20.87 13.57 -4.83
C ASP A 104 20.45 12.26 -5.52
N GLU A 105 21.02 11.16 -5.04
CA GLU A 105 20.67 9.85 -5.58
C GLU A 105 19.21 9.57 -5.21
N SER A 106 18.66 10.41 -4.32
CA SER A 106 17.25 10.32 -3.89
C SER A 106 16.32 11.02 -4.86
N VAL A 107 16.69 12.21 -5.30
CA VAL A 107 15.85 12.95 -6.25
C VAL A 107 15.87 12.24 -7.63
N LYS A 108 17.06 11.84 -8.09
CA LYS A 108 17.16 11.18 -9.40
C LYS A 108 16.41 9.87 -9.43
N TYR A 109 16.57 9.06 -8.39
CA TYR A 109 15.88 7.78 -8.37
C TYR A 109 14.37 8.00 -8.51
N PHE A 110 13.85 9.00 -7.81
CA PHE A 110 12.43 9.28 -7.89
C PHE A 110 12.03 9.80 -9.28
N LYS A 111 12.88 10.63 -9.90
CA LYS A 111 12.56 11.14 -11.24
C LYS A 111 12.32 9.96 -12.18
N LYS A 112 13.09 8.89 -11.97
CA LYS A 112 12.98 7.64 -12.76
C LYS A 112 11.65 6.93 -12.49
N LEU A 113 11.33 6.72 -11.22
CA LEU A 113 10.08 6.07 -10.88
C LEU A 113 8.97 6.83 -11.62
N ASP A 114 9.08 8.16 -11.69
CA ASP A 114 8.12 9.03 -12.35
C ASP A 114 8.00 8.75 -13.87
N GLU A 115 9.13 8.68 -14.55
CA GLU A 115 9.15 8.44 -16.00
C GLU A 115 8.63 7.05 -16.35
N ALA A 116 8.84 6.10 -15.44
CA ALA A 116 8.39 4.73 -15.62
C ALA A 116 6.88 4.59 -15.44
N ILE A 117 6.32 5.28 -14.45
CA ILE A 117 4.88 5.16 -14.24
C ILE A 117 4.11 5.85 -15.34
N LEU A 118 4.48 7.10 -15.61
CA LEU A 118 3.82 7.89 -16.64
C LEU A 118 3.79 7.19 -18.01
N ASN A 119 4.96 7.13 -18.63
CA ASN A 119 5.13 6.54 -19.94
C ASN A 119 4.74 5.06 -20.04
N PHE A 120 4.44 4.45 -18.90
CA PHE A 120 4.03 3.04 -18.87
C PHE A 120 2.61 2.99 -18.30
N SER B 1 -14.37 -32.72 -1.60
CA SER B 1 -14.63 -31.90 -0.39
C SER B 1 -15.92 -31.08 -0.48
N THR B 2 -16.81 -31.29 0.49
CA THR B 2 -18.07 -30.57 0.53
C THR B 2 -17.96 -29.37 1.47
N LEU B 3 -16.72 -28.97 1.78
CA LEU B 3 -16.48 -27.85 2.68
C LEU B 3 -15.81 -26.65 2.01
N LYS B 4 -14.93 -26.93 1.06
CA LYS B 4 -14.17 -25.89 0.36
C LYS B 4 -14.91 -25.32 -0.85
N GLY B 5 -14.44 -24.17 -1.32
CA GLY B 5 -15.04 -23.52 -2.47
C GLY B 5 -14.85 -22.01 -2.47
N ALA B 6 -15.60 -21.32 -3.32
CA ALA B 6 -15.51 -19.86 -3.39
C ALA B 6 -16.77 -19.23 -3.98
N LEU B 7 -16.82 -17.90 -3.91
CA LEU B 7 -17.94 -17.14 -4.42
C LEU B 7 -17.42 -15.73 -4.68
N SER B 8 -17.29 -15.40 -5.96
CA SER B 8 -16.77 -14.10 -6.38
C SER B 8 -17.88 -13.26 -6.98
N VAL B 9 -17.67 -11.95 -6.99
CA VAL B 9 -18.68 -11.06 -7.51
C VAL B 9 -18.06 -9.74 -7.95
N LYS B 10 -17.88 -9.64 -9.28
CA LYS B 10 -17.29 -8.47 -9.94
C LYS B 10 -18.34 -7.37 -10.13
N PHE B 11 -17.90 -6.13 -9.94
CA PHE B 11 -18.76 -4.94 -10.04
C PHE B 11 -17.87 -3.75 -10.33
N ASP B 12 -18.48 -2.56 -10.39
CA ASP B 12 -17.72 -1.35 -10.67
C ASP B 12 -17.83 -0.23 -9.64
N VAL B 13 -16.80 0.60 -9.62
CA VAL B 13 -16.73 1.76 -8.73
C VAL B 13 -16.21 2.91 -9.61
N LYS B 14 -16.53 4.15 -9.23
CA LYS B 14 -16.12 5.30 -10.02
C LYS B 14 -14.68 5.76 -9.74
N CYS B 15 -14.17 5.44 -8.55
CA CYS B 15 -12.82 5.84 -8.16
C CYS B 15 -11.72 5.29 -9.05
N PRO B 16 -10.72 6.13 -9.41
CA PRO B 16 -9.66 5.56 -10.24
C PRO B 16 -9.06 4.44 -9.39
N ALA B 17 -8.35 3.50 -10.00
CA ALA B 17 -7.85 2.33 -9.28
C ALA B 17 -6.79 2.43 -8.20
N ASP B 18 -5.78 3.28 -8.39
CA ASP B 18 -4.74 3.39 -7.37
C ASP B 18 -5.29 3.88 -6.04
N LYS B 19 -6.13 4.92 -6.08
CA LYS B 19 -6.70 5.49 -4.86
C LYS B 19 -7.64 4.50 -4.14
N PHE B 20 -8.57 3.92 -4.89
CA PHE B 20 -9.51 2.97 -4.30
C PHE B 20 -8.84 1.83 -3.56
N PHE B 21 -7.89 1.18 -4.22
CA PHE B 21 -7.15 0.05 -3.65
C PHE B 21 -6.41 0.46 -2.37
N SER B 22 -5.70 1.58 -2.43
CA SER B 22 -4.97 2.06 -1.26
C SER B 22 -5.87 2.30 -0.04
N ALA B 23 -7.04 2.92 -0.25
CA ALA B 23 -7.94 3.15 0.86
C ALA B 23 -8.40 1.81 1.45
N PHE B 24 -8.63 0.82 0.58
CA PHE B 24 -9.06 -0.50 1.05
C PHE B 24 -8.02 -1.15 1.95
N VAL B 25 -6.78 -1.27 1.47
CA VAL B 25 -5.73 -1.90 2.28
C VAL B 25 -5.60 -1.16 3.59
N GLU B 26 -5.66 0.17 3.52
CA GLU B 26 -5.52 0.98 4.73
C GLU B 26 -6.74 0.78 5.64
N ASP B 27 -7.94 0.72 5.06
CA ASP B 27 -9.13 0.55 5.88
C ASP B 27 -9.14 -0.80 6.61
N THR B 28 -8.47 -1.83 6.06
CA THR B 28 -8.47 -3.13 6.75
C THR B 28 -7.74 -3.04 8.08
N ASN B 29 -6.98 -1.97 8.29
CA ASN B 29 -6.32 -1.79 9.59
C ASN B 29 -7.41 -1.84 10.66
N ARG B 30 -8.64 -1.46 10.32
CA ARG B 30 -9.73 -1.55 11.29
C ARG B 30 -10.36 -2.93 11.12
N PRO B 31 -10.54 -3.68 12.21
CA PRO B 31 -11.17 -4.99 12.05
C PRO B 31 -12.61 -4.78 11.51
N PHE B 32 -13.23 -5.82 10.95
CA PHE B 32 -14.58 -5.72 10.39
C PHE B 32 -15.72 -6.20 11.29
N GLU B 33 -15.47 -6.17 12.60
CA GLU B 33 -16.41 -6.57 13.64
C GLU B 33 -15.62 -6.45 14.94
N LYS B 34 -16.35 -6.27 16.04
CA LYS B 34 -15.77 -6.09 17.36
C LYS B 34 -14.78 -7.19 17.74
N ASN B 35 -15.10 -8.43 17.39
CA ASN B 35 -14.22 -9.55 17.68
C ASN B 35 -13.60 -10.03 16.37
N GLY B 36 -12.68 -9.26 15.82
CA GLY B 36 -12.06 -9.66 14.56
C GLY B 36 -10.59 -9.36 14.34
N LYS B 37 -9.97 -10.18 13.50
CA LYS B 37 -8.57 -10.02 13.17
C LYS B 37 -8.32 -10.24 11.67
N THR B 38 -7.82 -9.19 11.03
CA THR B 38 -7.53 -9.25 9.61
C THR B 38 -6.01 -9.27 9.42
N GLU B 39 -5.53 -10.15 8.55
CA GLU B 39 -4.11 -10.24 8.25
C GLU B 39 -3.88 -10.27 6.74
N ILE B 40 -2.82 -9.60 6.29
CA ILE B 40 -2.48 -9.57 4.89
C ILE B 40 -1.64 -10.81 4.56
N GLU B 41 -2.18 -11.69 3.73
CA GLU B 41 -1.47 -12.91 3.34
C GLU B 41 -0.56 -12.61 2.16
N ALA B 42 -1.00 -11.69 1.31
CA ALA B 42 -0.25 -11.26 0.13
C ALA B 42 -0.75 -9.88 -0.26
N VAL B 43 0.10 -9.12 -0.91
CA VAL B 43 -0.29 -7.80 -1.36
C VAL B 43 0.60 -7.40 -2.50
N ASP B 44 0.00 -6.71 -3.48
CA ASP B 44 0.72 -6.25 -4.66
C ASP B 44 0.17 -4.87 -5.03
N LEU B 45 0.90 -3.82 -4.64
CA LEU B 45 0.46 -2.46 -4.89
C LEU B 45 0.56 -2.00 -6.37
N VAL B 46 1.36 -2.69 -7.17
CA VAL B 46 1.45 -2.33 -8.59
C VAL B 46 0.25 -2.90 -9.35
N LYS B 47 -0.06 -4.16 -9.08
CA LYS B 47 -1.19 -4.84 -9.72
C LYS B 47 -2.47 -4.60 -8.93
N LYS B 48 -2.33 -4.04 -7.72
CA LYS B 48 -3.47 -3.75 -6.86
C LYS B 48 -4.26 -5.00 -6.48
N THR B 49 -3.55 -5.98 -5.95
CA THR B 49 -4.13 -7.25 -5.49
C THR B 49 -3.77 -7.41 -4.02
N THR B 51 -4.49 -10.61 -0.65
CA THR B 51 -5.27 -11.66 -0.02
C THR B 51 -5.19 -11.43 1.49
N ILE B 52 -6.35 -11.51 2.15
CA ILE B 52 -6.41 -11.31 3.58
C ILE B 52 -7.20 -12.43 4.22
N GLN B 53 -6.77 -12.90 5.38
CA GLN B 53 -7.52 -13.92 6.09
C GLN B 53 -8.28 -13.10 7.12
N SER B 55 -10.65 -13.64 10.44
CA SER B 55 -11.18 -14.53 11.45
C SER B 55 -11.93 -13.76 12.54
N GLY B 56 -12.52 -14.51 13.45
CA GLY B 56 -13.28 -13.91 14.53
C GLY B 56 -14.37 -14.86 14.99
N SER B 57 -14.87 -14.60 16.20
CA SER B 57 -15.91 -15.40 16.82
C SER B 57 -17.09 -15.69 15.88
N GLU B 58 -17.59 -14.66 15.21
CA GLU B 58 -18.70 -14.87 14.29
C GLU B 58 -18.25 -15.73 13.11
N ILE B 59 -17.51 -15.11 12.17
CA ILE B 59 -17.01 -15.81 11.00
C ILE B 59 -16.76 -17.30 11.19
N GLN B 60 -15.87 -17.61 12.14
CA GLN B 60 -15.47 -18.99 12.41
C GLN B 60 -16.60 -19.87 12.94
N LYS B 61 -17.80 -19.31 13.01
CA LYS B 61 -18.96 -20.07 13.45
C LYS B 61 -19.38 -20.84 12.20
N TYR B 62 -19.12 -20.24 11.04
CA TYR B 62 -19.47 -20.83 9.76
C TYR B 62 -18.28 -21.38 8.95
N PHE B 63 -17.13 -20.75 9.05
CA PHE B 63 -15.97 -21.19 8.28
C PHE B 63 -14.69 -21.52 9.06
N LYS B 64 -14.08 -22.65 8.74
CA LYS B 64 -12.81 -23.04 9.36
C LYS B 64 -11.78 -22.01 8.89
N THR B 65 -11.94 -21.55 7.65
CA THR B 65 -11.05 -20.57 7.07
C THR B 65 -11.84 -19.65 6.13
N LEU B 66 -11.50 -18.37 6.12
CA LEU B 66 -12.13 -17.38 5.24
C LEU B 66 -11.10 -16.35 4.76
N LYS B 67 -10.79 -16.43 3.48
CA LYS B 67 -9.86 -15.49 2.88
C LYS B 67 -10.59 -14.72 1.77
N GLY B 68 -10.09 -13.53 1.47
CA GLY B 68 -10.69 -12.73 0.42
C GLY B 68 -9.61 -12.10 -0.46
N SER B 69 -9.81 -12.16 -1.76
CA SER B 69 -8.85 -11.59 -2.71
C SER B 69 -9.51 -10.51 -3.56
N ILE B 70 -8.82 -9.37 -3.70
CA ILE B 70 -9.33 -8.27 -4.50
C ILE B 70 -8.33 -7.71 -5.52
N ALA B 71 -8.69 -7.74 -6.79
CA ALA B 71 -7.85 -7.15 -7.81
C ALA B 71 -8.65 -5.93 -8.22
N VAL B 72 -8.00 -4.77 -8.20
CA VAL B 72 -8.66 -3.53 -8.59
C VAL B 72 -8.02 -3.13 -9.89
N THR B 73 -8.81 -3.03 -10.95
CA THR B 73 -8.26 -2.67 -12.25
C THR B 73 -8.95 -1.53 -13.00
N PRO B 74 -8.18 -0.51 -13.38
CA PRO B 74 -8.72 0.66 -14.11
C PRO B 74 -9.48 0.21 -15.34
N ILE B 75 -10.67 0.76 -15.53
CA ILE B 75 -11.47 0.44 -16.70
C ILE B 75 -10.76 1.08 -17.89
N GLY B 76 -10.00 2.15 -17.61
CA GLY B 76 -9.27 2.85 -18.65
C GLY B 76 -8.22 3.82 -18.11
N VAL B 77 -8.28 5.07 -18.57
CA VAL B 77 -7.34 6.09 -18.14
C VAL B 77 -7.89 6.77 -16.89
N GLY B 78 -8.08 5.97 -15.84
CA GLY B 78 -8.61 6.50 -14.60
C GLY B 78 -10.12 6.37 -14.62
N ASP B 79 -10.66 6.27 -15.83
CA ASP B 79 -12.10 6.11 -15.99
C ASP B 79 -12.59 4.93 -15.14
N GLY B 80 -12.98 5.24 -13.90
CA GLY B 80 -13.47 4.22 -12.99
C GLY B 80 -12.63 2.96 -12.89
N SER B 81 -13.09 2.01 -12.08
CA SER B 81 -12.36 0.77 -11.86
C SER B 81 -13.28 -0.45 -11.73
N HIS B 82 -12.80 -1.59 -12.23
CA HIS B 82 -13.49 -2.85 -12.12
C HIS B 82 -12.91 -3.51 -10.87
N VAL B 83 -13.75 -4.04 -10.02
CA VAL B 83 -13.28 -4.72 -8.82
C VAL B 83 -13.73 -6.18 -8.82
N VAL B 84 -12.82 -7.09 -8.47
CA VAL B 84 -13.17 -8.50 -8.33
C VAL B 84 -12.88 -8.83 -6.87
N TRP B 85 -13.88 -9.34 -6.16
CA TRP B 85 -13.74 -9.69 -4.74
C TRP B 85 -14.18 -11.14 -4.56
N THR B 86 -13.23 -11.98 -4.14
CA THR B 86 -13.48 -13.40 -3.96
C THR B 86 -13.20 -13.95 -2.58
N PHE B 87 -14.17 -14.70 -2.05
CA PHE B 87 -13.99 -15.37 -0.76
C PHE B 87 -13.57 -16.80 -1.06
N HIS B 88 -12.45 -17.22 -0.50
CA HIS B 88 -11.96 -18.59 -0.63
C HIS B 88 -12.12 -19.14 0.78
N PHE B 89 -12.61 -20.37 0.93
CA PHE B 89 -12.87 -20.85 2.29
C PHE B 89 -13.11 -22.34 2.41
N GLU B 90 -13.33 -22.76 3.65
CA GLU B 90 -13.67 -24.13 3.98
C GLU B 90 -14.72 -23.97 5.08
N LYS B 91 -15.90 -24.53 4.85
CA LYS B 91 -17.02 -24.44 5.78
C LYS B 91 -16.79 -25.29 7.03
N VAL B 92 -17.56 -25.02 8.09
CA VAL B 92 -17.41 -25.79 9.31
C VAL B 92 -18.07 -27.15 9.07
N HIS B 93 -19.10 -27.16 8.21
CA HIS B 93 -19.78 -28.39 7.82
C HIS B 93 -20.60 -28.15 6.55
N LYS B 94 -20.78 -29.21 5.76
CA LYS B 94 -21.48 -29.13 4.47
C LYS B 94 -22.78 -28.34 4.38
N ASP B 95 -23.55 -28.26 5.47
CA ASP B 95 -24.81 -27.52 5.44
C ASP B 95 -24.69 -26.00 5.47
N ILE B 96 -23.49 -25.48 5.67
CA ILE B 96 -23.35 -24.01 5.69
C ILE B 96 -23.59 -23.48 4.27
N ASP B 97 -24.33 -22.39 4.14
CA ASP B 97 -24.58 -21.83 2.82
C ASP B 97 -23.33 -21.13 2.28
N ASP B 98 -23.23 -21.00 0.96
CA ASP B 98 -22.09 -20.31 0.36
C ASP B 98 -22.29 -18.88 0.87
N PRO B 99 -21.21 -18.08 1.00
CA PRO B 99 -21.25 -16.70 1.50
C PRO B 99 -22.05 -15.63 0.75
N HIS B 100 -23.26 -15.99 0.33
CA HIS B 100 -24.15 -15.10 -0.43
C HIS B 100 -24.51 -13.74 0.18
N SER B 101 -25.06 -13.74 1.39
CA SER B 101 -25.44 -12.48 2.03
C SER B 101 -24.21 -11.60 2.17
N ILE B 102 -23.19 -12.10 2.86
CA ILE B 102 -21.95 -11.37 3.07
C ILE B 102 -21.25 -11.01 1.76
N ILE B 103 -21.48 -11.78 0.70
CA ILE B 103 -20.84 -11.42 -0.55
C ILE B 103 -21.40 -10.07 -0.96
N ASP B 104 -22.69 -9.88 -0.67
CA ASP B 104 -23.34 -8.62 -0.98
C ASP B 104 -22.94 -7.53 0.04
N GLU B 105 -22.77 -7.92 1.30
CA GLU B 105 -22.35 -6.94 2.32
C GLU B 105 -21.03 -6.33 1.87
N SER B 106 -20.20 -7.14 1.21
CA SER B 106 -18.91 -6.66 0.69
C SER B 106 -19.14 -5.68 -0.45
N VAL B 107 -19.95 -6.08 -1.43
CA VAL B 107 -20.21 -5.20 -2.56
C VAL B 107 -20.74 -3.85 -2.04
N LYS B 108 -21.62 -3.91 -1.03
CA LYS B 108 -22.17 -2.69 -0.44
C LYS B 108 -21.11 -1.97 0.41
N TYR B 109 -20.27 -2.73 1.12
CA TYR B 109 -19.24 -2.07 1.91
C TYR B 109 -18.23 -1.35 1.00
N PHE B 110 -18.14 -1.79 -0.24
CA PHE B 110 -17.22 -1.18 -1.18
C PHE B 110 -17.85 0.01 -1.92
N LYS B 111 -19.08 -0.15 -2.41
CA LYS B 111 -19.73 0.96 -3.13
C LYS B 111 -19.74 2.22 -2.26
N LYS B 112 -19.87 2.05 -0.94
CA LYS B 112 -19.85 3.19 -0.02
C LYS B 112 -18.38 3.60 0.19
N LEU B 113 -17.50 2.63 0.42
CA LEU B 113 -16.09 2.95 0.56
C LEU B 113 -15.71 3.85 -0.62
N ASP B 114 -16.22 3.49 -1.80
CA ASP B 114 -15.96 4.23 -3.04
C ASP B 114 -16.58 5.65 -3.07
N GLU B 115 -17.85 5.78 -2.68
CA GLU B 115 -18.50 7.09 -2.65
C GLU B 115 -17.69 8.08 -1.81
N ALA B 116 -17.31 7.66 -0.61
CA ALA B 116 -16.56 8.50 0.31
C ALA B 116 -15.21 8.99 -0.23
N ILE B 117 -14.41 8.09 -0.77
CA ILE B 117 -13.09 8.50 -1.23
C ILE B 117 -13.13 9.21 -2.56
N LEU B 118 -14.08 8.86 -3.41
CA LEU B 118 -14.21 9.51 -4.70
C LEU B 118 -14.37 10.99 -4.45
N ASN B 119 -15.28 11.30 -3.51
CA ASN B 119 -15.61 12.66 -3.11
C ASN B 119 -14.77 13.15 -1.94
N PHE B 120 -13.45 13.10 -2.09
CA PHE B 120 -12.56 13.56 -1.04
C PHE B 120 -11.18 13.81 -1.63
N SER A 1 23.72 16.71 20.06
CA SER A 1 24.50 15.60 19.41
C SER A 1 25.24 16.07 18.16
N THR A 2 26.35 15.40 17.86
CA THR A 2 27.14 15.71 16.70
C THR A 2 26.96 14.58 15.67
N LEU A 3 26.10 13.63 15.99
CA LEU A 3 25.87 12.50 15.08
C LEU A 3 24.46 12.41 14.49
N LYS A 4 23.46 12.88 15.24
CA LYS A 4 22.07 12.84 14.82
C LYS A 4 21.74 13.99 13.89
N GLY A 5 20.91 13.73 12.88
CA GLY A 5 20.53 14.77 11.95
C GLY A 5 19.52 14.29 10.92
N ALA A 6 19.14 15.21 10.03
CA ALA A 6 18.19 14.89 9.00
C ALA A 6 18.44 15.83 7.83
N LEU A 7 18.02 15.41 6.65
CA LEU A 7 18.17 16.20 5.43
C LEU A 7 16.90 15.89 4.62
N SER A 8 16.24 16.92 4.13
CA SER A 8 14.98 16.76 3.41
C SER A 8 14.90 17.57 2.12
N VAL A 9 14.30 16.96 1.11
CA VAL A 9 14.14 17.61 -0.18
C VAL A 9 12.68 17.57 -0.63
N LYS A 10 12.26 18.62 -1.34
CA LYS A 10 10.90 18.74 -1.87
C LYS A 10 11.09 18.96 -3.36
N PHE A 11 10.30 18.28 -4.19
CA PHE A 11 10.43 18.36 -5.64
C PHE A 11 9.16 17.84 -6.29
N ASP A 12 9.11 17.79 -7.63
CA ASP A 12 7.91 17.34 -8.32
C ASP A 12 8.10 16.16 -9.29
N VAL A 13 6.98 15.51 -9.61
CA VAL A 13 6.91 14.39 -10.54
C VAL A 13 5.52 14.39 -11.24
N LYS A 14 5.52 14.70 -12.52
CA LYS A 14 4.29 14.76 -13.33
C LYS A 14 3.35 13.54 -13.27
N CYS A 15 3.23 12.88 -12.11
CA CYS A 15 2.39 11.68 -11.97
C CYS A 15 1.42 11.66 -10.80
N PRO A 16 0.24 11.05 -11.00
CA PRO A 16 -0.84 10.89 -10.00
C PRO A 16 -0.22 10.38 -8.71
N ALA A 17 -0.65 10.94 -7.58
CA ALA A 17 -0.07 10.60 -6.29
C ALA A 17 -0.32 9.23 -5.68
N ASP A 18 -1.49 8.65 -5.91
CA ASP A 18 -1.79 7.34 -5.33
C ASP A 18 -0.95 6.22 -5.95
N LYS A 19 -0.67 6.36 -7.24
CA LYS A 19 0.11 5.39 -8.02
C LYS A 19 1.61 5.43 -7.66
N PHE A 20 2.22 6.60 -7.87
CA PHE A 20 3.63 6.84 -7.58
C PHE A 20 3.96 6.27 -6.21
N PHE A 21 3.17 6.67 -5.22
CA PHE A 21 3.34 6.20 -3.84
C PHE A 21 3.29 4.66 -3.65
N SER A 22 2.13 4.05 -3.85
CA SER A 22 2.01 2.58 -3.68
C SER A 22 3.06 1.80 -4.48
N ALA A 23 3.41 2.37 -5.63
CA ALA A 23 4.41 1.78 -6.52
C ALA A 23 5.79 1.91 -5.88
N PHE A 24 6.03 3.01 -5.17
CA PHE A 24 7.32 3.20 -4.51
C PHE A 24 7.34 2.24 -3.34
N VAL A 25 6.22 2.19 -2.62
CA VAL A 25 6.08 1.30 -1.49
C VAL A 25 6.34 -0.11 -2.00
N GLU A 26 5.79 -0.42 -3.18
CA GLU A 26 5.98 -1.75 -3.72
C GLU A 26 7.46 -2.01 -4.03
N ASP A 27 8.16 -1.00 -4.55
CA ASP A 27 9.59 -1.14 -4.89
C ASP A 27 10.51 -1.24 -3.68
N THR A 28 10.06 -0.87 -2.48
CA THR A 28 10.96 -0.99 -1.32
C THR A 28 11.13 -2.47 -0.94
N ASN A 29 10.37 -3.34 -1.60
CA ASN A 29 10.56 -4.77 -1.34
C ASN A 29 11.91 -5.15 -1.97
N ARG A 30 12.35 -4.40 -2.99
CA ARG A 30 13.67 -4.64 -3.60
C ARG A 30 14.60 -3.71 -2.82
N PRO A 31 15.49 -4.28 -1.98
CA PRO A 31 16.44 -3.49 -1.19
C PRO A 31 17.33 -2.61 -2.08
N PHE A 32 17.97 -1.63 -1.45
CA PHE A 32 18.83 -0.67 -2.15
C PHE A 32 20.33 -0.92 -2.09
N GLU A 33 20.71 -2.08 -1.56
CA GLU A 33 22.11 -2.50 -1.50
C GLU A 33 22.15 -3.99 -1.79
N LYS A 34 23.26 -4.44 -2.37
CA LYS A 34 23.47 -5.83 -2.76
C LYS A 34 22.91 -6.84 -1.77
N ASN A 35 23.37 -6.79 -0.52
CA ASN A 35 22.91 -7.73 0.49
C ASN A 35 22.19 -6.98 1.64
N GLY A 36 21.37 -6.00 1.27
CA GLY A 36 20.68 -5.20 2.28
C GLY A 36 19.24 -5.55 2.64
N LYS A 37 18.67 -4.71 3.49
CA LYS A 37 17.31 -4.91 3.95
C LYS A 37 16.59 -3.57 4.06
N THR A 38 15.27 -3.61 3.97
CA THR A 38 14.46 -2.41 4.12
C THR A 38 13.30 -2.76 5.05
N GLU A 39 13.20 -2.05 6.17
CA GLU A 39 12.15 -2.29 7.14
C GLU A 39 11.28 -1.03 7.22
N ILE A 40 9.96 -1.22 7.32
CA ILE A 40 9.03 -0.09 7.41
C ILE A 40 8.79 0.30 8.87
N GLU A 41 8.75 1.61 9.13
CA GLU A 41 8.50 2.12 10.47
C GLU A 41 7.01 2.34 10.58
N ALA A 42 6.53 3.49 10.11
CA ALA A 42 5.11 3.79 10.12
C ALA A 42 4.73 3.79 8.65
N VAL A 43 3.43 3.83 8.35
CA VAL A 43 2.96 3.84 6.97
C VAL A 43 1.48 4.14 6.90
N ASP A 44 1.09 4.98 5.93
CA ASP A 44 -0.31 5.34 5.75
C ASP A 44 -0.57 5.47 4.25
N LEU A 45 -1.36 4.53 3.71
CA LEU A 45 -1.63 4.50 2.28
C LEU A 45 -2.63 5.53 1.75
N VAL A 46 -3.38 6.20 2.64
CA VAL A 46 -4.33 7.22 2.20
C VAL A 46 -3.61 8.58 2.23
N LYS A 47 -2.94 8.89 3.34
CA LYS A 47 -2.20 10.15 3.43
C LYS A 47 -0.91 10.04 2.61
N LYS A 48 -0.55 8.82 2.22
CA LYS A 48 0.67 8.56 1.42
C LYS A 48 1.95 8.92 2.20
N THR A 49 2.07 8.39 3.41
CA THR A 49 3.26 8.64 4.25
C THR A 49 3.86 7.31 4.63
N THR A 51 7.72 5.60 6.35
CA THR A 51 9.08 5.73 6.82
C THR A 51 9.66 4.33 6.85
N ILE A 52 10.90 4.20 6.41
CA ILE A 52 11.58 2.91 6.39
C ILE A 52 13.03 3.05 6.87
N GLN A 53 13.57 1.98 7.44
CA GLN A 53 14.97 1.99 7.84
C GLN A 53 15.66 1.13 6.78
N SER A 55 19.46 -0.58 6.01
CA SER A 55 20.78 -0.89 6.53
C SER A 55 21.45 -2.08 5.83
N GLY A 56 22.72 -1.91 5.48
CA GLY A 56 23.48 -2.92 4.80
C GLY A 56 24.94 -2.53 4.92
N SER A 57 25.86 -3.46 4.66
CA SER A 57 27.29 -3.20 4.77
C SER A 57 27.81 -2.14 3.80
N GLU A 58 26.91 -1.25 3.39
CA GLU A 58 27.24 -0.16 2.48
C GLU A 58 26.88 1.16 3.17
N ILE A 59 25.59 1.43 3.33
CA ILE A 59 25.20 2.68 4.00
C ILE A 59 25.74 2.62 5.44
N GLN A 60 25.88 1.39 5.95
CA GLN A 60 26.39 1.17 7.30
C GLN A 60 27.87 1.58 7.29
N LYS A 61 28.45 1.64 6.10
CA LYS A 61 29.84 2.07 6.02
C LYS A 61 29.89 3.56 6.23
N TYR A 62 28.71 4.19 6.17
CA TYR A 62 28.61 5.63 6.34
C TYR A 62 27.90 6.05 7.61
N PHE A 63 26.63 5.67 7.75
CA PHE A 63 25.88 6.02 8.94
C PHE A 63 25.64 4.82 9.82
N LYS A 64 25.49 5.04 11.12
CA LYS A 64 25.20 3.91 12.00
C LYS A 64 23.78 3.52 11.65
N THR A 65 22.95 4.53 11.42
CA THR A 65 21.55 4.31 11.13
C THR A 65 21.03 5.24 10.03
N LEU A 66 20.12 4.71 9.20
CA LEU A 66 19.49 5.47 8.12
C LEU A 66 17.99 5.15 8.03
N LYS A 67 17.20 6.22 8.11
CA LYS A 67 15.75 6.13 8.00
C LYS A 67 15.36 7.08 6.89
N GLY A 68 14.35 6.68 6.12
CA GLY A 68 13.87 7.52 5.04
C GLY A 68 12.36 7.54 5.09
N SER A 69 11.76 8.72 5.00
CA SER A 69 10.29 8.80 5.02
C SER A 69 9.84 9.54 3.76
N ILE A 70 8.70 9.13 3.20
CA ILE A 70 8.14 9.78 2.02
C ILE A 70 6.75 10.32 2.36
N ALA A 71 6.45 11.53 1.85
CA ALA A 71 5.14 12.16 2.06
C ALA A 71 4.78 12.99 0.81
N VAL A 72 3.65 12.65 0.20
CA VAL A 72 3.22 13.35 -1.01
C VAL A 72 1.74 13.66 -1.09
N THR A 73 1.36 14.91 -0.83
CA THR A 73 -0.04 15.32 -0.91
C THR A 73 -0.28 15.89 -2.31
N PRO A 74 -1.51 15.83 -2.80
CA PRO A 74 -1.80 16.36 -4.14
C PRO A 74 -1.43 17.84 -4.21
N ILE A 75 -0.84 18.28 -5.33
CA ILE A 75 -0.52 19.71 -5.47
C ILE A 75 -1.85 20.46 -5.64
N GLY A 76 -2.81 19.77 -6.26
CA GLY A 76 -4.12 20.36 -6.48
C GLY A 76 -5.17 19.30 -6.73
N VAL A 77 -5.32 18.91 -7.99
CA VAL A 77 -6.28 17.90 -8.42
C VAL A 77 -5.70 17.08 -9.58
N GLY A 78 -4.86 16.09 -9.27
CA GLY A 78 -4.28 15.25 -10.30
C GLY A 78 -3.63 15.99 -11.45
N ASP A 79 -2.48 16.62 -11.16
CA ASP A 79 -1.70 17.38 -12.14
C ASP A 79 -0.28 17.51 -11.59
N GLY A 80 0.16 16.46 -10.89
CA GLY A 80 1.49 16.46 -10.31
C GLY A 80 1.40 16.49 -8.79
N SER A 81 2.50 16.18 -8.13
CA SER A 81 2.50 16.14 -6.67
C SER A 81 3.83 16.60 -6.09
N HIS A 82 3.84 16.85 -4.78
CA HIS A 82 5.04 17.25 -4.04
C HIS A 82 5.48 15.95 -3.39
N VAL A 83 6.73 15.53 -3.60
CA VAL A 83 7.23 14.28 -3.03
C VAL A 83 8.39 14.38 -2.01
N VAL A 84 8.35 15.38 -1.11
CA VAL A 84 9.41 15.55 -0.11
C VAL A 84 9.90 14.20 0.35
N TRP A 85 11.22 14.08 0.47
CA TRP A 85 11.88 12.84 0.92
C TRP A 85 12.92 13.24 1.96
N THR A 86 12.75 12.73 3.18
CA THR A 86 13.63 13.07 4.27
C THR A 86 14.46 11.92 4.78
N PHE A 87 15.77 12.11 4.80
CA PHE A 87 16.67 11.12 5.37
C PHE A 87 16.92 11.58 6.82
N HIS A 88 16.70 10.67 7.79
CA HIS A 88 16.92 10.97 9.20
C HIS A 88 18.08 10.04 9.59
N PHE A 89 19.05 10.53 10.37
CA PHE A 89 20.21 9.67 10.67
C PHE A 89 20.99 9.91 11.94
N GLU A 90 21.93 8.99 12.17
CA GLU A 90 22.91 9.04 13.24
C GLU A 90 24.19 8.61 12.51
N LYS A 91 25.11 9.55 12.37
CA LYS A 91 26.38 9.30 11.68
C LYS A 91 27.30 8.36 12.46
N VAL A 92 28.22 7.71 11.75
CA VAL A 92 29.14 6.82 12.47
C VAL A 92 30.02 7.71 13.34
N HIS A 93 30.61 8.75 12.75
CA HIS A 93 31.40 9.71 13.54
C HIS A 93 30.93 11.09 13.08
N LYS A 94 31.36 12.13 13.78
CA LYS A 94 30.91 13.50 13.49
C LYS A 94 31.41 14.18 12.21
N ASP A 95 32.39 13.59 11.53
CA ASP A 95 32.86 14.22 10.31
C ASP A 95 32.35 13.56 9.03
N ILE A 96 31.44 12.60 9.18
CA ILE A 96 30.85 11.95 8.00
C ILE A 96 30.01 13.08 7.36
N ASP A 97 30.05 13.18 6.04
CA ASP A 97 29.27 14.23 5.35
C ASP A 97 27.74 14.08 5.54
N ASP A 98 27.01 15.18 5.53
CA ASP A 98 25.56 15.10 5.64
C ASP A 98 25.22 14.32 4.36
N PRO A 99 24.03 13.69 4.29
CA PRO A 99 23.70 12.90 3.09
C PRO A 99 23.34 13.59 1.77
N HIS A 100 24.11 14.61 1.41
CA HIS A 100 23.89 15.34 0.17
C HIS A 100 24.03 14.46 -1.08
N SER A 101 25.17 13.80 -1.24
CA SER A 101 25.34 12.96 -2.42
C SER A 101 24.29 11.85 -2.35
N ILE A 102 24.01 11.40 -1.12
CA ILE A 102 23.01 10.36 -0.91
C ILE A 102 21.61 10.83 -1.29
N ILE A 103 21.23 12.02 -0.80
CA ILE A 103 19.90 12.49 -1.13
C ILE A 103 19.82 13.03 -2.55
N ASP A 104 20.97 13.18 -3.22
CA ASP A 104 20.91 13.59 -4.62
C ASP A 104 20.47 12.32 -5.37
N GLU A 105 20.98 11.18 -4.90
CA GLU A 105 20.61 9.91 -5.50
C GLU A 105 19.14 9.62 -5.19
N SER A 106 18.55 10.49 -4.36
CA SER A 106 17.12 10.41 -3.97
C SER A 106 16.23 10.94 -5.09
N VAL A 107 16.18 12.26 -5.18
CA VAL A 107 15.39 12.95 -6.21
C VAL A 107 15.52 12.21 -7.55
N LYS A 108 16.75 11.83 -7.90
CA LYS A 108 17.00 11.13 -9.16
C LYS A 108 16.28 9.79 -9.24
N TYR A 109 16.34 9.01 -8.19
CA TYR A 109 15.66 7.72 -8.21
C TYR A 109 14.14 7.93 -8.34
N PHE A 110 13.63 8.99 -7.73
CA PHE A 110 12.21 9.25 -7.81
C PHE A 110 11.80 9.79 -9.20
N LYS A 111 12.67 10.57 -9.84
CA LYS A 111 12.35 11.09 -11.18
C LYS A 111 12.26 9.92 -12.16
N LYS A 112 13.12 8.91 -11.95
CA LYS A 112 13.12 7.71 -12.79
C LYS A 112 11.83 6.92 -12.58
N LEU A 113 11.47 6.73 -11.31
CA LEU A 113 10.23 6.03 -10.99
C LEU A 113 9.13 6.77 -11.74
N ASP A 114 9.19 8.11 -11.70
CA ASP A 114 8.22 9.01 -12.35
C ASP A 114 8.04 8.72 -13.86
N GLU A 115 9.14 8.76 -14.59
CA GLU A 115 9.10 8.54 -16.04
C GLU A 115 8.61 7.13 -16.38
N ALA A 116 8.87 6.18 -15.49
CA ALA A 116 8.45 4.81 -15.66
C ALA A 116 6.92 4.68 -15.59
N ILE A 117 6.32 5.17 -14.51
CA ILE A 117 4.87 5.07 -14.38
C ILE A 117 4.16 5.88 -15.46
N LEU A 118 4.59 7.12 -15.62
CA LEU A 118 4.00 8.03 -16.59
C LEU A 118 3.85 7.44 -18.00
N ASN A 119 4.74 6.52 -18.36
CA ASN A 119 4.70 5.91 -19.68
C ASN A 119 4.57 4.39 -19.60
N PHE A 120 3.80 3.93 -18.61
CA PHE A 120 3.61 2.49 -18.43
C PHE A 120 2.38 2.25 -17.55
N SER B 1 -14.49 -32.18 -1.44
CA SER B 1 -15.10 -31.66 -0.19
C SER B 1 -16.52 -31.16 -0.39
N THR B 2 -17.25 -31.03 0.72
CA THR B 2 -18.61 -30.53 0.69
C THR B 2 -18.64 -29.21 1.46
N LEU B 3 -17.50 -28.84 2.04
CA LEU B 3 -17.37 -27.62 2.84
C LEU B 3 -16.45 -26.55 2.24
N LYS B 4 -15.59 -26.97 1.31
CA LYS B 4 -14.62 -26.07 0.70
C LYS B 4 -15.04 -25.52 -0.65
N GLY B 5 -15.05 -24.20 -0.76
CA GLY B 5 -15.43 -23.57 -2.01
C GLY B 5 -15.06 -22.09 -2.05
N ALA B 6 -15.55 -21.39 -3.06
CA ALA B 6 -15.27 -19.97 -3.21
C ALA B 6 -16.44 -19.27 -3.92
N LEU B 7 -16.61 -17.99 -3.63
CA LEU B 7 -17.67 -17.21 -4.25
C LEU B 7 -16.97 -15.90 -4.61
N SER B 8 -17.17 -15.45 -5.84
CA SER B 8 -16.51 -14.25 -6.34
C SER B 8 -17.48 -13.36 -7.09
N VAL B 9 -17.35 -12.05 -6.90
CA VAL B 9 -18.22 -11.08 -7.55
C VAL B 9 -17.40 -9.99 -8.20
N LYS B 10 -17.90 -9.48 -9.33
CA LYS B 10 -17.26 -8.40 -10.08
C LYS B 10 -18.26 -7.29 -10.40
N PHE B 11 -17.80 -6.05 -10.28
CA PHE B 11 -18.61 -4.86 -10.53
C PHE B 11 -17.67 -3.65 -10.56
N ASP B 12 -18.10 -2.60 -11.24
CA ASP B 12 -17.31 -1.38 -11.38
C ASP B 12 -17.49 -0.41 -10.23
N VAL B 13 -16.57 0.56 -10.15
CA VAL B 13 -16.57 1.63 -9.15
C VAL B 13 -16.06 2.85 -9.94
N LYS B 14 -16.53 4.04 -9.58
CA LYS B 14 -16.13 5.27 -10.28
C LYS B 14 -14.71 5.76 -10.00
N CYS B 15 -14.31 5.77 -8.75
CA CYS B 15 -12.98 6.22 -8.34
C CYS B 15 -11.86 5.52 -9.10
N PRO B 16 -10.81 6.26 -9.50
CA PRO B 16 -9.71 5.62 -10.22
C PRO B 16 -9.11 4.51 -9.33
N ALA B 17 -8.49 3.52 -9.96
CA ALA B 17 -7.98 2.34 -9.27
C ALA B 17 -6.90 2.50 -8.21
N ASP B 18 -5.96 3.40 -8.42
CA ASP B 18 -4.90 3.60 -7.45
C ASP B 18 -5.48 4.09 -6.13
N LYS B 19 -6.48 4.97 -6.20
CA LYS B 19 -7.11 5.50 -4.99
C LYS B 19 -8.02 4.43 -4.36
N PHE B 20 -8.46 3.46 -5.17
CA PHE B 20 -9.33 2.41 -4.65
C PHE B 20 -8.60 1.44 -3.75
N PHE B 21 -7.72 0.63 -4.33
CA PHE B 21 -6.93 -0.36 -3.61
C PHE B 21 -6.29 0.30 -2.38
N SER B 22 -5.63 1.43 -2.59
CA SER B 22 -5.01 2.14 -1.49
C SER B 22 -5.99 2.56 -0.39
N ALA B 23 -7.17 3.06 -0.75
CA ALA B 23 -8.14 3.44 0.26
C ALA B 23 -8.57 2.19 1.05
N PHE B 24 -8.80 1.09 0.32
CA PHE B 24 -9.21 -0.18 0.92
C PHE B 24 -8.14 -0.79 1.82
N VAL B 25 -6.90 -0.83 1.32
CA VAL B 25 -5.80 -1.37 2.10
C VAL B 25 -5.80 -0.61 3.41
N GLU B 26 -5.82 0.72 3.32
CA GLU B 26 -5.82 1.49 4.54
C GLU B 26 -7.05 1.10 5.37
N ASP B 27 -8.14 0.74 4.71
CA ASP B 27 -9.36 0.37 5.47
C ASP B 27 -9.14 -0.89 6.34
N THR B 28 -8.16 -1.73 6.02
CA THR B 28 -7.93 -2.95 6.83
C THR B 28 -7.35 -2.74 8.23
N ASN B 29 -7.04 -1.49 8.59
CA ASN B 29 -6.54 -1.19 9.94
C ASN B 29 -7.69 -1.28 10.96
N ARG B 30 -8.89 -1.54 10.46
CA ARG B 30 -10.04 -1.70 11.34
C ARG B 30 -10.58 -3.11 11.21
N PRO B 31 -10.72 -3.82 12.33
CA PRO B 31 -11.26 -5.18 12.25
C PRO B 31 -12.65 -5.07 11.61
N PHE B 32 -13.13 -6.13 10.98
CA PHE B 32 -14.42 -6.09 10.33
C PHE B 32 -15.61 -6.07 11.30
N GLU B 33 -15.33 -6.37 12.58
CA GLU B 33 -16.30 -6.37 13.67
C GLU B 33 -15.50 -6.37 14.99
N LYS B 34 -16.21 -6.19 16.10
CA LYS B 34 -15.63 -6.13 17.45
C LYS B 34 -14.58 -7.20 17.77
N ASN B 35 -14.90 -8.45 17.45
CA ASN B 35 -13.98 -9.55 17.70
C ASN B 35 -13.23 -9.90 16.40
N GLY B 36 -13.45 -9.10 15.36
CA GLY B 36 -12.81 -9.34 14.07
C GLY B 36 -11.30 -9.44 14.05
N LYS B 37 -10.78 -10.19 13.10
CA LYS B 37 -9.34 -10.35 12.95
C LYS B 37 -9.02 -10.50 11.46
N THR B 38 -8.09 -9.69 10.97
CA THR B 38 -7.70 -9.73 9.58
C THR B 38 -6.18 -9.81 9.50
N GLU B 39 -5.67 -10.66 8.60
CA GLU B 39 -4.23 -10.77 8.41
C GLU B 39 -3.92 -10.66 6.93
N ILE B 40 -3.06 -9.71 6.55
CA ILE B 40 -2.70 -9.61 5.15
C ILE B 40 -1.83 -10.83 4.91
N GLU B 41 -2.20 -11.65 3.92
CA GLU B 41 -1.44 -12.84 3.59
C GLU B 41 -0.80 -12.66 2.22
N ALA B 42 -1.25 -11.65 1.48
CA ALA B 42 -0.69 -11.36 0.16
C ALA B 42 -1.21 -10.04 -0.36
N VAL B 43 -0.30 -9.08 -0.51
CA VAL B 43 -0.67 -7.77 -1.03
C VAL B 43 0.41 -7.28 -1.99
N ASP B 44 -0.01 -6.75 -3.13
CA ASP B 44 0.92 -6.20 -4.14
C ASP B 44 0.34 -4.82 -4.50
N LEU B 45 1.02 -3.76 -4.06
CA LEU B 45 0.52 -2.40 -4.28
C LEU B 45 0.30 -1.98 -5.73
N VAL B 46 1.17 -2.38 -6.66
CA VAL B 46 0.99 -2.04 -8.07
C VAL B 46 0.11 -3.06 -8.81
N LYS B 47 0.13 -4.33 -8.40
CA LYS B 47 -0.72 -5.33 -9.05
C LYS B 47 -2.16 -5.18 -8.55
N LYS B 48 -2.30 -4.57 -7.38
CA LYS B 48 -3.63 -4.36 -6.77
C LYS B 48 -4.29 -5.65 -6.36
N THR B 49 -3.54 -6.55 -5.74
CA THR B 49 -4.05 -7.84 -5.27
C THR B 49 -3.80 -8.00 -3.77
N THR B 51 -5.44 -10.43 -0.47
CA THR B 51 -6.28 -11.58 -0.16
C THR B 51 -6.22 -11.86 1.33
N ILE B 52 -6.54 -10.85 2.13
CA ILE B 52 -6.53 -10.94 3.58
C ILE B 52 -7.18 -12.23 4.06
N GLN B 53 -6.82 -12.63 5.29
CA GLN B 53 -7.39 -13.82 5.91
C GLN B 53 -8.09 -13.37 7.19
N SER B 55 -10.23 -14.00 10.67
CA SER B 55 -10.39 -14.96 11.73
C SER B 55 -11.11 -14.29 12.89
N GLY B 56 -12.32 -13.81 12.60
CA GLY B 56 -13.12 -13.16 13.62
C GLY B 56 -13.80 -14.18 14.48
N SER B 57 -14.56 -13.74 15.48
CA SER B 57 -15.24 -14.66 16.36
C SER B 57 -16.57 -15.13 15.76
N GLU B 58 -17.20 -14.27 14.96
CA GLU B 58 -18.46 -14.65 14.33
C GLU B 58 -18.23 -15.55 13.11
N ILE B 59 -17.55 -15.00 12.10
CA ILE B 59 -17.26 -15.76 10.88
C ILE B 59 -16.89 -17.21 11.12
N GLN B 60 -16.03 -17.44 12.11
CA GLN B 60 -15.58 -18.80 12.41
C GLN B 60 -16.68 -19.71 12.93
N LYS B 61 -17.88 -19.15 13.11
CA LYS B 61 -19.01 -19.94 13.54
C LYS B 61 -19.53 -20.62 12.28
N TYR B 62 -19.18 -20.03 11.13
CA TYR B 62 -19.61 -20.53 9.83
C TYR B 62 -18.47 -21.13 9.00
N PHE B 63 -17.26 -20.57 9.13
CA PHE B 63 -16.13 -21.07 8.34
C PHE B 63 -14.87 -21.44 9.13
N LYS B 64 -14.28 -22.58 8.80
CA LYS B 64 -13.03 -23.01 9.44
C LYS B 64 -11.98 -22.01 8.97
N THR B 65 -11.96 -21.74 7.66
CA THR B 65 -11.02 -20.78 7.09
C THR B 65 -11.78 -19.87 6.14
N LEU B 66 -11.39 -18.59 6.13
CA LEU B 66 -12.00 -17.60 5.24
C LEU B 66 -10.97 -16.56 4.79
N LYS B 67 -10.75 -16.53 3.49
CA LYS B 67 -9.86 -15.56 2.89
C LYS B 67 -10.68 -14.68 1.96
N GLY B 68 -10.24 -13.45 1.78
CA GLY B 68 -10.92 -12.52 0.91
C GLY B 68 -9.85 -11.80 0.08
N SER B 69 -9.92 -11.94 -1.24
CA SER B 69 -8.96 -11.31 -2.14
C SER B 69 -9.64 -10.24 -2.99
N ILE B 70 -8.84 -9.28 -3.46
CA ILE B 70 -9.38 -8.21 -4.29
C ILE B 70 -8.42 -7.58 -5.32
N ALA B 71 -8.57 -7.95 -6.60
CA ALA B 71 -7.74 -7.33 -7.63
C ALA B 71 -8.56 -6.14 -8.08
N VAL B 72 -7.90 -5.01 -8.28
CA VAL B 72 -8.61 -3.81 -8.73
C VAL B 72 -8.10 -3.44 -10.12
N THR B 73 -8.99 -3.03 -11.01
CA THR B 73 -8.53 -2.70 -12.35
C THR B 73 -9.19 -1.48 -13.01
N PRO B 74 -8.36 -0.50 -13.42
CA PRO B 74 -8.86 0.72 -14.06
C PRO B 74 -9.70 0.37 -15.30
N ILE B 75 -10.82 1.07 -15.44
CA ILE B 75 -11.68 0.88 -16.61
C ILE B 75 -11.12 1.80 -17.69
N GLY B 76 -11.64 3.04 -17.76
CA GLY B 76 -11.16 3.98 -18.77
C GLY B 76 -10.57 5.25 -18.15
N VAL B 77 -9.95 6.08 -18.98
CA VAL B 77 -9.34 7.31 -18.52
C VAL B 77 -10.36 8.17 -17.79
N GLY B 78 -10.39 8.04 -16.47
CA GLY B 78 -11.34 8.80 -15.67
C GLY B 78 -12.72 8.16 -15.78
N ASP B 79 -12.73 6.87 -16.13
CA ASP B 79 -13.98 6.13 -16.27
C ASP B 79 -14.31 5.22 -15.08
N GLY B 80 -13.34 4.93 -14.23
CA GLY B 80 -13.60 4.06 -13.08
C GLY B 80 -12.76 2.80 -12.99
N SER B 81 -13.20 1.85 -12.15
CA SER B 81 -12.47 0.60 -11.95
C SER B 81 -13.40 -0.63 -11.82
N HIS B 82 -12.85 -1.79 -12.18
CA HIS B 82 -13.55 -3.08 -12.07
C HIS B 82 -13.09 -3.72 -10.76
N VAL B 83 -14.00 -4.29 -9.99
CA VAL B 83 -13.57 -4.94 -8.74
C VAL B 83 -13.55 -6.48 -8.79
N VAL B 84 -12.35 -7.03 -8.68
CA VAL B 84 -12.20 -8.47 -8.63
C VAL B 84 -12.05 -8.86 -7.16
N TRP B 85 -13.18 -9.14 -6.50
CA TRP B 85 -13.24 -9.53 -5.10
C TRP B 85 -13.49 -11.04 -5.03
N THR B 86 -13.25 -11.65 -3.88
CA THR B 86 -13.42 -13.09 -3.76
C THR B 86 -13.28 -13.67 -2.35
N PHE B 87 -14.17 -14.60 -2.00
CA PHE B 87 -14.07 -15.27 -0.72
C PHE B 87 -13.67 -16.72 -1.00
N HIS B 88 -12.62 -17.17 -0.35
CA HIS B 88 -12.14 -18.56 -0.45
C HIS B 88 -12.49 -19.12 0.93
N PHE B 89 -13.12 -20.29 1.01
CA PHE B 89 -13.54 -20.78 2.34
C PHE B 89 -13.72 -22.28 2.56
N GLU B 90 -13.88 -22.62 3.83
CA GLU B 90 -14.15 -23.99 4.29
C GLU B 90 -15.25 -23.80 5.33
N LYS B 91 -16.43 -24.35 5.05
CA LYS B 91 -17.58 -24.22 5.95
C LYS B 91 -17.52 -25.10 7.18
N VAL B 92 -18.25 -24.69 8.22
CA VAL B 92 -18.28 -25.45 9.45
C VAL B 92 -19.35 -26.54 9.34
N HIS B 93 -20.13 -26.47 8.26
CA HIS B 93 -21.16 -27.48 8.00
C HIS B 93 -22.05 -27.28 6.78
N LYS B 94 -22.45 -28.41 6.19
CA LYS B 94 -23.30 -28.47 5.01
C LYS B 94 -24.61 -27.72 5.19
N ASP B 95 -24.85 -27.31 6.43
CA ASP B 95 -26.04 -26.56 6.78
C ASP B 95 -26.01 -25.16 6.17
N ILE B 96 -24.82 -24.63 5.93
CA ILE B 96 -24.69 -23.29 5.37
C ILE B 96 -24.22 -23.30 3.92
N ASP B 97 -24.97 -22.63 3.06
CA ASP B 97 -24.62 -22.57 1.65
C ASP B 97 -23.53 -21.52 1.43
N ASP B 98 -23.11 -21.34 0.19
CA ASP B 98 -22.08 -20.35 -0.11
C ASP B 98 -22.56 -19.01 0.48
N PRO B 99 -21.61 -18.18 0.96
CA PRO B 99 -21.83 -16.86 1.58
C PRO B 99 -22.26 -15.65 0.74
N HIS B 100 -23.46 -15.75 0.17
CA HIS B 100 -24.03 -14.69 -0.66
C HIS B 100 -24.39 -13.42 0.14
N SER B 101 -24.99 -13.60 1.32
CA SER B 101 -25.35 -12.43 2.14
C SER B 101 -24.07 -11.65 2.39
N ILE B 102 -23.10 -12.34 2.97
CA ILE B 102 -21.81 -11.76 3.28
C ILE B 102 -21.20 -11.02 2.08
N ILE B 103 -21.17 -11.66 0.91
CA ILE B 103 -20.56 -11.00 -0.24
C ILE B 103 -21.44 -9.90 -0.83
N ASP B 104 -22.75 -10.06 -0.70
CA ASP B 104 -23.67 -9.04 -1.21
C ASP B 104 -23.38 -7.76 -0.42
N GLU B 105 -23.08 -7.92 0.86
CA GLU B 105 -22.78 -6.79 1.73
C GLU B 105 -21.37 -6.30 1.41
N SER B 106 -20.56 -7.15 0.76
CA SER B 106 -19.20 -6.77 0.36
C SER B 106 -19.31 -5.68 -0.70
N VAL B 107 -20.07 -5.98 -1.75
CA VAL B 107 -20.24 -5.00 -2.81
C VAL B 107 -20.71 -3.66 -2.23
N LYS B 108 -21.63 -3.73 -1.26
CA LYS B 108 -22.13 -2.52 -0.60
C LYS B 108 -21.07 -1.85 0.25
N TYR B 109 -20.28 -2.63 0.99
CA TYR B 109 -19.23 -2.02 1.79
C TYR B 109 -18.19 -1.37 0.87
N PHE B 110 -17.95 -1.97 -0.29
CA PHE B 110 -16.98 -1.43 -1.23
C PHE B 110 -17.54 -0.21 -1.94
N LYS B 111 -18.81 -0.28 -2.35
CA LYS B 111 -19.41 0.87 -3.03
C LYS B 111 -19.53 1.98 -2.00
N LYS B 112 -19.61 1.58 -0.72
CA LYS B 112 -19.66 2.54 0.38
C LYS B 112 -18.28 3.19 0.50
N LEU B 113 -17.24 2.46 0.08
CA LEU B 113 -15.89 2.99 0.09
C LEU B 113 -15.76 3.96 -1.09
N ASP B 114 -16.28 3.55 -2.24
CA ASP B 114 -16.25 4.35 -3.48
C ASP B 114 -16.84 5.77 -3.26
N GLU B 115 -18.03 5.83 -2.68
CA GLU B 115 -18.67 7.12 -2.43
C GLU B 115 -17.79 8.05 -1.60
N ALA B 116 -17.16 7.50 -0.56
CA ALA B 116 -16.30 8.30 0.30
C ALA B 116 -15.02 8.75 -0.41
N ILE B 117 -14.36 7.83 -1.09
CA ILE B 117 -13.09 8.17 -1.74
C ILE B 117 -13.23 9.24 -2.79
N LEU B 118 -14.00 8.95 -3.83
CA LEU B 118 -14.22 9.87 -4.93
C LEU B 118 -14.59 11.23 -4.36
N ASN B 119 -15.49 11.21 -3.38
CA ASN B 119 -15.96 12.42 -2.74
C ASN B 119 -15.09 12.92 -1.60
N PHE B 120 -13.78 12.82 -1.79
CA PHE B 120 -12.83 13.27 -0.78
C PHE B 120 -11.66 13.96 -1.45
#